data_4NXK
#
_entry.id   4NXK
#
_cell.length_a   107.701
_cell.length_b   203.525
_cell.length_c   286.946
_cell.angle_alpha   90.00
_cell.angle_beta   90.00
_cell.angle_gamma   90.00
#
_symmetry.space_group_name_H-M   'P 21 21 21'
#
loop_
_entity.id
_entity.type
_entity.pdbx_description
1 polymer 'Abp, a GH27 beta-L-arabinopyranosidase'
2 non-polymer 'SULFATE ION'
3 non-polymer GLYCEROL
4 non-polymer 'CITRIC ACID'
5 water water
#
_entity_poly.entity_id   1
_entity_poly.type   'polypeptide(L)'
_entity_poly.pdbx_seq_one_letter_code
;MSSYSNKDVQRGDASMHHYQWAKTPPMGWNSWDCYGASVTEDEVKGNAEYMAKYLKPFGWEYVVVDIQWYEPGANSSIYR
PFVPLEMDEYSRLMPAVNRFPSAKGGKGFKPLADYIHNLGLKFGIHIMRGIPRQAVHQNTPILGTNVGARDIADTNSICP
WNTDMYGVDHRKEGAQAYYDSLFQLYAQWGVDFVKVADIVASKLYGTHTEEIKMIRKAIDRCGRPIVLSLSPGPAPLDHA
TLFVENANMWRMTDDFWDRWELLYDMFEQCYKWCKLVGLGHWPDADMLPLGHIGIRSVDGGGTDRMTRFTKDEQRTMMTL
WIIFRSPLMFGGELRDNDEWTLSLLTNEEVLHVHQNGYGARQVYRENDHVVWTSQDAEGNQFVAMFNISEKRSVVSVSLK
DLGCMEPMKARDLWAKEDLGLVKHQLAFELGPHQSILVKLSPAVGKGL
;
_entity_poly.pdbx_strand_id   A,B,C,D,E,F,G,H
#
# COMPACT_ATOMS: atom_id res chain seq x y z
N ALA A 14 -11.65 43.43 -4.09
CA ALA A 14 -11.32 43.29 -5.49
C ALA A 14 -10.07 42.47 -5.68
N SER A 15 -9.87 41.52 -4.78
CA SER A 15 -8.79 40.58 -4.91
C SER A 15 -9.13 39.52 -5.94
N MET A 16 -10.36 39.09 -5.89
CA MET A 16 -10.82 37.95 -6.65
C MET A 16 -11.54 38.40 -7.93
N HIS A 17 -11.09 37.92 -9.08
CA HIS A 17 -11.67 38.28 -10.36
C HIS A 17 -13.22 38.01 -10.41
N HIS A 18 -13.69 36.91 -9.80
CA HIS A 18 -15.07 36.55 -9.89
C HIS A 18 -16.00 37.57 -9.22
N TYR A 19 -15.46 38.44 -8.38
CA TYR A 19 -16.27 39.51 -7.77
C TYR A 19 -16.88 40.37 -8.82
N GLN A 20 -16.17 40.55 -9.91
CA GLN A 20 -16.69 41.41 -11.01
C GLN A 20 -17.91 40.83 -11.68
N TRP A 21 -18.21 39.54 -11.42
CA TRP A 21 -19.39 38.89 -12.04
C TRP A 21 -20.65 39.24 -11.28
N ALA A 22 -20.52 39.84 -10.06
CA ALA A 22 -21.67 40.21 -9.25
C ALA A 22 -21.37 41.53 -8.46
N LYS A 23 -21.23 42.57 -9.23
CA LYS A 23 -20.91 43.81 -8.71
C LYS A 23 -22.06 44.40 -7.82
N THR A 24 -23.30 44.04 -8.16
CA THR A 24 -24.43 44.31 -7.32
C THR A 24 -25.07 42.95 -7.01
N PRO A 25 -25.95 42.93 -6.02
CA PRO A 25 -26.42 41.60 -5.58
C PRO A 25 -27.30 41.00 -6.62
N PRO A 26 -27.05 39.73 -7.02
CA PRO A 26 -27.87 39.13 -8.06
C PRO A 26 -29.40 39.22 -7.83
N MET A 27 -30.08 39.45 -8.93
CA MET A 27 -31.52 39.61 -8.91
C MET A 27 -32.09 38.67 -9.94
N GLY A 28 -33.15 38.00 -9.55
CA GLY A 28 -33.75 37.01 -10.45
C GLY A 28 -34.98 36.31 -9.92
N TRP A 29 -35.24 35.13 -10.48
CA TRP A 29 -36.34 34.25 -10.13
C TRP A 29 -35.79 32.86 -9.93
N ASN A 30 -36.39 32.11 -9.04
CA ASN A 30 -36.03 30.78 -8.82
C ASN A 30 -37.26 29.92 -8.64
N SER A 31 -37.21 28.70 -9.23
CA SER A 31 -38.39 27.85 -9.30
C SER A 31 -38.78 27.09 -8.02
N TRP A 32 -37.96 27.13 -6.98
CA TRP A 32 -38.22 26.30 -5.80
C TRP A 32 -39.51 26.58 -5.05
N ASP A 33 -39.75 27.84 -4.71
CA ASP A 33 -40.86 28.11 -3.85
C ASP A 33 -42.19 27.86 -4.53
N CYS A 34 -42.23 28.01 -5.84
CA CYS A 34 -43.45 27.77 -6.56
C CYS A 34 -43.60 26.31 -7.05
N TYR A 35 -42.54 25.67 -7.54
CA TYR A 35 -42.62 24.36 -8.16
C TYR A 35 -41.75 23.26 -7.53
N GLY A 36 -41.14 23.54 -6.42
CA GLY A 36 -40.39 22.51 -5.72
C GLY A 36 -39.23 22.03 -6.58
N ALA A 37 -39.09 20.70 -6.67
CA ALA A 37 -38.14 20.08 -7.55
C ALA A 37 -38.61 19.84 -8.93
N SER A 38 -39.76 20.40 -9.31
CA SER A 38 -40.48 19.80 -10.48
C SER A 38 -40.80 20.70 -11.65
N VAL A 39 -40.14 21.83 -11.74
CA VAL A 39 -40.53 22.81 -12.74
C VAL A 39 -40.34 22.24 -14.12
N THR A 40 -41.13 22.70 -15.07
CA THR A 40 -40.99 22.32 -16.46
C THR A 40 -40.45 23.44 -17.30
N GLU A 41 -40.01 23.08 -18.48
CA GLU A 41 -39.51 24.03 -19.45
C GLU A 41 -40.52 25.14 -19.71
N ASP A 42 -41.75 24.80 -19.96
CA ASP A 42 -42.76 25.86 -20.22
C ASP A 42 -42.92 26.82 -19.10
N GLU A 43 -42.86 26.32 -17.86
CA GLU A 43 -42.96 27.19 -16.72
C GLU A 43 -41.77 28.12 -16.60
N VAL A 44 -40.57 27.62 -16.88
CA VAL A 44 -39.39 28.42 -16.80
C VAL A 44 -39.51 29.52 -17.86
N LYS A 45 -39.94 29.14 -19.05
CA LYS A 45 -40.00 30.10 -20.17
C LYS A 45 -41.02 31.18 -19.91
N GLY A 46 -42.16 30.80 -19.35
CA GLY A 46 -43.16 31.76 -19.00
C GLY A 46 -42.69 32.75 -17.97
N ASN A 47 -41.96 32.27 -16.98
CA ASN A 47 -41.46 33.20 -15.97
C ASN A 47 -40.37 34.09 -16.56
N ALA A 48 -39.55 33.54 -17.42
CA ALA A 48 -38.56 34.37 -18.10
C ALA A 48 -39.18 35.47 -18.99
N GLU A 49 -40.21 35.11 -19.76
CA GLU A 49 -40.88 36.08 -20.62
CA GLU A 49 -40.88 36.09 -20.62
C GLU A 49 -41.47 37.21 -19.76
N TYR A 50 -42.01 36.85 -18.60
CA TYR A 50 -42.57 37.86 -17.73
C TYR A 50 -41.44 38.76 -17.25
N MET A 51 -40.31 38.16 -16.90
CA MET A 51 -39.19 38.94 -16.40
C MET A 51 -38.69 39.90 -17.45
N ALA A 52 -38.63 39.42 -18.66
CA ALA A 52 -38.14 40.23 -19.81
C ALA A 52 -39.03 41.40 -20.05
N LYS A 53 -40.30 41.20 -19.92
CA LYS A 53 -41.21 42.25 -20.21
C LYS A 53 -41.35 43.29 -19.09
N TYR A 54 -41.47 42.85 -17.82
CA TYR A 54 -41.85 43.72 -16.77
C TYR A 54 -40.77 44.06 -15.81
N LEU A 55 -39.68 43.30 -15.79
CA LEU A 55 -38.73 43.41 -14.67
C LEU A 55 -37.29 43.70 -15.07
N LYS A 56 -36.90 43.23 -16.22
CA LYS A 56 -35.55 43.35 -16.67
C LYS A 56 -34.90 44.78 -16.60
N PRO A 57 -35.60 45.81 -17.11
CA PRO A 57 -35.01 47.15 -16.92
C PRO A 57 -34.77 47.56 -15.47
N PHE A 58 -35.35 46.88 -14.48
CA PHE A 58 -35.15 47.19 -13.05
C PHE A 58 -34.04 46.38 -12.40
N GLY A 59 -33.34 45.53 -13.17
CA GLY A 59 -32.21 44.76 -12.66
C GLY A 59 -32.44 43.25 -12.62
N TRP A 60 -33.66 42.78 -12.76
CA TRP A 60 -33.99 41.38 -12.53
C TRP A 60 -33.55 40.62 -13.76
N GLU A 61 -32.64 39.69 -13.62
CA GLU A 61 -32.10 39.03 -14.80
C GLU A 61 -31.84 37.56 -14.77
N TYR A 62 -31.72 36.96 -13.61
CA TYR A 62 -31.37 35.54 -13.57
C TYR A 62 -32.67 34.70 -13.55
N VAL A 63 -32.72 33.66 -14.36
CA VAL A 63 -33.84 32.72 -14.41
C VAL A 63 -33.25 31.37 -14.00
N VAL A 64 -33.54 30.99 -12.78
CA VAL A 64 -32.83 29.87 -12.11
C VAL A 64 -33.72 28.63 -11.90
N VAL A 65 -33.32 27.55 -12.60
CA VAL A 65 -33.96 26.28 -12.45
C VAL A 65 -33.43 25.62 -11.17
N ASP A 66 -34.31 25.38 -10.20
CA ASP A 66 -33.84 24.82 -8.95
C ASP A 66 -33.69 23.30 -9.00
N ILE A 67 -33.68 22.67 -7.84
CA ILE A 67 -33.13 21.37 -7.68
C ILE A 67 -33.85 20.32 -8.46
N GLN A 68 -33.08 19.31 -8.87
CA GLN A 68 -33.59 18.10 -9.38
C GLN A 68 -34.22 18.18 -10.80
N TRP A 69 -33.67 19.03 -11.65
CA TRP A 69 -34.03 19.09 -13.06
C TRP A 69 -33.65 17.81 -13.77
N TYR A 70 -32.85 16.97 -13.13
CA TYR A 70 -32.44 15.68 -13.66
C TYR A 70 -33.27 14.47 -13.15
N GLU A 71 -34.35 14.73 -12.43
CA GLU A 71 -35.18 13.69 -11.87
C GLU A 71 -36.50 13.74 -12.59
N PRO A 72 -36.74 12.85 -13.56
CA PRO A 72 -37.94 12.97 -14.42
C PRO A 72 -39.26 12.86 -13.71
N GLY A 73 -39.29 12.18 -12.55
CA GLY A 73 -40.52 11.95 -11.87
C GLY A 73 -40.81 12.95 -10.81
N ALA A 74 -39.97 13.98 -10.63
CA ALA A 74 -40.15 14.87 -9.51
C ALA A 74 -41.49 15.57 -9.60
N ASN A 75 -42.14 15.74 -8.47
CA ASN A 75 -43.50 16.25 -8.48
C ASN A 75 -43.84 17.12 -7.28
N SER A 76 -42.84 17.50 -6.49
CA SER A 76 -43.07 18.14 -5.20
C SER A 76 -41.76 18.74 -4.71
N SER A 77 -41.83 19.30 -3.52
CA SER A 77 -40.66 19.69 -2.75
C SER A 77 -40.13 18.48 -2.00
N ILE A 78 -40.94 17.43 -1.91
CA ILE A 78 -40.49 16.14 -1.29
C ILE A 78 -39.88 15.21 -2.30
N TYR A 79 -38.61 14.88 -2.07
CA TYR A 79 -37.85 14.13 -3.05
C TYR A 79 -38.31 12.68 -3.08
N ARG A 80 -38.20 12.04 -4.24
CA ARG A 80 -38.46 10.60 -4.36
C ARG A 80 -37.13 9.88 -4.20
N PRO A 81 -36.94 9.20 -3.07
CA PRO A 81 -35.62 8.78 -2.74
C PRO A 81 -35.18 7.54 -3.46
N PHE A 82 -33.88 7.48 -3.70
CA PHE A 82 -33.21 6.32 -4.32
C PHE A 82 -33.68 6.04 -5.74
N VAL A 83 -34.19 7.02 -6.46
CA VAL A 83 -34.64 6.79 -7.81
C VAL A 83 -33.55 7.05 -8.84
N PRO A 84 -33.70 6.48 -10.02
CA PRO A 84 -32.77 6.75 -11.10
C PRO A 84 -32.84 8.16 -11.57
N LEU A 85 -31.69 8.64 -12.04
CA LEU A 85 -31.53 10.00 -12.45
C LEU A 85 -31.02 10.06 -13.84
N GLU A 86 -31.37 11.07 -14.58
CA GLU A 86 -30.81 11.24 -15.92
C GLU A 86 -29.34 11.62 -15.84
N MET A 87 -28.51 10.97 -16.64
CA MET A 87 -27.07 11.10 -16.54
C MET A 87 -26.43 10.76 -17.84
N ASP A 88 -25.34 11.46 -18.16
CA ASP A 88 -24.66 11.19 -19.44
C ASP A 88 -23.67 10.05 -19.22
N GLU A 89 -22.71 9.90 -20.12
CA GLU A 89 -21.72 8.83 -20.01
C GLU A 89 -20.48 9.17 -19.24
N TYR A 90 -20.48 10.35 -18.65
CA TYR A 90 -19.41 10.75 -17.80
C TYR A 90 -19.88 11.12 -16.43
N SER A 91 -20.89 10.41 -15.95
CA SER A 91 -21.35 10.60 -14.57
C SER A 91 -21.95 11.98 -14.26
N ARG A 92 -22.32 12.71 -15.27
CA ARG A 92 -22.87 14.02 -15.12
C ARG A 92 -24.37 14.03 -15.30
N LEU A 93 -25.05 14.57 -14.32
CA LEU A 93 -26.52 14.67 -14.40
C LEU A 93 -26.97 15.58 -15.50
N MET A 94 -28.04 15.16 -16.13
CA MET A 94 -28.56 15.83 -17.32
C MET A 94 -30.09 16.16 -17.13
N PRO A 95 -30.62 17.08 -17.92
CA PRO A 95 -32.03 17.40 -17.78
C PRO A 95 -32.94 16.31 -18.24
N ALA A 96 -33.99 16.09 -17.47
CA ALA A 96 -35.07 15.18 -17.80
C ALA A 96 -35.84 15.71 -19.01
N VAL A 97 -35.81 14.95 -20.04
CA VAL A 97 -36.36 15.38 -21.31
C VAL A 97 -37.90 15.50 -21.28
N ASN A 98 -38.58 14.73 -20.46
CA ASN A 98 -40.03 14.89 -20.36
C ASN A 98 -40.39 16.24 -19.81
N ARG A 99 -39.57 16.74 -18.88
CA ARG A 99 -39.82 18.06 -18.29
C ARG A 99 -39.23 19.16 -19.12
N PHE A 100 -38.16 18.86 -19.84
CA PHE A 100 -37.44 19.85 -20.64
C PHE A 100 -37.25 19.32 -22.07
N PRO A 101 -38.30 19.38 -22.87
CA PRO A 101 -38.28 18.73 -24.17
C PRO A 101 -37.18 19.20 -25.05
N SER A 102 -36.77 20.46 -24.95
CA SER A 102 -35.65 20.95 -25.83
C SER A 102 -34.32 20.28 -25.54
N ALA A 103 -34.23 19.55 -24.42
CA ALA A 103 -33.01 18.86 -24.12
C ALA A 103 -32.85 17.51 -24.89
N LYS A 104 -33.87 17.10 -25.60
CA LYS A 104 -33.79 15.87 -26.40
C LYS A 104 -32.50 15.79 -27.23
N GLY A 105 -31.97 14.60 -27.37
CA GLY A 105 -30.81 14.41 -28.25
C GLY A 105 -29.53 14.87 -27.60
N GLY A 106 -29.47 14.84 -26.27
CA GLY A 106 -28.22 15.18 -25.58
C GLY A 106 -27.82 16.66 -25.56
N LYS A 107 -28.76 17.55 -25.84
CA LYS A 107 -28.47 18.98 -25.90
C LYS A 107 -28.49 19.68 -24.58
N GLY A 108 -29.05 19.03 -23.55
CA GLY A 108 -29.05 19.54 -22.26
C GLY A 108 -29.82 20.84 -22.18
N PHE A 109 -29.27 21.75 -21.42
CA PHE A 109 -29.94 23.08 -21.28
C PHE A 109 -29.54 24.12 -22.32
N LYS A 110 -28.69 23.80 -23.27
CA LYS A 110 -28.30 24.84 -24.22
C LYS A 110 -29.43 25.53 -24.96
N PRO A 111 -30.42 24.78 -25.40
CA PRO A 111 -31.54 25.50 -26.10
C PRO A 111 -32.34 26.40 -25.18
N LEU A 112 -32.55 25.94 -23.96
CA LEU A 112 -33.32 26.76 -22.98
C LEU A 112 -32.52 27.97 -22.55
N ALA A 113 -31.23 27.79 -22.40
CA ALA A 113 -30.36 28.93 -22.05
C ALA A 113 -30.25 29.93 -23.20
N ASP A 114 -30.16 29.41 -24.40
CA ASP A 114 -30.20 30.29 -25.62
C ASP A 114 -31.47 31.15 -25.67
N TYR A 115 -32.58 30.54 -25.40
CA TYR A 115 -33.86 31.25 -25.40
C TYR A 115 -33.87 32.36 -24.39
N ILE A 116 -33.35 32.02 -23.21
CA ILE A 116 -33.31 32.97 -22.11
C ILE A 116 -32.34 34.10 -22.41
N HIS A 117 -31.18 33.76 -22.92
CA HIS A 117 -30.24 34.77 -23.35
C HIS A 117 -30.79 35.67 -24.45
N ASN A 118 -31.59 35.11 -25.34
CA ASN A 118 -32.19 35.94 -26.42
CA ASN A 118 -32.19 35.93 -26.42
C ASN A 118 -33.24 36.90 -25.91
N LEU A 119 -33.75 36.68 -24.67
CA LEU A 119 -34.61 37.65 -24.05
C LEU A 119 -33.76 38.68 -23.33
N GLY A 120 -32.43 38.59 -23.39
CA GLY A 120 -31.61 39.56 -22.62
C GLY A 120 -31.42 39.17 -21.10
N LEU A 121 -31.59 37.88 -20.76
CA LEU A 121 -31.58 37.40 -19.43
C LEU A 121 -30.46 36.44 -19.24
N LYS A 122 -30.26 35.99 -18.00
CA LYS A 122 -29.25 35.05 -17.69
C LYS A 122 -29.86 33.82 -17.18
N PHE A 123 -29.11 32.73 -17.28
CA PHE A 123 -29.61 31.43 -16.97
C PHE A 123 -28.86 30.82 -15.79
N GLY A 124 -29.63 30.26 -14.85
CA GLY A 124 -29.04 29.63 -13.64
C GLY A 124 -29.58 28.21 -13.42
N ILE A 125 -28.76 27.37 -12.78
CA ILE A 125 -29.20 26.07 -12.36
C ILE A 125 -28.72 25.78 -10.91
N HIS A 126 -29.47 24.89 -10.27
CA HIS A 126 -29.12 24.31 -8.99
C HIS A 126 -28.38 23.04 -9.22
N ILE A 127 -27.34 22.80 -8.44
CA ILE A 127 -26.75 21.49 -8.35
C ILE A 127 -26.60 21.06 -6.90
N MET A 128 -26.63 19.77 -6.70
CA MET A 128 -26.28 19.16 -5.44
C MET A 128 -24.78 18.88 -5.44
N ARG A 129 -24.16 19.18 -4.30
CA ARG A 129 -22.83 18.81 -4.07
C ARG A 129 -22.63 17.33 -4.36
N GLY A 130 -21.50 17.02 -5.00
CA GLY A 130 -20.98 15.67 -5.08
C GLY A 130 -21.16 15.02 -6.46
N ILE A 131 -21.23 13.70 -6.42
CA ILE A 131 -21.32 12.87 -7.59
C ILE A 131 -22.47 11.88 -7.37
N PRO A 132 -23.23 11.56 -8.43
CA PRO A 132 -24.42 10.74 -8.16
C PRO A 132 -24.14 9.39 -7.58
N ARG A 133 -24.92 9.01 -6.59
CA ARG A 133 -24.75 7.67 -6.04
C ARG A 133 -24.77 6.60 -7.12
N GLN A 134 -25.65 6.77 -8.12
CA GLN A 134 -25.77 5.73 -9.12
C GLN A 134 -24.46 5.59 -9.90
N ALA A 135 -23.73 6.67 -10.04
CA ALA A 135 -22.50 6.65 -10.78
C ALA A 135 -21.42 5.96 -10.00
N VAL A 136 -21.46 6.14 -8.69
CA VAL A 136 -20.54 5.49 -7.82
C VAL A 136 -20.79 3.99 -7.73
N HIS A 137 -22.05 3.59 -7.63
CA HIS A 137 -22.34 2.15 -7.63
C HIS A 137 -22.04 1.46 -8.91
N GLN A 138 -22.36 2.10 -10.04
CA GLN A 138 -22.10 1.50 -11.33
C GLN A 138 -20.64 1.70 -11.73
N ASN A 139 -19.94 2.59 -11.05
CA ASN A 139 -18.59 3.03 -11.40
C ASN A 139 -18.43 3.53 -12.80
N THR A 140 -19.31 4.44 -13.18
CA THR A 140 -19.25 5.07 -14.47
C THR A 140 -18.02 5.98 -14.61
N PRO A 141 -17.68 6.37 -15.84
CA PRO A 141 -16.48 7.15 -16.05
C PRO A 141 -16.57 8.61 -15.74
N ILE A 142 -15.39 9.22 -15.67
CA ILE A 142 -15.21 10.63 -15.50
C ILE A 142 -14.54 11.11 -16.73
N LEU A 143 -14.99 12.24 -17.25
CA LEU A 143 -14.41 12.81 -18.43
C LEU A 143 -13.02 13.26 -18.08
N GLY A 144 -12.08 12.91 -18.92
CA GLY A 144 -10.67 13.42 -18.78
C GLY A 144 -9.80 12.69 -17.81
N THR A 145 -10.23 11.54 -17.32
CA THR A 145 -9.39 10.67 -16.51
C THR A 145 -9.91 9.24 -16.62
N ASN A 146 -9.11 8.32 -16.19
CA ASN A 146 -9.45 6.90 -16.33
C ASN A 146 -9.65 6.25 -14.99
N VAL A 147 -9.83 7.06 -13.99
CA VAL A 147 -10.42 6.57 -12.73
C VAL A 147 -11.95 6.69 -12.89
N GLY A 148 -12.65 5.84 -12.16
CA GLY A 148 -14.10 5.84 -12.22
C GLY A 148 -14.72 6.67 -11.13
N ALA A 149 -16.04 6.89 -11.26
CA ALA A 149 -16.78 7.62 -10.23
C ALA A 149 -16.59 7.00 -8.84
N ARG A 150 -16.51 5.70 -8.78
CA ARG A 150 -16.44 5.04 -7.50
C ARG A 150 -15.15 5.45 -6.79
N ASP A 151 -14.07 5.72 -7.53
CA ASP A 151 -12.79 5.96 -6.91
C ASP A 151 -12.65 7.38 -6.35
N ILE A 152 -13.56 8.29 -6.65
CA ILE A 152 -13.47 9.66 -6.13
C ILE A 152 -14.46 9.95 -5.06
N ALA A 153 -15.38 9.04 -4.80
CA ALA A 153 -16.38 9.29 -3.80
C ALA A 153 -15.78 9.26 -2.42
N ASP A 154 -16.33 10.11 -1.56
CA ASP A 154 -16.16 10.05 -0.15
C ASP A 154 -16.99 8.86 0.41
N THR A 155 -16.37 8.07 1.29
CA THR A 155 -17.07 6.91 1.87
C THR A 155 -17.96 7.25 3.04
N ASN A 156 -17.90 8.47 3.50
CA ASN A 156 -18.69 8.93 4.59
C ASN A 156 -19.15 10.35 4.42
N SER A 157 -19.90 10.59 3.35
CA SER A 157 -20.46 11.94 3.11
C SER A 157 -21.72 11.84 2.24
N ILE A 158 -22.83 12.15 2.84
CA ILE A 158 -24.12 12.21 2.18
C ILE A 158 -24.77 13.50 2.59
N CYS A 159 -25.85 13.77 1.94
CA CYS A 159 -26.75 14.87 2.31
C CYS A 159 -27.84 14.25 3.12
N PRO A 160 -28.09 14.76 4.29
CA PRO A 160 -29.12 14.19 5.15
C PRO A 160 -30.54 14.33 4.68
N TRP A 161 -30.80 15.15 3.68
CA TRP A 161 -32.18 15.45 3.29
C TRP A 161 -32.41 15.18 1.79
N ASN A 162 -31.45 14.52 1.16
CA ASN A 162 -31.59 14.14 -0.23
C ASN A 162 -30.58 13.05 -0.53
N THR A 163 -31.04 12.06 -1.29
CA THR A 163 -30.28 10.82 -1.52
C THR A 163 -29.54 10.74 -2.84
N ASP A 164 -29.55 11.79 -3.64
CA ASP A 164 -29.05 11.67 -5.02
C ASP A 164 -27.52 11.43 -5.13
N MET A 165 -26.74 12.00 -4.22
CA MET A 165 -25.31 12.11 -4.39
C MET A 165 -24.56 11.50 -3.23
N TYR A 166 -23.26 11.25 -3.47
CA TYR A 166 -22.28 11.13 -2.44
C TYR A 166 -21.33 12.28 -2.63
N GLY A 167 -20.70 12.66 -1.54
CA GLY A 167 -19.72 13.66 -1.60
C GLY A 167 -18.52 13.14 -2.34
N VAL A 168 -17.76 14.09 -2.90
CA VAL A 168 -16.55 13.84 -3.62
C VAL A 168 -15.36 14.18 -2.72
N ASP A 169 -14.36 13.33 -2.73
CA ASP A 169 -13.18 13.43 -1.87
C ASP A 169 -12.07 14.07 -2.64
N HIS A 170 -11.76 15.30 -2.23
CA HIS A 170 -10.71 16.12 -2.89
C HIS A 170 -9.30 15.49 -2.84
N ARG A 171 -9.09 14.56 -1.95
CA ARG A 171 -7.77 13.89 -1.90
C ARG A 171 -7.58 12.82 -2.96
N LYS A 172 -8.65 12.47 -3.69
CA LYS A 172 -8.57 11.46 -4.69
C LYS A 172 -8.27 12.03 -6.04
N GLU A 173 -7.38 11.39 -6.75
CA GLU A 173 -7.14 11.70 -8.14
C GLU A 173 -8.51 11.53 -8.83
N GLY A 174 -8.82 12.46 -9.69
CA GLY A 174 -10.03 12.45 -10.48
C GLY A 174 -11.15 13.34 -9.89
N ALA A 175 -11.01 13.73 -8.62
CA ALA A 175 -12.01 14.57 -8.01
C ALA A 175 -12.12 15.94 -8.67
N GLN A 176 -11.02 16.63 -8.84
CA GLN A 176 -11.05 17.91 -9.44
C GLN A 176 -11.48 17.77 -10.87
N ALA A 177 -11.05 16.72 -11.51
CA ALA A 177 -11.42 16.50 -12.90
C ALA A 177 -12.91 16.36 -13.05
N TYR A 178 -13.57 15.73 -12.09
CA TYR A 178 -15.01 15.58 -12.21
C TYR A 178 -15.68 16.95 -12.09
N TYR A 179 -15.29 17.72 -11.09
CA TYR A 179 -15.90 19.07 -10.93
C TYR A 179 -15.55 19.98 -12.14
N ASP A 180 -14.32 19.85 -12.70
CA ASP A 180 -14.00 20.60 -13.88
C ASP A 180 -14.98 20.25 -15.02
N SER A 181 -15.23 18.95 -15.18
CA SER A 181 -16.08 18.47 -16.22
C SER A 181 -17.54 18.94 -16.07
N LEU A 182 -17.99 19.12 -14.85
CA LEU A 182 -19.35 19.65 -14.65
C LEU A 182 -19.43 21.05 -15.14
N PHE A 183 -18.42 21.86 -14.80
CA PHE A 183 -18.49 23.26 -15.20
C PHE A 183 -18.15 23.47 -16.66
N GLN A 184 -17.42 22.53 -17.25
CA GLN A 184 -17.31 22.53 -18.70
C GLN A 184 -18.67 22.34 -19.34
N LEU A 185 -19.41 21.39 -18.83
CA LEU A 185 -20.75 21.11 -19.34
C LEU A 185 -21.66 22.31 -19.14
N TYR A 186 -21.59 22.88 -17.96
CA TYR A 186 -22.49 24.02 -17.69
C TYR A 186 -22.12 25.23 -18.55
N ALA A 187 -20.82 25.47 -18.75
CA ALA A 187 -20.38 26.55 -19.63
C ALA A 187 -20.84 26.29 -21.10
N GLN A 188 -20.75 25.05 -21.59
CA GLN A 188 -21.21 24.68 -22.91
CA GLN A 188 -21.23 24.73 -22.91
C GLN A 188 -22.70 25.04 -23.03
N TRP A 189 -23.46 24.75 -22.00
CA TRP A 189 -24.85 25.07 -22.05
C TRP A 189 -25.14 26.57 -22.03
N GLY A 190 -24.19 27.35 -21.53
CA GLY A 190 -24.43 28.79 -21.32
C GLY A 190 -24.98 29.19 -19.95
N VAL A 191 -24.73 28.37 -18.93
CA VAL A 191 -25.11 28.67 -17.58
C VAL A 191 -24.33 29.90 -17.13
N ASP A 192 -25.01 30.86 -16.47
CA ASP A 192 -24.41 32.08 -15.95
C ASP A 192 -24.37 32.17 -14.39
N PHE A 193 -24.94 31.16 -13.71
CA PHE A 193 -25.21 31.17 -12.27
C PHE A 193 -25.47 29.74 -11.83
N VAL A 194 -24.79 29.33 -10.77
CA VAL A 194 -25.05 28.06 -10.14
C VAL A 194 -25.29 28.19 -8.67
N LYS A 195 -26.37 27.57 -8.23
CA LYS A 195 -26.65 27.46 -6.82
C LYS A 195 -26.33 26.02 -6.39
N VAL A 196 -25.36 25.89 -5.52
CA VAL A 196 -24.92 24.61 -5.02
C VAL A 196 -25.51 24.37 -3.70
N ALA A 197 -26.18 23.24 -3.56
CA ALA A 197 -26.79 22.86 -2.27
C ALA A 197 -26.05 21.74 -1.55
N ASP A 198 -26.38 21.52 -0.31
CA ASP A 198 -25.70 20.61 0.64
C ASP A 198 -24.23 20.94 0.72
N ILE A 199 -23.90 22.19 0.88
CA ILE A 199 -22.54 22.60 0.84
C ILE A 199 -22.12 23.44 2.06
N VAL A 200 -23.04 24.08 2.73
CA VAL A 200 -22.69 25.12 3.72
C VAL A 200 -23.00 24.71 5.15
N ALA A 201 -24.21 24.26 5.35
CA ALA A 201 -24.61 23.77 6.62
C ALA A 201 -25.07 22.34 6.38
N SER A 202 -24.81 21.51 7.35
CA SER A 202 -25.24 20.10 7.31
C SER A 202 -25.33 19.65 8.77
N LYS A 203 -26.50 19.13 9.13
CA LYS A 203 -26.73 18.55 10.48
C LYS A 203 -25.56 17.58 10.81
N LEU A 204 -25.35 16.66 9.88
CA LEU A 204 -24.28 15.63 9.96
C LEU A 204 -22.81 16.08 9.91
N TYR A 205 -22.45 16.97 8.95
CA TYR A 205 -21.01 17.23 8.63
C TYR A 205 -20.54 18.66 8.74
N GLY A 206 -21.46 19.58 8.97
CA GLY A 206 -21.07 20.99 8.85
C GLY A 206 -20.64 21.37 7.41
N THR A 207 -19.69 22.28 7.30
CA THR A 207 -19.39 22.96 6.02
C THR A 207 -18.41 22.15 5.17
N HIS A 208 -18.79 21.93 3.93
CA HIS A 208 -17.97 21.24 2.99
C HIS A 208 -17.01 22.15 2.28
N THR A 209 -15.95 22.48 3.03
CA THR A 209 -15.01 23.47 2.57
C THR A 209 -14.21 23.06 1.39
N GLU A 210 -13.83 21.79 1.36
CA GLU A 210 -12.92 21.33 0.27
C GLU A 210 -13.66 21.34 -1.07
N GLU A 211 -14.94 21.00 -1.06
CA GLU A 211 -15.72 20.97 -2.26
C GLU A 211 -16.05 22.38 -2.71
N ILE A 212 -16.16 23.30 -1.78
CA ILE A 212 -16.29 24.69 -2.15
C ILE A 212 -15.08 25.09 -2.93
N LYS A 213 -13.91 24.71 -2.45
CA LYS A 213 -12.68 25.13 -3.15
C LYS A 213 -12.58 24.47 -4.52
N MET A 214 -12.99 23.19 -4.60
CA MET A 214 -12.92 22.54 -5.86
C MET A 214 -13.87 23.18 -6.89
N ILE A 215 -15.05 23.57 -6.45
CA ILE A 215 -15.98 24.22 -7.29
C ILE A 215 -15.44 25.55 -7.76
N ARG A 216 -14.89 26.34 -6.86
CA ARG A 216 -14.31 27.66 -7.21
C ARG A 216 -13.31 27.45 -8.36
N LYS A 217 -12.46 26.46 -8.21
CA LYS A 217 -11.45 26.17 -9.22
C LYS A 217 -12.07 25.72 -10.55
N ALA A 218 -13.09 24.86 -10.49
CA ALA A 218 -13.72 24.39 -11.66
C ALA A 218 -14.36 25.51 -12.45
N ILE A 219 -15.00 26.42 -11.76
CA ILE A 219 -15.60 27.59 -12.38
C ILE A 219 -14.52 28.47 -13.00
N ASP A 220 -13.49 28.73 -12.25
CA ASP A 220 -12.39 29.55 -12.80
C ASP A 220 -11.78 28.89 -14.04
N ARG A 221 -11.76 27.55 -14.12
CA ARG A 221 -11.16 26.93 -15.25
C ARG A 221 -12.10 26.84 -16.45
N CYS A 222 -13.40 27.02 -16.28
CA CYS A 222 -14.30 26.70 -17.36
C CYS A 222 -14.37 27.79 -18.44
N GLY A 223 -13.82 28.94 -18.16
CA GLY A 223 -13.72 30.00 -19.16
C GLY A 223 -14.95 30.91 -19.25
N ARG A 224 -15.99 30.70 -18.46
CA ARG A 224 -17.22 31.52 -18.58
C ARG A 224 -17.50 32.10 -17.20
N PRO A 225 -17.92 33.34 -17.13
CA PRO A 225 -18.47 33.86 -15.91
C PRO A 225 -19.66 33.04 -15.42
N ILE A 226 -19.49 32.45 -14.24
CA ILE A 226 -20.59 31.73 -13.56
C ILE A 226 -20.59 32.17 -12.15
N VAL A 227 -21.66 32.88 -11.76
CA VAL A 227 -21.83 33.34 -10.44
C VAL A 227 -22.10 32.10 -9.53
N LEU A 228 -21.55 32.11 -8.32
CA LEU A 228 -21.65 31.00 -7.38
C LEU A 228 -22.44 31.34 -6.12
N SER A 229 -23.55 30.62 -5.95
CA SER A 229 -24.44 30.73 -4.81
C SER A 229 -24.38 29.43 -3.99
N LEU A 230 -24.26 29.57 -2.68
CA LEU A 230 -24.15 28.42 -1.77
C LEU A 230 -25.34 28.35 -0.83
N SER A 231 -25.78 27.13 -0.60
CA SER A 231 -26.97 26.83 0.18
C SER A 231 -26.87 25.46 0.83
N PRO A 232 -27.68 25.20 1.86
CA PRO A 232 -28.62 26.02 2.54
C PRO A 232 -27.80 26.64 3.66
N GLY A 233 -28.36 27.55 4.42
CA GLY A 233 -27.71 28.01 5.62
C GLY A 233 -28.21 27.19 6.79
N PRO A 234 -27.84 27.57 8.00
CA PRO A 234 -27.12 28.78 8.35
C PRO A 234 -25.63 28.65 8.11
N ALA A 235 -25.09 29.63 7.44
CA ALA A 235 -23.72 29.74 7.20
C ALA A 235 -23.04 30.15 8.49
N PRO A 236 -22.05 29.42 8.89
CA PRO A 236 -21.26 29.83 10.04
C PRO A 236 -20.26 30.94 9.74
N LEU A 237 -20.27 31.90 10.62
CA LEU A 237 -19.32 32.98 10.64
C LEU A 237 -17.89 32.56 10.77
N ASP A 238 -17.67 31.38 11.31
CA ASP A 238 -16.38 30.81 11.36
C ASP A 238 -15.74 30.66 9.99
N HIS A 239 -16.55 30.50 8.96
CA HIS A 239 -16.05 30.33 7.63
C HIS A 239 -16.21 31.58 6.75
N ALA A 240 -16.36 32.74 7.38
CA ALA A 240 -16.57 33.95 6.68
C ALA A 240 -15.50 34.21 5.60
N THR A 241 -14.24 33.99 5.91
CA THR A 241 -13.22 34.28 4.91
C THR A 241 -13.42 33.42 3.68
N LEU A 242 -13.61 32.15 3.93
CA LEU A 242 -13.83 31.17 2.89
C LEU A 242 -14.99 31.59 1.99
N PHE A 243 -16.14 31.95 2.59
CA PHE A 243 -17.23 32.30 1.80
C PHE A 243 -16.96 33.57 1.03
N VAL A 244 -16.44 34.57 1.73
CA VAL A 244 -16.14 35.86 1.12
C VAL A 244 -15.20 35.73 -0.09
N GLU A 245 -14.21 34.85 0.00
CA GLU A 245 -13.28 34.75 -1.07
C GLU A 245 -13.72 33.84 -2.20
N ASN A 246 -14.61 32.89 -1.91
CA ASN A 246 -14.90 31.87 -2.88
C ASN A 246 -16.28 31.93 -3.53
N ALA A 247 -17.24 32.56 -2.89
CA ALA A 247 -18.59 32.53 -3.37
C ALA A 247 -19.08 33.96 -3.60
N ASN A 248 -19.97 34.13 -4.56
CA ASN A 248 -20.67 35.40 -4.73
C ASN A 248 -21.86 35.60 -3.84
N MET A 249 -22.42 34.49 -3.31
CA MET A 249 -23.49 34.56 -2.35
C MET A 249 -23.57 33.29 -1.54
N TRP A 250 -24.05 33.44 -0.32
CA TRP A 250 -24.12 32.29 0.58
C TRP A 250 -25.22 32.50 1.56
N ARG A 251 -26.04 31.46 1.74
CA ARG A 251 -27.27 31.55 2.54
C ARG A 251 -26.95 31.67 4.03
N MET A 252 -27.52 32.70 4.64
CA MET A 252 -27.37 32.96 6.02
C MET A 252 -28.25 32.06 6.86
N THR A 253 -29.31 31.49 6.23
CA THR A 253 -30.31 30.73 6.92
C THR A 253 -30.69 29.48 6.24
N ASP A 254 -31.29 28.59 7.03
CA ASP A 254 -32.04 27.49 6.45
C ASP A 254 -33.21 28.06 5.64
N ASP A 255 -33.92 27.21 4.94
CA ASP A 255 -34.83 27.67 3.89
C ASP A 255 -35.86 28.66 4.43
N PHE A 256 -36.00 29.77 3.74
CA PHE A 256 -36.89 30.86 4.18
C PHE A 256 -38.27 30.68 3.52
N TRP A 257 -39.29 30.88 4.31
CA TRP A 257 -40.65 30.74 3.84
C TRP A 257 -41.49 31.87 4.40
N ASP A 258 -42.74 31.95 3.92
CA ASP A 258 -43.69 32.96 4.31
C ASP A 258 -44.29 32.67 5.68
N ARG A 259 -43.47 32.80 6.70
CA ARG A 259 -43.83 32.63 8.09
C ARG A 259 -43.11 33.76 8.89
N TRP A 260 -43.91 34.54 9.66
CA TRP A 260 -43.38 35.69 10.38
C TRP A 260 -42.11 35.32 11.22
N GLU A 261 -42.20 34.22 11.91
CA GLU A 261 -41.13 33.76 12.74
C GLU A 261 -39.76 33.74 12.01
N LEU A 262 -39.75 33.32 10.76
CA LEU A 262 -38.51 33.30 9.99
C LEU A 262 -38.08 34.66 9.58
N LEU A 263 -39.06 35.51 9.26
CA LEU A 263 -38.76 36.89 8.90
C LEU A 263 -38.18 37.63 10.13
N TYR A 264 -38.84 37.46 11.25
CA TYR A 264 -38.31 37.98 12.52
C TYR A 264 -36.87 37.54 12.73
N ASP A 265 -36.59 36.27 12.53
CA ASP A 265 -35.23 35.74 12.77
C ASP A 265 -34.21 36.35 11.82
N MET A 266 -34.61 36.76 10.59
CA MET A 266 -33.66 37.25 9.65
C MET A 266 -32.93 38.51 10.17
N PHE A 267 -33.59 39.32 10.96
CA PHE A 267 -32.98 40.53 11.50
C PHE A 267 -31.64 40.27 12.16
N GLU A 268 -31.60 39.22 12.94
CA GLU A 268 -30.35 38.90 13.62
C GLU A 268 -29.27 38.45 12.70
N GLN A 269 -29.67 37.64 11.73
CA GLN A 269 -28.68 37.10 10.83
C GLN A 269 -28.06 38.24 10.03
N CYS A 270 -28.88 39.21 9.60
CA CYS A 270 -28.35 40.36 8.89
C CYS A 270 -27.37 41.12 9.77
N TYR A 271 -27.71 41.27 11.05
CA TYR A 271 -26.80 41.92 11.99
C TYR A 271 -25.44 41.16 12.03
N LYS A 272 -25.50 39.85 12.06
CA LYS A 272 -24.32 39.04 12.24
C LYS A 272 -23.40 39.05 11.04
N TRP A 273 -23.98 39.22 9.84
CA TRP A 273 -23.23 39.16 8.58
C TRP A 273 -22.97 40.51 7.92
N CYS A 274 -23.48 41.62 8.50
CA CYS A 274 -23.42 42.92 7.85
C CYS A 274 -22.01 43.35 7.45
N LYS A 275 -20.99 42.94 8.18
CA LYS A 275 -19.62 43.40 7.87
C LYS A 275 -18.95 42.63 6.77
N LEU A 276 -19.57 41.54 6.27
CA LEU A 276 -18.99 40.79 5.19
C LEU A 276 -19.71 41.08 3.87
N VAL A 277 -20.67 42.00 3.84
CA VAL A 277 -21.35 42.34 2.66
C VAL A 277 -20.43 43.29 1.88
N GLY A 278 -20.24 43.02 0.62
CA GLY A 278 -19.50 43.89 -0.26
C GLY A 278 -19.55 43.45 -1.71
N LEU A 279 -19.07 44.32 -2.59
CA LEU A 279 -19.05 44.07 -4.00
C LEU A 279 -18.53 42.66 -4.36
N GLY A 280 -19.39 41.86 -4.98
CA GLY A 280 -19.00 40.54 -5.41
C GLY A 280 -19.24 39.40 -4.39
N HIS A 281 -19.58 39.76 -3.17
CA HIS A 281 -19.69 38.71 -2.07
C HIS A 281 -20.82 39.04 -1.12
N TRP A 282 -21.97 38.40 -1.37
CA TRP A 282 -23.25 38.81 -0.80
C TRP A 282 -23.91 37.75 0.12
N PRO A 283 -23.87 37.98 1.42
CA PRO A 283 -24.63 37.11 2.26
C PRO A 283 -26.08 37.14 1.88
N ASP A 284 -26.69 35.99 1.88
CA ASP A 284 -27.98 35.79 1.18
C ASP A 284 -29.08 35.48 2.12
N ALA A 285 -30.05 36.34 2.12
CA ALA A 285 -31.21 36.15 2.98
C ALA A 285 -32.32 35.25 2.36
N ASP A 286 -32.01 34.65 1.23
CA ASP A 286 -32.86 33.65 0.59
C ASP A 286 -33.99 34.29 -0.25
N MET A 287 -34.62 33.42 -0.99
CA MET A 287 -35.63 33.78 -1.96
C MET A 287 -36.85 34.38 -1.34
N LEU A 288 -37.56 35.17 -2.13
CA LEU A 288 -38.65 35.97 -1.65
C LEU A 288 -39.92 35.17 -1.88
N PRO A 289 -40.59 34.75 -0.79
CA PRO A 289 -41.82 33.98 -0.93
C PRO A 289 -42.99 34.90 -1.07
N LEU A 290 -43.10 35.44 -2.26
CA LEU A 290 -44.13 36.43 -2.57
C LEU A 290 -44.98 35.89 -3.66
N GLY A 291 -46.13 36.46 -3.79
CA GLY A 291 -47.05 36.07 -4.89
C GLY A 291 -47.59 34.67 -4.75
N HIS A 292 -47.72 34.01 -5.86
CA HIS A 292 -48.24 32.65 -5.90
C HIS A 292 -47.13 31.63 -5.70
N ILE A 293 -47.20 30.97 -4.58
CA ILE A 293 -46.23 29.91 -4.23
C ILE A 293 -46.92 28.59 -3.85
N GLY A 294 -46.10 27.56 -3.66
CA GLY A 294 -46.61 26.27 -3.17
C GLY A 294 -47.48 25.56 -4.17
N ILE A 295 -47.28 25.85 -5.41
CA ILE A 295 -48.05 25.18 -6.45
C ILE A 295 -47.73 23.71 -6.48
N ARG A 296 -46.46 23.34 -6.61
CA ARG A 296 -46.05 21.95 -6.42
C ARG A 296 -44.94 21.90 -5.37
N SER A 297 -45.18 22.60 -4.29
CA SER A 297 -44.32 22.55 -3.16
C SER A 297 -45.22 22.45 -2.00
N VAL A 298 -44.70 21.82 -0.98
CA VAL A 298 -45.46 21.51 0.21
C VAL A 298 -44.68 22.02 1.45
N ASP A 299 -43.56 22.71 1.21
CA ASP A 299 -42.68 23.12 2.30
C ASP A 299 -43.23 24.39 2.94
N GLY A 300 -42.67 24.73 4.08
CA GLY A 300 -43.05 25.94 4.75
C GLY A 300 -44.36 25.80 5.47
N GLY A 301 -44.84 24.56 5.54
CA GLY A 301 -46.11 24.28 6.21
C GLY A 301 -47.32 24.74 5.39
N GLY A 302 -47.17 24.94 4.10
CA GLY A 302 -48.32 25.37 3.28
C GLY A 302 -48.52 24.55 2.02
N THR A 303 -49.58 24.87 1.30
CA THR A 303 -49.84 24.33 -0.04
C THR A 303 -50.18 25.49 -0.98
N ASP A 304 -50.78 25.17 -2.12
CA ASP A 304 -51.04 26.13 -3.18
C ASP A 304 -51.62 27.38 -2.56
N ARG A 305 -50.94 28.51 -2.73
CA ARG A 305 -51.39 29.69 -2.04
C ARG A 305 -50.76 30.95 -2.58
N MET A 306 -51.37 32.05 -2.23
CA MET A 306 -50.69 33.35 -2.23
C MET A 306 -49.97 33.49 -0.92
N THR A 307 -48.88 34.22 -0.92
CA THR A 307 -48.06 34.30 0.27
C THR A 307 -48.90 34.60 1.48
N ARG A 308 -48.58 33.96 2.62
CA ARG A 308 -49.27 34.27 3.88
C ARG A 308 -48.69 35.50 4.59
N PHE A 309 -47.58 36.08 4.09
CA PHE A 309 -47.13 37.38 4.59
C PHE A 309 -48.19 38.44 4.31
N THR A 310 -48.52 39.27 5.30
CA THR A 310 -49.39 40.44 5.08
C THR A 310 -48.61 41.45 4.28
N LYS A 311 -49.31 42.42 3.72
CA LYS A 311 -48.63 43.49 2.98
C LYS A 311 -47.58 44.18 3.82
N ASP A 312 -47.87 44.43 5.08
CA ASP A 312 -46.86 44.99 5.99
C ASP A 312 -45.61 44.11 6.06
N GLU A 313 -45.84 42.81 6.16
CA GLU A 313 -44.73 41.88 6.29
C GLU A 313 -43.94 41.81 5.01
N GLN A 314 -44.64 41.83 3.88
CA GLN A 314 -44.03 41.76 2.60
C GLN A 314 -43.09 43.01 2.43
N ARG A 315 -43.60 44.18 2.80
CA ARG A 315 -42.83 45.41 2.75
C ARG A 315 -41.66 45.34 3.76
N THR A 316 -41.89 44.79 4.92
CA THR A 316 -40.78 44.68 5.91
C THR A 316 -39.66 43.79 5.36
N MET A 317 -40.04 42.66 4.77
CA MET A 317 -39.08 41.81 4.17
C MET A 317 -38.31 42.54 3.06
N MET A 318 -39.02 43.11 2.13
CA MET A 318 -38.34 43.75 1.01
C MET A 318 -37.43 44.86 1.53
N THR A 319 -37.90 45.58 2.53
CA THR A 319 -37.14 46.69 3.07
C THR A 319 -35.83 46.19 3.72
N LEU A 320 -35.88 45.11 4.48
CA LEU A 320 -34.63 44.58 5.09
C LEU A 320 -33.69 44.07 3.99
N TRP A 321 -34.22 43.32 3.07
CA TRP A 321 -33.36 42.70 2.05
C TRP A 321 -32.75 43.77 1.17
N ILE A 322 -33.55 44.80 0.89
CA ILE A 322 -33.06 45.93 0.09
C ILE A 322 -31.90 46.68 0.82
N ILE A 323 -32.10 47.07 2.04
CA ILE A 323 -31.10 47.92 2.66
C ILE A 323 -29.86 47.18 2.97
N PHE A 324 -30.02 45.93 3.38
CA PHE A 324 -28.90 45.05 3.69
C PHE A 324 -28.12 44.65 2.45
N ARG A 325 -28.81 44.66 1.32
CA ARG A 325 -28.25 44.28 0.01
C ARG A 325 -28.13 42.76 -0.12
N SER A 326 -29.20 42.09 0.22
CA SER A 326 -29.30 40.69 -0.10
C SER A 326 -29.51 40.57 -1.57
N PRO A 327 -28.99 39.51 -2.18
CA PRO A 327 -29.59 39.10 -3.42
C PRO A 327 -31.10 38.97 -3.36
N LEU A 328 -31.75 39.18 -4.51
CA LEU A 328 -33.18 39.23 -4.58
C LEU A 328 -33.61 38.21 -5.63
N MET A 329 -34.19 37.11 -5.13
CA MET A 329 -34.63 36.01 -6.01
C MET A 329 -36.08 35.76 -5.73
N PHE A 330 -36.89 36.13 -6.67
CA PHE A 330 -38.28 36.01 -6.53
C PHE A 330 -38.72 34.56 -6.62
N GLY A 331 -39.58 34.11 -5.71
CA GLY A 331 -39.90 32.71 -5.61
C GLY A 331 -41.27 32.31 -6.09
N GLY A 332 -42.12 33.28 -6.32
CA GLY A 332 -43.42 33.01 -6.83
C GLY A 332 -43.50 32.87 -8.33
N GLU A 333 -44.65 32.36 -8.78
CA GLU A 333 -44.95 32.24 -10.21
C GLU A 333 -45.30 33.60 -10.70
N LEU A 334 -44.38 34.19 -11.42
CA LEU A 334 -44.47 35.62 -11.78
C LEU A 334 -45.70 36.02 -12.57
N ARG A 335 -46.20 35.11 -13.41
CA ARG A 335 -47.32 35.41 -14.26
C ARG A 335 -48.60 35.61 -13.44
N ASP A 336 -48.59 35.19 -12.16
CA ASP A 336 -49.75 35.37 -11.35
C ASP A 336 -49.63 36.61 -10.43
N ASN A 337 -48.60 37.45 -10.65
CA ASN A 337 -48.49 38.65 -9.86
C ASN A 337 -49.65 39.57 -10.05
N ASP A 338 -50.17 40.08 -8.96
CA ASP A 338 -51.08 41.22 -9.04
C ASP A 338 -50.25 42.54 -9.01
N GLU A 339 -50.95 43.66 -9.01
CA GLU A 339 -50.32 44.95 -9.16
C GLU A 339 -49.46 45.26 -7.91
N TRP A 340 -50.04 44.98 -6.76
CA TRP A 340 -49.33 45.15 -5.52
C TRP A 340 -47.94 44.40 -5.60
N THR A 341 -47.96 43.13 -5.98
CA THR A 341 -46.78 42.32 -5.88
C THR A 341 -45.74 42.84 -6.84
N LEU A 342 -46.17 43.22 -8.05
CA LEU A 342 -45.28 43.76 -9.01
C LEU A 342 -44.68 45.06 -8.50
N SER A 343 -45.48 45.88 -7.82
CA SER A 343 -45.03 47.15 -7.32
C SER A 343 -43.85 46.95 -6.35
N LEU A 344 -43.82 45.87 -5.63
CA LEU A 344 -42.72 45.63 -4.69
C LEU A 344 -41.38 45.44 -5.40
N LEU A 345 -41.42 45.12 -6.69
CA LEU A 345 -40.19 44.78 -7.48
C LEU A 345 -39.65 45.89 -8.35
N THR A 346 -40.47 46.92 -8.49
CA THR A 346 -40.33 47.93 -9.54
C THR A 346 -40.39 49.37 -9.01
N ASN A 347 -40.07 49.53 -7.73
CA ASN A 347 -39.95 50.92 -7.15
C ASN A 347 -38.48 51.37 -7.28
N GLU A 348 -38.27 52.24 -8.24
CA GLU A 348 -36.95 52.76 -8.57
C GLU A 348 -36.18 53.41 -7.39
N GLU A 349 -36.92 54.06 -6.54
CA GLU A 349 -36.34 54.79 -5.44
C GLU A 349 -35.83 53.81 -4.37
N VAL A 350 -36.62 52.78 -4.14
CA VAL A 350 -36.21 51.70 -3.25
C VAL A 350 -34.98 50.96 -3.83
N LEU A 351 -34.99 50.71 -5.13
CA LEU A 351 -33.97 49.86 -5.68
C LEU A 351 -32.60 50.58 -5.72
N HIS A 352 -32.66 51.90 -5.75
CA HIS A 352 -31.46 52.70 -5.63
C HIS A 352 -30.71 52.42 -4.33
N VAL A 353 -31.42 52.11 -3.26
CA VAL A 353 -30.79 51.78 -2.00
C VAL A 353 -29.99 50.48 -2.13
N HIS A 354 -30.51 49.55 -2.90
CA HIS A 354 -29.92 48.19 -3.03
C HIS A 354 -28.75 48.23 -3.97
N GLN A 355 -28.89 49.01 -5.04
CA GLN A 355 -27.93 49.09 -6.07
C GLN A 355 -26.79 50.03 -5.76
N ASN A 356 -27.09 51.13 -5.09
CA ASN A 356 -26.12 52.19 -4.86
C ASN A 356 -25.86 52.55 -3.39
N GLY A 357 -26.55 51.90 -2.45
CA GLY A 357 -26.24 52.03 -1.06
C GLY A 357 -25.07 51.21 -0.63
N TYR A 358 -24.46 51.62 0.49
CA TYR A 358 -23.43 50.81 1.09
C TYR A 358 -23.32 51.12 2.53
N GLY A 359 -22.61 50.28 3.25
CA GLY A 359 -22.38 50.50 4.69
C GLY A 359 -23.56 50.21 5.59
N ALA A 360 -24.55 49.42 5.09
CA ALA A 360 -25.67 49.09 5.95
C ALA A 360 -25.26 48.52 7.31
N ARG A 361 -25.87 49.06 8.35
CA ARG A 361 -25.63 48.64 9.71
C ARG A 361 -26.87 48.78 10.52
N GLN A 362 -26.96 48.01 11.61
CA GLN A 362 -28.01 48.15 12.62
C GLN A 362 -27.64 49.29 13.54
N VAL A 363 -28.48 50.32 13.61
CA VAL A 363 -28.26 51.42 14.45
C VAL A 363 -28.59 50.97 15.89
N TYR A 364 -29.79 50.37 16.07
CA TYR A 364 -30.08 49.73 17.35
C TYR A 364 -31.16 48.72 17.19
N ARG A 365 -31.26 47.89 18.20
CA ARG A 365 -32.37 46.96 18.35
C ARG A 365 -32.74 46.90 19.82
N GLU A 366 -33.97 47.28 20.13
CA GLU A 366 -34.41 47.40 21.46
C GLU A 366 -35.90 47.25 21.52
N ASN A 367 -36.38 46.44 22.47
CA ASN A 367 -37.80 46.17 22.61
C ASN A 367 -38.47 45.82 21.29
N ASP A 368 -37.79 45.02 20.48
CA ASP A 368 -38.36 44.58 19.22
C ASP A 368 -38.69 45.78 18.35
N HIS A 369 -37.91 46.85 18.48
CA HIS A 369 -37.82 47.93 17.47
C HIS A 369 -36.42 47.91 16.91
N VAL A 370 -36.28 48.04 15.59
CA VAL A 370 -34.96 47.95 14.95
C VAL A 370 -34.86 49.03 13.90
N VAL A 371 -33.68 49.62 13.85
CA VAL A 371 -33.39 50.58 12.84
C VAL A 371 -32.06 50.21 12.16
N TRP A 372 -32.08 50.29 10.85
CA TRP A 372 -30.93 50.09 9.99
C TRP A 372 -30.70 51.34 9.17
N THR A 373 -29.44 51.60 8.82
CA THR A 373 -29.13 52.72 7.97
C THR A 373 -28.01 52.42 7.06
N SER A 374 -28.05 53.02 5.87
CA SER A 374 -26.97 52.92 4.91
C SER A 374 -26.90 54.25 4.17
N GLN A 375 -25.95 54.36 3.25
CA GLN A 375 -25.89 55.58 2.51
C GLN A 375 -25.49 55.40 1.10
N ASP A 376 -25.62 56.45 0.31
CA ASP A 376 -25.02 56.44 -1.06
C ASP A 376 -23.89 57.48 -1.15
N ALA A 377 -23.29 57.61 -2.29
CA ALA A 377 -22.11 58.50 -2.47
C ALA A 377 -22.56 59.92 -2.72
N GLU A 378 -23.85 60.13 -2.85
CA GLU A 378 -24.42 61.41 -3.29
C GLU A 378 -24.83 62.22 -2.12
N GLY A 379 -24.48 61.78 -0.91
CA GLY A 379 -24.90 62.49 0.32
C GLY A 379 -26.30 62.14 0.86
N ASN A 380 -26.94 61.07 0.35
CA ASN A 380 -28.16 60.56 0.95
C ASN A 380 -27.93 59.50 2.03
N GLN A 381 -28.81 59.49 2.97
CA GLN A 381 -28.76 58.51 4.01
C GLN A 381 -30.11 57.80 4.05
N PHE A 382 -30.08 56.48 4.10
CA PHE A 382 -31.31 55.70 4.06
C PHE A 382 -31.51 55.10 5.43
N VAL A 383 -32.75 55.18 5.92
CA VAL A 383 -33.09 54.62 7.16
C VAL A 383 -34.33 53.76 7.13
N ALA A 384 -34.13 52.53 7.56
CA ALA A 384 -35.17 51.54 7.58
C ALA A 384 -35.52 51.34 9.03
N MET A 385 -36.80 51.52 9.35
CA MET A 385 -37.25 51.47 10.69
C MET A 385 -38.35 50.43 10.79
N PHE A 386 -38.19 49.56 11.78
CA PHE A 386 -38.98 48.37 11.83
C PHE A 386 -39.57 48.19 13.20
N ASN A 387 -40.86 47.89 13.25
CA ASN A 387 -41.50 47.36 14.47
C ASN A 387 -41.67 45.87 14.28
N ILE A 388 -40.83 45.09 14.96
CA ILE A 388 -40.92 43.66 14.86
C ILE A 388 -41.50 43.00 16.10
N SER A 389 -42.21 43.82 16.88
CA SER A 389 -42.98 43.37 18.03
C SER A 389 -44.40 43.02 17.63
N GLU A 390 -45.19 42.61 18.61
CA GLU A 390 -46.61 42.29 18.46
C GLU A 390 -47.55 43.44 18.78
N LYS A 391 -47.03 44.62 19.11
CA LYS A 391 -47.88 45.79 19.38
C LYS A 391 -47.51 47.01 18.53
N ARG A 392 -48.53 47.74 18.15
CA ARG A 392 -48.39 49.04 17.56
C ARG A 392 -47.65 50.00 18.44
N SER A 393 -46.72 50.74 17.87
CA SER A 393 -45.82 51.55 18.65
C SER A 393 -45.07 52.54 17.79
N VAL A 394 -44.57 53.60 18.43
CA VAL A 394 -43.81 54.63 17.78
C VAL A 394 -42.40 54.12 17.79
N VAL A 395 -41.77 54.11 16.60
CA VAL A 395 -40.40 53.79 16.49
C VAL A 395 -39.69 55.06 16.13
N SER A 396 -38.59 55.32 16.83
CA SER A 396 -37.86 56.55 16.57
C SER A 396 -36.37 56.39 16.58
N VAL A 397 -35.72 57.34 15.97
CA VAL A 397 -34.30 57.38 16.02
C VAL A 397 -33.90 58.84 15.87
N SER A 398 -32.89 59.24 16.62
CA SER A 398 -32.43 60.64 16.56
C SER A 398 -31.53 60.76 15.34
N LEU A 399 -31.53 61.95 14.79
CA LEU A 399 -30.48 62.28 13.80
C LEU A 399 -29.09 62.13 14.27
N LYS A 400 -28.82 62.48 15.52
CA LYS A 400 -27.51 62.28 16.09
C LYS A 400 -27.08 60.84 16.04
N ASP A 401 -27.94 59.89 16.44
CA ASP A 401 -27.56 58.44 16.29
C ASP A 401 -27.33 57.95 14.87
N LEU A 402 -27.93 58.62 13.90
CA LEU A 402 -27.63 58.39 12.48
C LEU A 402 -26.40 59.09 11.98
N GLY A 403 -25.76 59.92 12.83
CA GLY A 403 -24.58 60.64 12.35
C GLY A 403 -24.90 61.90 11.54
N CYS A 404 -26.14 62.36 11.58
CA CYS A 404 -26.51 63.58 10.88
C CYS A 404 -26.44 64.77 11.82
N MET A 405 -25.60 65.75 11.51
CA MET A 405 -25.36 66.87 12.44
C MET A 405 -26.28 68.09 12.24
N GLU A 406 -26.93 68.19 11.09
CA GLU A 406 -27.88 69.26 10.88
C GLU A 406 -29.21 68.67 10.42
N PRO A 407 -30.21 69.52 10.33
CA PRO A 407 -31.49 69.13 9.80
C PRO A 407 -31.45 68.60 8.38
N MET A 408 -32.37 67.67 8.11
CA MET A 408 -32.42 66.94 6.85
C MET A 408 -33.84 66.89 6.29
N LYS A 409 -33.95 66.81 4.97
CA LYS A 409 -35.24 66.53 4.35
C LYS A 409 -35.45 65.03 4.40
N ALA A 410 -36.69 64.61 4.64
CA ALA A 410 -37.06 63.23 4.68
C ALA A 410 -38.07 62.88 3.64
N ARG A 411 -37.89 61.67 3.08
CA ARG A 411 -38.82 61.18 2.11
C ARG A 411 -39.11 59.70 2.33
N ASP A 412 -40.37 59.34 2.23
CA ASP A 412 -40.83 57.94 2.30
C ASP A 412 -40.67 57.34 0.92
N LEU A 413 -39.72 56.39 0.80
CA LEU A 413 -39.39 55.81 -0.49
C LEU A 413 -40.41 54.90 -1.07
N TRP A 414 -41.02 54.07 -0.27
CA TRP A 414 -42.05 53.20 -0.80
C TRP A 414 -43.28 53.99 -1.26
N ALA A 415 -43.67 55.01 -0.50
CA ALA A 415 -44.85 55.82 -0.83
C ALA A 415 -44.51 56.93 -1.82
N LYS A 416 -43.24 57.20 -2.04
CA LYS A 416 -42.81 58.28 -2.90
C LYS A 416 -43.43 59.62 -2.45
N GLU A 417 -43.23 59.95 -1.20
CA GLU A 417 -43.90 61.07 -0.57
C GLU A 417 -42.90 61.84 0.31
N ASP A 418 -42.78 63.13 0.04
CA ASP A 418 -41.93 64.05 0.80
CA ASP A 418 -41.92 64.01 0.82
C ASP A 418 -42.58 64.20 2.15
N LEU A 419 -41.77 64.16 3.20
CA LEU A 419 -42.22 64.17 4.55
C LEU A 419 -41.82 65.48 5.21
N GLY A 420 -41.04 66.28 4.53
CA GLY A 420 -40.62 67.59 5.02
C GLY A 420 -39.28 67.56 5.75
N LEU A 421 -39.05 68.60 6.50
CA LEU A 421 -37.80 68.85 7.19
C LEU A 421 -37.83 68.16 8.49
N VAL A 422 -36.73 67.58 8.89
CA VAL A 422 -36.63 66.89 10.18
C VAL A 422 -35.49 67.55 10.91
N LYS A 423 -35.76 68.04 12.10
CA LYS A 423 -34.74 68.81 12.87
C LYS A 423 -34.00 68.02 13.93
N HIS A 424 -34.69 67.08 14.59
CA HIS A 424 -34.09 66.29 15.69
C HIS A 424 -34.18 64.78 15.53
N GLN A 425 -35.34 64.28 15.08
CA GLN A 425 -35.51 62.84 14.99
C GLN A 425 -36.48 62.42 13.92
N LEU A 426 -36.35 61.16 13.55
CA LEU A 426 -37.39 60.46 12.81
C LEU A 426 -38.24 59.66 13.77
N ALA A 427 -39.54 59.73 13.59
CA ALA A 427 -40.43 58.93 14.43
C ALA A 427 -41.74 58.64 13.76
N PHE A 428 -42.12 57.37 13.80
CA PHE A 428 -43.33 56.96 13.09
C PHE A 428 -44.08 55.96 13.89
N GLU A 429 -45.37 56.05 13.88
CA GLU A 429 -46.20 55.03 14.41
C GLU A 429 -46.25 53.87 13.45
N LEU A 430 -45.89 52.71 13.93
CA LEU A 430 -45.86 51.53 13.09
C LEU A 430 -46.65 50.40 13.75
N GLY A 431 -47.50 49.75 12.98
CA GLY A 431 -48.17 48.56 13.43
C GLY A 431 -47.19 47.41 13.71
N PRO A 432 -47.67 46.34 14.37
CA PRO A 432 -46.78 45.21 14.54
C PRO A 432 -46.33 44.66 13.22
N HIS A 433 -45.03 44.37 13.06
CA HIS A 433 -44.47 43.79 11.83
C HIS A 433 -44.45 44.80 10.67
N GLN A 434 -44.67 46.05 10.96
CA GLN A 434 -44.65 47.06 9.97
C GLN A 434 -43.35 47.83 10.00
N SER A 435 -43.00 48.40 8.85
CA SER A 435 -41.78 49.17 8.69
C SER A 435 -41.96 50.37 7.83
N ILE A 436 -40.89 51.18 7.75
CA ILE A 436 -40.84 52.29 6.81
C ILE A 436 -39.40 52.48 6.34
N LEU A 437 -39.26 52.89 5.08
CA LEU A 437 -37.96 53.20 4.51
C LEU A 437 -37.88 54.67 4.10
N VAL A 438 -36.96 55.40 4.67
CA VAL A 438 -36.85 56.82 4.53
C VAL A 438 -35.47 57.24 4.00
N LYS A 439 -35.48 58.18 3.08
CA LYS A 439 -34.28 58.83 2.64
C LYS A 439 -34.18 60.15 3.32
N LEU A 440 -33.03 60.37 3.92
CA LEU A 440 -32.66 61.69 4.41
C LEU A 440 -31.67 62.34 3.48
N SER A 441 -31.90 63.60 3.15
CA SER A 441 -30.98 64.36 2.32
C SER A 441 -30.81 65.77 2.83
N PRO A 442 -29.72 66.43 2.45
CA PRO A 442 -29.45 67.78 3.00
C PRO A 442 -30.56 68.77 2.72
N ALA A 443 -30.85 69.59 3.71
CA ALA A 443 -31.88 70.64 3.54
C ALA A 443 -31.39 71.79 2.63
N VAL A 444 -32.20 72.09 1.60
CA VAL A 444 -32.12 73.28 0.76
C VAL A 444 -31.21 74.42 1.31
N SER B 15 -18.55 54.92 10.98
CA SER B 15 -19.84 54.87 11.77
C SER B 15 -19.71 55.18 13.32
N MET B 16 -18.75 54.51 13.98
CA MET B 16 -18.57 54.61 15.44
C MET B 16 -17.47 55.58 15.76
N HIS B 17 -17.76 56.57 16.57
CA HIS B 17 -16.83 57.63 16.84
C HIS B 17 -15.50 57.13 17.47
N HIS B 18 -15.56 56.08 18.28
CA HIS B 18 -14.41 55.54 18.89
C HIS B 18 -13.42 54.92 17.92
N TYR B 19 -13.82 54.67 16.69
CA TYR B 19 -12.86 54.16 15.70
C TYR B 19 -11.76 55.13 15.57
N GLN B 20 -12.08 56.41 15.67
CA GLN B 20 -11.07 57.46 15.41
C GLN B 20 -9.97 57.43 16.42
N TRP B 21 -10.15 56.69 17.52
CA TRP B 21 -9.15 56.67 18.62
C TRP B 21 -8.11 55.65 18.34
N ALA B 22 -8.33 54.78 17.33
CA ALA B 22 -7.31 53.82 16.90
C ALA B 22 -7.35 53.68 15.38
N LYS B 23 -6.90 54.76 14.71
CA LYS B 23 -6.88 54.79 13.26
C LYS B 23 -5.90 53.82 12.71
N THR B 24 -4.86 53.54 13.50
CA THR B 24 -3.90 52.48 13.18
C THR B 24 -3.81 51.57 14.38
N PRO B 25 -3.31 50.37 14.19
CA PRO B 25 -3.42 49.40 15.29
C PRO B 25 -2.52 49.84 16.45
N PRO B 26 -3.06 49.89 17.68
CA PRO B 26 -2.29 50.33 18.81
C PRO B 26 -0.94 49.64 18.94
N MET B 27 0.05 50.45 19.25
CA MET B 27 1.44 49.99 19.46
C MET B 27 1.96 50.44 20.80
N GLY B 28 2.63 49.55 21.51
CA GLY B 28 2.96 49.82 22.87
C GLY B 28 3.70 48.69 23.55
N TRP B 29 3.67 48.74 24.86
CA TRP B 29 4.34 47.77 25.74
C TRP B 29 3.37 47.34 26.78
N ASN B 30 3.47 46.08 27.20
CA ASN B 30 2.58 45.58 28.26
C ASN B 30 3.39 44.73 29.26
N SER B 31 3.11 44.92 30.54
CA SER B 31 3.88 44.28 31.63
C SER B 31 3.68 42.77 31.87
N TRP B 32 2.72 42.15 31.21
CA TRP B 32 2.40 40.75 31.49
C TRP B 32 3.52 39.76 31.23
N ASP B 33 4.05 39.75 30.03
CA ASP B 33 4.94 38.67 29.66
C ASP B 33 6.26 38.72 30.49
N CYS B 34 6.66 39.92 30.93
CA CYS B 34 7.85 40.10 31.70
C CYS B 34 7.61 39.99 33.25
N TYR B 35 6.54 40.57 33.75
CA TYR B 35 6.31 40.68 35.17
C TYR B 35 5.02 40.09 35.68
N GLY B 36 4.24 39.47 34.81
CA GLY B 36 3.07 38.77 35.30
C GLY B 36 2.10 39.77 35.85
N ALA B 37 1.51 39.44 36.98
CA ALA B 37 0.62 40.32 37.70
C ALA B 37 1.31 41.35 38.60
N SER B 38 2.63 41.43 38.55
CA SER B 38 3.39 42.00 39.72
C SER B 38 4.27 43.21 39.42
N VAL B 39 4.03 43.90 38.29
CA VAL B 39 4.91 44.99 37.90
C VAL B 39 4.87 46.11 38.94
N THR B 40 6.01 46.78 39.12
CA THR B 40 6.06 47.99 39.97
C THR B 40 6.09 49.27 39.18
N GLU B 41 5.79 50.37 39.87
CA GLU B 41 5.93 51.70 39.31
C GLU B 41 7.28 51.93 38.67
N ASP B 42 8.35 51.54 39.34
CA ASP B 42 9.66 51.80 38.74
C ASP B 42 9.84 51.09 37.45
N GLU B 43 9.40 49.86 37.36
CA GLU B 43 9.54 49.11 36.15
C GLU B 43 8.75 49.72 35.01
N VAL B 44 7.56 50.16 35.28
CA VAL B 44 6.75 50.82 34.31
C VAL B 44 7.39 52.10 33.79
N LYS B 45 7.93 52.88 34.71
CA LYS B 45 8.61 54.12 34.42
C LYS B 45 9.81 53.89 33.54
N GLY B 46 10.59 52.89 33.86
CA GLY B 46 11.74 52.50 33.09
C GLY B 46 11.42 52.07 31.68
N ASN B 47 10.35 51.34 31.52
CA ASN B 47 9.97 50.86 30.17
C ASN B 47 9.43 52.04 29.38
N ALA B 48 8.68 52.91 30.03
CA ALA B 48 8.21 54.13 29.38
C ALA B 48 9.34 55.06 28.90
N GLU B 49 10.31 55.28 29.76
CA GLU B 49 11.48 56.11 29.37
C GLU B 49 12.19 55.47 28.23
N TYR B 50 12.35 54.15 28.25
CA TYR B 50 13.02 53.52 27.10
C TYR B 50 12.16 53.78 25.82
N MET B 51 10.84 53.62 25.95
CA MET B 51 9.96 53.82 24.77
C MET B 51 10.09 55.24 24.22
N ALA B 52 10.14 56.20 25.14
CA ALA B 52 10.26 57.66 24.78
C ALA B 52 11.52 57.94 24.06
N LYS B 53 12.57 57.31 24.48
CA LYS B 53 13.84 57.56 23.88
C LYS B 53 14.03 56.83 22.55
N TYR B 54 13.72 55.54 22.48
CA TYR B 54 14.12 54.73 21.33
C TYR B 54 13.01 54.36 20.37
N LEU B 55 11.73 54.47 20.80
CA LEU B 55 10.64 53.82 20.07
C LEU B 55 9.57 54.73 19.59
N LYS B 56 9.36 55.80 20.31
CA LYS B 56 8.30 56.68 20.03
C LYS B 56 8.24 57.21 18.58
N PRO B 57 9.38 57.51 17.96
CA PRO B 57 9.30 58.03 16.59
C PRO B 57 8.80 57.00 15.59
N PHE B 58 8.78 55.73 16.01
CA PHE B 58 8.33 54.69 15.16
C PHE B 58 6.89 54.26 15.42
N GLY B 59 6.15 54.95 16.30
CA GLY B 59 4.75 54.69 16.51
C GLY B 59 4.44 54.07 17.87
N TRP B 60 5.45 53.62 18.61
CA TRP B 60 5.21 52.92 19.87
C TRP B 60 4.83 53.92 20.93
N GLU B 61 3.63 53.84 21.50
CA GLU B 61 3.21 54.87 22.41
C GLU B 61 2.44 54.44 23.65
N TYR B 62 1.86 53.24 23.69
CA TYR B 62 1.06 52.86 24.87
C TYR B 62 1.94 52.16 25.89
N VAL B 63 1.77 52.54 27.13
CA VAL B 63 2.48 51.90 28.24
C VAL B 63 1.43 51.30 29.09
N VAL B 64 1.34 49.95 29.06
CA VAL B 64 0.19 49.28 29.64
C VAL B 64 0.50 48.46 30.85
N VAL B 65 -0.14 48.81 31.94
CA VAL B 65 0.01 48.07 33.18
C VAL B 65 -1.00 46.95 33.22
N ASP B 66 -0.50 45.72 33.22
CA ASP B 66 -1.39 44.60 33.08
C ASP B 66 -2.02 44.21 34.44
N ILE B 67 -2.48 42.97 34.53
CA ILE B 67 -3.52 42.56 35.46
C ILE B 67 -3.00 42.71 36.93
N GLN B 68 -3.91 43.08 37.78
CA GLN B 68 -3.77 42.93 39.20
C GLN B 68 -2.81 43.95 39.82
N TRP B 69 -2.81 45.15 39.25
CA TRP B 69 -2.15 46.29 39.85
C TRP B 69 -2.74 46.65 41.23
N TYR B 70 -3.92 46.10 41.54
CA TYR B 70 -4.63 46.33 42.74
C TYR B 70 -4.36 45.26 43.83
N GLU B 71 -3.48 44.33 43.53
CA GLU B 71 -3.22 43.19 44.39
C GLU B 71 -1.81 43.37 44.96
N PRO B 72 -1.71 43.88 46.16
CA PRO B 72 -0.39 44.24 46.69
C PRO B 72 0.61 43.11 46.83
N GLY B 73 0.14 41.88 46.99
CA GLY B 73 1.04 40.74 47.16
C GLY B 73 1.41 40.02 45.91
N ALA B 74 0.96 40.53 44.75
CA ALA B 74 1.19 39.74 43.55
C ALA B 74 2.65 39.60 43.29
N ASN B 75 3.05 38.46 42.75
CA ASN B 75 4.46 38.13 42.62
C ASN B 75 4.75 37.19 41.49
N SER B 76 3.79 36.95 40.63
CA SER B 76 3.94 35.96 39.58
C SER B 76 2.87 36.17 38.50
N SER B 77 2.85 35.26 37.58
CA SER B 77 1.71 35.08 36.65
C SER B 77 0.63 34.23 37.30
N ILE B 78 0.97 33.55 38.38
CA ILE B 78 0.00 32.76 39.12
C ILE B 78 -0.66 33.63 40.15
N TYR B 79 -1.98 33.77 40.05
CA TYR B 79 -2.71 34.63 41.01
C TYR B 79 -2.72 34.02 42.43
N ARG B 80 -2.79 34.88 43.45
CA ARG B 80 -3.04 34.45 44.83
C ARG B 80 -4.53 34.55 45.04
N PRO B 81 -5.21 33.42 45.20
CA PRO B 81 -6.65 33.50 45.16
C PRO B 81 -7.31 33.93 46.44
N PHE B 82 -8.47 34.58 46.28
CA PHE B 82 -9.29 34.97 47.37
C PHE B 82 -8.62 35.94 48.36
N VAL B 83 -7.65 36.71 47.91
CA VAL B 83 -6.99 37.66 48.76
C VAL B 83 -7.64 39.04 48.72
N PRO B 84 -7.47 39.82 49.78
CA PRO B 84 -7.95 41.20 49.79
C PRO B 84 -7.29 42.04 48.74
N LEU B 85 -8.04 42.98 48.24
CA LEU B 85 -7.57 43.79 47.16
C LEU B 85 -7.70 45.23 47.56
N GLU B 86 -6.87 46.07 46.99
CA GLU B 86 -6.96 47.53 47.25
C GLU B 86 -8.17 48.11 46.55
N MET B 87 -8.98 48.85 47.29
CA MET B 87 -10.23 49.34 46.77
C MET B 87 -10.64 50.62 47.45
N ASP B 88 -11.41 51.47 46.78
CA ASP B 88 -11.88 52.70 47.37
C ASP B 88 -13.16 52.51 48.08
N GLU B 89 -13.87 53.58 48.36
CA GLU B 89 -15.12 53.55 49.06
C GLU B 89 -16.33 53.36 48.16
N TYR B 90 -16.11 53.22 46.87
CA TYR B 90 -17.19 53.01 45.93
C TYR B 90 -17.00 51.72 45.12
N SER B 91 -16.40 50.73 45.75
CA SER B 91 -16.21 49.39 45.18
C SER B 91 -15.32 49.37 43.99
N ARG B 92 -14.48 50.38 43.84
CA ARG B 92 -13.55 50.44 42.69
C ARG B 92 -12.14 50.06 43.06
N LEU B 93 -11.57 49.10 42.35
CA LEU B 93 -10.24 48.73 42.63
C LEU B 93 -9.26 49.88 42.39
N MET B 94 -8.17 49.90 43.17
CA MET B 94 -7.18 50.97 43.18
C MET B 94 -5.77 50.38 43.21
N PRO B 95 -4.79 51.16 42.79
CA PRO B 95 -3.45 50.65 42.76
C PRO B 95 -2.87 50.38 44.14
N ALA B 96 -2.16 49.30 44.25
CA ALA B 96 -1.45 48.91 45.49
C ALA B 96 -0.26 49.86 45.72
N VAL B 97 -0.29 50.57 46.85
CA VAL B 97 0.65 51.67 47.10
C VAL B 97 2.06 51.17 47.33
N ASN B 98 2.20 49.95 47.79
CA ASN B 98 3.55 49.39 47.92
C ASN B 98 4.18 49.25 46.59
N ARG B 99 3.41 48.85 45.59
CA ARG B 99 3.96 48.64 44.23
C ARG B 99 3.98 49.92 43.43
N PHE B 100 3.04 50.80 43.72
CA PHE B 100 2.93 52.05 43.07
C PHE B 100 2.90 53.18 44.10
N PRO B 101 4.10 53.60 44.57
CA PRO B 101 4.16 54.59 45.65
C PRO B 101 3.53 55.91 45.34
N SER B 102 3.55 56.35 44.09
CA SER B 102 2.91 57.62 43.73
C SER B 102 1.41 57.62 43.90
N ALA B 103 0.80 56.45 44.05
CA ALA B 103 -0.64 56.37 44.29
C ALA B 103 -1.03 56.69 45.73
N LYS B 104 -0.04 56.86 46.62
CA LYS B 104 -0.31 57.22 48.04
C LYS B 104 -1.36 58.33 48.12
N GLY B 105 -2.23 58.27 49.11
CA GLY B 105 -3.16 59.35 49.35
C GLY B 105 -4.32 59.39 48.40
N GLY B 106 -4.70 58.23 47.89
CA GLY B 106 -5.89 58.16 47.02
C GLY B 106 -5.74 58.73 45.62
N LYS B 107 -4.52 58.93 45.16
CA LYS B 107 -4.29 59.56 43.89
C LYS B 107 -4.38 58.60 42.73
N GLY B 108 -4.29 57.32 43.03
CA GLY B 108 -4.37 56.31 42.02
C GLY B 108 -3.27 56.42 41.01
N PHE B 109 -3.63 56.24 39.75
CA PHE B 109 -2.66 56.25 38.73
C PHE B 109 -2.43 57.65 38.10
N LYS B 110 -3.12 58.68 38.52
CA LYS B 110 -2.87 60.02 37.91
C LYS B 110 -1.41 60.49 37.84
N PRO B 111 -0.65 60.32 38.93
CA PRO B 111 0.75 60.73 38.82
C PRO B 111 1.55 59.96 37.84
N LEU B 112 1.38 58.65 37.84
CA LEU B 112 2.12 57.81 36.87
C LEU B 112 1.68 58.16 35.44
N ALA B 113 0.38 58.39 35.23
CA ALA B 113 -0.11 58.63 33.89
C ALA B 113 0.40 59.99 33.43
N ASP B 114 0.42 60.96 34.35
CA ASP B 114 0.99 62.33 34.04
C ASP B 114 2.40 62.23 33.59
N TYR B 115 3.15 61.42 34.27
CA TYR B 115 4.52 61.26 33.86
C TYR B 115 4.67 60.69 32.52
N ILE B 116 3.87 59.66 32.26
CA ILE B 116 3.90 58.96 30.96
C ILE B 116 3.44 59.91 29.84
N HIS B 117 2.39 60.68 30.11
CA HIS B 117 1.97 61.71 29.19
C HIS B 117 3.04 62.75 28.88
N ASN B 118 3.77 63.13 29.92
CA ASN B 118 4.81 64.15 29.77
C ASN B 118 5.99 63.62 29.02
N LEU B 119 6.15 62.30 28.92
CA LEU B 119 7.13 61.75 27.95
C LEU B 119 6.58 61.72 26.52
N GLY B 120 5.35 62.21 26.29
CA GLY B 120 4.73 62.09 24.95
C GLY B 120 4.10 60.70 24.65
N LEU B 121 3.75 59.95 25.71
CA LEU B 121 3.25 58.59 25.60
C LEU B 121 1.84 58.48 26.10
N LYS B 122 1.25 57.28 26.04
CA LYS B 122 -0.10 57.05 26.52
C LYS B 122 -0.11 55.98 27.50
N PHE B 123 -1.13 55.99 28.33
CA PHE B 123 -1.18 55.12 29.47
C PHE B 123 -2.34 54.14 29.37
N GLY B 124 -2.03 52.88 29.64
CA GLY B 124 -3.05 51.85 29.64
C GLY B 124 -3.09 51.02 30.90
N ILE B 125 -4.26 50.53 31.24
CA ILE B 125 -4.41 49.57 32.29
C ILE B 125 -5.29 48.37 31.91
N HIS B 126 -5.08 47.28 32.62
CA HIS B 126 -5.87 46.07 32.54
C HIS B 126 -6.94 46.13 33.57
N ILE B 127 -8.16 45.72 33.21
CA ILE B 127 -9.17 45.42 34.18
C ILE B 127 -9.81 44.08 33.96
N MET B 128 -10.31 43.51 35.06
CA MET B 128 -11.11 42.30 35.01
C MET B 128 -12.57 42.71 34.94
N ARG B 129 -13.30 42.04 34.06
CA ARG B 129 -14.72 42.19 34.02
C ARG B 129 -15.34 42.02 35.40
N GLY B 130 -16.31 42.87 35.71
CA GLY B 130 -17.20 42.72 36.82
C GLY B 130 -16.94 43.68 37.97
N ILE B 131 -17.26 43.21 39.16
CA ILE B 131 -17.18 43.94 40.41
C ILE B 131 -16.53 43.08 41.46
N PRO B 132 -15.69 43.66 42.31
CA PRO B 132 -14.89 42.74 43.17
C PRO B 132 -15.77 41.90 44.08
N ARG B 133 -15.43 40.63 44.19
CA ARG B 133 -16.13 39.77 45.13
C ARG B 133 -16.17 40.35 46.57
N GLN B 134 -15.09 41.01 46.99
CA GLN B 134 -15.08 41.58 48.35
C GLN B 134 -16.07 42.69 48.46
N ALA B 135 -16.34 43.40 47.36
CA ALA B 135 -17.33 44.49 47.42
C ALA B 135 -18.70 43.95 47.60
N VAL B 136 -18.92 42.79 46.97
CA VAL B 136 -20.24 42.21 46.99
C VAL B 136 -20.48 41.65 48.38
N HIS B 137 -19.50 40.95 48.91
CA HIS B 137 -19.62 40.38 50.29
C HIS B 137 -19.74 41.39 51.41
N GLN B 138 -19.05 42.51 51.28
CA GLN B 138 -19.19 43.61 52.22
C GLN B 138 -20.30 44.52 51.87
N ASN B 139 -20.88 44.35 50.69
CA ASN B 139 -21.93 45.26 50.18
C ASN B 139 -21.55 46.72 50.28
N THR B 140 -20.38 47.03 49.73
CA THR B 140 -19.93 48.39 49.61
C THR B 140 -20.70 49.22 48.59
N PRO B 141 -20.62 50.54 48.70
CA PRO B 141 -21.45 51.36 47.81
C PRO B 141 -20.96 51.46 46.39
N ILE B 142 -21.88 51.96 45.54
CA ILE B 142 -21.62 52.29 44.16
C ILE B 142 -21.78 53.82 44.05
N LEU B 143 -20.81 54.48 43.41
CA LEU B 143 -20.89 55.91 43.25
C LEU B 143 -22.09 56.29 42.46
N GLY B 144 -22.83 57.27 42.95
CA GLY B 144 -23.96 57.86 42.19
C GLY B 144 -25.28 57.18 42.33
N THR B 145 -25.36 56.20 43.23
CA THR B 145 -26.62 55.57 43.56
C THR B 145 -26.62 55.21 45.06
N ASN B 146 -27.79 54.76 45.47
CA ASN B 146 -28.01 54.20 46.76
C ASN B 146 -27.97 52.66 46.77
N VAL B 147 -27.80 52.00 45.64
CA VAL B 147 -27.76 50.56 45.70
C VAL B 147 -26.36 50.13 45.99
N GLY B 148 -26.20 48.93 46.52
CA GLY B 148 -24.89 48.46 46.87
C GLY B 148 -24.36 47.48 45.87
N ALA B 149 -23.08 47.20 45.99
CA ALA B 149 -22.43 46.24 45.13
C ALA B 149 -23.16 44.94 45.09
N ARG B 150 -23.67 44.50 46.23
CA ARG B 150 -24.25 43.22 46.30
C ARG B 150 -25.49 43.16 45.41
N ASP B 151 -26.18 44.27 45.23
CA ASP B 151 -27.41 44.29 44.49
C ASP B 151 -27.21 44.26 42.93
N ILE B 152 -26.00 44.43 42.43
CA ILE B 152 -25.79 44.44 41.01
C ILE B 152 -25.04 43.22 40.57
N ALA B 153 -24.56 42.40 41.50
CA ALA B 153 -23.79 41.23 41.10
C ALA B 153 -24.66 40.15 40.49
N ASP B 154 -24.05 39.47 39.52
CA ASP B 154 -24.59 38.24 38.97
C ASP B 154 -24.34 37.14 39.99
N THR B 155 -25.34 36.32 40.28
CA THR B 155 -25.16 35.17 41.18
C THR B 155 -24.48 33.97 40.57
N ASN B 156 -24.32 33.96 39.25
CA ASN B 156 -23.69 32.80 38.55
C ASN B 156 -22.81 33.26 37.41
N SER B 157 -21.82 34.06 37.77
CA SER B 157 -20.85 34.52 36.79
C SER B 157 -19.55 34.81 37.47
N ILE B 158 -18.55 34.04 37.09
CA ILE B 158 -17.24 34.21 37.57
C ILE B 158 -16.28 34.02 36.42
N CYS B 159 -15.01 34.28 36.70
CA CYS B 159 -13.95 34.00 35.78
C CYS B 159 -13.34 32.69 36.26
N PRO B 160 -13.17 31.72 35.37
CA PRO B 160 -12.64 30.46 35.76
C PRO B 160 -11.18 30.44 36.12
N TRP B 161 -10.40 31.49 35.78
CA TRP B 161 -8.97 31.44 35.99
C TRP B 161 -8.51 32.58 36.92
N ASN B 162 -9.47 33.30 37.51
CA ASN B 162 -9.15 34.39 38.41
C ASN B 162 -10.33 34.67 39.32
N THR B 163 -10.05 34.87 40.62
CA THR B 163 -11.11 34.94 41.65
C THR B 163 -11.51 36.30 42.12
N ASP B 164 -11.01 37.34 41.46
CA ASP B 164 -11.13 38.70 42.02
C ASP B 164 -12.51 39.26 41.94
N MET B 165 -13.26 38.89 40.87
CA MET B 165 -14.54 39.55 40.61
C MET B 165 -15.73 38.58 40.55
N TYR B 166 -16.91 39.16 40.64
CA TYR B 166 -18.13 38.57 40.13
C TYR B 166 -18.62 39.44 38.97
N GLY B 167 -19.37 38.81 38.07
CA GLY B 167 -19.92 39.48 36.93
C GLY B 167 -21.02 40.37 37.42
N VAL B 168 -21.25 41.39 36.63
CA VAL B 168 -22.27 42.37 36.93
C VAL B 168 -23.44 42.08 35.98
N ASP B 169 -24.64 42.18 36.53
CA ASP B 169 -25.88 41.90 35.88
C ASP B 169 -26.51 43.18 35.36
N HIS B 170 -26.46 43.40 34.06
CA HIS B 170 -26.98 44.56 33.42
C HIS B 170 -28.42 44.80 33.66
N ARG B 171 -29.16 43.81 34.07
CA ARG B 171 -30.56 44.04 34.35
C ARG B 171 -30.81 44.78 35.64
N LYS B 172 -29.83 44.86 36.50
CA LYS B 172 -30.01 45.45 37.82
C LYS B 172 -29.79 46.94 37.79
N GLU B 173 -30.63 47.65 38.51
CA GLU B 173 -30.40 49.08 38.79
C GLU B 173 -29.08 49.24 39.50
N GLY B 174 -28.26 50.11 38.95
CA GLY B 174 -26.95 50.40 39.44
C GLY B 174 -25.82 49.80 38.61
N ALA B 175 -26.12 48.79 37.79
CA ALA B 175 -25.04 48.15 37.04
C ALA B 175 -24.30 49.12 36.15
N GLN B 176 -25.03 49.87 35.35
CA GLN B 176 -24.39 50.75 34.40
C GLN B 176 -23.71 51.84 35.20
N ALA B 177 -24.32 52.24 36.29
CA ALA B 177 -23.73 53.26 37.15
C ALA B 177 -22.38 52.82 37.68
N TYR B 178 -22.23 51.54 37.97
CA TYR B 178 -20.91 51.06 38.43
C TYR B 178 -19.87 51.16 37.34
N TYR B 179 -20.22 50.67 36.14
CA TYR B 179 -19.27 50.75 35.04
C TYR B 179 -18.95 52.21 34.65
N ASP B 180 -19.96 53.08 34.66
CA ASP B 180 -19.72 54.49 34.40
C ASP B 180 -18.70 55.03 35.40
N SER B 181 -18.83 54.60 36.65
CA SER B 181 -17.95 55.09 37.69
C SER B 181 -16.56 54.62 37.52
N LEU B 182 -16.37 53.44 36.95
CA LEU B 182 -15.02 52.98 36.73
C LEU B 182 -14.33 53.84 35.71
N PHE B 183 -15.05 54.16 34.64
CA PHE B 183 -14.42 54.89 33.56
C PHE B 183 -14.33 56.38 33.89
N GLN B 184 -15.22 56.90 34.75
CA GLN B 184 -14.99 58.23 35.36
C GLN B 184 -13.66 58.24 36.10
N LEU B 185 -13.38 57.20 36.86
CA LEU B 185 -12.12 57.14 37.60
C LEU B 185 -10.97 57.05 36.65
N TYR B 186 -11.09 56.17 35.66
CA TYR B 186 -9.96 55.96 34.78
C TYR B 186 -9.71 57.24 33.97
N ALA B 187 -10.75 57.91 33.60
CA ALA B 187 -10.57 59.17 32.86
C ALA B 187 -9.90 60.23 33.77
N GLN B 188 -10.28 60.32 35.07
CA GLN B 188 -9.64 61.22 36.04
CA GLN B 188 -9.62 61.31 36.00
C GLN B 188 -8.15 60.94 36.10
N TRP B 189 -7.80 59.64 36.13
CA TRP B 189 -6.40 59.28 36.09
C TRP B 189 -5.63 59.64 34.80
N GLY B 190 -6.36 59.87 33.72
CA GLY B 190 -5.75 60.03 32.42
C GLY B 190 -5.45 58.74 31.66
N VAL B 191 -6.19 57.65 31.96
CA VAL B 191 -6.04 56.40 31.20
C VAL B 191 -6.46 56.64 29.74
N ASP B 192 -5.69 56.11 28.80
CA ASP B 192 -5.97 56.23 27.38
C ASP B 192 -6.36 54.89 26.67
N PHE B 193 -6.29 53.79 27.42
CA PHE B 193 -6.36 52.45 26.88
C PHE B 193 -6.70 51.52 28.02
N VAL B 194 -7.70 50.70 27.82
CA VAL B 194 -8.06 49.65 28.75
C VAL B 194 -8.15 48.29 28.08
N LYS B 195 -7.49 47.34 28.68
CA LYS B 195 -7.56 45.94 28.29
C LYS B 195 -8.44 45.22 29.28
N VAL B 196 -9.64 44.80 28.83
CA VAL B 196 -10.60 44.12 29.69
C VAL B 196 -10.43 42.64 29.48
N ALA B 197 -10.33 41.90 30.59
CA ALA B 197 -10.17 40.45 30.51
C ALA B 197 -11.40 39.77 31.04
N ASP B 198 -11.46 38.48 30.81
CA ASP B 198 -12.63 37.63 31.12
C ASP B 198 -13.89 38.08 30.45
N ILE B 199 -13.80 38.47 29.21
CA ILE B 199 -14.90 39.14 28.59
C ILE B 199 -15.25 38.51 27.25
N VAL B 200 -14.38 37.73 26.65
CA VAL B 200 -14.61 37.29 25.27
C VAL B 200 -14.84 35.80 25.21
N ALA B 201 -13.91 35.08 25.73
CA ALA B 201 -13.99 33.65 25.71
C ALA B 201 -14.06 33.30 27.16
N SER B 202 -14.84 32.29 27.42
CA SER B 202 -14.87 31.71 28.75
C SER B 202 -15.23 30.24 28.54
N LYS B 203 -14.38 29.35 29.09
CA LYS B 203 -14.68 27.91 29.16
C LYS B 203 -16.15 27.71 29.65
N LEU B 204 -16.44 28.32 30.81
CA LEU B 204 -17.77 28.32 31.48
C LEU B 204 -18.98 29.02 30.81
N TYR B 205 -18.82 30.25 30.29
CA TYR B 205 -19.96 31.09 29.89
C TYR B 205 -19.94 31.58 28.46
N GLY B 206 -18.84 31.38 27.76
CA GLY B 206 -18.68 32.08 26.47
C GLY B 206 -18.64 33.62 26.61
N THR B 207 -19.24 34.35 25.64
CA THR B 207 -18.93 35.74 25.43
C THR B 207 -19.83 36.62 26.22
N HIS B 208 -19.22 37.52 27.00
CA HIS B 208 -20.00 38.40 27.88
C HIS B 208 -20.44 39.67 27.20
N THR B 209 -21.41 39.50 26.39
CA THR B 209 -21.88 40.47 25.46
C THR B 209 -22.44 41.68 26.16
N GLU B 210 -23.20 41.42 27.21
CA GLU B 210 -23.92 42.51 27.87
C GLU B 210 -22.94 43.44 28.60
N GLU B 211 -21.89 42.88 29.14
CA GLU B 211 -20.91 43.67 29.81
C GLU B 211 -20.04 44.42 28.78
N ILE B 212 -19.83 43.83 27.62
CA ILE B 212 -19.15 44.55 26.54
C ILE B 212 -19.95 45.81 26.23
N LYS B 213 -21.23 45.69 26.12
CA LYS B 213 -22.01 46.84 25.81
C LYS B 213 -22.04 47.86 26.93
N MET B 214 -22.03 47.42 28.17
CA MET B 214 -22.00 48.35 29.30
C MET B 214 -20.69 49.11 29.33
N ILE B 215 -19.60 48.42 29.02
CA ILE B 215 -18.31 49.03 28.99
C ILE B 215 -18.19 50.06 27.88
N ARG B 216 -18.68 49.73 26.68
CA ARG B 216 -18.73 50.67 25.55
C ARG B 216 -19.41 51.95 25.97
N LYS B 217 -20.58 51.82 26.57
CA LYS B 217 -21.37 52.94 27.02
C LYS B 217 -20.64 53.76 28.11
N ALA B 218 -19.99 53.08 29.05
CA ALA B 218 -19.28 53.77 30.10
C ALA B 218 -18.14 54.57 29.56
N ILE B 219 -17.43 54.01 28.60
CA ILE B 219 -16.36 54.72 27.98
C ILE B 219 -16.91 55.95 27.25
N ASP B 220 -17.98 55.75 26.51
CA ASP B 220 -18.50 56.85 25.68
C ASP B 220 -18.98 57.95 26.60
N ARG B 221 -19.40 57.61 27.80
CA ARG B 221 -19.91 58.62 28.72
C ARG B 221 -18.81 59.33 29.50
N CYS B 222 -17.62 58.77 29.55
CA CYS B 222 -16.61 59.30 30.47
C CYS B 222 -15.94 60.56 29.91
N GLY B 223 -16.13 60.86 28.62
CA GLY B 223 -15.63 62.08 28.06
C GLY B 223 -14.16 62.09 27.69
N ARG B 224 -13.46 60.98 27.79
CA ARG B 224 -12.08 60.92 27.36
C ARG B 224 -11.93 59.76 26.37
N PRO B 225 -11.09 59.92 25.34
CA PRO B 225 -10.78 58.80 24.44
C PRO B 225 -10.07 57.69 25.19
N ILE B 226 -10.73 56.54 25.27
CA ILE B 226 -10.14 55.35 25.86
C ILE B 226 -10.31 54.20 24.89
N VAL B 227 -9.20 53.73 24.35
CA VAL B 227 -9.17 52.60 23.47
C VAL B 227 -9.53 51.32 24.23
N LEU B 228 -10.40 50.49 23.65
CA LEU B 228 -10.91 49.27 24.27
C LEU B 228 -10.38 48.01 23.62
N SER B 229 -9.65 47.24 24.42
CA SER B 229 -9.08 45.99 24.08
C SER B 229 -9.72 44.86 24.89
N LEU B 230 -10.05 43.75 24.25
CA LEU B 230 -10.76 42.66 24.85
C LEU B 230 -9.91 41.40 24.82
N SER B 231 -9.97 40.63 25.92
CA SER B 231 -9.16 39.48 26.12
C SER B 231 -9.81 38.54 27.10
N PRO B 232 -9.31 37.30 27.19
CA PRO B 232 -8.49 36.58 26.28
C PRO B 232 -9.31 36.09 25.09
N GLY B 233 -8.67 35.56 24.09
CA GLY B 233 -9.38 34.84 23.06
C GLY B 233 -9.45 33.35 23.42
N PRO B 234 -9.90 32.52 22.51
CA PRO B 234 -10.29 32.82 21.12
C PRO B 234 -11.63 33.52 21.01
N ALA B 235 -11.62 34.67 20.33
CA ALA B 235 -12.82 35.39 20.03
C ALA B 235 -13.59 34.62 18.97
N PRO B 236 -14.83 34.35 19.23
CA PRO B 236 -15.63 33.71 18.21
C PRO B 236 -16.01 34.64 17.06
N LEU B 237 -15.91 34.11 15.86
CA LEU B 237 -16.39 34.80 14.66
C LEU B 237 -17.85 35.09 14.67
N ASP B 238 -18.59 34.30 15.42
CA ASP B 238 -20.00 34.49 15.52
C ASP B 238 -20.33 35.87 16.02
N HIS B 239 -19.43 36.45 16.83
CA HIS B 239 -19.70 37.72 17.44
C HIS B 239 -18.94 38.87 16.72
N ALA B 240 -18.52 38.63 15.50
CA ALA B 240 -17.70 39.61 14.72
C ALA B 240 -18.35 40.97 14.66
N THR B 241 -19.65 41.04 14.44
CA THR B 241 -20.23 42.36 14.39
C THR B 241 -20.13 43.08 15.71
N LEU B 242 -20.48 42.39 16.79
CA LEU B 242 -20.40 42.96 18.12
C LEU B 242 -18.98 43.50 18.36
N PHE B 243 -17.99 42.72 18.07
CA PHE B 243 -16.60 43.16 18.37
C PHE B 243 -16.20 44.32 17.48
N VAL B 244 -16.58 44.23 16.20
CA VAL B 244 -16.21 45.29 15.23
C VAL B 244 -16.83 46.59 15.67
N GLU B 245 -18.06 46.57 16.14
CA GLU B 245 -18.72 47.81 16.45
C GLU B 245 -18.37 48.36 17.84
N ASN B 246 -17.91 47.52 18.76
CA ASN B 246 -17.75 47.95 20.15
C ASN B 246 -16.33 48.04 20.67
N ALA B 247 -15.39 47.32 20.08
CA ALA B 247 -14.08 47.23 20.56
C ALA B 247 -13.08 47.70 19.52
N ASN B 248 -12.00 48.27 19.96
CA ASN B 248 -10.94 48.64 19.06
C ASN B 248 -9.98 47.49 18.84
N MET B 249 -9.89 46.54 19.80
CA MET B 249 -9.13 45.35 19.57
C MET B 249 -9.70 44.18 20.36
N TRP B 250 -9.53 42.96 19.83
CA TRP B 250 -10.03 41.78 20.49
C TRP B 250 -9.19 40.58 20.14
N ARG B 251 -8.81 39.84 21.19
CA ARG B 251 -7.86 38.76 21.04
C ARG B 251 -8.43 37.60 20.24
N MET B 252 -7.71 37.20 19.22
CA MET B 252 -8.06 36.08 18.37
C MET B 252 -7.78 34.73 19.06
N THR B 253 -6.96 34.77 20.10
CA THR B 253 -6.36 33.58 20.62
C THR B 253 -6.25 33.63 22.13
N ASP B 254 -6.19 32.47 22.74
CA ASP B 254 -5.75 32.35 24.11
C ASP B 254 -4.30 32.84 24.19
N ASP B 255 -3.78 32.92 25.42
CA ASP B 255 -2.54 33.67 25.63
C ASP B 255 -1.40 33.19 24.78
N PHE B 256 -0.73 34.14 24.08
CA PHE B 256 0.33 33.80 23.13
C PHE B 256 1.67 33.83 23.83
N TRP B 257 2.57 32.92 23.46
CA TRP B 257 3.86 32.78 24.10
C TRP B 257 4.85 32.32 23.10
N ASP B 258 6.13 32.39 23.53
CA ASP B 258 7.27 32.05 22.69
C ASP B 258 7.42 30.56 22.45
N ARG B 259 6.45 29.99 21.74
CA ARG B 259 6.44 28.56 21.40
C ARG B 259 6.03 28.47 19.93
N TRP B 260 6.83 27.78 19.12
CA TRP B 260 6.56 27.68 17.69
C TRP B 260 5.10 27.27 17.37
N GLU B 261 4.62 26.31 18.10
CA GLU B 261 3.32 25.75 17.87
C GLU B 261 2.27 26.86 17.85
N LEU B 262 2.41 27.82 18.73
CA LEU B 262 1.44 28.87 18.84
C LEU B 262 1.59 29.89 17.74
N LEU B 263 2.82 30.06 17.28
CA LEU B 263 3.07 30.93 16.17
C LEU B 263 2.49 30.29 14.91
N TYR B 264 2.78 29.01 14.73
CA TYR B 264 2.25 28.26 13.62
C TYR B 264 0.73 28.41 13.59
N ASP B 265 0.10 28.26 14.73
CA ASP B 265 -1.35 28.35 14.78
C ASP B 265 -1.91 29.73 14.45
N MET B 266 -1.14 30.78 14.62
CA MET B 266 -1.67 32.10 14.37
C MET B 266 -2.00 32.34 12.87
N PHE B 267 -1.33 31.63 11.99
CA PHE B 267 -1.55 31.80 10.54
C PHE B 267 -2.99 31.54 10.19
N GLU B 268 -3.60 30.52 10.81
CA GLU B 268 -5.00 30.22 10.56
C GLU B 268 -5.93 31.24 11.13
N GLN B 269 -5.62 31.76 12.28
CA GLN B 269 -6.48 32.74 12.90
C GLN B 269 -6.50 34.04 12.13
N CYS B 270 -5.34 34.44 11.63
CA CYS B 270 -5.27 35.61 10.78
C CYS B 270 -6.11 35.43 9.53
N TYR B 271 -6.00 34.26 8.91
CA TYR B 271 -6.85 33.92 7.74
C TYR B 271 -8.33 34.10 8.11
N LYS B 272 -8.71 33.63 9.30
CA LYS B 272 -10.10 33.64 9.71
C LYS B 272 -10.68 35.01 9.97
N TRP B 273 -9.80 35.93 10.38
CA TRP B 273 -10.22 37.24 10.82
C TRP B 273 -9.93 38.33 9.84
N CYS B 274 -9.26 37.99 8.78
CA CYS B 274 -8.70 39.04 7.88
C CYS B 274 -9.76 40.00 7.31
N LYS B 275 -11.00 39.56 7.16
CA LYS B 275 -12.05 40.45 6.60
C LYS B 275 -12.67 41.39 7.59
N LEU B 276 -12.32 41.29 8.85
CA LEU B 276 -12.85 42.18 9.85
C LEU B 276 -11.84 43.25 10.31
N VAL B 277 -10.65 43.22 9.73
CA VAL B 277 -9.63 44.12 10.09
C VAL B 277 -9.91 45.41 9.42
N GLY B 278 -9.90 46.49 10.16
CA GLY B 278 -10.10 47.81 9.54
C GLY B 278 -9.90 48.94 10.51
N LEU B 279 -9.86 50.15 9.98
CA LEU B 279 -9.67 51.31 10.77
C LEU B 279 -10.53 51.29 12.04
N GLY B 280 -9.87 51.34 13.18
CA GLY B 280 -10.57 51.40 14.45
C GLY B 280 -10.93 50.10 15.10
N HIS B 281 -10.73 49.01 14.38
CA HIS B 281 -11.22 47.73 14.87
C HIS B 281 -10.31 46.60 14.44
N TRP B 282 -9.47 46.18 15.40
CA TRP B 282 -8.29 45.36 15.07
C TRP B 282 -8.29 44.01 15.77
N PRO B 283 -8.57 42.93 15.03
CA PRO B 283 -8.31 41.65 15.60
C PRO B 283 -6.88 41.52 16.08
N ASP B 284 -6.67 40.90 17.24
CA ASP B 284 -5.42 41.03 18.00
C ASP B 284 -4.74 39.68 18.15
N ALA B 285 -3.54 39.60 17.61
CA ALA B 285 -2.78 38.43 17.65
C ALA B 285 -1.99 38.28 18.99
N ASP B 286 -2.18 39.22 19.88
CA ASP B 286 -1.57 39.21 21.21
C ASP B 286 -0.13 39.79 21.25
N MET B 287 0.34 39.92 22.48
CA MET B 287 1.59 40.58 22.81
C MET B 287 2.79 39.79 22.26
N LEU B 288 3.87 40.53 22.00
CA LEU B 288 5.04 40.01 21.35
C LEU B 288 6.01 39.52 22.41
N PRO B 289 6.15 38.22 22.52
CA PRO B 289 7.10 37.66 23.53
C PRO B 289 8.52 37.67 23.01
N LEU B 290 9.10 38.86 23.06
CA LEU B 290 10.40 39.11 22.52
C LEU B 290 11.28 39.60 23.67
N GLY B 291 12.56 39.46 23.49
CA GLY B 291 13.48 40.00 24.49
C GLY B 291 13.38 39.26 25.77
N HIS B 292 13.48 40.00 26.86
CA HIS B 292 13.63 39.42 28.18
C HIS B 292 12.27 39.30 28.78
N ILE B 293 11.87 38.04 28.98
CA ILE B 293 10.55 37.75 29.52
C ILE B 293 10.65 36.78 30.67
N GLY B 294 9.52 36.54 31.31
CA GLY B 294 9.46 35.51 32.35
C GLY B 294 10.20 35.91 33.63
N ILE B 295 10.33 37.20 33.89
CA ILE B 295 11.14 37.64 34.99
C ILE B 295 10.37 37.33 36.25
N ARG B 296 9.12 37.78 36.33
CA ARG B 296 8.22 37.27 37.36
C ARG B 296 6.95 36.71 36.73
N SER B 297 7.14 35.85 35.74
CA SER B 297 6.07 35.10 35.09
C SER B 297 6.59 33.73 34.92
N VAL B 298 5.67 32.82 34.97
CA VAL B 298 5.97 31.42 34.93
C VAL B 298 5.11 30.74 33.83
N ASP B 299 4.41 31.55 33.06
CA ASP B 299 3.51 31.04 32.00
C ASP B 299 4.27 30.70 30.75
N GLY B 300 3.58 29.98 29.85
CA GLY B 300 4.20 29.61 28.57
C GLY B 300 5.19 28.50 28.69
N GLY B 301 5.23 27.87 29.86
CA GLY B 301 6.14 26.77 30.11
C GLY B 301 7.58 27.24 30.27
N GLY B 302 7.80 28.51 30.56
CA GLY B 302 9.16 28.98 30.79
C GLY B 302 9.36 29.75 32.07
N THR B 303 10.62 30.10 32.32
CA THR B 303 10.96 31.02 33.44
C THR B 303 11.83 32.14 32.90
N ASP B 304 12.59 32.78 33.75
CA ASP B 304 13.38 33.94 33.39
C ASP B 304 14.25 33.64 32.22
N ARG B 305 14.05 34.37 31.12
CA ARG B 305 14.68 33.96 29.86
C ARG B 305 14.64 35.05 28.82
N MET B 306 15.50 34.93 27.84
CA MET B 306 15.31 35.62 26.58
C MET B 306 14.35 34.72 25.76
N THR B 307 13.58 35.32 24.86
CA THR B 307 12.59 34.59 24.10
C THR B 307 13.18 33.39 23.47
N ARG B 308 12.42 32.30 23.50
CA ARG B 308 12.86 31.03 22.89
C ARG B 308 12.61 30.97 21.40
N PHE B 309 11.92 31.96 20.86
CA PHE B 309 11.85 32.06 19.39
C PHE B 309 13.22 32.28 18.84
N THR B 310 13.56 31.56 17.76
CA THR B 310 14.77 31.86 17.02
C THR B 310 14.60 33.19 16.31
N LYS B 311 15.70 33.76 15.84
CA LYS B 311 15.61 34.98 15.06
C LYS B 311 14.67 34.83 13.88
N ASP B 312 14.78 33.72 13.16
CA ASP B 312 13.90 33.50 12.03
C ASP B 312 12.44 33.56 12.49
N GLU B 313 12.16 32.95 13.62
CA GLU B 313 10.83 32.89 14.15
C GLU B 313 10.33 34.27 14.61
N GLN B 314 11.21 35.01 15.25
CA GLN B 314 10.90 36.34 15.67
C GLN B 314 10.50 37.19 14.47
N ARG B 315 11.25 37.06 13.41
CA ARG B 315 10.97 37.81 12.20
C ARG B 315 9.67 37.35 11.57
N THR B 316 9.45 36.04 11.56
CA THR B 316 8.22 35.51 11.02
C THR B 316 6.98 36.02 11.77
N MET B 317 7.06 36.06 13.07
CA MET B 317 6.03 36.63 13.86
C MET B 317 5.85 38.08 13.47
N MET B 318 6.93 38.87 13.56
CA MET B 318 6.78 40.30 13.34
C MET B 318 6.20 40.51 11.94
N THR B 319 6.65 39.72 10.99
CA THR B 319 6.18 39.85 9.63
C THR B 319 4.67 39.56 9.50
N LEU B 320 4.18 38.56 10.22
CA LEU B 320 2.76 38.27 10.13
C LEU B 320 1.94 39.32 10.82
N TRP B 321 2.35 39.69 12.00
CA TRP B 321 1.60 40.67 12.76
C TRP B 321 1.56 41.99 12.01
N ILE B 322 2.68 42.31 11.37
CA ILE B 322 2.80 43.57 10.61
C ILE B 322 1.81 43.55 9.42
N ILE B 323 1.88 42.53 8.58
CA ILE B 323 1.14 42.62 7.34
C ILE B 323 -0.34 42.49 7.59
N PHE B 324 -0.66 41.73 8.62
CA PHE B 324 -2.05 41.51 9.03
C PHE B 324 -2.64 42.75 9.68
N ARG B 325 -1.77 43.50 10.33
CA ARG B 325 -2.13 44.69 11.08
C ARG B 325 -2.68 44.39 12.44
N SER B 326 -2.06 43.42 13.09
CA SER B 326 -2.34 43.24 14.51
C SER B 326 -1.81 44.42 15.30
N PRO B 327 -2.48 44.80 16.35
CA PRO B 327 -1.79 45.60 17.37
C PRO B 327 -0.45 44.99 17.78
N LEU B 328 0.50 45.88 18.14
CA LEU B 328 1.86 45.48 18.47
C LEU B 328 2.21 45.93 19.87
N MET B 329 2.22 44.97 20.79
CA MET B 329 2.37 45.25 22.23
C MET B 329 3.54 44.39 22.71
N PHE B 330 4.64 45.07 22.87
CA PHE B 330 5.89 44.41 23.20
C PHE B 330 5.82 43.91 24.60
N GLY B 331 6.21 42.67 24.81
CA GLY B 331 6.00 42.02 26.09
C GLY B 331 7.23 41.87 26.96
N GLY B 332 8.38 42.08 26.37
CA GLY B 332 9.63 42.01 27.11
C GLY B 332 9.98 43.28 27.90
N GLU B 333 10.91 43.11 28.84
CA GLU B 333 11.49 44.25 29.59
C GLU B 333 12.38 44.99 28.63
N LEU B 334 11.91 46.14 28.19
CA LEU B 334 12.58 46.84 27.11
C LEU B 334 14.03 47.18 27.41
N ARG B 335 14.34 47.50 28.65
CA ARG B 335 15.71 47.98 28.99
C ARG B 335 16.76 46.91 28.85
N ASP B 336 16.34 45.66 28.73
CA ASP B 336 17.26 44.57 28.50
C ASP B 336 17.27 44.19 27.06
N ASN B 337 16.71 45.00 26.18
CA ASN B 337 16.90 44.71 24.74
C ASN B 337 18.33 44.74 24.29
N ASP B 338 18.72 43.77 23.48
CA ASP B 338 19.89 43.87 22.68
C ASP B 338 19.59 44.56 21.35
N GLU B 339 20.62 44.69 20.53
CA GLU B 339 20.53 45.47 19.34
C GLU B 339 19.63 44.79 18.29
N TRP B 340 19.73 43.48 18.21
CA TRP B 340 18.84 42.66 17.37
C TRP B 340 17.34 42.91 17.70
N THR B 341 17.02 42.87 18.97
CA THR B 341 15.65 43.00 19.38
C THR B 341 15.14 44.39 19.07
N LEU B 342 15.95 45.39 19.32
CA LEU B 342 15.56 46.74 19.03
C LEU B 342 15.37 46.95 17.56
N SER B 343 16.17 46.26 16.74
CA SER B 343 16.07 46.42 15.36
C SER B 343 14.68 45.98 14.84
N LEU B 344 14.05 45.02 15.50
CA LEU B 344 12.74 44.50 15.03
C LEU B 344 11.65 45.54 15.17
N LEU B 345 11.92 46.53 16.00
CA LEU B 345 10.95 47.54 16.35
C LEU B 345 11.12 48.89 15.70
N THR B 346 12.24 49.07 15.00
CA THR B 346 12.63 50.40 14.51
C THR B 346 12.84 50.46 13.01
N ASN B 347 12.29 49.48 12.28
CA ASN B 347 12.39 49.48 10.81
C ASN B 347 11.17 50.16 10.21
N GLU B 348 11.36 51.40 9.76
CA GLU B 348 10.29 52.24 9.24
C GLU B 348 9.66 51.65 7.99
N GLU B 349 10.42 50.93 7.21
CA GLU B 349 9.92 50.44 5.95
C GLU B 349 8.93 49.27 6.19
N VAL B 350 9.24 48.44 7.18
CA VAL B 350 8.37 47.39 7.58
C VAL B 350 7.15 47.96 8.22
N LEU B 351 7.33 48.90 9.11
CA LEU B 351 6.17 49.51 9.80
C LEU B 351 5.18 50.20 8.90
N HIS B 352 5.66 50.72 7.80
CA HIS B 352 4.76 51.35 6.83
C HIS B 352 3.66 50.38 6.43
N VAL B 353 4.02 49.12 6.35
CA VAL B 353 3.08 48.08 5.92
C VAL B 353 1.95 47.94 6.92
N HIS B 354 2.28 48.09 8.20
CA HIS B 354 1.37 48.01 9.30
C HIS B 354 0.53 49.27 9.45
N GLN B 355 1.14 50.43 9.25
CA GLN B 355 0.46 51.72 9.41
C GLN B 355 -0.37 52.08 8.20
N ASN B 356 0.08 51.75 7.01
CA ASN B 356 -0.58 52.24 5.80
C ASN B 356 -1.08 51.19 4.82
N GLY B 357 -0.75 49.93 5.05
CA GLY B 357 -1.22 48.86 4.27
C GLY B 357 -2.70 48.64 4.53
N TYR B 358 -3.36 48.01 3.58
CA TYR B 358 -4.67 47.53 3.76
C TYR B 358 -4.94 46.40 2.81
N GLY B 359 -6.04 45.71 3.04
CA GLY B 359 -6.46 44.59 2.21
C GLY B 359 -5.68 43.30 2.41
N ALA B 360 -4.93 43.16 3.49
CA ALA B 360 -4.18 41.91 3.69
C ALA B 360 -5.03 40.71 3.54
N ARG B 361 -4.50 39.76 2.82
CA ARG B 361 -5.16 38.54 2.57
C ARG B 361 -4.13 37.44 2.34
N GLN B 362 -4.58 36.19 2.55
CA GLN B 362 -3.77 35.01 2.31
C GLN B 362 -3.93 34.70 0.85
N VAL B 363 -2.85 34.71 0.11
CA VAL B 363 -2.91 34.42 -1.30
C VAL B 363 -3.05 32.89 -1.44
N TYR B 364 -2.20 32.15 -0.75
CA TYR B 364 -2.40 30.71 -0.69
C TYR B 364 -1.68 30.11 0.54
N ARG B 365 -2.13 28.92 0.92
CA ARG B 365 -1.46 28.13 1.92
C ARG B 365 -1.46 26.68 1.43
N GLU B 366 -0.26 26.13 1.21
CA GLU B 366 -0.09 24.84 0.61
C GLU B 366 1.21 24.26 1.01
N ASN B 367 1.18 23.02 1.47
CA ASN B 367 2.37 22.35 2.02
C ASN B 367 3.12 23.16 2.98
N ASP B 368 2.40 23.85 3.83
CA ASP B 368 3.04 24.63 4.88
C ASP B 368 3.95 25.71 4.30
N HIS B 369 3.63 26.14 3.11
CA HIS B 369 4.09 27.44 2.60
C HIS B 369 2.89 28.39 2.54
N VAL B 370 3.07 29.62 3.01
CA VAL B 370 1.99 30.59 3.05
C VAL B 370 2.49 31.92 2.47
N VAL B 371 1.63 32.55 1.69
CA VAL B 371 1.90 33.89 1.21
C VAL B 371 0.71 34.80 1.46
N TRP B 372 1.02 35.96 2.03
CA TRP B 372 0.08 37.00 2.32
C TRP B 372 0.46 38.25 1.50
N THR B 373 -0.53 39.08 1.19
CA THR B 373 -0.26 40.28 0.46
C THR B 373 -1.20 41.36 0.84
N SER B 374 -0.68 42.60 0.85
CA SER B 374 -1.50 43.76 1.07
C SER B 374 -0.93 44.90 0.19
N GLN B 375 -1.52 46.05 0.27
CA GLN B 375 -1.02 47.16 -0.49
C GLN B 375 -1.19 48.46 0.19
N ASP B 376 -0.55 49.50 -0.35
CA ASP B 376 -0.85 50.85 0.11
C ASP B 376 -1.56 51.66 -0.98
N ALA B 377 -1.91 52.89 -0.64
CA ALA B 377 -2.66 53.73 -1.59
C ALA B 377 -1.81 54.34 -2.66
N GLU B 378 -0.51 54.21 -2.53
CA GLU B 378 0.43 54.71 -3.52
C GLU B 378 0.81 53.61 -4.45
N GLY B 379 0.05 52.53 -4.43
CA GLY B 379 0.27 51.44 -5.38
C GLY B 379 1.35 50.42 -5.05
N ASN B 380 2.00 50.57 -3.91
CA ASN B 380 3.00 49.60 -3.54
C ASN B 380 2.30 48.32 -3.12
N GLN B 381 2.88 47.18 -3.45
CA GLN B 381 2.33 45.95 -3.02
C GLN B 381 3.30 45.28 -2.08
N PHE B 382 2.79 44.81 -0.97
CA PHE B 382 3.56 44.11 0.00
C PHE B 382 3.30 42.61 0.03
N VAL B 383 4.36 41.84 -0.03
CA VAL B 383 4.29 40.41 -0.02
C VAL B 383 5.09 39.78 1.12
N ALA B 384 4.39 39.08 1.97
CA ALA B 384 4.98 38.28 3.00
C ALA B 384 4.95 36.79 2.64
N MET B 385 6.10 36.18 2.60
CA MET B 385 6.22 34.81 2.17
C MET B 385 6.85 33.98 3.27
N PHE B 386 6.20 32.88 3.62
CA PHE B 386 6.49 32.17 4.85
C PHE B 386 6.69 30.71 4.58
N ASN B 387 7.74 30.14 5.13
CA ASN B 387 7.87 28.67 5.17
C ASN B 387 7.61 28.29 6.58
N ILE B 388 6.43 27.73 6.84
CA ILE B 388 6.06 27.26 8.19
C ILE B 388 6.15 25.74 8.34
N SER B 389 6.84 25.11 7.41
CA SER B 389 7.11 23.69 7.46
C SER B 389 8.44 23.44 8.18
N GLU B 390 8.80 22.17 8.29
CA GLU B 390 10.04 21.76 8.97
C GLU B 390 11.22 21.57 8.01
N LYS B 391 10.98 21.77 6.72
CA LYS B 391 11.95 21.60 5.68
C LYS B 391 12.28 22.87 4.84
N ARG B 392 13.57 23.15 4.64
CA ARG B 392 13.99 24.19 3.78
C ARG B 392 13.37 23.98 2.42
N SER B 393 12.93 25.06 1.78
CA SER B 393 12.38 24.95 0.46
C SER B 393 12.32 26.29 -0.20
N VAL B 394 12.13 26.27 -1.51
CA VAL B 394 11.77 27.47 -2.25
C VAL B 394 10.25 27.77 -2.09
N VAL B 395 9.94 28.99 -1.63
CA VAL B 395 8.58 29.41 -1.54
C VAL B 395 8.43 30.44 -2.68
N SER B 396 7.42 30.24 -3.51
CA SER B 396 7.18 31.11 -4.62
C SER B 396 5.72 31.49 -4.82
N VAL B 397 5.53 32.58 -5.56
CA VAL B 397 4.23 33.06 -5.90
C VAL B 397 4.36 33.80 -7.20
N SER B 398 3.41 33.57 -8.08
CA SER B 398 3.42 34.23 -9.35
C SER B 398 2.91 35.66 -9.18
N LEU B 399 3.46 36.55 -9.97
CA LEU B 399 2.97 37.89 -10.02
C LEU B 399 1.50 37.93 -10.40
N LYS B 400 1.09 37.09 -11.33
CA LYS B 400 -0.32 37.01 -11.70
C LYS B 400 -1.19 36.74 -10.47
N ASP B 401 -0.82 35.78 -9.60
CA ASP B 401 -1.63 35.53 -8.39
C ASP B 401 -1.67 36.67 -7.44
N LEU B 402 -0.71 37.55 -7.55
CA LEU B 402 -0.71 38.78 -6.76
C LEU B 402 -1.56 39.90 -7.38
N GLY B 403 -2.03 39.71 -8.60
CA GLY B 403 -2.66 40.78 -9.33
C GLY B 403 -1.72 41.75 -10.05
N CYS B 404 -0.44 41.42 -10.21
CA CYS B 404 0.49 42.25 -10.97
C CYS B 404 0.65 41.74 -12.38
N MET B 405 0.30 42.55 -13.38
CA MET B 405 0.24 42.04 -14.77
C MET B 405 1.54 42.21 -15.56
N GLU B 406 2.46 43.03 -15.06
CA GLU B 406 3.78 43.17 -15.72
C GLU B 406 4.88 42.95 -14.71
N PRO B 407 6.11 42.84 -15.18
CA PRO B 407 7.27 42.92 -14.31
C PRO B 407 7.34 44.10 -13.32
N MET B 408 7.93 43.80 -12.16
CA MET B 408 8.02 44.70 -11.04
C MET B 408 9.40 44.69 -10.44
N LYS B 409 9.72 45.72 -9.71
CA LYS B 409 10.92 45.72 -8.90
C LYS B 409 10.53 45.22 -7.58
N ALA B 410 11.46 44.56 -6.97
CA ALA B 410 11.28 44.09 -5.59
C ALA B 410 12.27 44.64 -4.62
N ARG B 411 11.88 44.77 -3.38
CA ARG B 411 12.75 45.20 -2.32
C ARG B 411 12.49 44.45 -1.03
N ASP B 412 13.55 44.03 -0.36
CA ASP B 412 13.48 43.31 0.91
C ASP B 412 13.45 44.33 1.99
N LEU B 413 12.30 44.42 2.65
CA LEU B 413 12.04 45.50 3.57
C LEU B 413 12.81 45.31 4.85
N TRP B 414 12.90 44.10 5.39
CA TRP B 414 13.65 43.94 6.64
C TRP B 414 15.13 44.30 6.37
N ALA B 415 15.67 43.85 5.26
CA ALA B 415 17.09 44.03 4.98
C ALA B 415 17.39 45.43 4.41
N LYS B 416 16.36 46.13 3.97
CA LYS B 416 16.51 47.36 3.25
C LYS B 416 17.43 47.25 2.04
N GLU B 417 17.08 46.34 1.14
N GLU B 417 17.10 46.32 1.13
CA GLU B 417 17.90 45.97 0.06
CA GLU B 417 17.96 45.94 0.04
C GLU B 417 17.05 45.79 -1.19
C GLU B 417 17.07 45.77 -1.19
N ASP B 418 17.41 46.47 -2.25
CA ASP B 418 16.77 46.28 -3.51
C ASP B 418 17.17 44.92 -4.06
N LEU B 419 16.20 44.24 -4.68
CA LEU B 419 16.38 42.90 -5.12
C LEU B 419 16.37 42.82 -6.61
N GLY B 420 15.99 43.89 -7.29
CA GLY B 420 15.99 43.90 -8.72
C GLY B 420 14.65 43.54 -9.32
N LEU B 421 14.66 43.27 -10.59
CA LEU B 421 13.50 43.05 -11.39
C LEU B 421 12.97 41.62 -11.14
N VAL B 422 11.65 41.48 -11.15
CA VAL B 422 11.01 40.23 -11.10
C VAL B 422 10.11 40.14 -12.28
N LYS B 423 10.32 39.11 -13.07
CA LYS B 423 9.62 38.99 -14.36
C LYS B 423 8.31 38.17 -14.35
N HIS B 424 8.29 37.09 -13.59
CA HIS B 424 7.14 36.20 -13.57
C HIS B 424 6.75 35.78 -12.14
N GLN B 425 7.71 35.60 -11.26
CA GLN B 425 7.41 35.19 -9.93
C GLN B 425 8.39 35.64 -8.89
N LEU B 426 7.90 35.79 -7.68
CA LEU B 426 8.73 35.94 -6.51
C LEU B 426 9.03 34.61 -5.99
N ALA B 427 10.31 34.35 -5.74
CA ALA B 427 10.70 33.04 -5.24
C ALA B 427 11.95 33.20 -4.40
N PHE B 428 11.94 32.56 -3.23
CA PHE B 428 13.06 32.64 -2.30
C PHE B 428 13.24 31.30 -1.59
N GLU B 429 14.49 30.93 -1.37
CA GLU B 429 14.79 29.86 -0.53
C GLU B 429 14.54 30.31 0.89
N LEU B 430 13.79 29.53 1.64
CA LEU B 430 13.55 29.84 3.01
C LEU B 430 13.71 28.60 3.87
N GLY B 431 14.46 28.76 4.95
CA GLY B 431 14.62 27.71 5.93
C GLY B 431 13.29 27.43 6.61
N PRO B 432 13.23 26.34 7.39
CA PRO B 432 12.02 26.11 8.14
C PRO B 432 11.72 27.23 9.10
N HIS B 433 10.48 27.66 9.18
CA HIS B 433 10.06 28.76 10.08
C HIS B 433 10.55 30.15 9.65
N GLN B 434 11.07 30.27 8.43
CA GLN B 434 11.68 31.49 8.00
C GLN B 434 10.75 32.16 7.02
N SER B 435 10.81 33.50 7.00
CA SER B 435 9.97 34.30 6.13
C SER B 435 10.76 35.41 5.45
N ILE B 436 10.08 36.12 4.54
CA ILE B 436 10.60 37.34 3.97
C ILE B 436 9.44 38.28 3.67
N LEU B 437 9.73 39.57 3.75
CA LEU B 437 8.74 40.65 3.47
C LEU B 437 9.26 41.56 2.38
N VAL B 438 8.54 41.59 1.28
CA VAL B 438 8.95 42.25 0.09
C VAL B 438 7.96 43.33 -0.33
N LYS B 439 8.51 44.40 -0.90
CA LYS B 439 7.73 45.45 -1.54
C LYS B 439 7.92 45.42 -3.03
N LEU B 440 6.82 45.39 -3.77
CA LEU B 440 6.85 45.44 -5.20
C LEU B 440 6.38 46.77 -5.69
N SER B 441 7.08 47.32 -6.69
CA SER B 441 6.75 48.57 -7.32
C SER B 441 7.05 48.52 -8.80
N PRO B 442 6.49 49.45 -9.56
CA PRO B 442 6.62 49.36 -11.04
C PRO B 442 8.10 49.46 -11.48
N ALA B 443 8.46 48.75 -12.51
CA ALA B 443 9.81 48.64 -12.97
C ALA B 443 10.18 49.66 -14.01
N VAL B 444 11.42 50.05 -13.99
CA VAL B 444 12.10 50.72 -15.08
C VAL B 444 12.51 52.12 -14.76
N SER C 15 -35.33 -13.17 33.89
CA SER C 15 -36.50 -12.52 33.18
C SER C 15 -36.60 -12.82 31.64
N MET C 16 -35.48 -12.67 30.92
CA MET C 16 -35.46 -12.82 29.46
C MET C 16 -34.99 -14.21 29.10
N HIS C 17 -35.76 -14.94 28.30
CA HIS C 17 -35.43 -16.31 27.94
C HIS C 17 -34.04 -16.43 27.31
N HIS C 18 -33.66 -15.45 26.49
CA HIS C 18 -32.39 -15.55 25.80
C HIS C 18 -31.21 -15.53 26.71
N TYR C 19 -31.37 -15.10 27.94
CA TYR C 19 -30.26 -15.13 28.89
C TYR C 19 -29.74 -16.57 29.02
N GLN C 20 -30.65 -17.55 28.93
CA GLN C 20 -30.27 -18.95 29.09
C GLN C 20 -29.35 -19.46 27.98
N TRP C 21 -29.22 -18.70 26.88
CA TRP C 21 -28.34 -19.07 25.80
C TRP C 21 -26.91 -18.64 26.03
N ALA C 22 -26.65 -17.84 27.06
CA ALA C 22 -25.29 -17.45 27.42
C ALA C 22 -25.13 -17.35 28.94
N LYS C 23 -25.24 -18.50 29.57
CA LYS C 23 -25.20 -18.54 31.04
C LYS C 23 -23.84 -18.18 31.56
N THR C 24 -22.81 -18.48 30.77
CA THR C 24 -21.47 -17.98 31.03
C THR C 24 -21.03 -17.16 29.79
N PRO C 25 -20.02 -16.33 29.93
CA PRO C 25 -19.66 -15.46 28.84
C PRO C 25 -19.17 -16.25 27.67
N PRO C 26 -19.69 -15.99 26.45
CA PRO C 26 -19.29 -16.74 25.32
C PRO C 26 -17.76 -16.79 25.10
N MET C 27 -17.29 -17.97 24.69
CA MET C 27 -15.88 -18.19 24.44
C MET C 27 -15.70 -18.77 23.04
N GLY C 28 -14.74 -18.25 22.30
CA GLY C 28 -14.57 -18.69 20.93
C GLY C 28 -13.44 -18.03 20.23
N TRP C 29 -13.52 -18.07 18.90
CA TRP C 29 -12.55 -17.50 18.02
C TRP C 29 -13.28 -16.60 17.03
N ASN C 30 -12.60 -15.56 16.59
CA ASN C 30 -13.17 -14.63 15.59
C ASN C 30 -12.12 -14.24 14.58
N SER C 31 -12.50 -14.31 13.30
CA SER C 31 -11.55 -14.09 12.18
C SER C 31 -10.98 -12.69 11.98
N TRP C 32 -11.50 -11.70 12.68
CA TRP C 32 -11.17 -10.28 12.35
C TRP C 32 -9.71 -9.87 12.58
N ASP C 33 -9.17 -10.17 13.76
CA ASP C 33 -7.83 -9.68 14.08
C ASP C 33 -6.78 -10.34 13.24
N CYS C 34 -7.06 -11.54 12.75
CA CYS C 34 -6.07 -12.22 11.88
C CYS C 34 -6.32 -12.03 10.37
N TYR C 35 -7.56 -12.08 9.94
CA TYR C 35 -7.84 -12.04 8.48
C TYR C 35 -8.71 -10.86 8.03
N GLY C 36 -8.99 -9.95 8.92
CA GLY C 36 -9.79 -8.78 8.54
C GLY C 36 -11.15 -9.18 8.04
N ALA C 37 -11.55 -8.65 6.89
CA ALA C 37 -12.81 -8.98 6.26
C ALA C 37 -12.73 -10.15 5.32
N SER C 38 -11.60 -10.87 5.28
CA SER C 38 -11.26 -11.67 4.11
C SER C 38 -11.05 -13.16 4.36
N VAL C 39 -11.51 -13.69 5.48
CA VAL C 39 -11.22 -15.08 5.82
C VAL C 39 -11.82 -16.00 4.81
N THR C 40 -11.18 -17.15 4.58
CA THR C 40 -11.72 -18.20 3.72
C THR C 40 -12.28 -19.38 4.51
N GLU C 41 -13.08 -20.20 3.83
CA GLU C 41 -13.59 -21.44 4.40
C GLU C 41 -12.47 -22.29 5.02
N ASP C 42 -11.38 -22.50 4.29
CA ASP C 42 -10.33 -23.36 4.82
C ASP C 42 -9.76 -22.81 6.07
N GLU C 43 -9.60 -21.51 6.16
CA GLU C 43 -9.07 -20.93 7.36
C GLU C 43 -10.02 -21.09 8.53
N VAL C 44 -11.30 -20.92 8.28
CA VAL C 44 -12.26 -21.08 9.37
C VAL C 44 -12.21 -22.53 9.87
N LYS C 45 -12.17 -23.46 8.93
CA LYS C 45 -12.15 -24.91 9.27
C LYS C 45 -10.91 -25.32 10.02
N GLY C 46 -9.79 -24.75 9.66
CA GLY C 46 -8.53 -25.02 10.36
C GLY C 46 -8.56 -24.53 11.78
N ASN C 47 -9.16 -23.34 11.99
CA ASN C 47 -9.22 -22.81 13.33
C ASN C 47 -10.21 -23.61 14.14
N ALA C 48 -11.30 -23.99 13.53
CA ALA C 48 -12.26 -24.80 14.22
C ALA C 48 -11.67 -26.18 14.65
N GLU C 49 -10.93 -26.82 13.74
CA GLU C 49 -10.28 -28.11 14.03
C GLU C 49 -9.32 -27.92 15.18
N TYR C 50 -8.61 -26.81 15.21
CA TYR C 50 -7.70 -26.59 16.32
C TYR C 50 -8.48 -26.46 17.58
N MET C 51 -9.57 -25.69 17.53
CA MET C 51 -10.34 -25.50 18.73
C MET C 51 -10.88 -26.84 19.26
N ALA C 52 -11.38 -27.67 18.38
CA ALA C 52 -11.94 -28.94 18.75
C ALA C 52 -10.90 -29.83 19.42
N LYS C 53 -9.67 -29.79 18.93
CA LYS C 53 -8.66 -30.62 19.42
C LYS C 53 -8.04 -30.11 20.71
N TYR C 54 -7.74 -28.82 20.83
CA TYR C 54 -7.01 -28.31 21.97
C TYR C 54 -7.79 -27.52 23.00
N LEU C 55 -8.97 -27.01 22.64
CA LEU C 55 -9.58 -25.92 23.44
C LEU C 55 -10.93 -26.26 23.97
N LYS C 56 -11.64 -27.09 23.26
CA LYS C 56 -12.99 -27.36 23.56
C LYS C 56 -13.25 -27.82 25.00
N PRO C 57 -12.37 -28.64 25.57
CA PRO C 57 -12.62 -29.08 26.95
C PRO C 57 -12.56 -27.94 27.96
N PHE C 58 -11.96 -26.83 27.57
CA PHE C 58 -11.85 -25.67 28.45
C PHE C 58 -12.92 -24.61 28.26
N GLY C 59 -13.90 -24.86 27.40
CA GLY C 59 -15.08 -23.95 27.25
C GLY C 59 -15.11 -23.19 25.93
N TRP C 60 -14.02 -23.24 25.17
CA TRP C 60 -13.96 -22.52 23.88
C TRP C 60 -14.83 -23.24 22.86
N GLU C 61 -15.85 -22.57 22.33
CA GLU C 61 -16.76 -23.28 21.42
C GLU C 61 -17.23 -22.53 20.18
N TYR C 62 -17.20 -21.19 20.18
CA TYR C 62 -17.80 -20.45 19.06
C TYR C 62 -16.70 -20.27 18.01
N VAL C 63 -17.09 -20.49 16.74
CA VAL C 63 -16.23 -20.22 15.63
C VAL C 63 -16.94 -19.14 14.83
N VAL C 64 -16.41 -17.91 14.91
CA VAL C 64 -17.12 -16.76 14.38
C VAL C 64 -16.47 -16.17 13.11
N VAL C 65 -17.23 -16.18 12.02
CA VAL C 65 -16.79 -15.56 10.78
C VAL C 65 -17.13 -14.10 10.85
N ASP C 66 -16.11 -13.25 10.82
CA ASP C 66 -16.38 -11.84 10.99
C ASP C 66 -16.79 -11.17 9.65
N ILE C 67 -16.65 -9.86 9.59
CA ILE C 67 -17.39 -9.03 8.65
C ILE C 67 -17.11 -9.34 7.21
N GLN C 68 -18.15 -9.21 6.40
CA GLN C 68 -17.98 -9.16 4.92
C GLN C 68 -17.65 -10.50 4.26
N TRP C 69 -18.20 -11.56 4.82
CA TRP C 69 -18.19 -12.87 4.21
C TRP C 69 -18.94 -12.86 2.88
N TYR C 70 -19.67 -11.79 2.61
CA TYR C 70 -20.49 -11.60 1.42
C TYR C 70 -19.81 -10.74 0.37
N GLU C 71 -18.57 -10.36 0.63
CA GLU C 71 -17.81 -9.50 -0.26
C GLU C 71 -16.67 -10.33 -0.89
N PRO C 72 -16.81 -10.73 -2.15
CA PRO C 72 -15.91 -11.76 -2.70
C PRO C 72 -14.52 -11.25 -2.91
N GLY C 73 -14.34 -9.93 -2.97
CA GLY C 73 -13.05 -9.38 -3.22
C GLY C 73 -12.31 -8.89 -1.99
N ALA C 74 -12.89 -9.10 -0.84
CA ALA C 74 -12.32 -8.55 0.36
C ALA C 74 -10.90 -9.13 0.58
N ASN C 75 -9.99 -8.28 1.05
CA ASN C 75 -8.59 -8.66 1.12
C ASN C 75 -7.82 -8.00 2.27
N SER C 76 -8.53 -7.37 3.18
CA SER C 76 -7.91 -6.58 4.22
C SER C 76 -8.91 -6.29 5.31
N SER C 77 -8.44 -5.57 6.29
CA SER C 77 -9.28 -4.89 7.23
C SER C 77 -9.82 -3.57 6.64
N ILE C 78 -9.23 -3.11 5.55
CA ILE C 78 -9.75 -1.93 4.86
C ILE C 78 -10.79 -2.34 3.82
N TYR C 79 -12.00 -1.83 3.95
CA TYR C 79 -13.10 -2.29 3.07
C TYR C 79 -12.88 -1.73 1.68
N ARG C 80 -13.36 -2.45 0.66
CA ARG C 80 -13.43 -1.92 -0.70
C ARG C 80 -14.84 -1.31 -0.84
N PRO C 81 -14.93 0.01 -0.92
CA PRO C 81 -16.19 0.61 -0.76
C PRO C 81 -17.03 0.59 -2.06
N PHE C 82 -18.34 0.58 -1.86
CA PHE C 82 -19.29 0.68 -2.93
C PHE C 82 -19.28 -0.48 -3.91
N VAL C 83 -18.80 -1.66 -3.51
CA VAL C 83 -18.68 -2.77 -4.47
C VAL C 83 -19.92 -3.63 -4.38
N PRO C 84 -20.29 -4.23 -5.45
CA PRO C 84 -21.32 -5.26 -5.39
C PRO C 84 -21.04 -6.40 -4.42
N LEU C 85 -22.11 -6.90 -3.85
CA LEU C 85 -22.09 -7.86 -2.78
C LEU C 85 -22.95 -9.07 -3.13
N GLU C 86 -22.58 -10.22 -2.62
CA GLU C 86 -23.30 -11.46 -2.91
C GLU C 86 -24.61 -11.42 -2.14
N MET C 87 -25.72 -11.72 -2.82
CA MET C 87 -27.05 -11.48 -2.26
C MET C 87 -28.07 -12.32 -2.94
N ASP C 88 -29.11 -12.73 -2.22
CA ASP C 88 -30.11 -13.62 -2.81
C ASP C 88 -31.22 -12.75 -3.44
N GLU C 89 -32.37 -13.33 -3.75
CA GLU C 89 -33.50 -12.62 -4.39
C GLU C 89 -34.36 -11.87 -3.42
N TYR C 90 -34.08 -11.98 -2.13
CA TYR C 90 -34.86 -11.37 -1.10
C TYR C 90 -34.08 -10.36 -0.30
N SER C 91 -33.15 -9.73 -0.95
CA SER C 91 -32.28 -8.72 -0.35
C SER C 91 -31.41 -9.15 0.76
N ARG C 92 -31.14 -10.44 0.86
CA ARG C 92 -30.29 -10.99 1.95
C ARG C 92 -28.88 -11.32 1.47
N LEU C 93 -27.89 -10.77 2.15
CA LEU C 93 -26.51 -11.04 1.81
C LEU C 93 -26.20 -12.53 2.03
N MET C 94 -25.32 -13.05 1.18
CA MET C 94 -24.99 -14.45 1.13
C MET C 94 -23.49 -14.61 1.04
N PRO C 95 -23.00 -15.79 1.43
CA PRO C 95 -21.55 -15.99 1.36
C PRO C 95 -21.00 -15.99 0.00
N ALA C 96 -19.85 -15.37 -0.14
CA ALA C 96 -19.10 -15.37 -1.41
C ALA C 96 -18.52 -16.78 -1.64
N VAL C 97 -18.92 -17.38 -2.74
CA VAL C 97 -18.62 -18.76 -3.02
C VAL C 97 -17.13 -18.98 -3.35
N ASN C 98 -16.44 -18.00 -3.90
CA ASN C 98 -15.05 -18.12 -4.08
C ASN C 98 -14.33 -18.34 -2.74
N ARG C 99 -14.76 -17.64 -1.72
CA ARG C 99 -14.13 -17.73 -0.43
C ARG C 99 -14.64 -18.90 0.38
N PHE C 100 -15.89 -19.27 0.15
CA PHE C 100 -16.57 -20.34 0.84
C PHE C 100 -17.17 -21.32 -0.16
N PRO C 101 -16.35 -22.27 -0.66
CA PRO C 101 -16.77 -23.07 -1.81
C PRO C 101 -17.92 -23.99 -1.50
N SER C 102 -18.09 -24.34 -0.23
CA SER C 102 -19.21 -25.18 0.13
C SER C 102 -20.55 -24.46 0.01
N ALA C 103 -20.54 -23.15 -0.09
CA ALA C 103 -21.79 -22.41 -0.26
C ALA C 103 -22.32 -22.51 -1.66
N LYS C 104 -21.56 -23.10 -2.56
CA LYS C 104 -21.99 -23.22 -3.97
C LYS C 104 -23.42 -23.75 -4.09
N GLY C 105 -24.18 -23.21 -5.03
CA GLY C 105 -25.55 -23.72 -5.26
C GLY C 105 -26.56 -23.22 -4.23
N GLY C 106 -26.33 -22.04 -3.68
CA GLY C 106 -27.28 -21.38 -2.81
C GLY C 106 -27.41 -21.99 -1.43
N LYS C 107 -26.43 -22.77 -1.02
CA LYS C 107 -26.48 -23.46 0.26
C LYS C 107 -26.04 -22.61 1.41
N GLY C 108 -25.45 -21.47 1.11
CA GLY C 108 -25.01 -20.56 2.16
C GLY C 108 -24.01 -21.20 3.13
N PHE C 109 -24.17 -20.89 4.41
CA PHE C 109 -23.28 -21.40 5.40
C PHE C 109 -23.73 -22.73 6.03
N LYS C 110 -24.81 -23.35 5.55
CA LYS C 110 -25.23 -24.60 6.17
C LYS C 110 -24.13 -25.71 6.20
N PRO C 111 -23.43 -25.94 5.09
CA PRO C 111 -22.38 -26.97 5.12
C PRO C 111 -21.30 -26.65 6.08
N LEU C 112 -20.90 -25.37 6.14
CA LEU C 112 -19.84 -25.00 7.02
C LEU C 112 -20.29 -25.12 8.46
N ALA C 113 -21.51 -24.71 8.73
CA ALA C 113 -21.99 -24.77 10.09
C ALA C 113 -22.13 -26.24 10.52
N ASP C 114 -22.62 -27.09 9.60
CA ASP C 114 -22.75 -28.52 9.90
C ASP C 114 -21.38 -29.11 10.26
N TYR C 115 -20.36 -28.71 9.54
CA TYR C 115 -19.02 -29.21 9.81
C TYR C 115 -18.60 -28.83 11.20
N ILE C 116 -18.91 -27.59 11.56
CA ILE C 116 -18.47 -27.06 12.83
C ILE C 116 -19.23 -27.73 13.94
N HIS C 117 -20.52 -27.90 13.72
CA HIS C 117 -21.36 -28.59 14.71
C HIS C 117 -20.87 -30.04 14.94
N ASN C 118 -20.42 -30.68 13.88
CA ASN C 118 -19.94 -32.05 13.96
C ASN C 118 -18.65 -32.16 14.71
N LEU C 119 -17.94 -31.06 14.86
CA LEU C 119 -16.78 -31.03 15.75
C LEU C 119 -17.21 -30.77 17.18
N GLY C 120 -18.51 -30.63 17.47
CA GLY C 120 -18.96 -30.27 18.81
C GLY C 120 -18.82 -28.77 19.14
N LEU C 121 -18.75 -27.94 18.10
CA LEU C 121 -18.58 -26.52 18.25
C LEU C 121 -19.85 -25.75 17.85
N LYS C 122 -19.83 -24.43 18.00
CA LYS C 122 -20.91 -23.55 17.55
C LYS C 122 -20.44 -22.57 16.51
N PHE C 123 -21.38 -22.16 15.67
CA PHE C 123 -21.03 -21.33 14.51
C PHE C 123 -21.60 -19.89 14.69
N GLY C 124 -20.76 -18.91 14.44
CA GLY C 124 -21.18 -17.52 14.50
C GLY C 124 -20.86 -16.74 13.21
N ILE C 125 -21.69 -15.73 12.92
CA ILE C 125 -21.37 -14.80 11.85
C ILE C 125 -21.56 -13.34 12.29
N HIS C 126 -20.93 -12.48 11.57
CA HIS C 126 -21.03 -11.05 11.72
C HIS C 126 -22.05 -10.56 10.72
N ILE C 127 -22.90 -9.62 11.11
CA ILE C 127 -23.69 -8.85 10.19
C ILE C 127 -23.60 -7.36 10.43
N MET C 128 -23.77 -6.59 9.34
CA MET C 128 -23.92 -5.15 9.48
C MET C 128 -25.41 -4.83 9.66
N ARG C 129 -25.68 -3.89 10.52
CA ARG C 129 -27.02 -3.33 10.66
C ARG C 129 -27.55 -2.89 9.32
N GLY C 130 -28.83 -3.19 9.09
CA GLY C 130 -29.57 -2.63 7.98
C GLY C 130 -29.84 -3.56 6.82
N ILE C 131 -30.00 -2.95 5.65
CA ILE C 131 -30.31 -3.63 4.43
C ILE C 131 -29.32 -3.14 3.35
N PRO C 132 -28.92 -3.98 2.39
CA PRO C 132 -27.88 -3.56 1.52
C PRO C 132 -28.23 -2.43 0.62
N ARG C 133 -27.29 -1.47 0.48
CA ARG C 133 -27.59 -0.35 -0.40
C ARG C 133 -28.04 -0.86 -1.77
N GLN C 134 -27.42 -1.93 -2.25
CA GLN C 134 -27.75 -2.42 -3.59
C GLN C 134 -29.15 -2.95 -3.69
N ALA C 135 -29.68 -3.46 -2.59
CA ALA C 135 -31.04 -3.93 -2.58
C ALA C 135 -32.03 -2.76 -2.63
N VAL C 136 -31.66 -1.68 -1.97
CA VAL C 136 -32.50 -0.47 -1.96
C VAL C 136 -32.49 0.17 -3.37
N HIS C 137 -31.34 0.18 -4.04
CA HIS C 137 -31.25 0.79 -5.31
C HIS C 137 -31.90 0.00 -6.42
N GLN C 138 -31.83 -1.33 -6.34
CA GLN C 138 -32.49 -2.20 -7.25
C GLN C 138 -33.93 -2.46 -6.80
N ASN C 139 -34.24 -2.10 -5.58
CA ASN C 139 -35.59 -2.36 -5.03
C ASN C 139 -36.03 -3.84 -5.09
N THR C 140 -35.12 -4.70 -4.67
CA THR C 140 -35.35 -6.09 -4.57
C THR C 140 -36.41 -6.41 -3.47
N PRO C 141 -37.11 -7.51 -3.60
CA PRO C 141 -38.11 -7.88 -2.62
C PRO C 141 -37.62 -8.19 -1.21
N ILE C 142 -38.59 -8.06 -0.30
CA ILE C 142 -38.47 -8.59 1.01
C ILE C 142 -39.36 -9.85 1.16
N LEU C 143 -38.76 -10.94 1.59
CA LEU C 143 -39.46 -12.25 1.65
C LEU C 143 -40.71 -12.07 2.41
N GLY C 144 -41.76 -12.62 1.88
CA GLY C 144 -43.02 -12.75 2.60
C GLY C 144 -43.97 -11.61 2.53
N THR C 145 -43.67 -10.62 1.69
CA THR C 145 -44.41 -9.43 1.65
C THR C 145 -44.56 -9.01 0.20
N ASN C 146 -45.41 -8.03 -0.01
CA ASN C 146 -45.43 -7.34 -1.27
C ASN C 146 -44.64 -6.00 -1.20
N VAL C 147 -43.69 -5.80 -0.29
CA VAL C 147 -42.88 -4.58 -0.38
C VAL C 147 -41.51 -4.83 -0.80
N GLY C 148 -40.89 -3.73 -1.22
CA GLY C 148 -39.54 -3.78 -1.63
C GLY C 148 -38.57 -3.18 -0.66
N ALA C 149 -37.33 -3.47 -0.88
CA ALA C 149 -36.29 -3.00 -0.01
C ALA C 149 -36.28 -1.52 0.02
N ARG C 150 -36.58 -0.91 -1.10
CA ARG C 150 -36.51 0.50 -1.13
C ARG C 150 -37.55 1.10 -0.17
N ASP C 151 -38.67 0.43 0.04
CA ASP C 151 -39.78 0.98 0.83
C ASP C 151 -39.48 0.87 2.36
N ILE C 152 -38.46 0.11 2.79
CA ILE C 152 -38.17 -0.01 4.21
C ILE C 152 -36.90 0.73 4.65
N ALA C 153 -36.16 1.31 3.71
CA ALA C 153 -34.92 1.95 4.07
C ALA C 153 -35.11 3.29 4.66
N ASP C 154 -34.23 3.60 5.60
CA ASP C 154 -34.11 4.93 6.14
C ASP C 154 -33.36 5.75 5.08
N THR C 155 -33.80 6.95 4.80
CA THR C 155 -33.10 7.78 3.85
C THR C 155 -31.95 8.61 4.43
N ASN C 156 -31.75 8.54 5.75
CA ASN C 156 -30.63 9.22 6.40
C ASN C 156 -30.02 8.41 7.53
N SER C 157 -29.54 7.24 7.18
CA SER C 157 -28.91 6.36 8.11
C SER C 157 -27.95 5.48 7.37
N ILE C 158 -26.69 5.69 7.65
CA ILE C 158 -25.58 4.93 7.10
C ILE C 158 -24.58 4.65 8.23
N CYS C 159 -23.63 3.81 7.94
CA CYS C 159 -22.55 3.52 8.82
C CYS C 159 -21.42 4.43 8.31
N PRO C 160 -20.81 5.19 9.18
CA PRO C 160 -19.72 6.03 8.81
C PRO C 160 -18.40 5.35 8.41
N TRP C 161 -18.26 4.06 8.59
CA TRP C 161 -16.96 3.39 8.35
C TRP C 161 -17.15 2.16 7.52
N ASN C 162 -18.34 2.00 6.95
CA ASN C 162 -18.60 0.92 5.97
C ASN C 162 -19.77 1.27 5.12
N THR C 163 -19.64 1.02 3.83
CA THR C 163 -20.69 1.46 2.81
C THR C 163 -21.71 0.40 2.35
N ASP C 164 -21.74 -0.77 2.99
CA ASP C 164 -22.55 -1.87 2.48
C ASP C 164 -24.07 -1.71 2.63
N MET C 165 -24.53 -1.04 3.69
CA MET C 165 -25.94 -0.99 4.03
C MET C 165 -26.49 0.40 4.18
N TYR C 166 -27.83 0.49 4.16
CA TYR C 166 -28.60 1.56 4.71
C TYR C 166 -29.36 1.03 5.87
N GLY C 167 -29.65 1.92 6.81
CA GLY C 167 -30.44 1.56 7.92
C GLY C 167 -31.84 1.19 7.46
N VAL C 168 -32.51 0.37 8.28
CA VAL C 168 -33.89 0.04 8.10
C VAL C 168 -34.74 0.86 9.07
N ASP C 169 -35.85 1.38 8.56
CA ASP C 169 -36.81 2.19 9.31
C ASP C 169 -37.95 1.37 9.87
N HIS C 170 -37.92 1.16 11.19
CA HIS C 170 -38.86 0.34 11.88
C HIS C 170 -40.34 0.75 11.68
N ARG C 171 -40.57 1.99 11.30
CA ARG C 171 -41.93 2.45 11.17
C ARG C 171 -42.54 1.93 9.87
N LYS C 172 -41.74 1.39 8.96
CA LYS C 172 -42.23 1.03 7.64
C LYS C 172 -42.73 -0.40 7.63
N GLU C 173 -43.88 -0.61 6.95
CA GLU C 173 -44.36 -1.95 6.66
C GLU C 173 -43.25 -2.74 5.91
N GLY C 174 -42.96 -3.91 6.40
CA GLY C 174 -41.95 -4.79 5.88
C GLY C 174 -40.67 -4.82 6.67
N ALA C 175 -40.44 -3.80 7.49
CA ALA C 175 -39.11 -3.69 8.17
C ALA C 175 -38.86 -4.87 9.03
N GLN C 176 -39.81 -5.17 9.89
CA GLN C 176 -39.66 -6.35 10.74
C GLN C 176 -39.58 -7.65 9.93
N ALA C 177 -40.36 -7.73 8.87
CA ALA C 177 -40.37 -8.87 8.02
C ALA C 177 -38.99 -9.09 7.37
N TYR C 178 -38.26 -8.01 7.10
CA TYR C 178 -36.91 -8.18 6.58
C TYR C 178 -36.00 -8.77 7.62
N TYR C 179 -36.02 -8.19 8.81
CA TYR C 179 -35.12 -8.74 9.87
C TYR C 179 -35.54 -10.15 10.23
N ASP C 180 -36.83 -10.42 10.27
CA ASP C 180 -37.28 -11.83 10.53
C ASP C 180 -36.71 -12.79 9.48
N SER C 181 -36.71 -12.35 8.23
CA SER C 181 -36.21 -13.14 7.14
C SER C 181 -34.73 -13.40 7.27
N LEU C 182 -33.99 -12.45 7.77
CA LEU C 182 -32.54 -12.66 7.93
C LEU C 182 -32.33 -13.78 8.93
N PHE C 183 -33.03 -13.70 10.04
CA PHE C 183 -32.78 -14.70 11.11
C PHE C 183 -33.42 -16.07 10.79
N GLN C 184 -34.44 -16.08 9.91
CA GLN C 184 -34.87 -17.33 9.34
C GLN C 184 -33.72 -17.95 8.55
N LEU C 185 -33.06 -17.16 7.71
CA LEU C 185 -31.97 -17.65 6.93
C LEU C 185 -30.87 -18.17 7.82
N TYR C 186 -30.50 -17.36 8.78
CA TYR C 186 -29.42 -17.74 9.65
C TYR C 186 -29.73 -18.98 10.49
N ALA C 187 -30.95 -19.11 10.95
CA ALA C 187 -31.42 -20.33 11.63
C ALA C 187 -31.38 -21.55 10.70
N GLN C 188 -31.77 -21.39 9.42
CA GLN C 188 -31.68 -22.47 8.43
CA GLN C 188 -31.66 -22.50 8.46
C GLN C 188 -30.24 -22.94 8.32
N TRP C 189 -29.30 -21.99 8.28
CA TRP C 189 -27.92 -22.37 8.17
C TRP C 189 -27.42 -23.07 9.42
N GLY C 190 -28.07 -22.85 10.57
CA GLY C 190 -27.54 -23.30 11.82
C GLY C 190 -26.68 -22.36 12.62
N VAL C 191 -26.83 -21.07 12.38
CA VAL C 191 -26.06 -20.08 13.07
C VAL C 191 -26.47 -20.13 14.53
N ASP C 192 -25.49 -20.00 15.43
CA ASP C 192 -25.72 -20.02 16.87
C ASP C 192 -25.41 -18.71 17.56
N PHE C 193 -24.85 -17.76 16.80
CA PHE C 193 -24.26 -16.50 17.38
C PHE C 193 -24.18 -15.49 16.23
N VAL C 194 -24.64 -14.27 16.48
CA VAL C 194 -24.51 -13.18 15.55
C VAL C 194 -23.93 -11.98 16.22
N LYS C 195 -22.87 -11.48 15.62
CA LYS C 195 -22.25 -10.21 16.01
C LYS C 195 -22.79 -9.16 15.03
N VAL C 196 -23.55 -8.20 15.54
CA VAL C 196 -24.08 -7.14 14.75
C VAL C 196 -23.24 -5.92 14.92
N ALA C 197 -22.81 -5.32 13.80
CA ALA C 197 -21.99 -4.11 13.86
C ALA C 197 -22.78 -2.89 13.42
N ASP C 198 -22.25 -1.72 13.71
CA ASP C 198 -22.88 -0.42 13.43
C ASP C 198 -24.20 -0.27 14.12
N ILE C 199 -24.23 -0.68 15.35
CA ILE C 199 -25.48 -0.73 16.05
C ILE C 199 -25.45 -0.01 17.40
N VAL C 200 -24.30 0.21 17.95
CA VAL C 200 -24.21 0.69 19.32
C VAL C 200 -23.67 2.11 19.41
N ALA C 201 -22.51 2.32 18.80
CA ALA C 201 -21.92 3.63 18.83
C ALA C 201 -21.84 4.02 17.39
N SER C 202 -22.10 5.29 17.17
CA SER C 202 -21.93 5.86 15.83
C SER C 202 -21.60 7.33 16.03
N LYS C 203 -20.48 7.75 15.41
CA LYS C 203 -20.08 9.16 15.35
C LYS C 203 -21.30 10.01 14.92
N LEU C 204 -21.87 9.62 13.79
CA LEU C 204 -23.07 10.25 13.16
C LEU C 204 -24.44 10.17 13.89
N TYR C 205 -24.84 8.98 14.38
CA TYR C 205 -26.23 8.76 14.91
C TYR C 205 -26.37 8.27 16.33
N GLY C 206 -25.26 7.97 16.99
CA GLY C 206 -25.38 7.29 18.30
C GLY C 206 -26.07 5.92 18.17
N THR C 207 -26.87 5.54 19.18
CA THR C 207 -27.27 4.13 19.37
C THR C 207 -28.56 3.81 18.61
N HIS C 208 -28.48 2.74 17.82
CA HIS C 208 -29.60 2.34 17.00
C HIS C 208 -30.61 1.45 17.70
N THR C 209 -31.38 2.07 18.57
CA THR C 209 -32.13 1.35 19.55
C THR C 209 -33.28 0.58 18.87
N GLU C 210 -33.86 1.16 17.85
CA GLU C 210 -35.04 0.57 17.21
C GLU C 210 -34.64 -0.70 16.43
N GLU C 211 -33.48 -0.68 15.82
CA GLU C 211 -32.99 -1.87 15.15
C GLU C 211 -32.51 -2.94 16.12
N ILE C 212 -31.97 -2.55 17.26
CA ILE C 212 -31.68 -3.52 18.29
C ILE C 212 -32.97 -4.28 18.68
N LYS C 213 -34.07 -3.55 18.84
CA LYS C 213 -35.29 -4.21 19.21
C LYS C 213 -35.86 -5.05 18.10
N MET C 214 -35.70 -4.62 16.85
CA MET C 214 -36.18 -5.48 15.75
C MET C 214 -35.39 -6.74 15.64
N ILE C 215 -34.08 -6.63 15.88
CA ILE C 215 -33.24 -7.81 15.82
C ILE C 215 -33.59 -8.79 16.95
N ARG C 216 -33.83 -8.26 18.15
CA ARG C 216 -34.21 -9.09 19.31
C ARG C 216 -35.43 -9.92 18.91
N LYS C 217 -36.38 -9.22 18.30
CA LYS C 217 -37.63 -9.86 17.94
C LYS C 217 -37.46 -10.92 16.83
N ALA C 218 -36.63 -10.59 15.88
CA ALA C 218 -36.37 -11.50 14.81
C ALA C 218 -35.73 -12.77 15.31
N ILE C 219 -34.81 -12.63 16.24
CA ILE C 219 -34.15 -13.79 16.81
C ILE C 219 -35.18 -14.61 17.57
N ASP C 220 -35.96 -13.95 18.35
CA ASP C 220 -36.94 -14.66 19.17
C ASP C 220 -37.96 -15.38 18.27
N ARG C 221 -38.24 -14.86 17.09
CA ARG C 221 -39.17 -15.53 16.20
C ARG C 221 -38.58 -16.64 15.37
N CYS C 222 -37.28 -16.73 15.27
CA CYS C 222 -36.69 -17.67 14.33
C CYS C 222 -36.69 -19.08 14.81
N GLY C 223 -36.94 -19.29 16.08
CA GLY C 223 -37.02 -20.62 16.64
C GLY C 223 -35.70 -21.29 17.02
N ARG C 224 -34.56 -20.64 16.87
CA ARG C 224 -33.29 -21.25 17.23
C ARG C 224 -32.60 -20.34 18.20
N PRO C 225 -31.88 -20.88 19.22
CA PRO C 225 -31.02 -20.07 20.07
C PRO C 225 -29.91 -19.41 19.27
N ILE C 226 -29.92 -18.08 19.24
CA ILE C 226 -28.89 -17.32 18.60
C ILE C 226 -28.43 -16.26 19.55
N VAL C 227 -27.20 -16.40 20.02
CA VAL C 227 -26.61 -15.43 20.92
C VAL C 227 -26.31 -14.08 20.18
N LEU C 228 -26.64 -12.97 20.81
CA LEU C 228 -26.57 -11.64 20.17
C LEU C 228 -25.49 -10.81 20.79
N SER C 229 -24.55 -10.47 19.96
CA SER C 229 -23.41 -9.62 20.25
C SER C 229 -23.53 -8.33 19.50
N LEU C 230 -23.30 -7.23 20.19
CA LEU C 230 -23.36 -5.89 19.58
C LEU C 230 -21.99 -5.19 19.55
N SER C 231 -21.74 -4.48 18.45
CA SER C 231 -20.52 -3.81 18.20
C SER C 231 -20.71 -2.61 17.29
N PRO C 232 -19.74 -1.70 17.26
CA PRO C 232 -18.54 -1.54 18.06
C PRO C 232 -18.97 -0.75 19.23
N GLY C 233 -18.08 -0.58 20.20
CA GLY C 233 -18.34 0.36 21.26
C GLY C 233 -17.69 1.69 20.89
N PRO C 234 -17.64 2.64 21.82
CA PRO C 234 -18.08 2.52 23.21
C PRO C 234 -19.59 2.54 23.36
N ALA C 235 -20.10 1.57 24.09
CA ALA C 235 -21.47 1.50 24.45
C ALA C 235 -21.74 2.48 25.54
N PRO C 236 -22.74 3.31 25.34
CA PRO C 236 -23.11 4.28 26.37
C PRO C 236 -23.88 3.68 27.49
N LEU C 237 -23.50 4.04 28.71
CA LEU C 237 -24.18 3.59 29.89
C LEU C 237 -25.57 4.03 29.94
N ASP C 238 -25.85 5.12 29.27
CA ASP C 238 -27.19 5.62 29.21
C ASP C 238 -28.15 4.57 28.68
N HIS C 239 -27.65 3.61 27.90
CA HIS C 239 -28.52 2.57 27.30
C HIS C 239 -28.31 1.22 27.96
N ALA C 240 -27.82 1.24 29.21
CA ALA C 240 -27.59 0.01 29.95
C ALA C 240 -28.76 -0.91 30.04
N THR C 241 -29.92 -0.38 30.33
CA THR C 241 -31.04 -1.23 30.42
C THR C 241 -31.31 -1.95 29.09
N LEU C 242 -31.36 -1.15 28.02
CA LEU C 242 -31.65 -1.68 26.71
C LEU C 242 -30.67 -2.81 26.41
N PHE C 243 -29.39 -2.57 26.65
CA PHE C 243 -28.42 -3.61 26.30
C PHE C 243 -28.60 -4.83 27.18
N VAL C 244 -28.87 -4.59 28.46
CA VAL C 244 -28.95 -5.69 29.42
C VAL C 244 -30.13 -6.56 29.05
N GLU C 245 -31.23 -5.95 28.66
CA GLU C 245 -32.44 -6.72 28.37
C GLU C 245 -32.46 -7.30 26.96
N ASN C 246 -31.71 -6.74 26.03
CA ASN C 246 -31.81 -7.22 24.62
C ASN C 246 -30.64 -8.01 24.04
N ALA C 247 -29.47 -7.86 24.60
CA ALA C 247 -28.28 -8.43 24.03
C ALA C 247 -27.61 -9.32 25.03
N ASN C 248 -26.91 -10.33 24.53
CA ASN C 248 -26.08 -11.13 25.35
C ASN C 248 -24.71 -10.60 25.56
N MET C 249 -24.21 -9.83 24.62
CA MET C 249 -22.96 -9.10 24.80
C MET C 249 -22.94 -7.80 24.03
N TRP C 250 -22.21 -6.81 24.57
CA TRP C 250 -22.11 -5.52 23.90
C TRP C 250 -20.78 -4.89 24.16
N ARG C 251 -20.16 -4.41 23.10
CA ARG C 251 -18.80 -3.88 23.18
C ARG C 251 -18.72 -2.60 24.02
N MET C 252 -17.84 -2.62 25.00
CA MET C 252 -17.59 -1.45 25.86
C MET C 252 -16.73 -0.39 25.21
N THR C 253 -16.06 -0.77 24.15
CA THR C 253 -15.00 0.02 23.56
C THR C 253 -14.99 -0.07 22.03
N ASP C 254 -14.37 0.91 21.41
CA ASP C 254 -14.01 0.80 20.02
C ASP C 254 -12.97 -0.30 19.87
N ASP C 255 -12.62 -0.62 18.66
CA ASP C 255 -11.93 -1.86 18.38
C ASP C 255 -10.62 -2.02 19.17
N PHE C 256 -10.48 -3.13 19.87
CA PHE C 256 -9.33 -3.37 20.74
C PHE C 256 -8.20 -3.99 19.97
N TRP C 257 -6.98 -3.55 20.26
CA TRP C 257 -5.80 -4.07 19.59
C TRP C 257 -4.64 -4.21 20.55
N ASP C 258 -3.56 -4.84 20.04
CA ASP C 258 -2.36 -5.11 20.85
C ASP C 258 -1.50 -3.85 21.06
N ARG C 259 -2.05 -2.89 21.80
CA ARG C 259 -1.40 -1.64 22.13
C ARG C 259 -1.68 -1.38 23.60
N TRP C 260 -0.61 -1.21 24.39
CA TRP C 260 -0.77 -1.00 25.84
C TRP C 260 -1.82 0.07 26.21
N GLU C 261 -1.80 1.14 25.49
CA GLU C 261 -2.69 2.25 25.76
C GLU C 261 -4.15 1.80 25.82
N LEU C 262 -4.52 0.90 24.93
CA LEU C 262 -5.90 0.41 24.89
C LEU C 262 -6.17 -0.56 26.00
N LEU C 263 -5.16 -1.32 26.38
CA LEU C 263 -5.29 -2.25 27.53
C LEU C 263 -5.41 -1.44 28.83
N TYR C 264 -4.52 -0.46 28.99
CA TYR C 264 -4.63 0.46 30.11
C TYR C 264 -6.07 1.01 30.19
N ASP C 265 -6.57 1.49 29.07
CA ASP C 265 -7.93 2.14 29.04
C ASP C 265 -9.06 1.20 29.43
N MET C 266 -8.87 -0.10 29.21
CA MET C 266 -9.96 -1.00 29.49
C MET C 266 -10.30 -1.04 30.97
N PHE C 267 -9.31 -0.74 31.84
CA PHE C 267 -9.53 -0.85 33.31
C PHE C 267 -10.66 0.04 33.75
N GLU C 268 -10.69 1.22 33.18
CA GLU C 268 -11.78 2.15 33.50
C GLU C 268 -13.13 1.66 32.94
N GLN C 269 -13.11 1.08 31.77
CA GLN C 269 -14.41 0.65 31.15
C GLN C 269 -15.01 -0.49 31.95
N CYS C 270 -14.15 -1.41 32.39
CA CYS C 270 -14.62 -2.48 33.28
C CYS C 270 -15.23 -1.93 34.55
N TYR C 271 -14.56 -0.93 35.14
CA TYR C 271 -15.08 -0.27 36.36
C TYR C 271 -16.48 0.29 36.09
N LYS C 272 -16.62 0.95 34.96
CA LYS C 272 -17.89 1.62 34.62
C LYS C 272 -19.04 0.65 34.38
N TRP C 273 -18.71 -0.55 33.87
CA TRP C 273 -19.70 -1.54 33.45
C TRP C 273 -19.91 -2.67 34.43
N CYS C 274 -19.13 -2.68 35.51
CA CYS C 274 -19.11 -3.89 36.37
C CYS C 274 -20.46 -4.26 37.00
N LYS C 275 -21.33 -3.29 37.23
CA LYS C 275 -22.59 -3.64 37.86
C LYS C 275 -23.66 -4.20 36.91
N LEU C 276 -23.38 -4.19 35.61
CA LEU C 276 -24.35 -4.67 34.61
C LEU C 276 -23.95 -6.06 34.12
N VAL C 277 -22.86 -6.59 34.64
CA VAL C 277 -22.44 -7.90 34.30
C VAL C 277 -23.30 -8.93 35.01
N GLY C 278 -23.80 -9.90 34.30
CA GLY C 278 -24.61 -10.93 34.90
C GLY C 278 -25.00 -12.02 33.90
N LEU C 279 -25.50 -13.13 34.41
CA LEU C 279 -25.86 -14.24 33.61
C LEU C 279 -26.67 -13.83 32.41
N GLY C 280 -26.18 -14.14 31.25
CA GLY C 280 -26.92 -13.86 29.99
C GLY C 280 -26.62 -12.51 29.36
N HIS C 281 -25.92 -11.62 30.06
CA HIS C 281 -25.73 -10.28 29.59
C HIS C 281 -24.37 -9.76 29.99
N TRP C 282 -23.47 -9.81 29.04
CA TRP C 282 -22.03 -9.62 29.26
C TRP C 282 -21.41 -8.39 28.53
N PRO C 283 -21.13 -7.31 29.26
CA PRO C 283 -20.32 -6.29 28.68
C PRO C 283 -19.04 -6.85 28.15
N ASP C 284 -18.62 -6.36 26.99
CA ASP C 284 -17.62 -7.06 26.16
C ASP C 284 -16.39 -6.21 25.95
N ALA C 285 -15.27 -6.75 26.39
CA ALA C 285 -14.01 -6.06 26.32
C ALA C 285 -13.32 -6.33 25.01
N ASP C 286 -13.99 -7.03 24.12
CA ASP C 286 -13.54 -7.25 22.76
C ASP C 286 -12.49 -8.40 22.66
N MET C 287 -12.23 -8.75 21.43
CA MET C 287 -11.47 -9.92 21.08
C MET C 287 -10.02 -9.81 21.56
N LEU C 288 -9.40 -10.97 21.71
CA LEU C 288 -8.06 -11.08 22.30
C LEU C 288 -7.03 -11.10 21.21
N PRO C 289 -6.26 -10.00 21.07
CA PRO C 289 -5.26 -9.93 20.08
C PRO C 289 -4.02 -10.64 20.59
N LEU C 290 -4.06 -11.96 20.47
CA LEU C 290 -3.00 -12.83 20.89
C LEU C 290 -2.51 -13.61 19.71
N GLY C 291 -1.29 -14.13 19.84
CA GLY C 291 -0.76 -15.03 18.81
C GLY C 291 -0.52 -14.29 17.50
N HIS C 292 -0.76 -14.98 16.41
CA HIS C 292 -0.48 -14.51 15.10
C HIS C 292 -1.69 -13.73 14.50
N ILE C 293 -1.49 -12.43 14.35
CA ILE C 293 -2.52 -11.52 13.94
C ILE C 293 -1.99 -10.67 12.80
N GLY C 294 -2.90 -9.92 12.21
CA GLY C 294 -2.53 -9.01 11.14
C GLY C 294 -2.10 -9.68 9.85
N ILE C 295 -2.56 -10.87 9.62
CA ILE C 295 -2.13 -11.60 8.43
C ILE C 295 -2.73 -10.96 7.17
N ARG C 296 -4.04 -10.71 7.20
CA ARG C 296 -4.65 -9.85 6.19
C ARG C 296 -5.48 -8.79 6.91
N SER C 297 -4.84 -8.18 7.90
CA SER C 297 -5.40 -7.01 8.59
C SER C 297 -4.26 -6.04 8.72
N VAL C 298 -4.62 -4.78 8.74
CA VAL C 298 -3.69 -3.68 8.75
C VAL C 298 -4.06 -2.73 9.85
N ASP C 299 -5.03 -3.13 10.67
CA ASP C 299 -5.57 -2.25 11.75
C ASP C 299 -4.71 -2.36 13.00
N GLY C 300 -4.95 -1.43 13.91
CA GLY C 300 -4.18 -1.39 15.14
C GLY C 300 -2.76 -0.84 14.98
N GLY C 301 -2.49 -0.31 13.81
CA GLY C 301 -1.18 0.23 13.52
C GLY C 301 -0.14 -0.87 13.30
N GLY C 302 -0.55 -2.09 12.97
CA GLY C 302 0.41 -3.17 12.66
C GLY C 302 0.14 -3.94 11.42
N THR C 303 1.08 -4.82 11.09
CA THR C 303 0.95 -5.75 9.98
C THR C 303 1.26 -7.16 10.48
N ASP C 304 1.57 -8.07 9.58
CA ASP C 304 1.67 -9.47 9.90
C ASP C 304 2.66 -9.65 11.05
N ARG C 305 2.21 -10.24 12.14
CA ARG C 305 2.93 -10.18 13.39
C ARG C 305 2.42 -11.13 14.44
N MET C 306 3.26 -11.42 15.40
CA MET C 306 2.84 -11.97 16.66
C MET C 306 2.51 -10.78 17.55
N THR C 307 1.58 -10.97 18.48
CA THR C 307 1.05 -9.85 19.21
C THR C 307 2.18 -9.05 19.82
N ARG C 308 2.01 -7.73 19.85
CA ARG C 308 3.02 -6.83 20.42
C ARG C 308 2.90 -6.70 21.92
N PHE C 309 1.86 -7.28 22.48
CA PHE C 309 1.75 -7.34 23.92
C PHE C 309 2.87 -8.22 24.48
N THR C 310 3.54 -7.74 25.51
CA THR C 310 4.52 -8.60 26.22
C THR C 310 3.78 -9.65 26.95
N LYS C 311 4.48 -10.69 27.34
CA LYS C 311 3.88 -11.73 28.14
C LYS C 311 3.16 -11.17 29.33
N ASP C 312 3.75 -10.20 29.98
CA ASP C 312 3.11 -9.64 31.16
C ASP C 312 1.78 -9.02 30.77
N GLU C 313 1.80 -8.32 29.66
CA GLU C 313 0.65 -7.61 29.16
C GLU C 313 -0.41 -8.60 28.74
N GLN C 314 0.01 -9.68 28.14
CA GLN C 314 -0.92 -10.72 27.72
C GLN C 314 -1.62 -11.31 28.93
N ARG C 315 -0.87 -11.57 29.97
CA ARG C 315 -1.42 -12.05 31.21
C ARG C 315 -2.27 -11.03 31.88
N THR C 316 -1.87 -9.79 31.85
CA THR C 316 -2.65 -8.74 32.41
C THR C 316 -3.99 -8.65 31.71
N MET C 317 -3.98 -8.71 30.40
CA MET C 317 -5.21 -8.71 29.62
C MET C 317 -6.11 -9.90 29.96
N MET C 318 -5.57 -11.08 29.89
CA MET C 318 -6.34 -12.26 30.23
C MET C 318 -6.91 -12.15 31.62
N THR C 319 -6.10 -11.64 32.54
CA THR C 319 -6.53 -11.63 33.94
C THR C 319 -7.73 -10.68 34.12
N LEU C 320 -7.66 -9.50 33.54
CA LEU C 320 -8.78 -8.58 33.69
C LEU C 320 -10.05 -9.10 32.98
N TRP C 321 -9.89 -9.61 31.77
CA TRP C 321 -11.06 -10.17 31.06
C TRP C 321 -11.69 -11.35 31.81
N ILE C 322 -10.82 -12.17 32.39
CA ILE C 322 -11.28 -13.32 33.16
C ILE C 322 -12.08 -12.87 34.37
N ILE C 323 -11.51 -12.01 35.21
CA ILE C 323 -12.17 -11.76 36.46
C ILE C 323 -13.42 -10.97 36.26
N PHE C 324 -13.36 -10.03 35.32
CA PHE C 324 -14.50 -9.18 34.97
C PHE C 324 -15.60 -10.01 34.35
N ARG C 325 -15.20 -11.11 33.70
CA ARG C 325 -16.11 -11.98 32.96
C ARG C 325 -16.54 -11.40 31.59
N SER C 326 -15.59 -10.83 30.88
CA SER C 326 -15.82 -10.51 29.51
C SER C 326 -15.93 -11.81 28.70
N PRO C 327 -16.61 -11.75 27.56
CA PRO C 327 -16.56 -12.86 26.67
C PRO C 327 -15.12 -12.96 26.21
N LEU C 328 -14.72 -14.16 25.78
CA LEU C 328 -13.35 -14.44 25.38
C LEU C 328 -13.36 -14.96 23.95
N MET C 329 -12.91 -14.10 23.03
CA MET C 329 -12.91 -14.42 21.65
C MET C 329 -11.49 -14.26 21.19
N PHE C 330 -10.84 -15.37 20.91
CA PHE C 330 -9.49 -15.35 20.49
C PHE C 330 -9.39 -14.83 19.06
N GLY C 331 -8.46 -13.92 18.80
CA GLY C 331 -8.39 -13.23 17.52
C GLY C 331 -7.25 -13.58 16.62
N GLY C 332 -6.32 -14.37 17.14
CA GLY C 332 -5.23 -14.89 16.30
C GLY C 332 -5.59 -16.11 15.47
N GLU C 333 -4.70 -16.41 14.52
CA GLU C 333 -4.68 -17.66 13.80
C GLU C 333 -4.21 -18.75 14.76
N LEU C 334 -5.16 -19.57 15.24
CA LEU C 334 -4.89 -20.55 16.28
C LEU C 334 -3.78 -21.57 15.92
N ARG C 335 -3.70 -21.95 14.67
CA ARG C 335 -2.77 -22.98 14.25
C ARG C 335 -1.32 -22.55 14.37
N ASP C 336 -1.08 -21.26 14.58
CA ASP C 336 0.29 -20.79 14.70
C ASP C 336 0.59 -20.52 16.13
N ASN C 337 -0.26 -20.97 17.04
CA ASN C 337 0.05 -20.75 18.44
C ASN C 337 1.34 -21.44 18.84
N ASP C 338 2.12 -20.79 19.67
CA ASP C 338 3.16 -21.47 20.43
C ASP C 338 2.63 -21.96 21.78
N GLU C 339 3.49 -22.57 22.59
CA GLU C 339 3.06 -23.27 23.78
CA GLU C 339 3.09 -23.23 23.84
C GLU C 339 2.61 -22.21 24.82
N TRP C 340 3.34 -21.11 24.85
CA TRP C 340 2.98 -20.01 25.71
C TRP C 340 1.51 -19.57 25.45
N THR C 341 1.19 -19.32 24.19
CA THR C 341 -0.09 -18.72 23.83
C THR C 341 -1.17 -19.69 24.16
N LEU C 342 -0.94 -20.95 23.89
CA LEU C 342 -1.91 -21.93 24.21
C LEU C 342 -2.11 -22.00 25.70
N SER C 343 -1.03 -21.79 26.46
CA SER C 343 -1.16 -21.97 27.91
C SER C 343 -2.12 -20.94 28.46
N LEU C 344 -2.24 -19.80 27.80
CA LEU C 344 -3.14 -18.73 28.30
C LEU C 344 -4.60 -19.12 28.21
N LEU C 345 -4.87 -20.15 27.43
CA LEU C 345 -6.23 -20.56 27.12
C LEU C 345 -6.73 -21.83 27.81
N THR C 346 -5.80 -22.55 28.44
CA THR C 346 -6.04 -23.90 28.91
C THR C 346 -5.77 -24.06 30.40
N ASN C 347 -5.76 -22.97 31.14
CA ASN C 347 -5.60 -23.03 32.57
C ASN C 347 -6.96 -23.07 33.24
N GLU C 348 -7.33 -24.25 33.69
CA GLU C 348 -8.66 -24.47 34.30
C GLU C 348 -8.88 -23.70 35.54
N GLU C 349 -7.81 -23.43 36.26
CA GLU C 349 -7.97 -22.78 37.57
C GLU C 349 -8.32 -21.32 37.38
N VAL C 350 -7.67 -20.72 36.40
CA VAL C 350 -7.99 -19.38 35.99
C VAL C 350 -9.42 -19.31 35.40
N LEU C 351 -9.75 -20.26 34.56
CA LEU C 351 -11.06 -20.21 33.90
C LEU C 351 -12.21 -20.31 34.88
N HIS C 352 -11.97 -21.00 35.98
CA HIS C 352 -13.03 -21.16 36.99
C HIS C 352 -13.51 -19.80 37.47
N VAL C 353 -12.60 -18.85 37.51
CA VAL C 353 -12.92 -17.49 37.93
C VAL C 353 -13.90 -16.81 36.96
N HIS C 354 -13.73 -17.09 35.68
CA HIS C 354 -14.56 -16.57 34.57
C HIS C 354 -15.88 -17.27 34.53
N GLN C 355 -15.88 -18.57 34.73
CA GLN C 355 -17.10 -19.39 34.65
C GLN C 355 -17.96 -19.34 35.87
N ASN C 356 -17.34 -19.33 37.04
CA ASN C 356 -18.04 -19.51 38.28
C ASN C 356 -17.91 -18.36 39.26
N GLY C 357 -17.05 -17.39 38.97
CA GLY C 357 -16.98 -16.21 39.75
C GLY C 357 -18.20 -15.32 39.55
N TYR C 358 -18.40 -14.42 40.50
CA TYR C 358 -19.40 -13.40 40.38
C TYR C 358 -19.09 -12.30 41.32
N GLY C 359 -19.76 -11.17 41.13
CA GLY C 359 -19.57 -10.00 41.98
C GLY C 359 -18.30 -9.20 41.74
N ALA C 360 -17.65 -9.39 40.61
CA ALA C 360 -16.40 -8.66 40.38
C ALA C 360 -16.56 -7.20 40.58
N ARG C 361 -15.59 -6.62 41.28
CA ARG C 361 -15.58 -5.19 41.57
C ARG C 361 -14.14 -4.71 41.69
N GLN C 362 -13.95 -3.42 41.42
CA GLN C 362 -12.67 -2.77 41.62
C GLN C 362 -12.60 -2.47 43.11
N VAL C 363 -11.61 -3.03 43.77
CA VAL C 363 -11.44 -2.75 45.25
C VAL C 363 -10.87 -1.34 45.37
N TYR C 364 -9.85 -1.04 44.59
CA TYR C 364 -9.41 0.32 44.50
C TYR C 364 -8.58 0.49 43.28
N ARG C 365 -8.36 1.76 42.98
CA ARG C 365 -7.40 2.15 41.97
C ARG C 365 -6.70 3.41 42.46
N GLU C 366 -5.39 3.35 42.59
CA GLU C 366 -4.59 4.43 43.14
C GLU C 366 -3.18 4.34 42.64
N ASN C 367 -2.65 5.47 42.16
CA ASN C 367 -1.31 5.52 41.60
C ASN C 367 -1.06 4.43 40.58
N ASP C 368 -2.04 4.21 39.73
CA ASP C 368 -1.87 3.23 38.67
C ASP C 368 -1.60 1.83 39.23
N HIS C 369 -2.11 1.58 40.43
CA HIS C 369 -2.23 0.21 40.95
C HIS C 369 -3.71 -0.07 41.05
N VAL C 370 -4.11 -1.29 40.67
CA VAL C 370 -5.54 -1.63 40.71
C VAL C 370 -5.72 -3.01 41.21
N VAL C 371 -6.78 -3.17 41.95
CA VAL C 371 -7.12 -4.45 42.46
C VAL C 371 -8.59 -4.70 42.24
N TRP C 372 -8.86 -5.89 41.76
CA TRP C 372 -10.20 -6.35 41.55
C TRP C 372 -10.40 -7.58 42.45
N THR C 373 -11.64 -7.85 42.81
CA THR C 373 -11.93 -9.13 43.40
C THR C 373 -13.29 -9.63 43.03
N SER C 374 -13.45 -10.94 43.07
CA SER C 374 -14.73 -11.58 42.92
C SER C 374 -14.74 -12.82 43.79
N GLN C 375 -15.81 -13.58 43.72
CA GLN C 375 -15.85 -14.81 44.47
C GLN C 375 -16.67 -15.85 43.84
N ASP C 376 -16.59 -17.07 44.36
CA ASP C 376 -17.51 -18.16 43.90
C ASP C 376 -18.45 -18.54 45.00
N ALA C 377 -19.31 -19.50 44.71
CA ALA C 377 -20.32 -19.93 45.67
C ALA C 377 -19.77 -20.84 46.75
N GLU C 378 -18.55 -21.33 46.59
CA GLU C 378 -17.91 -22.19 47.60
C GLU C 378 -17.14 -21.33 48.59
N GLY C 379 -17.32 -20.01 48.54
CA GLY C 379 -16.54 -19.13 49.38
C GLY C 379 -15.09 -18.86 49.01
N ASN C 380 -14.64 -19.32 47.86
CA ASN C 380 -13.32 -18.88 47.41
C ASN C 380 -13.39 -17.42 46.97
N GLN C 381 -12.30 -16.70 47.16
CA GLN C 381 -12.25 -15.32 46.78
C GLN C 381 -11.12 -15.12 45.85
N PHE C 382 -11.37 -14.45 44.74
CA PHE C 382 -10.32 -14.26 43.73
C PHE C 382 -9.89 -12.85 43.71
N VAL C 383 -8.59 -12.66 43.65
CA VAL C 383 -8.08 -11.32 43.62
C VAL C 383 -7.04 -11.10 42.57
N ALA C 384 -7.32 -10.08 41.77
CA ALA C 384 -6.47 -9.73 40.64
C ALA C 384 -5.83 -8.42 40.93
N MET C 385 -4.52 -8.40 40.85
CA MET C 385 -3.79 -7.27 41.30
C MET C 385 -2.93 -6.85 40.16
N PHE C 386 -3.00 -5.57 39.84
CA PHE C 386 -2.37 -5.08 38.64
C PHE C 386 -1.50 -3.89 38.90
N ASN C 387 -0.34 -3.88 38.32
CA ASN C 387 0.46 -2.68 38.26
C ASN C 387 0.36 -2.15 36.83
N ILE C 388 -0.40 -1.06 36.64
CA ILE C 388 -0.58 -0.52 35.30
C ILE C 388 0.21 0.74 35.08
N SER C 389 1.18 0.96 35.97
CA SER C 389 2.07 2.12 35.90
C SER C 389 3.27 1.74 35.07
N GLU C 390 4.17 2.71 34.91
CA GLU C 390 5.45 2.52 34.20
C GLU C 390 6.65 2.11 35.09
N LYS C 391 6.40 1.92 36.38
CA LYS C 391 7.43 1.62 37.34
C LYS C 391 7.13 0.32 38.16
N ARG C 392 8.13 -0.54 38.30
CA ARG C 392 8.07 -1.67 39.22
C ARG C 392 7.70 -1.22 40.61
N SER C 393 6.83 -1.96 41.27
CA SER C 393 6.34 -1.55 42.58
C SER C 393 5.61 -2.67 43.26
N VAL C 394 5.47 -2.54 44.56
CA VAL C 394 4.73 -3.49 45.33
C VAL C 394 3.28 -3.05 45.28
N VAL C 395 2.41 -4.00 45.00
CA VAL C 395 0.98 -3.74 45.02
C VAL C 395 0.39 -4.58 46.09
N SER C 396 -0.43 -3.96 46.91
CA SER C 396 -0.98 -4.67 48.05
C SER C 396 -2.42 -4.36 48.32
N VAL C 397 -3.04 -5.25 49.05
CA VAL C 397 -4.39 -5.02 49.48
C VAL C 397 -4.60 -5.79 50.81
N SER C 398 -5.31 -5.17 51.73
CA SER C 398 -5.56 -5.78 53.00
C SER C 398 -6.69 -6.76 52.87
N LEU C 399 -6.61 -7.84 53.64
CA LEU C 399 -7.75 -8.77 53.75
C LEU C 399 -9.02 -8.07 54.19
N LYS C 400 -8.91 -7.11 55.07
CA LYS C 400 -10.08 -6.38 55.52
C LYS C 400 -10.76 -5.69 54.35
N ASP C 401 -9.99 -5.02 53.46
CA ASP C 401 -10.60 -4.40 52.28
C ASP C 401 -11.26 -5.40 51.32
N LEU C 402 -10.81 -6.65 51.36
CA LEU C 402 -11.44 -7.73 50.61
C LEU C 402 -12.67 -8.30 51.27
N GLY C 403 -12.98 -7.88 52.49
CA GLY C 403 -14.08 -8.50 53.23
C GLY C 403 -13.74 -9.86 53.84
N CYS C 404 -12.46 -10.20 53.90
CA CYS C 404 -12.03 -11.43 54.52
C CYS C 404 -11.73 -11.20 55.96
N MET C 405 -12.43 -11.89 56.84
CA MET C 405 -12.33 -11.62 58.26
C MET C 405 -11.25 -12.40 59.02
N GLU C 406 -10.87 -13.56 58.52
CA GLU C 406 -9.79 -14.33 59.16
C GLU C 406 -8.69 -14.58 58.15
N PRO C 407 -7.57 -15.16 58.63
CA PRO C 407 -6.50 -15.58 57.73
C PRO C 407 -6.95 -16.59 56.67
N MET C 408 -6.27 -16.53 55.53
CA MET C 408 -6.67 -17.31 54.38
C MET C 408 -5.46 -17.95 53.75
N LYS C 409 -5.70 -19.05 53.05
CA LYS C 409 -4.67 -19.70 52.22
C LYS C 409 -4.73 -18.98 50.82
N ALA C 410 -3.56 -18.78 50.20
CA ALA C 410 -3.45 -18.11 48.95
C ALA C 410 -2.81 -19.01 47.94
N ARG C 411 -3.29 -18.91 46.69
CA ARG C 411 -2.73 -19.67 45.57
C ARG C 411 -2.64 -18.84 44.31
N ASP C 412 -1.49 -18.85 43.67
CA ASP C 412 -1.26 -18.19 42.41
C ASP C 412 -1.85 -19.07 41.32
N LEU C 413 -2.93 -18.61 40.72
CA LEU C 413 -3.70 -19.41 39.78
C LEU C 413 -3.00 -19.62 38.44
N TRP C 414 -2.36 -18.59 37.91
CA TRP C 414 -1.63 -18.80 36.67
C TRP C 414 -0.46 -19.75 36.85
N ALA C 415 0.29 -19.59 37.93
CA ALA C 415 1.48 -20.45 38.20
C ALA C 415 1.12 -21.78 38.83
N LYS C 416 -0.11 -21.92 39.29
CA LYS C 416 -0.57 -23.14 39.93
C LYS C 416 0.34 -23.50 41.12
N GLU C 417 0.49 -22.56 42.03
CA GLU C 417 1.48 -22.62 43.08
C GLU C 417 0.84 -22.09 44.36
N ASP C 418 0.87 -22.91 45.39
CA ASP C 418 0.39 -22.50 46.70
C ASP C 418 1.35 -21.51 47.27
N LEU C 419 0.82 -20.49 47.91
CA LEU C 419 1.63 -19.38 48.38
C LEU C 419 1.66 -19.35 49.89
N GLY C 420 0.84 -20.17 50.52
CA GLY C 420 0.79 -20.24 51.95
C GLY C 420 -0.28 -19.37 52.59
N LEU C 421 -0.14 -19.21 53.90
CA LEU C 421 -1.13 -18.56 54.70
C LEU C 421 -0.91 -17.07 54.59
N VAL C 422 -2.00 -16.31 54.59
CA VAL C 422 -1.92 -14.86 54.58
C VAL C 422 -2.72 -14.32 55.75
N LYS C 423 -2.10 -13.51 56.59
CA LYS C 423 -2.71 -13.10 57.88
C LYS C 423 -3.40 -11.76 57.76
N HIS C 424 -2.73 -10.82 57.08
CA HIS C 424 -3.17 -9.41 57.09
C HIS C 424 -3.36 -8.85 55.68
N GLN C 425 -2.45 -9.14 54.77
CA GLN C 425 -2.55 -8.57 53.46
C GLN C 425 -1.90 -9.40 52.37
N LEU C 426 -2.36 -9.18 51.13
CA LEU C 426 -1.67 -9.69 49.97
C LEU C 426 -0.79 -8.61 49.46
N ALA C 427 0.44 -8.97 49.13
CA ALA C 427 1.35 -7.97 48.57
C ALA C 427 2.37 -8.64 47.68
N PHE C 428 2.59 -8.05 46.49
CA PHE C 428 3.52 -8.61 45.52
C PHE C 428 4.26 -7.53 44.80
N GLU C 429 5.54 -7.78 44.53
CA GLU C 429 6.31 -6.92 43.69
C GLU C 429 5.95 -7.22 42.25
N LEU C 430 5.52 -6.20 41.53
CA LEU C 430 5.02 -6.39 40.13
C LEU C 430 5.69 -5.39 39.22
N GLY C 431 6.22 -5.88 38.12
CA GLY C 431 6.80 -5.01 37.10
C GLY C 431 5.74 -4.12 36.46
N PRO C 432 6.18 -3.12 35.71
CA PRO C 432 5.17 -2.30 35.05
C PRO C 432 4.33 -3.17 34.12
N HIS C 433 3.02 -3.00 34.15
CA HIS C 433 2.08 -3.69 33.25
C HIS C 433 1.90 -5.12 33.68
N GLN C 434 2.37 -5.47 34.86
CA GLN C 434 2.33 -6.87 35.30
C GLN C 434 1.27 -7.04 36.33
N SER C 435 0.74 -8.25 36.40
CA SER C 435 -0.33 -8.52 37.30
C SER C 435 -0.15 -9.89 37.94
N ILE C 436 -1.07 -10.21 38.85
CA ILE C 436 -1.14 -11.57 39.38
C ILE C 436 -2.57 -11.87 39.76
N LEU C 437 -2.91 -13.14 39.72
CA LEU C 437 -4.27 -13.57 40.02
C LEU C 437 -4.18 -14.63 41.12
N VAL C 438 -4.85 -14.35 42.23
CA VAL C 438 -4.76 -15.17 43.42
C VAL C 438 -6.11 -15.66 43.89
N LYS C 439 -6.14 -16.91 44.32
CA LYS C 439 -7.29 -17.45 45.00
C LYS C 439 -7.00 -17.51 46.50
N LEU C 440 -7.93 -16.95 47.27
CA LEU C 440 -7.93 -17.04 48.70
C LEU C 440 -9.02 -18.03 49.10
N SER C 441 -8.66 -18.98 49.96
CA SER C 441 -9.63 -19.93 50.53
C SER C 441 -9.41 -20.06 52.04
N PRO C 442 -10.44 -20.52 52.77
CA PRO C 442 -10.28 -20.65 54.22
C PRO C 442 -9.07 -21.50 54.62
N ALA C 443 -8.38 -21.06 55.67
CA ALA C 443 -7.28 -21.83 56.25
C ALA C 443 -7.76 -23.03 57.11
N VAL C 444 -6.99 -24.12 57.14
CA VAL C 444 -7.31 -25.34 58.00
C VAL C 444 -8.80 -25.78 58.07
N ALA D 14 -23.49 -6.66 47.83
CA ALA D 14 -23.29 -6.07 49.15
C ALA D 14 -21.87 -6.25 49.65
N SER D 15 -21.01 -5.36 49.20
CA SER D 15 -19.59 -5.39 49.47
C SER D 15 -19.14 -4.17 50.26
N MET D 16 -20.01 -3.18 50.31
CA MET D 16 -19.81 -1.93 51.08
C MET D 16 -20.61 -1.92 52.37
N HIS D 17 -19.94 -1.69 53.49
CA HIS D 17 -20.60 -1.76 54.77
C HIS D 17 -21.78 -0.83 54.89
N HIS D 18 -21.69 0.35 54.30
CA HIS D 18 -22.77 1.30 54.42
C HIS D 18 -24.06 0.87 53.74
N TYR D 19 -24.03 -0.17 52.91
CA TYR D 19 -25.28 -0.68 52.35
C TYR D 19 -26.21 -1.12 53.46
N GLN D 20 -25.62 -1.68 54.52
CA GLN D 20 -26.44 -2.16 55.64
C GLN D 20 -27.24 -1.09 56.32
N TRP D 21 -26.93 0.19 56.05
CA TRP D 21 -27.67 1.29 56.70
C TRP D 21 -28.92 1.64 56.00
N ALA D 22 -29.11 1.11 54.79
CA ALA D 22 -30.34 1.32 54.04
C ALA D 22 -30.75 0.04 53.27
N LYS D 23 -31.15 -0.95 54.05
CA LYS D 23 -31.47 -2.25 53.49
C LYS D 23 -32.74 -2.19 52.69
N THR D 24 -33.62 -1.26 53.07
CA THR D 24 -34.73 -0.92 52.29
C THR D 24 -34.66 0.57 51.97
N PRO D 25 -35.43 1.01 50.99
CA PRO D 25 -35.25 2.40 50.56
C PRO D 25 -35.74 3.35 51.67
N PRO D 26 -34.95 4.40 51.98
CA PRO D 26 -35.31 5.29 53.06
C PRO D 26 -36.66 5.87 52.90
N MET D 27 -37.39 5.93 54.00
CA MET D 27 -38.71 6.54 54.02
C MET D 27 -38.75 7.63 55.07
N GLY D 28 -39.43 8.73 54.75
CA GLY D 28 -39.43 9.83 55.63
C GLY D 28 -40.15 11.04 55.13
N TRP D 29 -39.79 12.20 55.70
CA TRP D 29 -40.39 13.54 55.37
C TRP D 29 -39.24 14.52 55.19
N ASN D 30 -39.44 15.48 54.28
CA ASN D 30 -38.41 16.46 53.95
C ASN D 30 -39.11 17.82 53.80
N SER D 31 -38.51 18.85 54.45
CA SER D 31 -39.10 20.18 54.54
C SER D 31 -39.10 21.01 53.27
N TRP D 32 -38.45 20.56 52.23
CA TRP D 32 -38.34 21.41 50.98
C TRP D 32 -39.61 21.81 50.30
N ASP D 33 -40.44 20.83 49.97
CA ASP D 33 -41.58 21.15 49.11
C ASP D 33 -42.57 22.03 49.81
N CYS D 34 -42.64 21.92 51.15
CA CYS D 34 -43.61 22.72 51.93
C CYS D 34 -43.03 24.05 52.40
N TYR D 35 -41.78 24.06 52.85
CA TYR D 35 -41.20 25.26 53.47
C TYR D 35 -39.96 25.86 52.80
N GLY D 36 -39.55 25.27 51.69
CA GLY D 36 -38.42 25.79 50.99
C GLY D 36 -37.23 25.69 51.87
N ALA D 37 -36.44 26.77 51.88
CA ALA D 37 -35.22 26.83 52.67
C ALA D 37 -35.46 27.24 54.13
N SER D 38 -36.71 27.41 54.53
CA SER D 38 -37.04 28.27 55.67
C SER D 38 -37.74 27.56 56.88
N VAL D 39 -37.70 26.24 56.95
CA VAL D 39 -38.46 25.54 57.96
C VAL D 39 -37.94 25.95 59.36
N THR D 40 -38.84 25.97 60.32
CA THR D 40 -38.48 26.21 61.75
C THR D 40 -38.50 24.96 62.55
N GLU D 41 -37.85 25.03 63.70
CA GLU D 41 -37.86 23.94 64.69
C GLU D 41 -39.27 23.45 65.03
N ASP D 42 -40.21 24.37 65.27
CA ASP D 42 -41.53 23.91 65.58
C ASP D 42 -42.13 23.09 64.44
N GLU D 43 -41.91 23.51 63.20
CA GLU D 43 -42.52 22.83 62.07
C GLU D 43 -41.91 21.44 61.92
N VAL D 44 -40.62 21.34 62.14
CA VAL D 44 -39.99 20.07 62.05
C VAL D 44 -40.58 19.12 63.10
N LYS D 45 -40.76 19.64 64.30
CA LYS D 45 -41.20 18.81 65.43
C LYS D 45 -42.63 18.37 65.19
N GLY D 46 -43.46 19.29 64.68
CA GLY D 46 -44.82 18.97 64.41
C GLY D 46 -44.90 17.83 63.40
N ASN D 47 -44.03 17.86 62.39
CA ASN D 47 -44.12 16.84 61.35
C ASN D 47 -43.61 15.54 61.93
N ALA D 48 -42.56 15.60 62.72
CA ALA D 48 -42.07 14.40 63.39
C ALA D 48 -43.13 13.74 64.31
N GLU D 49 -43.84 14.55 65.05
CA GLU D 49 -44.83 14.09 65.95
C GLU D 49 -45.93 13.41 65.20
N TYR D 50 -46.29 13.99 64.06
CA TYR D 50 -47.30 13.36 63.18
C TYR D 50 -46.78 12.02 62.63
N MET D 51 -45.54 11.99 62.22
CA MET D 51 -44.95 10.75 61.74
C MET D 51 -44.98 9.67 62.83
N ALA D 52 -44.60 10.05 64.05
CA ALA D 52 -44.53 9.10 65.17
C ALA D 52 -45.90 8.48 65.43
N LYS D 53 -46.91 9.29 65.38
CA LYS D 53 -48.20 8.88 65.70
C LYS D 53 -48.89 8.08 64.59
N TYR D 54 -48.82 8.51 63.34
CA TYR D 54 -49.58 7.92 62.26
C TYR D 54 -48.81 7.08 61.24
N LEU D 55 -47.50 7.19 61.18
CA LEU D 55 -46.74 6.68 60.07
C LEU D 55 -45.68 5.71 60.41
N LYS D 56 -45.14 5.85 61.58
CA LYS D 56 -44.01 5.04 61.95
C LYS D 56 -44.21 3.51 61.81
N PRO D 57 -45.40 3.01 62.12
CA PRO D 57 -45.58 1.55 62.03
C PRO D 57 -45.55 1.07 60.59
N PHE D 58 -45.65 2.01 59.62
CA PHE D 58 -45.56 1.67 58.22
C PHE D 58 -44.19 1.87 57.57
N GLY D 59 -43.16 2.22 58.33
CA GLY D 59 -41.78 2.32 57.82
C GLY D 59 -41.25 3.76 57.70
N TRP D 60 -42.12 4.74 57.82
CA TRP D 60 -41.71 6.14 57.72
C TRP D 60 -40.91 6.56 58.97
N GLU D 61 -39.63 6.93 58.80
CA GLU D 61 -38.82 7.22 59.95
C GLU D 61 -37.88 8.42 59.87
N TYR D 62 -37.52 8.91 58.67
CA TYR D 62 -36.53 9.97 58.60
C TYR D 62 -37.25 11.30 58.65
N VAL D 63 -36.72 12.20 59.46
CA VAL D 63 -37.25 13.57 59.51
C VAL D 63 -36.14 14.44 59.04
N VAL D 64 -36.30 14.98 57.83
CA VAL D 64 -35.17 15.63 57.16
C VAL D 64 -35.35 17.13 57.00
N VAL D 65 -34.39 17.85 57.56
CA VAL D 65 -34.35 19.32 57.44
C VAL D 65 -33.61 19.68 56.19
N ASP D 66 -34.28 20.33 55.26
CA ASP D 66 -33.67 20.56 53.96
C ASP D 66 -32.81 21.87 54.03
N ILE D 67 -32.57 22.45 52.88
CA ILE D 67 -31.41 23.31 52.65
C ILE D 67 -31.50 24.61 53.45
N GLN D 68 -30.33 25.07 53.83
CA GLN D 68 -30.16 26.42 54.38
C GLN D 68 -30.73 26.64 55.81
N TRP D 69 -30.67 25.57 56.62
CA TRP D 69 -30.96 25.68 58.04
C TRP D 69 -30.00 26.67 58.75
N TYR D 70 -28.91 27.01 58.10
CA TYR D 70 -27.87 27.91 58.58
C TYR D 70 -28.06 29.36 58.11
N GLU D 71 -29.18 29.65 57.41
CA GLU D 71 -29.44 30.95 56.85
C GLU D 71 -30.62 31.56 57.61
N PRO D 72 -30.36 32.52 58.52
CA PRO D 72 -31.40 32.90 59.45
C PRO D 72 -32.46 33.69 58.83
N GLY D 73 -32.17 34.31 57.70
CA GLY D 73 -33.22 35.08 56.99
C GLY D 73 -33.96 34.38 55.89
N ALA D 74 -33.73 33.08 55.74
CA ALA D 74 -34.38 32.37 54.66
C ALA D 74 -35.88 32.42 54.82
N ASN D 75 -36.59 32.60 53.70
CA ASN D 75 -38.02 32.78 53.76
C ASN D 75 -38.78 32.19 52.56
N SER D 76 -38.13 31.35 51.76
CA SER D 76 -38.68 30.92 50.51
C SER D 76 -37.87 29.76 49.96
N SER D 77 -38.21 29.35 48.77
CA SER D 77 -37.38 28.46 47.94
C SER D 77 -36.36 29.26 47.16
N ILE D 78 -36.57 30.56 47.08
CA ILE D 78 -35.59 31.45 46.49
C ILE D 78 -34.55 31.91 47.48
N TYR D 79 -33.29 31.64 47.19
CA TYR D 79 -32.23 31.93 48.12
C TYR D 79 -31.91 33.43 48.12
N ARG D 80 -31.44 33.92 49.27
CA ARG D 80 -31.01 35.32 49.38
C ARG D 80 -29.50 35.31 49.25
N PRO D 81 -28.98 35.83 48.15
CA PRO D 81 -27.62 35.56 47.82
C PRO D 81 -26.63 36.44 48.57
N PHE D 82 -25.46 35.88 48.72
CA PHE D 82 -24.36 36.54 49.34
C PHE D 82 -24.67 37.08 50.78
N VAL D 83 -25.60 36.47 51.48
CA VAL D 83 -25.88 36.84 52.86
C VAL D 83 -25.02 36.08 53.89
N PRO D 84 -24.87 36.68 55.09
CA PRO D 84 -24.09 35.99 56.14
C PRO D 84 -24.78 34.71 56.54
N LEU D 85 -23.97 33.74 56.87
CA LEU D 85 -24.49 32.49 57.31
C LEU D 85 -23.98 32.17 58.72
N GLU D 86 -24.75 31.37 59.45
CA GLU D 86 -24.40 30.97 60.80
C GLU D 86 -23.32 29.93 60.75
N MET D 87 -22.25 30.16 61.48
CA MET D 87 -21.06 29.35 61.35
C MET D 87 -20.29 29.30 62.68
N ASP D 88 -19.57 28.24 62.92
CA ASP D 88 -18.79 28.14 64.11
C ASP D 88 -17.40 28.71 63.86
N GLU D 89 -16.46 28.38 64.71
CA GLU D 89 -15.10 28.87 64.60
C GLU D 89 -14.21 28.03 63.78
N TYR D 90 -14.74 26.95 63.24
CA TYR D 90 -13.95 26.03 62.39
C TYR D 90 -14.56 25.91 60.94
N SER D 91 -15.14 27.01 60.48
CA SER D 91 -15.68 27.10 59.14
C SER D 91 -16.85 26.15 58.88
N ARG D 92 -17.55 25.71 59.93
CA ARG D 92 -18.67 24.79 59.79
C ARG D 92 -19.99 25.47 60.01
N LEU D 93 -20.91 25.29 59.08
CA LEU D 93 -22.14 25.95 59.20
C LEU D 93 -22.95 25.37 60.34
N MET D 94 -23.82 26.20 60.90
CA MET D 94 -24.54 25.85 62.11
C MET D 94 -25.95 26.30 61.97
N PRO D 95 -26.84 25.72 62.78
CA PRO D 95 -28.23 26.15 62.68
C PRO D 95 -28.50 27.53 63.13
N ALA D 96 -29.41 28.20 62.43
CA ALA D 96 -29.86 29.52 62.81
C ALA D 96 -30.69 29.45 64.03
N VAL D 97 -30.25 30.18 65.06
CA VAL D 97 -30.86 30.07 66.37
C VAL D 97 -32.22 30.71 66.42
N ASN D 98 -32.49 31.66 65.57
CA ASN D 98 -33.88 32.20 65.51
C ASN D 98 -34.87 31.14 65.02
N ARG D 99 -34.44 30.35 64.06
CA ARG D 99 -35.35 29.34 63.47
C ARG D 99 -35.33 28.04 64.26
N PHE D 100 -34.20 27.76 64.89
CA PHE D 100 -34.03 26.62 65.71
C PHE D 100 -33.55 27.05 67.14
N PRO D 101 -34.48 27.52 67.95
CA PRO D 101 -34.08 28.02 69.29
C PRO D 101 -33.30 27.05 70.13
N SER D 102 -33.54 25.76 70.01
CA SER D 102 -32.83 24.78 70.84
C SER D 102 -31.40 24.74 70.52
N ALA D 103 -31.02 25.33 69.39
CA ALA D 103 -29.60 25.32 69.04
C ALA D 103 -28.80 26.42 69.79
N LYS D 104 -29.47 27.28 70.54
CA LYS D 104 -28.81 28.29 71.37
C LYS D 104 -27.62 27.72 72.15
N GLY D 105 -26.54 28.50 72.24
CA GLY D 105 -25.41 28.11 73.04
C GLY D 105 -24.54 27.06 72.40
N GLY D 106 -24.53 27.06 71.09
CA GLY D 106 -23.60 26.20 70.36
C GLY D 106 -23.97 24.75 70.32
N LYS D 107 -25.20 24.44 70.64
CA LYS D 107 -25.62 23.03 70.71
C LYS D 107 -25.98 22.42 69.38
N GLY D 108 -26.20 23.28 68.40
CA GLY D 108 -26.54 22.84 67.07
C GLY D 108 -27.82 22.05 67.07
N PHE D 109 -27.81 20.97 66.30
CA PHE D 109 -29.00 20.18 66.16
C PHE D 109 -29.14 19.04 67.22
N LYS D 110 -28.20 18.87 68.13
CA LYS D 110 -28.32 17.78 69.08
C LYS D 110 -29.65 17.72 69.86
N PRO D 111 -30.14 18.84 70.34
CA PRO D 111 -31.41 18.76 71.03
C PRO D 111 -32.54 18.32 70.13
N LEU D 112 -32.59 18.89 68.93
CA LEU D 112 -33.68 18.55 68.01
C LEU D 112 -33.57 17.08 67.57
N ALA D 113 -32.36 16.62 67.30
CA ALA D 113 -32.18 15.25 66.98
C ALA D 113 -32.57 14.32 68.13
N ASP D 114 -32.18 14.69 69.36
CA ASP D 114 -32.55 13.91 70.57
C ASP D 114 -34.05 13.77 70.64
N TYR D 115 -34.75 14.85 70.41
CA TYR D 115 -36.18 14.83 70.51
C TYR D 115 -36.78 13.91 69.46
N ILE D 116 -36.17 13.87 68.30
CA ILE D 116 -36.66 13.05 67.22
C ILE D 116 -36.37 11.60 67.53
N HIS D 117 -35.15 11.36 67.96
CA HIS D 117 -34.77 10.01 68.35
C HIS D 117 -35.71 9.44 69.41
N ASN D 118 -36.12 10.30 70.34
CA ASN D 118 -36.99 9.87 71.46
C ASN D 118 -38.36 9.58 70.99
N LEU D 119 -38.73 10.04 69.79
CA LEU D 119 -39.98 9.58 69.20
C LEU D 119 -39.82 8.27 68.47
N GLY D 120 -38.63 7.70 68.49
CA GLY D 120 -38.35 6.47 67.69
C GLY D 120 -38.11 6.73 66.19
N LEU D 121 -37.67 7.96 65.86
CA LEU D 121 -37.47 8.38 64.50
C LEU D 121 -35.99 8.65 64.26
N LYS D 122 -35.66 8.98 63.01
CA LYS D 122 -34.30 9.35 62.66
C LYS D 122 -34.25 10.76 62.13
N PHE D 123 -33.06 11.34 62.25
CA PHE D 123 -32.87 12.74 61.88
C PHE D 123 -31.99 12.89 60.67
N GLY D 124 -32.46 13.70 59.74
CA GLY D 124 -31.60 14.04 58.53
C GLY D 124 -31.41 15.54 58.31
N ILE D 125 -30.31 15.90 57.72
CA ILE D 125 -30.13 17.24 57.24
C ILE D 125 -29.64 17.30 55.80
N HIS D 126 -29.85 18.44 55.18
CA HIS D 126 -29.25 18.80 53.90
C HIS D 126 -27.96 19.55 54.09
N ILE D 127 -26.94 19.23 53.32
CA ILE D 127 -25.81 20.10 53.17
C ILE D 127 -25.51 20.45 51.67
N MET D 128 -24.92 21.65 51.45
CA MET D 128 -24.36 22.03 50.20
C MET D 128 -22.92 21.58 50.12
N ARG D 129 -22.55 20.98 49.00
CA ARG D 129 -21.16 20.62 48.75
C ARG D 129 -20.29 21.84 49.03
N GLY D 130 -19.16 21.56 49.60
CA GLY D 130 -18.06 22.48 49.68
C GLY D 130 -17.85 23.12 51.05
N ILE D 131 -17.29 24.33 51.01
CA ILE D 131 -16.93 25.15 52.20
C ILE D 131 -17.45 26.58 52.01
N PRO D 132 -17.94 27.23 53.07
CA PRO D 132 -18.63 28.46 52.85
C PRO D 132 -17.71 29.54 52.28
N ARG D 133 -18.22 30.28 51.32
CA ARG D 133 -17.44 31.35 50.74
C ARG D 133 -16.95 32.32 51.83
N GLN D 134 -17.78 32.57 52.82
CA GLN D 134 -17.41 33.51 53.88
C GLN D 134 -16.25 32.97 54.69
N ALA D 135 -16.08 31.66 54.73
CA ALA D 135 -14.93 31.09 55.41
C ALA D 135 -13.69 31.26 54.63
N VAL D 136 -13.82 31.09 53.34
CA VAL D 136 -12.66 31.20 52.45
C VAL D 136 -12.15 32.65 52.40
N HIS D 137 -13.06 33.61 52.33
CA HIS D 137 -12.65 34.99 52.20
C HIS D 137 -12.03 35.50 53.44
N GLN D 138 -12.56 35.13 54.58
CA GLN D 138 -11.94 35.50 55.84
C GLN D 138 -10.75 34.61 56.18
N ASN D 139 -10.64 33.48 55.51
CA ASN D 139 -9.68 32.48 55.86
C ASN D 139 -9.80 32.01 57.34
N THR D 140 -11.03 31.65 57.75
CA THR D 140 -11.25 30.95 58.98
C THR D 140 -10.63 29.54 59.11
N PRO D 141 -10.44 29.06 60.33
CA PRO D 141 -9.69 27.79 60.53
C PRO D 141 -10.53 26.53 60.25
N ILE D 142 -9.80 25.43 60.10
CA ILE D 142 -10.32 24.09 59.93
C ILE D 142 -9.91 23.35 61.18
N LEU D 143 -10.85 22.64 61.75
CA LEU D 143 -10.57 21.80 62.91
C LEU D 143 -9.57 20.71 62.57
N GLY D 144 -8.55 20.59 63.41
CA GLY D 144 -7.59 19.51 63.26
C GLY D 144 -6.43 19.74 62.34
N THR D 145 -6.25 20.97 61.85
CA THR D 145 -5.11 21.32 61.05
C THR D 145 -4.78 22.76 61.28
N ASN D 146 -3.64 23.13 60.75
CA ASN D 146 -3.25 24.53 60.70
C ASN D 146 -3.50 25.23 59.37
N VAL D 147 -4.06 24.54 58.37
CA VAL D 147 -4.36 25.25 57.12
C VAL D 147 -5.73 25.87 57.26
N GLY D 148 -5.92 26.92 56.54
CA GLY D 148 -7.18 27.67 56.65
C GLY D 148 -8.11 27.31 55.53
N ALA D 149 -9.34 27.78 55.66
CA ALA D 149 -10.37 27.49 54.73
C ALA D 149 -9.94 27.96 53.32
N ARG D 150 -9.22 29.05 53.26
CA ARG D 150 -8.86 29.58 51.99
C ARG D 150 -7.97 28.63 51.24
N ASP D 151 -7.16 27.90 51.94
CA ASP D 151 -6.14 27.05 51.31
C ASP D 151 -6.72 25.76 50.75
N ILE D 152 -7.96 25.43 51.10
CA ILE D 152 -8.53 24.16 50.56
C ILE D 152 -9.61 24.38 49.49
N ALA D 153 -9.99 25.63 49.26
CA ALA D 153 -10.98 25.91 48.27
C ALA D 153 -10.47 25.68 46.85
N ASP D 154 -11.39 25.18 46.02
CA ASP D 154 -11.25 25.18 44.59
C ASP D 154 -11.40 26.60 44.11
N THR D 155 -10.50 27.02 43.23
CA THR D 155 -10.57 28.37 42.67
C THR D 155 -11.62 28.53 41.54
N ASN D 156 -12.15 27.42 41.05
CA ASN D 156 -13.12 27.45 39.94
C ASN D 156 -14.21 26.40 40.11
N SER D 157 -15.01 26.55 41.17
CA SER D 157 -16.06 25.61 41.48
C SER D 157 -17.06 26.27 42.39
N ILE D 158 -18.21 26.53 41.83
CA ILE D 158 -19.32 27.06 42.54
C ILE D 158 -20.55 26.24 42.15
N CYS D 159 -21.63 26.56 42.78
CA CYS D 159 -22.89 26.06 42.45
C CYS D 159 -23.60 27.13 41.68
N PRO D 160 -24.22 26.77 40.55
CA PRO D 160 -24.79 27.82 39.68
C PRO D 160 -26.05 28.35 40.21
N TRP D 161 -26.65 27.71 41.19
CA TRP D 161 -27.99 28.15 41.64
C TRP D 161 -28.02 28.51 43.15
N ASN D 162 -26.86 28.55 43.79
CA ASN D 162 -26.75 28.92 45.18
C ASN D 162 -25.36 29.44 45.44
N THR D 163 -25.29 30.57 46.12
CA THR D 163 -23.99 31.27 46.38
C THR D 163 -23.28 30.97 47.70
N ASP D 164 -23.75 29.99 48.48
CA ASP D 164 -23.26 29.85 49.85
C ASP D 164 -21.82 29.32 49.94
N MET D 165 -21.44 28.42 49.04
CA MET D 165 -20.17 27.70 49.16
C MET D 165 -19.24 27.91 47.95
N TYR D 166 -18.02 27.43 48.13
CA TYR D 166 -17.14 27.07 47.11
C TYR D 166 -16.85 25.64 47.26
N GLY D 167 -16.47 25.05 46.17
CA GLY D 167 -16.04 23.68 46.16
C GLY D 167 -14.73 23.55 46.89
N VAL D 168 -14.52 22.33 47.39
CA VAL D 168 -13.32 21.96 48.03
C VAL D 168 -12.48 21.13 47.11
N ASP D 169 -11.18 21.37 47.12
CA ASP D 169 -10.23 20.74 46.24
C ASP D 169 -9.52 19.62 46.97
N HIS D 170 -9.81 18.40 46.56
CA HIS D 170 -9.32 17.19 47.21
C HIS D 170 -7.82 17.05 47.20
N ARG D 171 -7.17 17.76 46.30
CA ARG D 171 -5.74 17.70 46.19
C ARG D 171 -5.02 18.52 47.28
N LYS D 172 -5.75 19.35 47.99
CA LYS D 172 -5.15 20.23 48.97
C LYS D 172 -5.11 19.59 50.34
N GLU D 173 -3.98 19.76 51.02
CA GLU D 173 -3.87 19.38 52.46
C GLU D 173 -4.90 20.14 53.21
N GLY D 174 -5.65 19.42 54.03
CA GLY D 174 -6.74 19.95 54.83
C GLY D 174 -8.13 19.73 54.28
N ALA D 175 -8.25 19.39 52.98
CA ALA D 175 -9.57 19.15 52.39
C ALA D 175 -10.31 18.03 53.08
N GLN D 176 -9.67 16.89 53.19
CA GLN D 176 -10.33 15.78 53.82
C GLN D 176 -10.61 16.06 55.28
N ALA D 177 -9.68 16.77 55.92
CA ALA D 177 -9.85 17.13 57.33
C ALA D 177 -11.06 17.99 57.50
N TYR D 178 -11.34 18.85 56.54
CA TYR D 178 -12.55 19.65 56.68
C TYR D 178 -13.79 18.77 56.62
N TYR D 179 -13.84 17.88 55.62
CA TYR D 179 -15.07 17.06 55.48
C TYR D 179 -15.19 16.12 56.64
N ASP D 180 -14.07 15.60 57.09
CA ASP D 180 -14.10 14.77 58.35
C ASP D 180 -14.72 15.56 59.45
N SER D 181 -14.37 16.83 59.57
CA SER D 181 -14.83 17.68 60.69
C SER D 181 -16.27 17.95 60.61
N LEU D 182 -16.80 18.00 59.40
CA LEU D 182 -18.24 18.19 59.25
C LEU D 182 -18.97 16.97 59.80
N PHE D 183 -18.48 15.79 59.46
CA PHE D 183 -19.25 14.59 59.82
C PHE D 183 -19.00 14.23 61.28
N GLN D 184 -17.88 14.68 61.85
CA GLN D 184 -17.71 14.62 63.32
C GLN D 184 -18.77 15.45 63.97
N LEU D 185 -19.01 16.66 63.46
CA LEU D 185 -20.06 17.49 64.00
C LEU D 185 -21.40 16.88 63.86
N TYR D 186 -21.69 16.38 62.66
CA TYR D 186 -23.03 15.81 62.43
C TYR D 186 -23.27 14.55 63.27
N ALA D 187 -22.25 13.70 63.38
CA ALA D 187 -22.33 12.55 64.28
C ALA D 187 -22.57 12.95 65.76
N GLN D 188 -21.91 14.02 66.24
CA GLN D 188 -22.12 14.53 67.58
C GLN D 188 -23.56 14.90 67.70
N TRP D 189 -24.12 15.54 66.70
CA TRP D 189 -25.52 15.95 66.81
C TRP D 189 -26.46 14.79 66.81
N GLY D 190 -25.98 13.63 66.36
CA GLY D 190 -26.89 12.49 66.13
C GLY D 190 -27.60 12.40 64.76
N VAL D 191 -26.99 13.00 63.72
CA VAL D 191 -27.58 12.96 62.39
C VAL D 191 -27.51 11.52 61.93
N ASP D 192 -28.57 11.06 61.29
CA ASP D 192 -28.63 9.68 60.73
C ASP D 192 -28.68 9.63 59.19
N PHE D 193 -28.78 10.79 58.55
CA PHE D 193 -29.03 10.91 57.13
C PHE D 193 -28.55 12.28 56.69
N VAL D 194 -27.77 12.31 55.62
CA VAL D 194 -27.45 13.55 54.97
C VAL D 194 -27.80 13.53 53.47
N LYS D 195 -28.52 14.55 53.06
CA LYS D 195 -28.71 14.87 51.65
C LYS D 195 -27.72 15.93 51.23
N VAL D 196 -26.75 15.56 50.40
CA VAL D 196 -25.81 16.53 49.84
C VAL D 196 -26.31 17.07 48.49
N ALA D 197 -26.26 18.38 48.29
CA ALA D 197 -26.69 19.01 47.03
C ALA D 197 -25.55 19.63 46.32
N ASP D 198 -25.77 19.95 45.05
CA ASP D 198 -24.74 20.43 44.13
C ASP D 198 -23.62 19.48 44.04
N ILE D 199 -23.94 18.21 43.90
CA ILE D 199 -22.90 17.19 43.87
C ILE D 199 -23.02 16.24 42.70
N VAL D 200 -24.15 16.19 42.02
CA VAL D 200 -24.34 15.15 41.00
C VAL D 200 -24.40 15.72 39.59
N ALA D 201 -25.30 16.67 39.42
CA ALA D 201 -25.47 17.27 38.12
C ALA D 201 -25.15 18.71 38.37
N SER D 202 -24.51 19.30 37.38
CA SER D 202 -24.25 20.72 37.40
C SER D 202 -24.18 21.14 35.95
N LYS D 203 -24.97 22.18 35.63
CA LYS D 203 -24.92 22.83 34.32
C LYS D 203 -23.42 23.09 33.96
N LEU D 204 -22.76 23.81 34.89
CA LEU D 204 -21.34 24.20 34.78
C LEU D 204 -20.24 23.11 34.79
N TYR D 205 -20.33 22.14 35.71
CA TYR D 205 -19.20 21.23 36.00
C TYR D 205 -19.51 19.78 35.93
N GLY D 206 -20.76 19.43 35.73
CA GLY D 206 -21.09 17.99 35.81
C GLY D 206 -20.85 17.42 37.23
N THR D 207 -20.40 16.17 37.30
CA THR D 207 -20.48 15.40 38.55
C THR D 207 -19.26 15.59 39.39
N HIS D 208 -19.50 15.93 40.65
CA HIS D 208 -18.37 16.15 41.59
C HIS D 208 -17.90 14.90 42.28
N THR D 209 -17.15 14.12 41.53
CA THR D 209 -16.83 12.80 41.92
C THR D 209 -15.85 12.80 43.09
N GLU D 210 -14.92 13.73 43.10
CA GLU D 210 -13.89 13.71 44.11
C GLU D 210 -14.46 14.05 45.48
N GLU D 211 -15.41 14.97 45.50
CA GLU D 211 -16.04 15.32 46.71
C GLU D 211 -16.98 14.21 47.16
N ILE D 212 -17.61 13.49 46.23
CA ILE D 212 -18.39 12.36 46.64
C ILE D 212 -17.50 11.38 47.42
N LYS D 213 -16.32 11.13 46.91
CA LYS D 213 -15.42 10.22 47.56
C LYS D 213 -14.94 10.74 48.91
N MET D 214 -14.71 12.04 49.02
CA MET D 214 -14.28 12.60 50.30
C MET D 214 -15.38 12.50 51.31
N ILE D 215 -16.64 12.67 50.88
CA ILE D 215 -17.78 12.62 51.76
C ILE D 215 -17.99 11.18 52.25
N ARG D 216 -17.83 10.22 51.35
CA ARG D 216 -17.93 8.79 51.69
C ARG D 216 -16.92 8.48 52.81
N LYS D 217 -15.70 8.90 52.62
CA LYS D 217 -14.64 8.67 53.58
C LYS D 217 -14.92 9.36 54.93
N ALA D 218 -15.42 10.58 54.88
CA ALA D 218 -15.73 11.32 56.10
C ALA D 218 -16.80 10.62 56.88
N ILE D 219 -17.79 10.12 56.18
CA ILE D 219 -18.86 9.42 56.86
C ILE D 219 -18.29 8.14 57.50
N ASP D 220 -17.48 7.42 56.74
CA ASP D 220 -16.98 6.16 57.22
C ASP D 220 -16.10 6.42 58.46
N ARG D 221 -15.44 7.57 58.54
CA ARG D 221 -14.58 7.82 59.64
C ARG D 221 -15.31 8.34 60.86
N CYS D 222 -16.53 8.84 60.73
CA CYS D 222 -17.14 9.53 61.82
C CYS D 222 -17.67 8.59 62.88
N GLY D 223 -17.78 7.30 62.57
CA GLY D 223 -18.23 6.31 63.52
C GLY D 223 -19.73 6.13 63.71
N ARG D 224 -20.56 6.88 63.00
CA ARG D 224 -22.00 6.74 63.18
C ARG D 224 -22.59 6.42 61.80
N PRO D 225 -23.64 5.60 61.73
CA PRO D 225 -24.31 5.30 60.47
C PRO D 225 -25.01 6.55 59.99
N ILE D 226 -24.58 7.03 58.84
CA ILE D 226 -25.21 8.18 58.23
C ILE D 226 -25.47 7.82 56.76
N VAL D 227 -26.72 7.71 56.44
CA VAL D 227 -27.19 7.42 55.10
C VAL D 227 -26.89 8.64 54.19
N LEU D 228 -26.30 8.37 53.03
CA LEU D 228 -25.88 9.39 52.07
C LEU D 228 -26.80 9.45 50.83
N SER D 229 -27.48 10.59 50.72
CA SER D 229 -28.35 10.98 49.62
C SER D 229 -27.67 12.07 48.80
N LEU D 230 -27.67 11.91 47.47
CA LEU D 230 -27.07 12.87 46.54
C LEU D 230 -28.13 13.53 45.67
N SER D 231 -27.94 14.82 45.46
CA SER D 231 -28.86 15.66 44.72
C SER D 231 -28.14 16.84 44.09
N PRO D 232 -28.80 17.53 43.15
CA PRO D 232 -30.01 17.19 42.40
C PRO D 232 -29.62 16.27 41.26
N GLY D 233 -30.59 15.73 40.52
CA GLY D 233 -30.26 15.02 39.30
C GLY D 233 -30.32 15.99 38.12
N PRO D 234 -30.21 15.48 36.89
CA PRO D 234 -30.20 14.10 36.54
C PRO D 234 -28.85 13.47 36.73
N ALA D 235 -28.83 12.37 37.43
CA ALA D 235 -27.63 11.58 37.62
C ALA D 235 -27.28 10.87 36.33
N PRO D 236 -26.05 11.01 35.88
CA PRO D 236 -25.63 10.32 34.70
C PRO D 236 -25.29 8.88 34.95
N LEU D 237 -25.75 8.02 34.05
CA LEU D 237 -25.50 6.63 34.11
C LEU D 237 -24.07 6.35 33.98
N ASP D 238 -23.35 7.24 33.33
CA ASP D 238 -21.94 7.07 33.16
C ASP D 238 -21.26 6.90 34.55
N HIS D 239 -21.87 7.42 35.60
CA HIS D 239 -21.23 7.32 36.94
C HIS D 239 -21.93 6.28 37.81
N ALA D 240 -22.65 5.34 37.18
CA ALA D 240 -23.41 4.36 37.92
C ALA D 240 -22.58 3.61 38.95
N THR D 241 -21.39 3.18 38.60
CA THR D 241 -20.63 2.43 39.53
C THR D 241 -20.31 3.30 40.77
N LEU D 242 -19.88 4.53 40.51
CA LEU D 242 -19.54 5.46 41.56
C LEU D 242 -20.71 5.63 42.46
N PHE D 243 -21.87 5.92 41.90
CA PHE D 243 -23.03 6.13 42.77
C PHE D 243 -23.38 4.86 43.56
N VAL D 244 -23.31 3.72 42.90
CA VAL D 244 -23.75 2.48 43.52
C VAL D 244 -22.80 2.14 44.70
N GLU D 245 -21.52 2.37 44.53
CA GLU D 245 -20.56 2.02 45.53
C GLU D 245 -20.38 3.09 46.61
N ASN D 246 -20.78 4.33 46.36
CA ASN D 246 -20.58 5.38 47.34
C ASN D 246 -21.79 5.97 48.02
N ALA D 247 -22.96 5.88 47.41
CA ALA D 247 -24.13 6.53 47.96
C ALA D 247 -25.22 5.54 48.23
N ASN D 248 -26.12 5.89 49.15
CA ASN D 248 -27.28 5.09 49.40
C ASN D 248 -28.43 5.50 48.53
N MET D 249 -28.47 6.76 48.14
CA MET D 249 -29.47 7.23 47.20
C MET D 249 -28.90 8.36 46.33
N TRP D 250 -29.39 8.45 45.09
CA TRP D 250 -28.97 9.51 44.19
C TRP D 250 -30.09 9.87 43.23
N ARG D 251 -30.34 11.15 43.13
CA ARG D 251 -31.46 11.70 42.39
C ARG D 251 -31.32 11.47 40.91
N MET D 252 -32.34 10.83 40.35
CA MET D 252 -32.38 10.51 38.91
C MET D 252 -32.67 11.74 38.06
N THR D 253 -33.26 12.74 38.68
CA THR D 253 -33.95 13.83 38.02
C THR D 253 -33.67 15.17 38.71
N ASP D 254 -33.71 16.23 37.96
CA ASP D 254 -33.86 17.55 38.52
C ASP D 254 -35.15 17.62 39.37
N ASP D 255 -35.33 18.71 40.11
CA ASP D 255 -36.30 18.74 41.17
C ASP D 255 -37.67 18.35 40.67
N PHE D 256 -38.29 17.41 41.38
CA PHE D 256 -39.61 16.91 41.03
C PHE D 256 -40.71 17.73 41.70
N TRP D 257 -41.79 17.98 40.96
CA TRP D 257 -42.93 18.77 41.45
C TRP D 257 -44.23 18.20 40.89
N ASP D 258 -45.30 18.75 41.40
CA ASP D 258 -46.64 18.27 41.08
C ASP D 258 -47.10 18.81 39.71
N ARG D 259 -46.47 18.28 38.68
CA ARG D 259 -46.77 18.61 37.28
C ARG D 259 -46.72 17.31 36.49
N TRP D 260 -47.80 17.02 35.76
CA TRP D 260 -47.92 15.72 35.06
C TRP D 260 -46.70 15.42 34.18
N GLU D 261 -46.26 16.45 33.49
CA GLU D 261 -45.12 16.33 32.62
C GLU D 261 -43.91 15.69 33.31
N LEU D 262 -43.66 16.05 34.57
CA LEU D 262 -42.53 15.49 35.29
C LEU D 262 -42.78 14.12 35.73
N LEU D 263 -44.02 13.84 36.08
CA LEU D 263 -44.38 12.46 36.43
C LEU D 263 -44.31 11.53 35.21
N TYR D 264 -44.81 11.99 34.08
CA TYR D 264 -44.62 11.27 32.81
C TYR D 264 -43.18 10.97 32.58
N ASP D 265 -42.32 11.97 32.74
CA ASP D 265 -40.90 11.79 32.45
C ASP D 265 -40.25 10.77 33.34
N MET D 266 -40.80 10.54 34.52
CA MET D 266 -40.08 9.69 35.48
C MET D 266 -40.09 8.26 35.01
N PHE D 267 -41.11 7.89 34.23
CA PHE D 267 -41.16 6.50 33.71
C PHE D 267 -39.93 6.09 32.95
N GLU D 268 -39.42 6.99 32.13
CA GLU D 268 -38.21 6.68 31.40
C GLU D 268 -36.97 6.58 32.33
N GLN D 269 -36.88 7.46 33.34
CA GLN D 269 -35.70 7.46 34.19
C GLN D 269 -35.65 6.22 35.02
N CYS D 270 -36.80 5.76 35.47
CA CYS D 270 -36.89 4.43 36.12
C CYS D 270 -36.43 3.31 35.26
N TYR D 271 -36.84 3.35 33.99
CA TYR D 271 -36.42 2.32 33.04
C TYR D 271 -34.93 2.37 32.94
N LYS D 272 -34.37 3.56 32.86
CA LYS D 272 -32.90 3.70 32.63
CA LYS D 272 -32.91 3.71 32.62
C LYS D 272 -32.06 3.26 33.82
N TRP D 273 -32.62 3.37 35.02
CA TRP D 273 -31.86 3.07 36.26
C TRP D 273 -32.19 1.71 36.88
N CYS D 274 -33.15 0.97 36.32
CA CYS D 274 -33.74 -0.16 37.05
C CYS D 274 -32.76 -1.23 37.39
N LYS D 275 -31.67 -1.35 36.63
CA LYS D 275 -30.69 -2.40 36.91
C LYS D 275 -29.70 -2.09 38.03
N LEU D 276 -29.74 -0.86 38.52
CA LEU D 276 -28.79 -0.43 39.54
C LEU D 276 -29.48 -0.33 40.88
N VAL D 277 -30.78 -0.65 40.93
CA VAL D 277 -31.50 -0.65 42.14
C VAL D 277 -31.11 -1.89 42.92
N GLY D 278 -30.77 -1.73 44.18
CA GLY D 278 -30.45 -2.89 45.04
C GLY D 278 -30.21 -2.49 46.48
N LEU D 279 -30.13 -3.48 47.34
CA LEU D 279 -30.00 -3.29 48.76
C LEU D 279 -28.89 -2.33 49.08
N GLY D 280 -29.24 -1.24 49.74
CA GLY D 280 -28.22 -0.23 50.10
C GLY D 280 -27.93 0.87 49.08
N HIS D 281 -28.44 0.74 47.86
CA HIS D 281 -28.12 1.69 46.81
C HIS D 281 -29.33 1.96 45.89
N TRP D 282 -30.04 3.06 46.19
CA TRP D 282 -31.33 3.34 45.68
C TRP D 282 -31.40 4.59 44.75
N PRO D 283 -31.49 4.37 43.41
CA PRO D 283 -31.85 5.52 42.56
C PRO D 283 -33.09 6.18 43.05
N ASP D 284 -33.14 7.52 42.99
CA ASP D 284 -34.13 8.27 43.72
C ASP D 284 -34.99 9.12 42.84
N ALA D 285 -36.26 8.90 42.95
CA ALA D 285 -37.20 9.57 42.08
C ALA D 285 -37.67 10.84 42.70
N ASP D 286 -37.08 11.18 43.84
CA ASP D 286 -37.34 12.47 44.50
C ASP D 286 -38.61 12.48 45.35
N MET D 287 -38.75 13.57 46.08
CA MET D 287 -39.74 13.72 47.11
C MET D 287 -41.10 13.75 46.55
N LEU D 288 -42.08 13.37 47.38
CA LEU D 288 -43.44 13.23 46.98
C LEU D 288 -44.18 14.52 47.24
N PRO D 289 -44.56 15.24 46.17
CA PRO D 289 -45.28 16.46 46.33
C PRO D 289 -46.71 16.16 46.50
N LEU D 290 -47.02 15.72 47.70
CA LEU D 290 -48.41 15.40 48.10
C LEU D 290 -48.90 16.32 49.21
N GLY D 291 -50.21 16.42 49.37
CA GLY D 291 -50.79 17.17 50.45
C GLY D 291 -50.48 18.63 50.29
N HIS D 292 -50.19 19.27 51.39
CA HIS D 292 -50.08 20.72 51.46
C HIS D 292 -48.67 21.14 51.22
N ILE D 293 -48.45 21.78 50.09
CA ILE D 293 -47.14 22.18 49.70
C ILE D 293 -47.11 23.65 49.31
N GLY D 294 -45.92 24.17 49.08
CA GLY D 294 -45.78 25.57 48.62
C GLY D 294 -46.13 26.63 49.67
N ILE D 295 -46.02 26.28 50.96
CA ILE D 295 -46.40 27.19 52.02
C ILE D 295 -45.40 28.34 52.05
N ARG D 296 -44.11 28.04 52.10
CA ARG D 296 -43.09 29.03 51.85
C ARG D 296 -42.11 28.57 50.76
N SER D 297 -42.71 28.13 49.67
CA SER D 297 -41.98 27.70 48.49
C SER D 297 -42.78 28.20 47.33
N VAL D 298 -42.04 28.54 46.31
CA VAL D 298 -42.56 29.19 45.17
C VAL D 298 -42.12 28.42 43.91
N ASP D 299 -41.47 27.28 44.12
CA ASP D 299 -40.95 26.46 43.03
C ASP D 299 -42.07 25.58 42.42
N GLY D 300 -41.76 24.99 41.28
CA GLY D 300 -42.70 24.15 40.58
C GLY D 300 -43.81 24.90 39.90
N GLY D 301 -43.67 26.21 39.86
CA GLY D 301 -44.69 27.04 39.22
C GLY D 301 -45.95 27.17 40.03
N GLY D 302 -45.86 26.92 41.33
CA GLY D 302 -47.02 27.12 42.21
C GLY D 302 -46.74 27.90 43.50
N THR D 303 -47.80 28.16 44.24
CA THR D 303 -47.72 28.79 45.56
C THR D 303 -48.50 27.91 46.54
N ASP D 304 -48.92 28.48 47.65
CA ASP D 304 -49.53 27.74 48.72
C ASP D 304 -50.71 26.95 48.18
N ARG D 305 -50.65 25.61 48.29
CA ARG D 305 -51.61 24.75 47.61
C ARG D 305 -51.62 23.36 48.14
N MET D 306 -52.73 22.68 47.88
CA MET D 306 -52.74 21.20 47.92
C MET D 306 -52.23 20.74 46.56
N THR D 307 -51.57 19.59 46.53
CA THR D 307 -50.92 19.13 45.32
C THR D 307 -51.87 19.17 44.12
N ARG D 308 -51.33 19.58 42.97
CA ARG D 308 -52.12 19.72 41.75
C ARG D 308 -52.25 18.37 41.04
N PHE D 309 -51.56 17.35 41.54
CA PHE D 309 -51.77 15.99 41.05
C PHE D 309 -53.21 15.58 41.38
N THR D 310 -53.93 15.06 40.41
CA THR D 310 -55.19 14.43 40.68
C THR D 310 -54.96 13.18 41.49
N LYS D 311 -56.03 12.66 42.07
CA LYS D 311 -55.95 11.40 42.80
C LYS D 311 -55.37 10.27 41.97
N ASP D 312 -55.79 10.19 40.71
CA ASP D 312 -55.24 9.19 39.84
C ASP D 312 -53.74 9.36 39.69
N GLU D 313 -53.32 10.61 39.51
CA GLU D 313 -51.90 10.91 39.32
C GLU D 313 -51.11 10.63 40.59
N GLN D 314 -51.72 10.94 41.73
CA GLN D 314 -51.06 10.66 43.03
C GLN D 314 -50.85 9.18 43.22
N ARG D 315 -51.87 8.39 42.87
CA ARG D 315 -51.74 6.93 42.89
C ARG D 315 -50.71 6.42 41.89
N THR D 316 -50.71 6.99 40.70
CA THR D 316 -49.76 6.58 39.70
C THR D 316 -48.34 6.84 40.15
N MET D 317 -48.12 7.99 40.75
CA MET D 317 -46.80 8.28 41.29
C MET D 317 -46.45 7.30 42.38
N MET D 318 -47.32 7.15 43.35
CA MET D 318 -47.01 6.24 44.45
C MET D 318 -46.73 4.85 43.91
N THR D 319 -47.49 4.46 42.89
CA THR D 319 -47.36 3.09 42.42
C THR D 319 -46.03 2.91 41.73
N LEU D 320 -45.62 3.89 40.93
CA LEU D 320 -44.31 3.73 40.30
C LEU D 320 -43.19 3.75 41.32
N TRP D 321 -43.25 4.70 42.23
CA TRP D 321 -42.12 4.81 43.21
C TRP D 321 -42.05 3.58 44.05
N ILE D 322 -43.23 3.04 44.36
CA ILE D 322 -43.31 1.80 45.19
C ILE D 322 -42.71 0.62 44.46
N ILE D 323 -43.13 0.37 43.21
CA ILE D 323 -42.66 -0.87 42.58
C ILE D 323 -41.21 -0.78 42.22
N PHE D 324 -40.82 0.41 41.80
CA PHE D 324 -39.40 0.66 41.40
C PHE D 324 -38.48 0.60 42.63
N ARG D 325 -39.05 0.91 43.79
CA ARG D 325 -38.31 0.99 45.10
C ARG D 325 -37.50 2.28 45.26
N SER D 326 -38.12 3.38 44.83
CA SER D 326 -37.52 4.67 45.08
C SER D 326 -37.62 4.87 46.61
N PRO D 327 -36.70 5.64 47.18
CA PRO D 327 -36.95 6.20 48.51
C PRO D 327 -38.23 6.99 48.47
N LEU D 328 -38.89 7.04 49.60
CA LEU D 328 -40.15 7.72 49.76
C LEU D 328 -39.96 8.83 50.81
N MET D 329 -39.94 10.06 50.33
CA MET D 329 -39.76 11.23 51.20
C MET D 329 -40.93 12.14 50.97
N PHE D 330 -41.83 12.18 51.92
CA PHE D 330 -43.05 12.96 51.80
C PHE D 330 -42.70 14.45 51.92
N GLY D 331 -43.27 15.26 51.06
CA GLY D 331 -42.85 16.65 50.94
C GLY D 331 -43.86 17.67 51.41
N GLY D 332 -45.08 17.24 51.68
CA GLY D 332 -46.06 18.13 52.24
C GLY D 332 -45.95 18.31 53.76
N GLU D 333 -46.68 19.31 54.25
CA GLU D 333 -46.85 19.54 55.67
C GLU D 333 -47.84 18.46 56.20
N LEU D 334 -47.31 17.50 56.94
CA LEU D 334 -48.07 16.31 57.27
C LEU D 334 -49.33 16.60 58.05
N ARG D 335 -49.26 17.59 58.93
CA ARG D 335 -50.39 17.86 59.83
C ARG D 335 -51.63 18.33 59.10
N ASP D 336 -51.47 18.71 57.83
CA ASP D 336 -52.61 19.16 57.05
C ASP D 336 -53.06 18.06 56.11
N ASN D 337 -52.56 16.83 56.29
CA ASN D 337 -53.10 15.72 55.55
C ASN D 337 -54.57 15.48 55.78
N ASP D 338 -55.30 15.28 54.70
CA ASP D 338 -56.66 14.76 54.82
C ASP D 338 -56.58 13.21 54.82
N GLU D 339 -57.73 12.56 54.87
CA GLU D 339 -57.81 11.10 54.96
C GLU D 339 -57.21 10.45 53.73
N TRP D 340 -57.61 10.99 52.58
CA TRP D 340 -57.13 10.48 51.32
C TRP D 340 -55.60 10.42 51.29
N THR D 341 -54.98 11.54 51.64
CA THR D 341 -53.54 11.63 51.57
C THR D 341 -52.91 10.66 52.49
N LEU D 342 -53.45 10.54 53.69
CA LEU D 342 -52.88 9.62 54.67
C LEU D 342 -52.98 8.20 54.19
N SER D 343 -54.07 7.92 53.51
CA SER D 343 -54.29 6.55 53.00
C SER D 343 -53.22 6.13 52.02
N LEU D 344 -52.61 7.07 51.29
CA LEU D 344 -51.55 6.73 50.37
C LEU D 344 -50.34 6.20 51.04
N LEU D 345 -50.21 6.47 52.34
CA LEU D 345 -48.98 6.20 53.07
C LEU D 345 -49.04 5.04 54.01
N THR D 346 -50.24 4.54 54.21
CA THR D 346 -50.52 3.57 55.27
C THR D 346 -51.10 2.24 54.77
N ASN D 347 -50.91 1.96 53.48
CA ASN D 347 -51.36 0.74 52.94
C ASN D 347 -50.25 -0.27 52.95
N GLU D 348 -50.35 -1.20 53.89
CA GLU D 348 -49.28 -2.19 54.11
C GLU D 348 -49.11 -3.15 52.96
N GLU D 349 -50.16 -3.39 52.22
CA GLU D 349 -50.07 -4.35 51.12
C GLU D 349 -49.28 -3.79 49.97
N VAL D 350 -49.50 -2.52 49.72
CA VAL D 350 -48.70 -1.77 48.72
C VAL D 350 -47.28 -1.64 49.19
N LEU D 351 -47.09 -1.33 50.48
CA LEU D 351 -45.73 -1.12 50.95
C LEU D 351 -44.88 -2.37 50.90
N HIS D 352 -45.53 -3.51 51.00
CA HIS D 352 -44.80 -4.78 50.93
C HIS D 352 -44.03 -4.86 49.63
N VAL D 353 -44.61 -4.29 48.57
CA VAL D 353 -43.97 -4.34 47.25
C VAL D 353 -42.65 -3.55 47.27
N HIS D 354 -42.66 -2.44 47.99
CA HIS D 354 -41.49 -1.56 48.15
C HIS D 354 -40.46 -2.14 49.07
N GLN D 355 -40.90 -2.75 50.15
CA GLN D 355 -39.99 -3.32 51.16
C GLN D 355 -39.42 -4.66 50.79
N ASN D 356 -40.24 -5.51 50.18
CA ASN D 356 -39.86 -6.89 49.94
C ASN D 356 -39.83 -7.34 48.49
N GLY D 357 -40.30 -6.52 47.58
CA GLY D 357 -40.13 -6.78 46.18
C GLY D 357 -38.71 -6.63 45.73
N TYR D 358 -38.40 -7.27 44.62
CA TYR D 358 -37.15 -7.08 43.94
C TYR D 358 -37.28 -7.41 42.46
N GLY D 359 -36.27 -7.05 41.68
CA GLY D 359 -36.23 -7.35 40.26
C GLY D 359 -37.12 -6.47 39.37
N ALA D 360 -37.61 -5.37 39.89
CA ALA D 360 -38.52 -4.55 39.13
C ALA D 360 -37.97 -4.25 37.77
N ARG D 361 -38.86 -4.35 36.77
CA ARG D 361 -38.50 -4.12 35.37
C ARG D 361 -39.70 -3.69 34.60
N GLN D 362 -39.44 -2.96 33.51
CA GLN D 362 -40.46 -2.53 32.57
C GLN D 362 -40.75 -3.70 31.65
N VAL D 363 -42.00 -4.18 31.65
CA VAL D 363 -42.33 -5.34 30.83
C VAL D 363 -42.47 -4.81 29.42
N TYR D 364 -43.22 -3.73 29.28
CA TYR D 364 -43.21 -3.05 28.03
C TYR D 364 -43.63 -1.63 28.22
N ARG D 365 -43.38 -0.84 27.18
CA ARG D 365 -43.99 0.49 27.03
C ARG D 365 -44.35 0.70 25.55
N GLU D 366 -45.63 0.96 25.28
CA GLU D 366 -46.17 1.03 23.95
C GLU D 366 -47.41 1.84 23.94
N ASN D 367 -47.47 2.78 23.02
CA ASN D 367 -48.60 3.72 22.96
C ASN D 367 -48.96 4.31 24.32
N ASP D 368 -47.94 4.72 25.07
CA ASP D 368 -48.15 5.37 26.31
C ASP D 368 -48.93 4.50 27.28
N HIS D 369 -48.78 3.21 27.13
CA HIS D 369 -49.17 2.24 28.13
C HIS D 369 -47.90 1.57 28.63
N VAL D 370 -47.79 1.40 29.94
CA VAL D 370 -46.58 0.84 30.52
C VAL D 370 -46.93 -0.15 31.57
N VAL D 371 -46.13 -1.20 31.64
CA VAL D 371 -46.32 -2.16 32.64
C VAL D 371 -44.99 -2.46 33.24
N TRP D 372 -45.00 -2.55 34.57
CA TRP D 372 -43.81 -2.93 35.37
C TRP D 372 -44.17 -4.13 36.21
N THR D 373 -43.19 -4.95 36.50
CA THR D 373 -43.42 -6.03 37.37
C THR D 373 -42.22 -6.29 38.24
N SER D 374 -42.49 -6.83 39.43
CA SER D 374 -41.42 -7.28 40.33
C SER D 374 -41.99 -8.48 41.10
N GLN D 375 -41.21 -9.05 41.96
CA GLN D 375 -41.71 -10.16 42.74
C GLN D 375 -41.14 -10.17 44.17
N ASP D 376 -41.69 -11.03 45.03
CA ASP D 376 -41.07 -11.29 46.36
C ASP D 376 -40.54 -12.70 46.40
N ALA D 377 -39.95 -13.03 47.53
CA ALA D 377 -39.32 -14.33 47.72
C ALA D 377 -40.33 -15.46 48.02
N GLU D 378 -41.57 -15.11 48.28
CA GLU D 378 -42.62 -16.06 48.48
C GLU D 378 -43.31 -16.37 47.17
N GLY D 379 -42.74 -15.93 46.06
CA GLY D 379 -43.37 -16.22 44.74
C GLY D 379 -44.58 -15.39 44.38
N ASN D 380 -44.90 -14.37 45.15
CA ASN D 380 -45.88 -13.41 44.66
C ASN D 380 -45.28 -12.54 43.57
N GLN D 381 -46.13 -12.10 42.65
CA GLN D 381 -45.65 -11.30 41.56
C GLN D 381 -46.49 -10.06 41.51
N PHE D 382 -45.84 -8.91 41.41
CA PHE D 382 -46.56 -7.64 41.48
C PHE D 382 -46.52 -7.02 40.12
N VAL D 383 -47.65 -6.50 39.72
CA VAL D 383 -47.70 -5.87 38.46
C VAL D 383 -48.38 -4.53 38.50
N ALA D 384 -47.64 -3.54 37.98
CA ALA D 384 -48.13 -2.20 37.99
C ALA D 384 -48.42 -1.81 36.54
N MET D 385 -49.62 -1.35 36.28
CA MET D 385 -50.05 -1.12 34.97
C MET D 385 -50.52 0.30 34.89
N PHE D 386 -50.03 1.00 33.88
CA PHE D 386 -50.20 2.43 33.81
C PHE D 386 -50.68 2.89 32.45
N ASN D 387 -51.66 3.78 32.44
CA ASN D 387 -52.02 4.45 31.26
C ASN D 387 -51.49 5.87 31.39
N ILE D 388 -50.39 6.17 30.70
CA ILE D 388 -49.80 7.49 30.74
C ILE D 388 -50.10 8.35 29.54
N SER D 389 -51.12 7.93 28.80
CA SER D 389 -51.60 8.68 27.64
C SER D 389 -52.67 9.66 28.07
N GLU D 390 -53.23 10.37 27.09
CA GLU D 390 -54.33 11.32 27.31
C GLU D 390 -55.71 10.75 27.08
N LYS D 391 -55.81 9.45 26.76
CA LYS D 391 -57.14 8.83 26.52
C LYS D 391 -57.35 7.60 27.35
N ARG D 392 -58.57 7.45 27.81
CA ARG D 392 -59.03 6.22 28.46
C ARG D 392 -58.80 5.04 27.56
N SER D 393 -58.32 3.93 28.12
CA SER D 393 -58.01 2.76 27.32
C SER D 393 -57.82 1.55 28.19
N VAL D 394 -57.89 0.39 27.56
CA VAL D 394 -57.61 -0.86 28.21
C VAL D 394 -56.13 -1.06 28.14
N VAL D 395 -55.55 -1.37 29.28
CA VAL D 395 -54.17 -1.73 29.34
C VAL D 395 -54.09 -3.18 29.75
N SER D 396 -53.27 -3.93 29.06
CA SER D 396 -53.20 -5.36 29.33
C SER D 396 -51.82 -5.90 29.25
N VAL D 397 -51.66 -7.04 29.87
CA VAL D 397 -50.44 -7.79 29.75
C VAL D 397 -50.72 -9.29 29.94
N SER D 398 -50.04 -10.11 29.16
CA SER D 398 -50.26 -11.54 29.22
C SER D 398 -49.50 -12.10 30.38
N LEU D 399 -50.04 -13.16 30.97
CA LEU D 399 -49.30 -13.91 31.95
C LEU D 399 -48.01 -14.43 31.42
N LYS D 400 -48.00 -14.86 30.18
CA LYS D 400 -46.77 -15.32 29.58
C LYS D 400 -45.70 -14.22 29.64
N ASP D 401 -46.05 -12.98 29.37
CA ASP D 401 -45.06 -11.93 29.37
C ASP D 401 -44.51 -11.61 30.73
N LEU D 402 -45.25 -11.97 31.75
CA LEU D 402 -44.86 -11.87 33.12
C LEU D 402 -44.11 -13.08 33.57
N GLY D 403 -43.93 -14.06 32.71
CA GLY D 403 -43.25 -15.28 33.17
C GLY D 403 -44.08 -16.20 34.03
N CYS D 404 -45.39 -16.01 34.07
CA CYS D 404 -46.27 -16.91 34.80
C CYS D 404 -46.81 -18.01 33.91
N MET D 405 -46.51 -19.26 34.27
CA MET D 405 -46.79 -20.38 33.37
C MET D 405 -48.19 -21.00 33.57
N GLU D 406 -48.82 -20.72 34.71
CA GLU D 406 -50.15 -21.24 34.99
C GLU D 406 -51.05 -20.11 35.47
N PRO D 407 -52.34 -20.40 35.65
CA PRO D 407 -53.29 -19.41 36.13
C PRO D 407 -52.97 -18.97 37.55
N MET D 408 -53.37 -17.75 37.86
CA MET D 408 -53.02 -17.11 39.09
C MET D 408 -54.21 -16.42 39.68
N LYS D 409 -54.16 -16.22 41.00
CA LYS D 409 -55.11 -15.32 41.64
C LYS D 409 -54.57 -13.90 41.60
N ALA D 410 -55.47 -12.93 41.44
CA ALA D 410 -55.14 -11.56 41.36
C ALA D 410 -55.82 -10.75 42.46
N ARG D 411 -55.11 -9.74 42.97
CA ARG D 411 -55.65 -8.85 43.99
C ARG D 411 -55.21 -7.42 43.73
N ASP D 412 -56.15 -6.49 43.83
CA ASP D 412 -55.91 -5.09 43.72
C ASP D 412 -55.42 -4.59 45.08
N LEU D 413 -54.13 -4.24 45.12
CA LEU D 413 -53.44 -3.89 46.37
C LEU D 413 -53.86 -2.56 46.95
N TRP D 414 -54.10 -1.56 46.13
CA TRP D 414 -54.62 -0.30 46.66
C TRP D 414 -56.02 -0.44 47.21
N ALA D 415 -56.88 -1.12 46.48
CA ALA D 415 -58.28 -1.28 46.89
C ALA D 415 -58.47 -2.39 47.92
N LYS D 416 -57.45 -3.22 48.11
CA LYS D 416 -57.54 -4.37 48.99
CA LYS D 416 -57.55 -4.38 48.99
C LYS D 416 -58.75 -5.25 48.62
N GLU D 417 -58.79 -5.68 47.38
CA GLU D 417 -59.95 -6.35 46.83
C GLU D 417 -59.45 -7.50 45.95
N ASP D 418 -59.93 -8.70 46.25
CA ASP D 418 -59.61 -9.87 45.44
C ASP D 418 -60.29 -9.73 44.14
N LEU D 419 -59.59 -10.08 43.07
CA LEU D 419 -60.12 -9.91 41.72
C LEU D 419 -60.45 -11.25 41.06
N GLY D 420 -60.07 -12.32 41.69
CA GLY D 420 -60.34 -13.62 41.18
C GLY D 420 -59.22 -14.20 40.37
N LEU D 421 -59.55 -15.25 39.64
CA LEU D 421 -58.59 -16.04 38.93
C LEU D 421 -58.32 -15.35 37.60
N VAL D 422 -57.10 -15.48 37.13
CA VAL D 422 -56.71 -14.96 35.83
C VAL D 422 -56.03 -16.06 35.04
N LYS D 423 -56.53 -16.37 33.86
CA LYS D 423 -56.10 -17.61 33.14
C LYS D 423 -55.08 -17.24 32.06
N HIS D 424 -55.29 -16.12 31.38
CA HIS D 424 -54.44 -15.74 30.29
C HIS D 424 -53.79 -14.34 30.40
N GLN D 425 -54.56 -13.35 30.82
CA GLN D 425 -54.03 -12.01 30.86
C GLN D 425 -54.65 -11.15 31.92
N LEU D 426 -53.89 -10.12 32.34
CA LEU D 426 -54.45 -9.04 33.12
C LEU D 426 -54.85 -7.95 32.17
N ALA D 427 -56.03 -7.37 32.38
CA ALA D 427 -56.48 -6.26 31.58
C ALA D 427 -57.46 -5.38 32.33
N PHE D 428 -57.27 -4.07 32.23
CA PHE D 428 -58.09 -3.12 32.95
C PHE D 428 -58.33 -1.90 32.14
N GLU D 429 -59.53 -1.37 32.21
CA GLU D 429 -59.82 -0.10 31.65
C GLU D 429 -59.29 0.98 32.58
N LEU D 430 -58.44 1.84 32.06
CA LEU D 430 -57.77 2.86 32.89
C LEU D 430 -57.94 4.22 32.23
N GLY D 431 -58.36 5.21 33.03
CA GLY D 431 -58.42 6.57 32.56
C GLY D 431 -57.05 7.13 32.27
N PRO D 432 -57.01 8.27 31.59
CA PRO D 432 -55.67 8.85 31.32
C PRO D 432 -54.95 9.17 32.63
N HIS D 433 -53.69 8.80 32.73
CA HIS D 433 -52.86 9.06 33.91
C HIS D 433 -53.24 8.15 35.06
N GLN D 434 -54.05 7.13 34.78
CA GLN D 434 -54.48 6.23 35.83
C GLN D 434 -53.72 4.94 35.77
N SER D 435 -53.59 4.31 36.93
CA SER D 435 -52.82 3.09 37.06
C SER D 435 -53.52 2.10 38.02
N ILE D 436 -52.97 0.90 38.10
CA ILE D 436 -53.39 -0.11 39.03
C ILE D 436 -52.20 -0.95 39.43
N LEU D 437 -52.23 -1.41 40.67
CA LEU D 437 -51.20 -2.27 41.20
C LEU D 437 -51.83 -3.60 41.68
N VAL D 438 -51.35 -4.70 41.10
CA VAL D 438 -51.91 -5.98 41.31
C VAL D 438 -50.90 -6.98 41.82
N LYS D 439 -51.34 -7.83 42.75
CA LYS D 439 -50.60 -8.96 43.18
C LYS D 439 -51.18 -10.22 42.53
N LEU D 440 -50.29 -10.99 41.93
CA LEU D 440 -50.57 -12.30 41.43
C LEU D 440 -49.91 -13.33 42.36
N SER D 441 -50.70 -14.33 42.75
CA SER D 441 -50.21 -15.45 43.55
C SER D 441 -50.77 -16.77 43.01
N PRO D 442 -50.11 -17.88 43.34
CA PRO D 442 -50.52 -19.18 42.76
C PRO D 442 -51.94 -19.55 43.12
N ALA D 443 -52.62 -20.18 42.15
CA ALA D 443 -53.97 -20.78 42.30
C ALA D 443 -53.77 -22.32 42.48
N VAL D 444 -52.79 -22.86 41.72
CA VAL D 444 -52.54 -24.29 41.64
C VAL D 444 -51.85 -24.76 42.91
N GLY D 445 -52.39 -25.83 43.51
CA GLY D 445 -51.90 -26.41 44.74
C GLY D 445 -52.42 -25.63 45.93
N LYS D 446 -53.42 -24.77 45.71
CA LYS D 446 -54.00 -23.95 46.77
C LYS D 446 -55.49 -24.24 46.92
N GLY D 447 -56.01 -24.10 48.12
CA GLY D 447 -57.42 -24.37 48.37
C GLY D 447 -58.32 -23.29 47.81
N LEU D 448 -59.62 -23.51 47.96
CA LEU D 448 -60.68 -22.62 47.45
C LEU D 448 -61.50 -22.12 48.65
N ALA E 14 32.26 13.56 -36.50
CA ALA E 14 31.46 14.57 -37.27
C ALA E 14 30.95 14.05 -38.63
N SER E 15 30.55 12.77 -38.69
CA SER E 15 29.91 12.13 -39.87
C SER E 15 28.36 12.38 -39.91
N MET E 16 27.74 12.28 -38.71
CA MET E 16 26.28 12.40 -38.57
C MET E 16 25.90 13.80 -38.10
N HIS E 17 25.01 14.47 -38.84
CA HIS E 17 24.65 15.84 -38.54
C HIS E 17 24.15 15.99 -37.10
N HIS E 18 23.39 15.00 -36.61
CA HIS E 18 22.78 15.11 -35.29
C HIS E 18 23.78 15.11 -34.16
N TYR E 19 25.03 14.76 -34.41
CA TYR E 19 26.07 14.91 -33.41
C TYR E 19 26.19 16.36 -32.97
N GLN E 20 25.98 17.27 -33.90
CA GLN E 20 26.11 18.72 -33.59
C GLN E 20 25.04 19.22 -32.62
N TRP E 21 23.99 18.43 -32.40
CA TRP E 21 22.94 18.80 -31.44
C TRP E 21 23.31 18.45 -30.00
N ALA E 22 24.41 17.69 -29.80
CA ALA E 22 24.90 17.39 -28.44
C ALA E 22 26.46 17.35 -28.40
N LYS E 23 27.05 18.51 -28.61
CA LYS E 23 28.47 18.65 -28.69
C LYS E 23 29.10 18.37 -27.34
N THR E 24 28.38 18.69 -26.28
CA THR E 24 28.76 18.26 -24.93
C THR E 24 27.62 17.41 -24.39
N PRO E 25 27.91 16.59 -23.38
CA PRO E 25 26.84 15.68 -22.87
C PRO E 25 25.64 16.46 -22.29
N PRO E 26 24.43 16.12 -22.70
CA PRO E 26 23.25 16.88 -22.25
C PRO E 26 23.17 16.99 -20.73
N MET E 27 22.84 18.19 -20.27
CA MET E 27 22.65 18.45 -18.88
C MET E 27 21.22 18.95 -18.63
N GLY E 28 20.61 18.52 -17.53
CA GLY E 28 19.23 18.92 -17.25
C GLY E 28 18.63 18.33 -16.01
N TRP E 29 17.28 18.23 -16.03
CA TRP E 29 16.48 17.67 -14.94
C TRP E 29 15.48 16.75 -15.54
N ASN E 30 15.14 15.69 -14.80
CA ASN E 30 14.14 14.72 -15.26
C ASN E 30 13.23 14.34 -14.10
N SER E 31 11.93 14.29 -14.37
CA SER E 31 10.89 14.09 -13.34
C SER E 31 10.75 12.69 -12.76
N TRP E 32 11.48 11.70 -13.29
CA TRP E 32 11.30 10.30 -12.87
C TRP E 32 11.65 10.00 -11.42
N ASP E 33 12.83 10.38 -10.99
CA ASP E 33 13.26 9.94 -9.65
C ASP E 33 12.42 10.56 -8.55
N CYS E 34 11.89 11.79 -8.79
CA CYS E 34 11.13 12.50 -7.79
C CYS E 34 9.63 12.20 -7.92
N TYR E 35 9.10 12.10 -9.13
CA TYR E 35 7.63 12.02 -9.33
C TYR E 35 7.16 10.81 -10.14
N GLY E 36 8.07 9.89 -10.48
CA GLY E 36 7.66 8.67 -11.15
C GLY E 36 7.04 9.05 -12.47
N ALA E 37 5.93 8.39 -12.79
CA ALA E 37 5.15 8.66 -13.97
C ALA E 37 4.14 9.83 -13.84
N SER E 38 4.20 10.61 -12.78
CA SER E 38 3.03 11.40 -12.39
C SER E 38 3.24 12.92 -12.24
N VAL E 39 4.35 13.47 -12.77
CA VAL E 39 4.67 14.85 -12.56
C VAL E 39 3.53 15.75 -13.16
N THR E 40 3.30 16.90 -12.55
CA THR E 40 2.33 17.86 -13.04
C THR E 40 3.02 19.05 -13.67
N GLU E 41 2.24 19.81 -14.42
CA GLU E 41 2.74 21.03 -15.06
C GLU E 41 3.37 21.94 -14.06
N ASP E 42 2.71 22.15 -12.93
CA ASP E 42 3.28 23.08 -11.94
C ASP E 42 4.62 22.62 -11.45
N GLU E 43 4.76 21.33 -11.25
CA GLU E 43 6.07 20.79 -10.76
C GLU E 43 7.15 20.96 -11.81
N VAL E 44 6.80 20.74 -13.06
CA VAL E 44 7.77 20.92 -14.15
C VAL E 44 8.21 22.38 -14.17
N LYS E 45 7.26 23.28 -14.01
CA LYS E 45 7.57 24.70 -14.17
C LYS E 45 8.42 25.17 -13.03
N GLY E 46 8.09 24.71 -11.83
CA GLY E 46 8.86 25.04 -10.66
C GLY E 46 10.30 24.60 -10.79
N ASN E 47 10.53 23.39 -11.32
CA ASN E 47 11.88 22.93 -11.49
C ASN E 47 12.59 23.71 -12.57
N ALA E 48 11.91 23.99 -13.65
CA ALA E 48 12.46 24.83 -14.69
C ALA E 48 12.85 26.26 -14.21
N GLU E 49 11.98 26.89 -13.42
CA GLU E 49 12.30 28.20 -12.86
C GLU E 49 13.53 28.07 -11.99
N TYR E 50 13.63 26.99 -11.21
CA TYR E 50 14.81 26.85 -10.33
C TYR E 50 16.06 26.74 -11.23
N MET E 51 15.94 25.97 -12.27
CA MET E 51 17.09 25.76 -13.19
C MET E 51 17.52 27.09 -13.82
N ALA E 52 16.55 27.89 -14.21
CA ALA E 52 16.83 29.19 -14.81
C ALA E 52 17.55 30.09 -13.87
N LYS E 53 17.15 30.05 -12.62
CA LYS E 53 17.68 30.95 -11.65
C LYS E 53 19.03 30.53 -11.14
N TYR E 54 19.22 29.27 -10.82
CA TYR E 54 20.43 28.85 -10.10
C TYR E 54 21.42 28.04 -10.93
N LEU E 55 20.98 27.46 -12.06
CA LEU E 55 21.77 26.38 -12.72
C LEU E 55 22.18 26.68 -14.15
N LYS E 56 21.40 27.49 -14.83
CA LYS E 56 21.61 27.72 -16.22
C LYS E 56 23.00 28.24 -16.60
N PRO E 57 23.57 29.13 -15.81
CA PRO E 57 24.92 29.58 -16.15
C PRO E 57 26.01 28.48 -16.07
N PHE E 58 25.69 27.37 -15.47
CA PHE E 58 26.62 26.24 -15.37
C PHE E 58 26.38 25.13 -16.42
N GLY E 59 25.45 25.33 -17.36
CA GLY E 59 25.24 24.36 -18.42
C GLY E 59 23.93 23.54 -18.32
N TRP E 60 23.25 23.62 -17.19
CA TRP E 60 22.03 22.84 -17.04
C TRP E 60 20.95 23.49 -17.91
N GLU E 61 20.37 22.76 -18.83
CA GLU E 61 19.37 23.35 -19.67
C GLU E 61 18.13 22.53 -20.05
N TYR E 62 18.19 21.21 -19.99
CA TYR E 62 17.06 20.38 -20.47
C TYR E 62 16.09 20.16 -19.28
N VAL E 63 14.82 20.37 -19.55
CA VAL E 63 13.77 20.13 -18.55
C VAL E 63 12.97 19.00 -19.13
N VAL E 64 13.04 17.84 -18.51
CA VAL E 64 12.50 16.66 -19.16
C VAL E 64 11.34 16.05 -18.42
N VAL E 65 10.25 15.90 -19.13
CA VAL E 65 9.07 15.26 -18.58
C VAL E 65 9.16 13.77 -18.87
N ASP E 66 9.19 12.97 -17.83
CA ASP E 66 9.43 11.55 -18.02
C ASP E 66 8.09 10.84 -18.32
N ILE E 67 8.08 9.55 -18.07
CA ILE E 67 7.20 8.65 -18.71
C ILE E 67 5.75 8.88 -18.29
N GLN E 68 4.87 8.61 -19.22
CA GLN E 68 3.44 8.53 -18.99
C GLN E 68 2.73 9.90 -18.69
N TRP E 69 3.22 10.95 -19.31
CA TRP E 69 2.51 12.24 -19.30
C TRP E 69 1.12 12.17 -19.93
N TYR E 70 0.87 11.12 -20.66
CA TYR E 70 -0.40 10.88 -21.34
C TYR E 70 -1.39 10.02 -20.52
N GLU E 71 -0.99 9.66 -19.29
CA GLU E 71 -1.78 8.77 -18.42
C GLU E 71 -2.35 9.60 -17.27
N PRO E 72 -3.66 9.99 -17.35
CA PRO E 72 -4.18 11.03 -16.43
C PRO E 72 -4.25 10.58 -15.03
N GLY E 73 -4.30 9.26 -14.80
CA GLY E 73 -4.38 8.78 -13.46
C GLY E 73 -3.08 8.38 -12.81
N ALA E 74 -1.96 8.65 -13.47
CA ALA E 74 -0.71 8.11 -12.97
C ALA E 74 -0.45 8.70 -11.61
N ASN E 75 0.14 7.93 -10.70
CA ASN E 75 0.35 8.41 -9.35
C ASN E 75 1.58 7.82 -8.67
N SER E 76 2.47 7.20 -9.42
CA SER E 76 3.58 6.50 -8.83
C SER E 76 4.63 6.19 -9.90
N SER E 77 5.66 5.51 -9.47
CA SER E 77 6.54 4.80 -10.37
C SER E 77 5.98 3.46 -10.81
N ILE E 78 4.99 2.96 -10.10
CA ILE E 78 4.26 1.76 -10.53
C ILE E 78 3.16 2.09 -11.50
N TYR E 79 3.20 1.51 -12.70
CA TYR E 79 2.23 1.84 -13.75
C TYR E 79 0.88 1.24 -13.40
N ARG E 80 -0.20 1.92 -13.74
CA ARG E 80 -1.53 1.37 -13.67
C ARG E 80 -1.82 0.71 -15.00
N PRO E 81 -1.85 -0.61 -15.06
CA PRO E 81 -1.81 -1.27 -16.37
C PRO E 81 -3.12 -1.30 -17.09
N PHE E 82 -3.02 -1.32 -18.40
CA PHE E 82 -4.13 -1.51 -19.28
C PHE E 82 -5.17 -0.40 -19.23
N VAL E 83 -4.77 0.79 -18.80
CA VAL E 83 -5.72 1.88 -18.66
C VAL E 83 -5.77 2.69 -19.95
N PRO E 84 -6.94 3.22 -20.27
CA PRO E 84 -7.00 4.21 -21.33
C PRO E 84 -6.03 5.37 -21.19
N LEU E 85 -5.59 5.84 -22.33
CA LEU E 85 -4.57 6.88 -22.40
C LEU E 85 -5.06 8.03 -23.25
N GLU E 86 -4.54 9.20 -23.01
CA GLU E 86 -4.92 10.41 -23.78
C GLU E 86 -4.28 10.35 -25.12
N MET E 87 -5.07 10.52 -26.16
CA MET E 87 -4.60 10.31 -27.50
C MET E 87 -5.38 11.23 -28.44
N ASP E 88 -4.77 11.61 -29.55
CA ASP E 88 -5.47 12.37 -30.57
C ASP E 88 -6.13 11.46 -31.60
N GLU E 89 -6.48 12.02 -32.76
CA GLU E 89 -7.25 11.32 -33.80
C GLU E 89 -6.35 10.60 -34.78
N TYR E 90 -5.04 10.64 -34.53
CA TYR E 90 -4.10 9.91 -35.37
C TYR E 90 -3.20 8.96 -34.59
N SER E 91 -3.76 8.34 -33.58
CA SER E 91 -3.05 7.33 -32.78
C SER E 91 -1.81 7.86 -32.05
N ARG E 92 -1.77 9.17 -31.77
CA ARG E 92 -0.68 9.77 -31.07
C ARG E 92 -1.01 10.16 -29.67
N LEU E 93 -0.22 9.70 -28.73
CA LEU E 93 -0.45 10.03 -27.36
C LEU E 93 -0.30 11.54 -27.10
N MET E 94 -1.10 12.04 -26.17
CA MET E 94 -1.19 13.49 -25.88
C MET E 94 -1.12 13.70 -24.40
N PRO E 95 -0.70 14.90 -23.98
CA PRO E 95 -0.70 15.14 -22.57
C PRO E 95 -2.03 15.10 -21.91
N ALA E 96 -2.04 14.57 -20.70
CA ALA E 96 -3.22 14.57 -19.85
C ALA E 96 -3.48 15.98 -19.32
N VAL E 97 -4.66 16.49 -19.63
CA VAL E 97 -5.00 17.89 -19.34
C VAL E 97 -5.20 18.17 -17.90
N ASN E 98 -5.63 17.18 -17.14
CA ASN E 98 -5.70 17.37 -15.72
C ASN E 98 -4.36 17.65 -15.14
N ARG E 99 -3.35 16.92 -15.59
CA ARG E 99 -1.99 17.12 -15.07
C ARG E 99 -1.26 18.29 -15.73
N PHE E 100 -1.62 18.58 -16.99
CA PHE E 100 -1.04 19.65 -17.75
C PHE E 100 -2.13 20.55 -18.30
N PRO E 101 -2.65 21.44 -17.45
CA PRO E 101 -3.78 22.26 -17.83
C PRO E 101 -3.54 23.10 -19.07
N SER E 102 -2.30 23.51 -19.34
CA SER E 102 -2.06 24.36 -20.56
C SER E 102 -2.30 23.60 -21.83
N ALA E 103 -2.39 22.27 -21.74
CA ALA E 103 -2.62 21.45 -22.91
C ALA E 103 -4.09 21.44 -23.32
N LYS E 104 -4.98 22.07 -22.52
CA LYS E 104 -6.44 22.22 -22.82
C LYS E 104 -6.65 22.63 -24.30
N GLY E 105 -7.59 21.99 -25.01
CA GLY E 105 -7.92 22.42 -26.38
C GLY E 105 -6.96 21.92 -27.43
N GLY E 106 -6.35 20.75 -27.16
CA GLY E 106 -5.50 20.10 -28.17
C GLY E 106 -4.15 20.77 -28.44
N LYS E 107 -3.70 21.62 -27.54
CA LYS E 107 -2.47 22.36 -27.71
C LYS E 107 -1.24 21.56 -27.33
N GLY E 108 -1.45 20.45 -26.61
CA GLY E 108 -0.37 19.58 -26.24
C GLY E 108 0.63 20.31 -25.42
N PHE E 109 1.91 20.02 -25.66
CA PHE E 109 2.97 20.59 -24.87
C PHE E 109 3.51 21.93 -25.42
N LYS E 110 2.94 22.48 -26.47
CA LYS E 110 3.47 23.75 -26.97
C LYS E 110 3.53 24.87 -25.95
N PRO E 111 2.45 25.06 -25.18
CA PRO E 111 2.53 26.15 -24.20
C PRO E 111 3.61 25.91 -23.16
N LEU E 112 3.71 24.70 -22.69
CA LEU E 112 4.72 24.38 -21.65
C LEU E 112 6.13 24.52 -22.21
N ALA E 113 6.33 24.06 -23.43
CA ALA E 113 7.65 24.18 -24.06
C ALA E 113 8.01 25.66 -24.31
N ASP E 114 7.00 26.46 -24.72
CA ASP E 114 7.22 27.90 -24.91
C ASP E 114 7.66 28.54 -23.62
N TYR E 115 7.03 28.15 -22.52
CA TYR E 115 7.37 28.72 -21.21
C TYR E 115 8.80 28.41 -20.88
N ILE E 116 9.18 27.18 -21.14
CA ILE E 116 10.53 26.72 -20.82
C ILE E 116 11.56 27.37 -21.71
N HIS E 117 11.27 27.47 -22.98
CA HIS E 117 12.13 28.20 -23.91
C HIS E 117 12.32 29.66 -23.51
N ASN E 118 11.26 30.29 -23.02
CA ASN E 118 11.33 31.69 -22.62
C ASN E 118 12.16 31.90 -21.41
N LEU E 119 12.40 30.84 -20.64
CA LEU E 119 13.36 30.93 -19.57
C LEU E 119 14.80 30.70 -20.08
N GLY E 120 14.97 30.49 -21.39
CA GLY E 120 16.32 30.16 -21.91
C GLY E 120 16.73 28.68 -21.76
N LEU E 121 15.74 27.79 -21.63
CA LEU E 121 15.94 26.37 -21.38
C LEU E 121 15.40 25.56 -22.51
N LYS E 122 15.62 24.24 -22.46
CA LYS E 122 15.13 23.33 -23.48
C LYS E 122 14.19 22.33 -22.90
N PHE E 123 13.35 21.78 -23.76
CA PHE E 123 12.25 20.91 -23.33
C PHE E 123 12.39 19.49 -23.84
N GLY E 124 12.27 18.57 -22.91
CA GLY E 124 12.35 17.14 -23.27
C GLY E 124 11.13 16.35 -22.83
N ILE E 125 10.82 15.29 -23.57
CA ILE E 125 9.83 14.34 -23.16
C ILE E 125 10.35 12.90 -23.31
N HIS E 126 9.69 12.01 -22.60
CA HIS E 126 9.86 10.60 -22.69
C HIS E 126 8.80 10.02 -23.57
N ILE E 127 9.17 9.05 -24.40
CA ILE E 127 8.19 8.24 -25.08
C ILE E 127 8.51 6.76 -24.92
N MET E 128 7.48 5.94 -25.07
CA MET E 128 7.60 4.50 -25.15
C MET E 128 7.63 4.09 -26.58
N ARG E 129 8.55 3.19 -26.89
CA ARG E 129 8.62 2.62 -28.21
C ARG E 129 7.24 2.12 -28.60
N GLY E 130 6.87 2.36 -29.84
CA GLY E 130 5.79 1.70 -30.50
C GLY E 130 4.56 2.57 -30.69
N ILE E 131 3.41 1.93 -30.70
CA ILE E 131 2.13 2.52 -30.99
C ILE E 131 1.09 2.02 -29.97
N PRO E 132 0.11 2.87 -29.56
CA PRO E 132 -0.60 2.47 -28.32
C PRO E 132 -1.43 1.26 -28.57
N ARG E 133 -1.42 0.34 -27.62
CA ARG E 133 -2.30 -0.80 -27.76
C ARG E 133 -3.72 -0.39 -28.07
N GLN E 134 -4.18 0.69 -27.45
CA GLN E 134 -5.58 1.05 -27.67
C GLN E 134 -5.79 1.41 -29.10
N ALA E 135 -4.76 1.91 -29.77
CA ALA E 135 -4.94 2.41 -31.15
C ALA E 135 -5.02 1.23 -32.03
N VAL E 136 -4.25 0.21 -31.69
CA VAL E 136 -4.27 -1.02 -32.45
C VAL E 136 -5.60 -1.72 -32.33
N HIS E 137 -6.10 -1.83 -31.11
CA HIS E 137 -7.40 -2.51 -30.86
C HIS E 137 -8.56 -1.79 -31.49
N GLN E 138 -8.53 -0.49 -31.46
CA GLN E 138 -9.59 0.31 -32.08
C GLN E 138 -9.30 0.53 -33.53
N ASN E 139 -8.09 0.21 -33.94
CA ASN E 139 -7.67 0.50 -35.32
C ASN E 139 -7.86 1.96 -35.77
N THR E 140 -7.37 2.85 -34.94
CA THR E 140 -7.42 4.29 -35.25
C THR E 140 -6.45 4.67 -36.37
N PRO E 141 -6.62 5.85 -36.96
CA PRO E 141 -5.83 6.21 -38.13
C PRO E 141 -4.44 6.67 -37.84
N ILE E 142 -3.64 6.69 -38.91
CA ILE E 142 -2.28 7.18 -38.94
C ILE E 142 -2.28 8.38 -39.84
N LEU E 143 -1.69 9.47 -39.38
CA LEU E 143 -1.65 10.68 -40.18
C LEU E 143 -0.90 10.43 -41.45
N GLY E 144 -1.48 10.86 -42.56
CA GLY E 144 -0.80 10.80 -43.88
C GLY E 144 -0.89 9.50 -44.65
N THR E 145 -1.72 8.56 -44.21
CA THR E 145 -1.92 7.31 -44.92
C THR E 145 -3.33 6.88 -44.67
N ASN E 146 -3.68 5.85 -45.42
CA ASN E 146 -4.93 5.19 -45.27
C ASN E 146 -4.86 3.98 -44.35
N VAL E 147 -3.69 3.53 -43.98
CA VAL E 147 -3.63 2.31 -43.22
C VAL E 147 -3.87 2.66 -41.77
N GLY E 148 -4.38 1.69 -41.02
CA GLY E 148 -4.69 1.96 -39.65
C GLY E 148 -3.60 1.48 -38.72
N ALA E 149 -3.70 1.89 -37.48
CA ALA E 149 -2.77 1.49 -36.47
C ALA E 149 -2.64 -0.05 -36.37
N ARG E 150 -3.76 -0.75 -36.53
CA ARG E 150 -3.70 -2.16 -36.42
C ARG E 150 -2.77 -2.78 -37.44
N ASP E 151 -2.70 -2.20 -38.63
CA ASP E 151 -1.98 -2.79 -39.75
C ASP E 151 -0.46 -2.63 -39.61
N ILE E 152 0.01 -1.81 -38.69
CA ILE E 152 1.42 -1.62 -38.56
C ILE E 152 2.00 -2.27 -37.32
N ALA E 153 1.14 -2.79 -36.45
CA ALA E 153 1.65 -3.35 -35.20
C ALA E 153 2.34 -4.67 -35.42
N ASP E 154 3.39 -4.88 -34.65
CA ASP E 154 3.98 -6.18 -34.49
C ASP E 154 3.01 -7.04 -33.66
N THR E 155 2.78 -8.28 -34.05
CA THR E 155 1.91 -9.19 -33.28
C THR E 155 2.57 -9.89 -32.11
N ASN E 156 3.87 -9.74 -31.95
CA ASN E 156 4.60 -10.33 -30.84
C ASN E 156 5.72 -9.42 -30.37
N SER E 157 5.36 -8.24 -29.93
CA SER E 157 6.35 -7.30 -29.39
C SER E 157 5.67 -6.41 -28.39
N ILE E 158 6.12 -6.52 -27.16
CA ILE E 158 5.63 -5.72 -26.08
C ILE E 158 6.78 -5.33 -25.23
N CYS E 159 6.51 -4.45 -24.28
CA CYS E 159 7.46 -4.10 -23.26
C CYS E 159 7.08 -4.92 -22.03
N PRO E 160 8.06 -5.58 -21.43
CA PRO E 160 7.77 -6.46 -20.32
C PRO E 160 7.46 -5.75 -19.05
N TRP E 161 7.68 -4.44 -18.98
CA TRP E 161 7.48 -3.71 -17.75
C TRP E 161 6.49 -2.53 -17.93
N ASN E 162 5.81 -2.47 -19.08
CA ASN E 162 4.80 -1.43 -19.27
C ASN E 162 3.89 -1.86 -20.37
N THR E 163 2.60 -1.64 -20.19
CA THR E 163 1.60 -2.17 -21.08
C THR E 163 1.03 -1.23 -22.14
N ASP E 164 1.58 -0.04 -22.24
CA ASP E 164 0.91 1.03 -23.03
C ASP E 164 0.91 0.80 -24.54
N MET E 165 1.97 0.19 -25.04
CA MET E 165 2.21 0.09 -26.47
C MET E 165 2.38 -1.34 -26.94
N TYR E 166 2.26 -1.49 -28.26
CA TYR E 166 2.79 -2.58 -29.01
C TYR E 166 3.96 -2.02 -29.88
N GLY E 167 4.90 -2.89 -30.22
CA GLY E 167 5.94 -2.56 -31.11
C GLY E 167 5.36 -2.37 -32.51
N VAL E 168 6.05 -1.51 -33.26
CA VAL E 168 5.70 -1.24 -34.61
C VAL E 168 6.67 -2.05 -35.52
N ASP E 169 6.11 -2.61 -36.57
CA ASP E 169 6.77 -3.47 -37.51
C ASP E 169 7.21 -2.68 -38.73
N HIS E 170 8.53 -2.47 -38.84
CA HIS E 170 9.11 -1.65 -39.90
C HIS E 170 8.82 -2.15 -41.29
N ARG E 171 8.44 -3.41 -41.42
CA ARG E 171 8.17 -3.98 -42.74
C ARG E 171 6.81 -3.57 -43.27
N LYS E 172 5.97 -3.02 -42.42
CA LYS E 172 4.62 -2.69 -42.83
C LYS E 172 4.51 -1.31 -43.39
N GLU E 173 3.74 -1.18 -44.46
CA GLU E 173 3.37 0.12 -44.99
C GLU E 173 2.66 0.89 -43.88
N GLY E 174 3.12 2.13 -43.65
CA GLY E 174 2.58 3.05 -42.66
C GLY E 174 3.43 3.17 -41.41
N ALA E 175 4.36 2.24 -41.21
CA ALA E 175 5.13 2.24 -39.98
C ALA E 175 5.94 3.50 -39.89
N GLN E 176 6.68 3.81 -40.93
CA GLN E 176 7.56 4.96 -40.86
C GLN E 176 6.71 6.24 -40.83
N ALA E 177 5.61 6.22 -41.55
CA ALA E 177 4.65 7.32 -41.51
C ALA E 177 4.19 7.58 -40.08
N TYR E 178 3.97 6.54 -39.29
CA TYR E 178 3.54 6.79 -37.89
C TYR E 178 4.62 7.46 -37.10
N TYR E 179 5.82 6.93 -37.17
CA TYR E 179 6.93 7.56 -36.41
C TYR E 179 7.20 8.97 -36.91
N ASP E 180 7.10 9.20 -38.23
CA ASP E 180 7.29 10.55 -38.76
C ASP E 180 6.26 11.48 -38.12
N SER E 181 5.03 11.00 -38.00
CA SER E 181 3.94 11.82 -37.48
C SER E 181 4.18 12.16 -36.04
N LEU E 182 4.86 11.29 -35.31
CA LEU E 182 5.10 11.59 -33.90
C LEU E 182 6.06 12.73 -33.78
N PHE E 183 7.12 12.67 -34.58
CA PHE E 183 8.14 13.71 -34.47
C PHE E 183 7.72 15.02 -35.14
N GLN E 184 6.80 14.96 -36.07
CA GLN E 184 6.12 16.17 -36.53
C GLN E 184 5.39 16.81 -35.40
N LEU E 185 4.66 16.00 -34.63
CA LEU E 185 3.93 16.53 -33.48
C LEU E 185 4.87 17.09 -32.44
N TYR E 186 5.93 16.37 -32.16
CA TYR E 186 6.88 16.84 -31.13
C TYR E 186 7.65 18.10 -31.59
N ALA E 187 7.97 18.17 -32.86
CA ALA E 187 8.59 19.38 -33.41
C ALA E 187 7.64 20.57 -33.35
N GLN E 188 6.36 20.36 -33.65
CA GLN E 188 5.37 21.46 -33.50
CA GLN E 188 5.33 21.41 -33.52
C GLN E 188 5.33 21.94 -32.09
N TRP E 189 5.39 21.02 -31.12
CA TRP E 189 5.39 21.46 -29.73
C TRP E 189 6.60 22.22 -29.34
N GLY E 190 7.68 22.08 -30.10
CA GLY E 190 9.01 22.62 -29.66
C GLY E 190 9.87 21.71 -28.78
N VAL E 191 9.61 20.40 -28.83
CA VAL E 191 10.46 19.43 -28.12
C VAL E 191 11.89 19.53 -28.66
N ASP E 192 12.84 19.55 -27.77
CA ASP E 192 14.26 19.59 -28.09
C ASP E 192 15.03 18.29 -27.79
N PHE E 193 14.36 17.33 -27.15
CA PHE E 193 15.01 16.17 -26.53
C PHE E 193 13.94 15.12 -26.32
N VAL E 194 14.18 13.90 -26.80
CA VAL E 194 13.33 12.78 -26.54
C VAL E 194 14.12 11.61 -25.93
N LYS E 195 13.58 11.11 -24.82
CA LYS E 195 14.04 9.89 -24.22
C LYS E 195 13.08 8.79 -24.60
N VAL E 196 13.56 7.82 -25.41
CA VAL E 196 12.80 6.66 -25.83
C VAL E 196 13.10 5.46 -24.96
N ALA E 197 12.05 4.82 -24.45
CA ALA E 197 12.21 3.69 -23.54
C ALA E 197 11.73 2.45 -24.21
N ASP E 198 12.10 1.32 -23.62
CA ASP E 198 11.83 -0.02 -24.17
C ASP E 198 12.45 -0.20 -25.53
N ILE E 199 13.64 0.30 -25.68
CA ILE E 199 14.23 0.28 -27.01
C ILE E 199 15.62 -0.40 -27.04
N VAL E 200 16.28 -0.55 -25.92
CA VAL E 200 17.68 -0.96 -25.93
C VAL E 200 17.86 -2.35 -25.37
N ALA E 201 17.36 -2.54 -24.17
CA ALA E 201 17.49 -3.80 -23.52
C ALA E 201 16.09 -4.23 -23.34
N SER E 202 15.90 -5.52 -23.49
CA SER E 202 14.63 -6.12 -23.16
C SER E 202 14.95 -7.54 -22.76
N LYS E 203 14.46 -7.91 -21.58
CA LYS E 203 14.50 -9.30 -21.10
C LYS E 203 14.02 -10.23 -22.25
N LEU E 204 12.80 -9.95 -22.72
CA LEU E 204 12.13 -10.68 -23.81
C LEU E 204 12.78 -10.66 -25.24
N TYR E 205 13.19 -9.49 -25.74
CA TYR E 205 13.50 -9.31 -27.19
C TYR E 205 14.87 -8.74 -27.48
N GLY E 206 15.60 -8.35 -26.45
CA GLY E 206 16.84 -7.62 -26.70
C GLY E 206 16.59 -6.28 -27.43
N THR E 207 17.52 -5.91 -28.32
CA THR E 207 17.62 -4.52 -28.82
C THR E 207 16.72 -4.31 -30.04
N HIS E 208 15.87 -3.30 -29.94
CA HIS E 208 14.97 -2.97 -31.02
C HIS E 208 15.63 -2.05 -32.07
N THR E 209 16.47 -2.68 -32.90
CA THR E 209 17.33 -1.98 -33.79
C THR E 209 16.53 -1.32 -34.92
N GLU E 210 15.50 -1.99 -35.41
CA GLU E 210 14.73 -1.45 -36.54
C GLU E 210 13.93 -0.19 -36.16
N GLU E 211 13.45 -0.15 -34.91
CA GLU E 211 12.72 1.02 -34.44
C GLU E 211 13.66 2.13 -34.11
N ILE E 212 14.86 1.80 -33.67
CA ILE E 212 15.87 2.83 -33.48
C ILE E 212 16.09 3.53 -34.81
N LYS E 213 16.19 2.77 -35.88
CA LYS E 213 16.44 3.38 -37.17
C LYS E 213 15.25 4.18 -37.69
N MET E 214 14.04 3.70 -37.43
CA MET E 214 12.87 4.43 -37.81
C MET E 214 12.76 5.77 -37.06
N ILE E 215 13.12 5.76 -35.80
CA ILE E 215 13.09 6.97 -35.01
C ILE E 215 14.12 7.98 -35.51
N ARG E 216 15.34 7.51 -35.81
CA ARG E 216 16.45 8.35 -36.28
C ARG E 216 15.95 9.08 -37.53
N LYS E 217 15.33 8.32 -38.40
CA LYS E 217 14.79 8.87 -39.62
C LYS E 217 13.67 9.89 -39.37
N ALA E 218 12.78 9.58 -38.45
CA ALA E 218 11.65 10.47 -38.18
C ALA E 218 12.14 11.80 -37.63
N ILE E 219 13.15 11.74 -36.77
CA ILE E 219 13.72 12.92 -36.21
C ILE E 219 14.42 13.72 -37.33
N ASP E 220 15.19 13.04 -38.16
CA ASP E 220 15.87 13.73 -39.25
C ASP E 220 14.86 14.39 -40.21
N ARG E 221 13.67 13.83 -40.35
CA ARG E 221 12.71 14.40 -41.25
C ARG E 221 11.90 15.52 -40.66
N CYS E 222 11.90 15.67 -39.35
CA CYS E 222 10.94 16.55 -38.72
C CYS E 222 11.36 18.00 -38.83
N GLY E 223 12.60 18.25 -39.21
CA GLY E 223 13.07 19.62 -39.41
C GLY E 223 13.55 20.35 -38.14
N ARG E 224 13.56 19.72 -36.97
CA ARG E 224 13.98 20.41 -35.75
C ARG E 224 15.02 19.57 -35.07
N PRO E 225 16.04 20.21 -34.48
CA PRO E 225 16.98 19.48 -33.67
C PRO E 225 16.29 18.85 -32.48
N ILE E 226 16.33 17.51 -32.44
CA ILE E 226 15.85 16.76 -31.29
C ILE E 226 16.91 15.74 -30.89
N VAL E 227 17.46 15.93 -29.71
CA VAL E 227 18.41 15.04 -29.14
C VAL E 227 17.75 13.70 -28.74
N LEU E 228 18.36 12.59 -29.13
CA LEU E 228 17.81 11.25 -28.93
C LEU E 228 18.56 10.48 -27.84
N SER E 229 17.81 10.20 -26.77
CA SER E 229 18.25 9.41 -25.62
C SER E 229 17.51 8.06 -25.61
N LEU E 230 18.27 6.99 -25.44
CA LEU E 230 17.74 5.65 -25.41
C LEU E 230 17.84 5.00 -24.03
N SER E 231 16.80 4.23 -23.69
CA SER E 231 16.65 3.65 -22.37
CA SER E 231 16.66 3.64 -22.37
C SER E 231 15.74 2.43 -22.43
N PRO E 232 15.77 1.62 -21.38
CA PRO E 232 16.71 1.53 -20.29
C PRO E 232 17.95 0.72 -20.79
N GLY E 233 19.00 0.64 -20.00
CA GLY E 233 20.05 -0.30 -20.30
C GLY E 233 19.78 -1.64 -19.61
N PRO E 234 20.77 -2.57 -19.62
CA PRO E 234 22.14 -2.39 -20.12
C PRO E 234 22.19 -2.45 -21.63
N ALA E 235 22.79 -1.42 -22.22
CA ALA E 235 23.06 -1.40 -23.63
C ALA E 235 24.18 -2.39 -23.98
N PRO E 236 23.92 -3.26 -24.94
CA PRO E 236 24.95 -4.25 -25.30
C PRO E 236 26.01 -3.60 -26.19
N LEU E 237 27.26 -3.89 -25.88
CA LEU E 237 28.38 -3.43 -26.66
C LEU E 237 28.35 -3.97 -28.05
N ASP E 238 27.70 -5.09 -28.22
CA ASP E 238 27.50 -5.65 -29.53
C ASP E 238 26.89 -4.65 -30.49
N HIS E 239 26.12 -3.67 -29.99
CA HIS E 239 25.39 -2.75 -30.85
C HIS E 239 26.00 -1.36 -30.72
N ALA E 240 27.25 -1.30 -30.30
CA ALA E 240 27.95 -0.03 -30.21
C ALA E 240 27.86 0.85 -31.45
N THR E 241 28.07 0.28 -32.61
CA THR E 241 28.09 1.10 -33.79
C THR E 241 26.75 1.72 -33.98
N LEU E 242 25.73 0.91 -33.82
CA LEU E 242 24.35 1.36 -34.04
C LEU E 242 24.03 2.53 -33.10
N PHE E 243 24.41 2.40 -31.86
CA PHE E 243 24.13 3.43 -30.91
C PHE E 243 24.92 4.66 -31.25
N VAL E 244 26.20 4.47 -31.62
CA VAL E 244 27.09 5.61 -31.80
C VAL E 244 26.61 6.41 -33.00
N GLU E 245 26.12 5.74 -34.02
CA GLU E 245 25.70 6.42 -35.19
C GLU E 245 24.29 6.98 -35.12
N ASN E 246 23.43 6.44 -34.26
CA ASN E 246 22.01 6.81 -34.30
C ASN E 246 21.49 7.61 -33.10
N ALA E 247 22.12 7.51 -31.95
CA ALA E 247 21.66 8.10 -30.78
C ALA E 247 22.67 9.07 -30.24
N ASN E 248 22.18 10.09 -29.55
CA ASN E 248 23.05 11.00 -28.80
C ASN E 248 23.39 10.52 -27.43
N MET E 249 22.53 9.70 -26.85
CA MET E 249 22.83 9.09 -25.54
C MET E 249 22.07 7.75 -25.39
N TRP E 250 22.69 6.83 -24.67
CA TRP E 250 22.11 5.52 -24.51
C TRP E 250 22.52 4.95 -23.19
N ARG E 251 21.55 4.43 -22.48
CA ARG E 251 21.75 3.99 -21.09
C ARG E 251 22.66 2.74 -21.06
N MET E 252 23.72 2.84 -20.27
CA MET E 252 24.62 1.72 -20.01
C MET E 252 24.02 0.65 -19.10
N THR E 253 23.01 1.02 -18.35
CA THR E 253 22.60 0.30 -17.15
C THR E 253 21.09 0.33 -17.01
N ASP E 254 20.57 -0.67 -16.31
CA ASP E 254 19.22 -0.63 -15.85
C ASP E 254 19.07 0.51 -14.89
N ASP E 255 17.84 0.82 -14.48
CA ASP E 255 17.60 2.09 -13.78
C ASP E 255 18.47 2.29 -12.57
N PHE E 256 19.12 3.45 -12.52
CA PHE E 256 20.07 3.77 -11.47
C PHE E 256 19.37 4.47 -10.28
N TRP E 257 19.78 4.11 -9.06
CA TRP E 257 19.17 4.62 -7.85
C TRP E 257 20.23 4.85 -6.80
N ASP E 258 19.81 5.49 -5.72
CA ASP E 258 20.66 5.80 -4.59
C ASP E 258 20.95 4.58 -3.73
N ARG E 259 21.71 3.64 -4.31
CA ARG E 259 22.14 2.43 -3.61
C ARG E 259 23.62 2.18 -3.98
N TRP E 260 24.51 2.09 -2.98
CA TRP E 260 25.97 1.95 -3.24
C TRP E 260 26.32 0.86 -4.26
N GLU E 261 25.64 -0.25 -4.14
CA GLU E 261 25.85 -1.35 -5.02
C GLU E 261 25.80 -0.90 -6.48
N LEU E 262 24.88 -0.05 -6.82
CA LEU E 262 24.69 0.34 -8.22
C LEU E 262 25.70 1.35 -8.64
N LEU E 263 26.16 2.14 -7.69
CA LEU E 263 27.20 3.10 -7.94
C LEU E 263 28.55 2.33 -8.14
N TYR E 264 28.80 1.38 -7.25
CA TYR E 264 29.95 0.49 -7.40
C TYR E 264 29.96 -0.10 -8.79
N ASP E 265 28.83 -0.64 -9.21
CA ASP E 265 28.75 -1.32 -10.49
C ASP E 265 29.00 -0.39 -11.67
N MET E 266 28.72 0.90 -11.52
CA MET E 266 28.84 1.79 -12.66
C MET E 266 30.32 1.86 -13.12
N PHE E 267 31.26 1.72 -12.18
CA PHE E 267 32.70 1.80 -12.54
C PHE E 267 33.06 0.88 -13.68
N GLU E 268 32.54 -0.33 -13.64
CA GLU E 268 32.80 -1.28 -14.70
C GLU E 268 32.17 -0.85 -16.03
N GLN E 269 30.93 -0.35 -15.98
CA GLN E 269 30.23 -0.06 -17.19
C GLN E 269 30.94 1.06 -17.88
N CYS E 270 31.43 2.03 -17.13
CA CYS E 270 32.19 3.11 -17.73
C CYS E 270 33.44 2.56 -18.42
N TYR E 271 34.14 1.67 -17.74
CA TYR E 271 35.32 1.04 -18.32
C TYR E 271 34.94 0.41 -19.65
N LYS E 272 33.78 -0.22 -19.68
CA LYS E 272 33.37 -0.97 -20.87
C LYS E 272 33.03 -0.10 -22.05
N TRP E 273 32.55 1.11 -21.76
CA TRP E 273 32.04 1.98 -22.78
C TRP E 273 32.95 3.13 -23.11
N CYS E 274 34.02 3.29 -22.35
CA CYS E 274 34.83 4.53 -22.47
C CYS E 274 35.30 4.86 -23.88
N LYS E 275 35.48 3.87 -24.75
CA LYS E 275 36.02 4.15 -26.09
C LYS E 275 34.98 4.65 -27.06
N LEU E 276 33.72 4.61 -26.65
CA LEU E 276 32.66 5.01 -27.55
C LEU E 276 32.14 6.38 -27.16
N VAL E 277 32.74 6.99 -26.15
CA VAL E 277 32.35 8.32 -25.74
C VAL E 277 32.96 9.30 -26.68
N GLY E 278 32.16 10.23 -27.18
CA GLY E 278 32.68 11.26 -28.06
C GLY E 278 31.60 12.27 -28.43
N LEU E 279 32.04 13.35 -29.05
CA LEU E 279 31.19 14.42 -29.42
C LEU E 279 29.93 13.91 -30.11
N GLY E 280 28.78 14.22 -29.54
CA GLY E 280 27.50 13.83 -30.13
C GLY E 280 26.93 12.47 -29.72
N HIS E 281 27.73 11.65 -29.05
CA HIS E 281 27.33 10.27 -28.80
C HIS E 281 27.84 9.80 -27.43
N TRP E 282 26.93 9.85 -26.44
CA TRP E 282 27.28 9.79 -25.01
C TRP E 282 26.69 8.61 -24.25
N PRO E 283 27.50 7.61 -23.99
CA PRO E 283 26.98 6.53 -23.15
C PRO E 283 26.53 7.12 -21.86
N ASP E 284 25.40 6.61 -21.33
CA ASP E 284 24.65 7.33 -20.27
C ASP E 284 24.64 6.54 -19.01
N ALA E 285 25.18 7.15 -17.97
CA ALA E 285 25.22 6.53 -16.67
C ALA E 285 23.92 6.79 -15.86
N ASP E 286 22.93 7.44 -16.48
CA ASP E 286 21.61 7.63 -15.90
C ASP E 286 21.53 8.79 -14.96
N MET E 287 20.32 9.06 -14.54
CA MET E 287 19.96 10.25 -13.78
C MET E 287 20.56 10.23 -12.43
N LEU E 288 20.78 11.43 -11.91
CA LEU E 288 21.44 11.59 -10.63
C LEU E 288 20.40 11.60 -9.49
N PRO E 289 20.39 10.56 -8.67
CA PRO E 289 19.43 10.51 -7.55
C PRO E 289 19.96 11.27 -6.38
N LEU E 290 19.86 12.58 -6.49
CA LEU E 290 20.33 13.51 -5.51
C LEU E 290 19.19 14.33 -4.97
N GLY E 291 19.37 14.86 -3.78
CA GLY E 291 18.38 15.70 -3.18
C GLY E 291 17.12 14.94 -2.81
N HIS E 292 15.98 15.58 -3.05
CA HIS E 292 14.69 15.05 -2.61
C HIS E 292 14.07 14.21 -3.69
N ILE E 293 13.99 12.92 -3.41
CA ILE E 293 13.46 12.02 -4.39
C ILE E 293 12.38 11.15 -3.76
N GLY E 294 11.78 10.31 -4.58
CA GLY E 294 10.83 9.34 -4.09
C GLY E 294 9.53 10.00 -3.56
N ILE E 295 9.20 11.18 -4.06
CA ILE E 295 8.01 11.89 -3.59
C ILE E 295 6.77 11.15 -4.06
N ARG E 296 6.67 10.89 -5.34
CA ARG E 296 5.68 9.96 -5.84
C ARG E 296 6.40 8.90 -6.71
N SER E 297 7.46 8.33 -6.13
CA SER E 297 8.15 7.15 -6.68
C SER E 297 8.41 6.22 -5.53
N VAL E 298 8.42 4.95 -5.86
CA VAL E 298 8.55 3.91 -4.90
C VAL E 298 9.72 2.98 -5.30
N ASP E 299 10.41 3.34 -6.37
CA ASP E 299 11.43 2.49 -6.94
C ASP E 299 12.74 2.65 -6.16
N GLY E 300 13.69 1.73 -6.42
CA GLY E 300 14.99 1.79 -5.78
C GLY E 300 14.96 1.29 -4.34
N GLY E 301 13.82 0.74 -3.94
CA GLY E 301 13.65 0.27 -2.59
C GLY E 301 13.49 1.39 -1.61
N GLY E 302 13.12 2.58 -2.06
CA GLY E 302 12.85 3.69 -1.08
C GLY E 302 11.49 4.35 -1.25
N THR E 303 11.22 5.25 -0.33
CA THR E 303 10.06 6.14 -0.45
C THR E 303 10.53 7.59 -0.27
N ASP E 304 9.63 8.50 0.12
CA ASP E 304 9.90 9.88 0.16
C ASP E 304 11.12 10.16 1.00
N ARG E 305 12.15 10.75 0.40
CA ARG E 305 13.43 10.82 1.09
C ARG E 305 14.38 11.82 0.49
N MET E 306 15.36 12.22 1.28
CA MET E 306 16.59 12.75 0.70
C MET E 306 17.47 11.56 0.30
N THR E 307 18.33 11.75 -0.71
CA THR E 307 19.14 10.61 -1.24
C THR E 307 19.90 9.89 -0.13
N ARG E 308 19.92 8.58 -0.22
CA ARG E 308 20.56 7.73 0.77
C ARG E 308 22.07 7.66 0.52
N PHE E 309 22.55 8.21 -0.59
CA PHE E 309 23.98 8.34 -0.81
C PHE E 309 24.55 9.27 0.22
N THR E 310 25.64 8.87 0.84
CA THR E 310 26.37 9.78 1.71
C THR E 310 27.02 10.85 0.86
N LYS E 311 27.46 11.92 1.50
CA LYS E 311 28.15 12.97 0.80
C LYS E 311 29.33 12.45 0.00
N ASP E 312 30.12 11.55 0.59
CA ASP E 312 31.24 10.96 -0.12
C ASP E 312 30.76 10.26 -1.35
N GLU E 313 29.68 9.52 -1.20
CA GLU E 313 29.13 8.78 -2.33
C GLU E 313 28.57 9.68 -3.41
N GLN E 314 27.92 10.75 -2.99
CA GLN E 314 27.39 11.72 -3.95
C GLN E 314 28.54 12.29 -4.77
N ARG E 315 29.60 12.65 -4.08
CA ARG E 315 30.80 13.24 -4.74
C ARG E 315 31.46 12.21 -5.63
N THR E 316 31.49 10.98 -5.19
CA THR E 316 32.06 9.97 -6.03
C THR E 316 31.27 9.79 -7.32
N MET E 317 29.95 9.71 -7.19
CA MET E 317 29.09 9.62 -8.37
C MET E 317 29.30 10.81 -9.29
N MET E 318 29.20 12.01 -8.75
CA MET E 318 29.40 13.16 -9.58
C MET E 318 30.76 13.10 -10.23
N THR E 319 31.75 12.72 -9.45
CA THR E 319 33.14 12.71 -10.01
C THR E 319 33.27 11.69 -11.18
N LEU E 320 32.69 10.51 -11.05
CA LEU E 320 32.80 9.56 -12.15
C LEU E 320 32.02 10.03 -13.34
N TRP E 321 30.78 10.50 -13.12
CA TRP E 321 29.94 10.91 -14.27
C TRP E 321 30.61 12.08 -14.98
N ILE E 322 31.22 12.97 -14.20
CA ILE E 322 31.90 14.14 -14.78
C ILE E 322 33.10 13.78 -15.64
N ILE E 323 34.01 12.99 -15.09
CA ILE E 323 35.23 12.69 -15.86
C ILE E 323 34.97 11.80 -17.06
N PHE E 324 34.02 10.87 -16.91
CA PHE E 324 33.62 9.98 -18.00
C PHE E 324 32.87 10.71 -19.09
N ARG E 325 32.19 11.80 -18.68
CA ARG E 325 31.34 12.61 -19.54
C ARG E 325 29.95 12.00 -19.79
N SER E 326 29.38 11.45 -18.74
CA SER E 326 27.98 11.01 -18.85
C SER E 326 27.12 12.24 -18.95
N PRO E 327 26.04 12.17 -19.70
CA PRO E 327 24.99 13.18 -19.50
C PRO E 327 24.64 13.31 -18.05
N LEU E 328 24.24 14.52 -17.65
CA LEU E 328 23.94 14.84 -16.26
C LEU E 328 22.48 15.31 -16.19
N MET E 329 21.64 14.42 -15.63
CA MET E 329 20.22 14.68 -15.53
C MET E 329 19.90 14.55 -14.01
N PHE E 330 19.64 15.68 -13.38
CA PHE E 330 19.32 15.75 -11.97
C PHE E 330 17.88 15.22 -11.74
N GLY E 331 17.75 14.34 -10.76
CA GLY E 331 16.52 13.56 -10.62
C GLY E 331 15.68 13.96 -9.41
N GLY E 332 16.26 14.76 -8.55
CA GLY E 332 15.50 15.30 -7.40
C GLY E 332 14.61 16.49 -7.74
N GLU E 333 13.74 16.81 -6.80
CA GLU E 333 12.93 18.01 -6.80
C GLU E 333 13.85 19.13 -6.44
N LEU E 334 14.19 19.94 -7.45
CA LEU E 334 15.26 20.98 -7.27
C LEU E 334 14.95 21.97 -6.20
N ARG E 335 13.66 22.32 -6.04
CA ARG E 335 13.28 23.37 -5.09
C ARG E 335 13.46 23.00 -3.64
N ASP E 336 13.70 21.73 -3.37
CA ASP E 336 14.02 21.32 -2.02
C ASP E 336 15.50 21.14 -1.82
N ASN E 337 16.34 21.59 -2.76
CA ASN E 337 17.78 21.45 -2.57
C ASN E 337 18.25 22.19 -1.36
N ASP E 338 19.16 21.58 -0.62
CA ASP E 338 19.96 22.31 0.32
C ASP E 338 21.23 22.85 -0.35
N GLU E 339 22.06 23.54 0.42
CA GLU E 339 23.24 24.21 -0.10
C GLU E 339 24.22 23.18 -0.62
N TRP E 340 24.41 22.15 0.19
CA TRP E 340 25.31 21.05 -0.17
C TRP E 340 24.96 20.52 -1.56
N THR E 341 23.70 20.21 -1.74
CA THR E 341 23.26 19.60 -3.01
C THR E 341 23.48 20.53 -4.16
N LEU E 342 23.16 21.78 -3.96
CA LEU E 342 23.35 22.79 -5.04
C LEU E 342 24.82 22.96 -5.37
N SER E 343 25.66 22.84 -4.35
CA SER E 343 27.12 22.98 -4.54
C SER E 343 27.67 21.92 -5.45
N LEU E 344 27.01 20.75 -5.51
CA LEU E 344 27.48 19.70 -6.44
C LEU E 344 27.30 20.07 -7.90
N LEU E 345 26.40 21.01 -8.16
CA LEU E 345 25.98 21.35 -9.52
C LEU E 345 26.54 22.60 -10.09
N THR E 346 27.18 23.38 -9.23
CA THR E 346 27.60 24.71 -9.57
C THR E 346 29.11 24.98 -9.47
N ASN E 347 29.91 23.92 -9.54
CA ASN E 347 31.35 24.05 -9.47
C ASN E 347 31.91 24.06 -10.86
N GLU E 348 32.26 25.26 -11.31
CA GLU E 348 32.73 25.48 -12.70
C GLU E 348 34.04 24.75 -13.00
N GLU E 349 34.86 24.55 -11.97
CA GLU E 349 36.17 23.92 -12.20
C GLU E 349 35.98 22.43 -12.47
N VAL E 350 35.07 21.82 -11.72
CA VAL E 350 34.69 20.44 -11.99
C VAL E 350 34.01 20.30 -13.34
N LEU E 351 33.10 21.19 -13.63
CA LEU E 351 32.34 21.04 -14.86
C LEU E 351 33.21 21.16 -16.09
N HIS E 352 34.30 21.91 -15.98
CA HIS E 352 35.24 22.07 -17.11
C HIS E 352 35.74 20.70 -17.57
N VAL E 353 35.87 19.78 -16.61
CA VAL E 353 36.32 18.42 -16.93
C VAL E 353 35.32 17.67 -17.82
N HIS E 354 34.04 17.92 -17.55
CA HIS E 354 32.94 17.30 -18.29
C HIS E 354 32.79 17.94 -19.65
N GLN E 355 32.90 19.25 -19.69
CA GLN E 355 32.63 20.01 -20.91
C GLN E 355 33.79 19.99 -21.86
N ASN E 356 34.99 20.05 -21.32
CA ASN E 356 36.18 20.23 -22.15
C ASN E 356 37.23 19.12 -22.06
N GLY E 357 37.03 18.17 -21.17
CA GLY E 357 37.87 17.02 -21.13
C GLY E 357 37.59 16.05 -22.23
N TYR E 358 38.57 15.20 -22.51
CA TYR E 358 38.43 14.13 -23.47
C TYR E 358 39.46 13.09 -23.19
N GLY E 359 39.28 11.92 -23.82
CA GLY E 359 40.17 10.78 -23.65
C GLY E 359 40.04 10.04 -22.34
N ALA E 360 38.96 10.25 -21.57
CA ALA E 360 38.86 9.60 -20.28
C ALA E 360 39.10 8.11 -20.39
N ARG E 361 39.92 7.61 -19.47
CA ARG E 361 40.23 6.18 -19.42
C ARG E 361 40.50 5.77 -18.00
N GLN E 362 40.29 4.49 -17.75
CA GLN E 362 40.66 3.89 -16.45
C GLN E 362 42.20 3.63 -16.49
N VAL E 363 42.93 4.25 -15.61
CA VAL E 363 44.37 4.04 -15.53
C VAL E 363 44.64 2.69 -14.89
N TYR E 364 43.99 2.42 -13.77
CA TYR E 364 43.96 1.06 -13.27
C TYR E 364 42.77 0.85 -12.36
N ARG E 365 42.50 -0.42 -12.09
CA ARG E 365 41.60 -0.82 -11.03
C ARG E 365 42.20 -2.03 -10.31
N GLU E 366 42.48 -1.90 -9.03
CA GLU E 366 43.20 -2.95 -8.28
C GLU E 366 42.81 -2.81 -6.81
N ASN E 367 42.39 -3.92 -6.20
CA ASN E 367 41.92 -3.95 -4.81
C ASN E 367 40.87 -2.90 -4.50
N ASP E 368 39.93 -2.74 -5.42
CA ASP E 368 38.83 -1.76 -5.23
C ASP E 368 39.37 -0.34 -5.03
N HIS E 369 40.53 -0.05 -5.62
CA HIS E 369 40.97 1.30 -5.86
C HIS E 369 40.96 1.53 -7.37
N VAL E 370 40.48 2.69 -7.80
CA VAL E 370 40.33 2.98 -9.24
C VAL E 370 40.73 4.39 -9.55
N VAL E 371 41.44 4.56 -10.65
CA VAL E 371 41.88 5.84 -11.04
C VAL E 371 41.53 6.04 -12.52
N TRP E 372 40.96 7.20 -12.81
CA TRP E 372 40.61 7.59 -14.15
C TRP E 372 41.34 8.83 -14.44
N THR E 373 41.60 9.05 -15.72
CA THR E 373 42.19 10.32 -16.08
C THR E 373 41.70 10.74 -17.44
N SER E 374 41.69 12.05 -17.63
CA SER E 374 41.40 12.64 -18.95
C SER E 374 42.20 13.94 -19.07
N GLN E 375 42.04 14.64 -20.16
CA GLN E 375 42.70 15.90 -20.27
C GLN E 375 41.92 16.90 -21.07
N ASP E 376 42.40 18.15 -21.08
CA ASP E 376 41.86 19.13 -22.04
C ASP E 376 42.89 19.51 -23.09
N ALA E 377 42.50 20.42 -23.99
CA ALA E 377 43.35 20.85 -25.08
C ALA E 377 44.44 21.85 -24.64
N GLU E 378 44.35 22.37 -23.44
CA GLU E 378 45.35 23.28 -22.92
C GLU E 378 46.42 22.49 -22.15
N GLY E 379 46.40 21.17 -22.24
CA GLY E 379 47.39 20.36 -21.55
C GLY E 379 47.15 20.13 -20.08
N ASN E 380 46.00 20.53 -19.55
CA ASN E 380 45.68 20.15 -18.18
C ASN E 380 45.31 18.68 -18.17
N GLN E 381 45.63 18.03 -17.07
CA GLN E 381 45.31 16.63 -16.96
C GLN E 381 44.44 16.46 -15.71
N PHE E 382 43.34 15.73 -15.85
CA PHE E 382 42.43 15.54 -14.73
C PHE E 382 42.53 14.14 -14.25
N VAL E 383 42.60 13.99 -12.95
CA VAL E 383 42.66 12.65 -12.40
C VAL E 383 41.68 12.45 -11.25
N ALA E 384 40.87 11.42 -11.43
CA ALA E 384 39.85 11.06 -10.48
C ALA E 384 40.25 9.80 -9.81
N MET E 385 40.32 9.84 -8.50
CA MET E 385 40.86 8.75 -7.75
C MET E 385 39.79 8.32 -6.76
N PHE E 386 39.51 7.04 -6.76
CA PHE E 386 38.41 6.49 -6.05
C PHE E 386 38.77 5.32 -5.16
N ASN E 387 38.26 5.33 -3.95
CA ASN E 387 38.34 4.16 -3.11
C ASN E 387 36.94 3.61 -3.09
N ILE E 388 36.72 2.56 -3.83
CA ILE E 388 35.44 1.89 -3.86
C ILE E 388 35.36 0.60 -3.01
N SER E 389 36.30 0.49 -2.08
CA SER E 389 36.36 -0.64 -1.11
C SER E 389 35.66 -0.22 0.17
N GLU E 390 35.63 -1.15 1.11
CA GLU E 390 34.98 -0.95 2.42
C GLU E 390 35.93 -0.45 3.49
N LYS E 391 37.18 -0.21 3.14
CA LYS E 391 38.17 0.27 4.14
C LYS E 391 38.88 1.54 3.67
N ARG E 392 39.08 2.43 4.63
CA ARG E 392 39.95 3.55 4.44
C ARG E 392 41.33 3.09 3.95
N SER E 393 41.91 3.82 3.00
CA SER E 393 43.19 3.47 2.45
C SER E 393 43.78 4.60 1.68
N VAL E 394 45.07 4.51 1.42
CA VAL E 394 45.75 5.44 0.54
C VAL E 394 45.56 4.93 -0.87
N VAL E 395 45.15 5.83 -1.76
CA VAL E 395 45.03 5.53 -3.16
C VAL E 395 46.03 6.42 -3.87
N SER E 396 46.83 5.79 -4.75
CA SER E 396 47.91 6.51 -5.39
C SER E 396 48.03 6.16 -6.84
N VAL E 397 48.66 7.07 -7.56
CA VAL E 397 49.01 6.81 -8.92
C VAL E 397 50.28 7.61 -9.26
N SER E 398 51.19 6.99 -10.02
CA SER E 398 52.44 7.66 -10.40
C SER E 398 52.17 8.59 -11.56
N LEU E 399 52.89 9.69 -11.58
CA LEU E 399 52.87 10.55 -12.74
C LEU E 399 53.23 9.83 -14.02
N LYS E 400 54.20 8.90 -13.93
CA LYS E 400 54.62 8.05 -15.07
C LYS E 400 53.39 7.34 -15.65
N ASP E 401 52.60 6.69 -14.81
CA ASP E 401 51.38 6.02 -15.31
C ASP E 401 50.31 6.94 -15.93
N LEU E 402 50.33 8.21 -15.54
CA LEU E 402 49.48 9.23 -16.15
C LEU E 402 50.04 9.80 -17.43
N GLY E 403 51.28 9.42 -17.78
CA GLY E 403 51.91 10.02 -18.96
C GLY E 403 52.48 11.40 -18.74
N CYS E 404 52.66 11.81 -17.49
CA CYS E 404 53.31 13.10 -17.19
C CYS E 404 54.78 12.89 -16.95
N MET E 405 55.64 13.51 -17.76
CA MET E 405 57.09 13.26 -17.66
C MET E 405 57.81 14.16 -16.63
N GLU E 406 57.18 15.28 -16.28
CA GLU E 406 57.82 16.29 -15.48
C GLU E 406 56.94 16.55 -14.28
N PRO E 407 57.48 17.21 -13.23
CA PRO E 407 56.64 17.60 -12.10
C PRO E 407 55.52 18.55 -12.51
N MET E 408 54.44 18.48 -11.76
CA MET E 408 53.20 19.18 -12.08
C MET E 408 52.65 19.85 -10.85
N LYS E 409 51.89 20.90 -11.05
CA LYS E 409 51.09 21.50 -9.96
C LYS E 409 49.77 20.74 -9.89
N ALA E 410 49.28 20.53 -8.69
CA ALA E 410 48.04 19.84 -8.47
C ALA E 410 47.04 20.75 -7.79
N ARG E 411 45.77 20.59 -8.16
CA ARG E 411 44.67 21.34 -7.52
C ARG E 411 43.45 20.46 -7.31
N ASP E 412 42.90 20.52 -6.11
CA ASP E 412 41.68 19.78 -5.73
C ASP E 412 40.50 20.58 -6.26
N LEU E 413 39.85 20.06 -7.28
CA LEU E 413 38.86 20.81 -8.00
C LEU E 413 37.56 21.01 -7.17
N TRP E 414 37.13 19.98 -6.44
CA TRP E 414 35.93 20.13 -5.63
C TRP E 414 36.15 21.11 -4.51
N ALA E 415 37.31 21.06 -3.88
CA ALA E 415 37.63 21.96 -2.78
C ALA E 415 38.13 23.33 -3.25
N LYS E 416 38.46 23.45 -4.53
CA LYS E 416 39.07 24.69 -5.07
C LYS E 416 40.30 25.12 -4.26
N GLU E 417 41.24 24.21 -4.14
CA GLU E 417 42.37 24.36 -3.24
C GLU E 417 43.62 23.87 -3.97
N ASP E 418 44.62 24.73 -4.05
CA ASP E 418 45.91 24.33 -4.62
C ASP E 418 46.55 23.37 -3.66
N LEU E 419 47.16 22.34 -4.20
CA LEU E 419 47.79 21.31 -3.40
C LEU E 419 49.32 21.37 -3.48
N GLY E 420 49.85 22.20 -4.37
CA GLY E 420 51.27 22.33 -4.53
C GLY E 420 51.86 21.46 -5.61
N LEU E 421 53.18 21.37 -5.57
CA LEU E 421 53.94 20.73 -6.60
C LEU E 421 53.93 19.22 -6.33
N VAL E 422 53.83 18.42 -7.38
CA VAL E 422 53.88 16.95 -7.20
C VAL E 422 55.01 16.42 -8.10
N LYS E 423 55.95 15.69 -7.50
CA LYS E 423 57.16 15.32 -8.24
C LYS E 423 57.10 13.92 -8.81
N HIS E 424 56.52 12.97 -8.06
CA HIS E 424 56.53 11.56 -8.46
C HIS E 424 55.14 10.94 -8.53
N GLN E 425 54.30 11.21 -7.55
CA GLN E 425 53.00 10.59 -7.53
C GLN E 425 51.92 11.41 -6.83
N LEU E 426 50.67 11.13 -7.21
CA LEU E 426 49.51 11.59 -6.45
C LEU E 426 49.14 10.50 -5.48
N ALA E 427 48.91 10.89 -4.23
CA ALA E 427 48.47 9.93 -3.25
C ALA E 427 47.62 10.60 -2.19
N PHE E 428 46.50 9.97 -1.86
CA PHE E 428 45.56 10.54 -0.88
C PHE E 428 44.96 9.45 -0.04
N GLU E 429 44.81 9.74 1.25
CA GLU E 429 44.05 8.87 2.12
C GLU E 429 42.56 9.11 1.83
N LEU E 430 41.85 8.04 1.51
CA LEU E 430 40.44 8.14 1.15
C LEU E 430 39.62 7.15 1.93
N GLY E 431 38.52 7.62 2.53
CA GLY E 431 37.60 6.75 3.25
C GLY E 431 36.93 5.80 2.28
N PRO E 432 36.29 4.76 2.81
CA PRO E 432 35.56 3.87 1.89
C PRO E 432 34.52 4.65 1.10
N HIS E 433 34.45 4.41 -0.21
CA HIS E 433 33.48 5.06 -1.11
C HIS E 433 33.80 6.53 -1.36
N GLN E 434 34.96 6.97 -0.92
CA GLN E 434 35.36 8.33 -1.08
C GLN E 434 36.31 8.49 -2.28
N SER E 435 36.30 9.69 -2.87
CA SER E 435 37.06 9.98 -4.06
C SER E 435 37.60 11.41 -4.02
N ILE E 436 38.43 11.73 -5.02
CA ILE E 436 38.99 13.07 -5.15
C ILE E 436 39.27 13.32 -6.62
N LEU E 437 39.14 14.57 -7.01
CA LEU E 437 39.26 14.97 -8.40
C LEU E 437 40.31 16.08 -8.46
N VAL E 438 41.37 15.81 -9.21
CA VAL E 438 42.55 16.65 -9.22
C VAL E 438 42.87 17.12 -10.64
N LYS E 439 43.26 18.38 -10.75
CA LYS E 439 43.81 18.92 -11.96
C LYS E 439 45.33 19.04 -11.81
N LEU E 440 46.03 18.49 -12.78
CA LEU E 440 47.47 18.63 -12.89
C LEU E 440 47.74 19.56 -14.02
N SER E 441 48.58 20.55 -13.76
CA SER E 441 49.02 21.48 -14.82
C SER E 441 50.55 21.67 -14.73
N PRO E 442 51.15 22.15 -15.83
CA PRO E 442 52.60 22.33 -15.80
C PRO E 442 53.06 23.25 -14.69
N ALA E 443 54.18 22.89 -14.07
CA ALA E 443 54.78 23.74 -13.06
C ALA E 443 55.34 25.04 -13.74
N VAL E 444 54.84 26.21 -13.29
CA VAL E 444 55.02 27.54 -13.95
C VAL E 444 55.72 27.50 -15.31
N SER F 15 47.88 6.84 -25.40
CA SER F 15 47.99 6.54 -23.93
C SER F 15 49.05 5.45 -23.53
N MET F 16 49.02 4.30 -24.23
CA MET F 16 50.03 3.23 -24.03
C MET F 16 51.02 3.06 -25.21
N HIS F 17 52.21 2.88 -24.71
CA HIS F 17 53.40 2.93 -25.49
C HIS F 17 53.35 1.92 -26.65
N HIS F 18 52.78 0.74 -26.43
CA HIS F 18 52.79 -0.26 -27.45
C HIS F 18 52.01 0.07 -28.71
N TYR F 19 51.15 1.07 -28.65
CA TYR F 19 50.48 1.52 -29.86
C TYR F 19 51.47 1.93 -30.91
N GLN F 20 52.56 2.55 -30.47
CA GLN F 20 53.59 3.05 -31.40
C GLN F 20 54.30 1.92 -32.18
N TRP F 21 54.10 0.66 -31.79
CA TRP F 21 54.67 -0.45 -32.50
C TRP F 21 53.86 -0.88 -33.68
N ALA F 22 52.63 -0.34 -33.83
CA ALA F 22 51.77 -0.67 -34.98
C ALA F 22 50.93 0.54 -35.38
N LYS F 23 51.65 1.56 -35.82
CA LYS F 23 51.04 2.79 -36.16
C LYS F 23 50.12 2.61 -37.35
N THR F 24 50.43 1.64 -38.20
CA THR F 24 49.56 1.24 -39.29
C THR F 24 49.32 -0.27 -39.12
N PRO F 25 48.31 -0.79 -39.77
CA PRO F 25 47.93 -2.20 -39.48
C PRO F 25 49.01 -3.11 -40.00
N PRO F 26 49.50 -4.02 -39.16
CA PRO F 26 50.53 -4.94 -39.58
C PRO F 26 50.26 -5.62 -40.92
N MET F 27 51.32 -5.70 -41.74
CA MET F 27 51.25 -6.38 -43.03
C MET F 27 52.34 -7.41 -43.12
N GLY F 28 52.00 -8.58 -43.68
CA GLY F 28 52.92 -9.68 -43.67
C GLY F 28 52.36 -10.94 -44.28
N TRP F 29 53.01 -12.04 -43.91
CA TRP F 29 52.69 -13.37 -44.41
C TRP F 29 52.63 -14.30 -43.21
N ASN F 30 51.76 -15.28 -43.30
CA ASN F 30 51.60 -16.25 -42.24
C ASN F 30 51.46 -17.64 -42.84
N SER F 31 52.16 -18.60 -42.23
CA SER F 31 52.21 -19.99 -42.74
C SER F 31 50.99 -20.87 -42.58
N TRP F 32 49.94 -20.43 -41.87
CA TRP F 32 48.74 -21.29 -41.58
C TRP F 32 47.95 -21.76 -42.77
N ASP F 33 47.55 -20.84 -43.64
CA ASP F 33 46.64 -21.23 -44.71
C ASP F 33 47.29 -22.15 -45.73
N CYS F 34 48.61 -22.01 -45.92
CA CYS F 34 49.35 -22.83 -46.90
C CYS F 34 49.90 -24.13 -46.27
N TYR F 35 50.45 -24.06 -45.04
CA TYR F 35 51.15 -25.21 -44.45
C TYR F 35 50.60 -25.71 -43.13
N GLY F 36 49.50 -25.13 -42.66
CA GLY F 36 48.90 -25.63 -41.44
C GLY F 36 49.80 -25.42 -40.29
N ALA F 37 49.95 -26.45 -39.48
CA ALA F 37 50.88 -26.43 -38.35
C ALA F 37 52.31 -26.82 -38.69
N SER F 38 52.60 -27.02 -39.97
CA SER F 38 53.77 -27.87 -40.34
C SER F 38 54.91 -27.19 -41.14
N VAL F 39 54.96 -25.87 -41.14
CA VAL F 39 55.86 -25.18 -42.04
C VAL F 39 57.31 -25.51 -41.64
N THR F 40 58.19 -25.50 -42.64
CA THR F 40 59.64 -25.69 -42.40
C THR F 40 60.40 -24.40 -42.55
N GLU F 41 61.60 -24.41 -42.01
CA GLU F 41 62.52 -23.33 -42.18
C GLU F 41 62.68 -22.92 -43.64
N ASP F 42 62.88 -23.87 -44.52
CA ASP F 42 63.14 -23.47 -45.89
C ASP F 42 61.93 -22.74 -46.42
N GLU F 43 60.73 -23.23 -46.09
CA GLU F 43 59.49 -22.58 -46.61
C GLU F 43 59.36 -21.15 -46.10
N VAL F 44 59.72 -20.95 -44.86
CA VAL F 44 59.64 -19.65 -44.29
C VAL F 44 60.59 -18.73 -45.02
N LYS F 45 61.81 -19.22 -45.26
CA LYS F 45 62.86 -18.40 -45.84
C LYS F 45 62.49 -18.05 -47.24
N GLY F 46 61.94 -19.00 -47.96
CA GLY F 46 61.52 -18.76 -49.32
C GLY F 46 60.46 -17.67 -49.39
N ASN F 47 59.53 -17.70 -48.46
CA ASN F 47 58.44 -16.71 -48.48
C ASN F 47 59.01 -15.36 -48.08
N ALA F 48 59.91 -15.35 -47.11
CA ALA F 48 60.53 -14.13 -46.77
C ALA F 48 61.30 -13.51 -47.96
N GLU F 49 62.04 -14.33 -48.70
CA GLU F 49 62.81 -13.80 -49.81
C GLU F 49 61.89 -13.25 -50.80
N TYR F 50 60.78 -13.93 -51.02
CA TYR F 50 59.83 -13.41 -52.03
C TYR F 50 59.32 -12.04 -51.57
N MET F 51 59.08 -11.93 -50.29
CA MET F 51 58.65 -10.66 -49.75
C MET F 51 59.66 -9.58 -50.09
N ALA F 52 60.91 -9.92 -49.83
CA ALA F 52 62.01 -8.96 -49.87
C ALA F 52 62.18 -8.44 -51.28
N LYS F 53 61.89 -9.30 -52.24
CA LYS F 53 61.96 -8.99 -53.64
C LYS F 53 60.81 -8.21 -54.19
N TYR F 54 59.61 -8.66 -53.88
CA TYR F 54 58.48 -8.18 -54.55
C TYR F 54 57.46 -7.36 -53.70
N LEU F 55 57.58 -7.40 -52.37
CA LEU F 55 56.55 -6.84 -51.51
C LEU F 55 56.97 -5.82 -50.48
N LYS F 56 58.16 -5.92 -50.02
CA LYS F 56 58.62 -5.05 -49.00
C LYS F 56 58.40 -3.53 -49.26
N PRO F 57 58.63 -3.06 -50.49
CA PRO F 57 58.52 -1.60 -50.68
C PRO F 57 57.10 -1.11 -50.47
N PHE F 58 56.17 -2.06 -50.49
CA PHE F 58 54.76 -1.74 -50.33
C PHE F 58 54.21 -1.91 -48.93
N GLY F 59 55.06 -2.22 -47.95
CA GLY F 59 54.67 -2.25 -46.56
C GLY F 59 54.62 -3.66 -45.98
N TRP F 60 54.68 -4.68 -46.82
CA TRP F 60 54.66 -6.07 -46.32
C TRP F 60 55.96 -6.42 -45.63
N GLU F 61 55.93 -6.70 -44.34
CA GLU F 61 57.14 -6.88 -43.62
C GLU F 61 57.21 -8.02 -42.64
N TYR F 62 56.09 -8.51 -42.15
CA TYR F 62 56.14 -9.53 -41.04
C TYR F 62 56.15 -10.91 -41.69
N VAL F 63 57.01 -11.76 -41.19
CA VAL F 63 57.09 -13.15 -41.68
C VAL F 63 56.72 -13.98 -40.48
N VAL F 64 55.52 -14.59 -40.52
CA VAL F 64 54.99 -15.19 -39.29
C VAL F 64 54.88 -16.69 -39.35
N VAL F 65 55.52 -17.30 -38.41
CA VAL F 65 55.46 -18.75 -38.31
C VAL F 65 54.28 -19.08 -37.44
N ASP F 66 53.33 -19.78 -37.99
CA ASP F 66 52.11 -20.09 -37.26
C ASP F 66 52.29 -21.32 -36.38
N ILE F 67 51.18 -21.90 -36.00
CA ILE F 67 51.09 -22.71 -34.78
C ILE F 67 51.95 -23.98 -34.85
N GLN F 68 52.48 -24.36 -33.70
CA GLN F 68 53.03 -25.70 -33.50
C GLN F 68 54.41 -25.92 -34.16
N TRP F 69 55.18 -24.84 -34.23
CA TRP F 69 56.56 -24.92 -34.63
C TRP F 69 57.37 -25.82 -33.67
N TYR F 70 56.81 -26.12 -32.50
CA TYR F 70 57.43 -26.92 -31.44
C TYR F 70 57.01 -28.43 -31.51
N GLU F 71 56.26 -28.79 -32.53
CA GLU F 71 55.72 -30.13 -32.68
C GLU F 71 56.37 -30.79 -33.88
N PRO F 72 57.36 -31.67 -33.62
CA PRO F 72 58.22 -32.12 -34.74
C PRO F 72 57.52 -32.94 -35.74
N GLY F 73 56.44 -33.59 -35.33
CA GLY F 73 55.69 -34.46 -36.25
C GLY F 73 54.53 -33.81 -36.97
N ALA F 74 54.33 -32.48 -36.78
CA ALA F 74 53.16 -31.85 -37.37
C ALA F 74 53.17 -31.99 -38.88
N ASN F 75 52.02 -32.20 -39.49
CA ASN F 75 51.96 -32.49 -40.91
C ASN F 75 50.68 -31.98 -41.58
N SER F 76 49.91 -31.14 -40.90
CA SER F 76 48.58 -30.80 -41.38
C SER F 76 48.04 -29.60 -40.61
N SER F 77 46.82 -29.24 -40.92
CA SER F 77 46.03 -28.28 -40.10
C SER F 77 45.34 -29.06 -38.99
N ILE F 78 45.29 -30.39 -39.13
CA ILE F 78 44.83 -31.28 -38.03
C ILE F 78 45.94 -31.63 -37.03
N TYR F 79 45.77 -31.24 -35.78
CA TYR F 79 46.77 -31.53 -34.78
C TYR F 79 46.88 -32.99 -34.36
N ARG F 80 48.04 -33.33 -33.84
CA ARG F 80 48.34 -34.65 -33.37
C ARG F 80 48.27 -34.57 -31.86
N PRO F 81 47.18 -35.06 -31.31
CA PRO F 81 46.85 -34.87 -29.92
C PRO F 81 47.71 -35.61 -28.92
N PHE F 82 48.05 -34.92 -27.86
CA PHE F 82 48.70 -35.51 -26.70
C PHE F 82 50.12 -35.98 -26.99
N VAL F 83 50.77 -35.39 -27.97
CA VAL F 83 52.13 -35.81 -28.34
C VAL F 83 53.15 -34.98 -27.63
N PRO F 84 54.34 -35.52 -27.46
CA PRO F 84 55.41 -34.76 -26.85
C PRO F 84 55.81 -33.57 -27.72
N LEU F 85 56.34 -32.57 -27.06
CA LEU F 85 56.63 -31.34 -27.69
C LEU F 85 58.04 -30.94 -27.32
N GLU F 86 58.67 -30.21 -28.21
CA GLU F 86 60.00 -29.74 -27.97
C GLU F 86 59.96 -28.65 -26.91
N MET F 87 60.82 -28.76 -25.89
CA MET F 87 60.78 -27.87 -24.78
C MET F 87 62.14 -27.76 -24.11
N ASP F 88 62.45 -26.61 -23.53
CA ASP F 88 63.69 -26.42 -22.83
C ASP F 88 63.57 -26.88 -21.37
N GLU F 89 64.54 -26.48 -20.55
CA GLU F 89 64.62 -26.87 -19.13
C GLU F 89 63.82 -25.94 -18.19
N TYR F 90 63.11 -24.96 -18.75
CA TYR F 90 62.27 -24.04 -17.99
C TYR F 90 60.83 -24.02 -18.51
N SER F 91 60.35 -25.16 -18.97
CA SER F 91 58.97 -25.30 -19.39
C SER F 91 58.56 -24.42 -20.57
N ARG F 92 59.54 -23.98 -21.36
CA ARG F 92 59.26 -23.20 -22.55
C ARG F 92 59.38 -24.00 -23.83
N LEU F 93 58.36 -23.94 -24.66
CA LEU F 93 58.38 -24.64 -25.92
C LEU F 93 59.46 -24.05 -26.87
N MET F 94 60.07 -24.96 -27.65
CA MET F 94 61.21 -24.65 -28.51
C MET F 94 60.97 -25.18 -29.91
N PRO F 95 61.63 -24.60 -30.90
CA PRO F 95 61.41 -25.07 -32.26
C PRO F 95 61.92 -26.49 -32.49
N ALA F 96 61.16 -27.24 -33.25
CA ALA F 96 61.53 -28.57 -33.66
C ALA F 96 62.69 -28.48 -34.65
N VAL F 97 63.80 -29.09 -34.30
CA VAL F 97 65.04 -28.97 -35.07
C VAL F 97 64.98 -29.68 -36.43
N ASN F 98 64.19 -30.73 -36.55
CA ASN F 98 64.01 -31.33 -37.84
C ASN F 98 63.39 -30.38 -38.82
N ARG F 99 62.45 -29.56 -38.34
CA ARG F 99 61.75 -28.65 -39.23
C ARG F 99 62.52 -27.35 -39.36
N PHE F 100 63.25 -26.98 -38.32
CA PHE F 100 64.02 -25.76 -38.28
C PHE F 100 65.49 -26.06 -37.94
N PRO F 101 66.28 -26.49 -38.93
CA PRO F 101 67.63 -27.00 -38.63
C PRO F 101 68.53 -25.99 -38.01
N SER F 102 68.33 -24.71 -38.31
CA SER F 102 69.15 -23.68 -37.70
C SER F 102 68.95 -23.56 -36.18
N ALA F 103 67.90 -24.15 -35.66
CA ALA F 103 67.66 -24.13 -34.22
C ALA F 103 68.53 -25.13 -33.45
N LYS F 104 69.27 -26.00 -34.15
CA LYS F 104 70.13 -27.00 -33.45
C LYS F 104 70.97 -26.34 -32.36
N GLY F 105 71.17 -27.05 -31.28
CA GLY F 105 72.07 -26.58 -30.24
C GLY F 105 71.45 -25.52 -29.36
N GLY F 106 70.12 -25.57 -29.23
CA GLY F 106 69.41 -24.66 -28.29
C GLY F 106 69.30 -23.21 -28.74
N LYS F 107 69.51 -22.94 -30.02
CA LYS F 107 69.55 -21.56 -30.52
C LYS F 107 68.17 -21.01 -30.80
N GLY F 108 67.19 -21.91 -30.88
CA GLY F 108 65.83 -21.54 -31.12
C GLY F 108 65.70 -20.82 -32.44
N PHE F 109 64.92 -19.75 -32.42
CA PHE F 109 64.63 -19.02 -33.68
C PHE F 109 65.60 -17.88 -33.95
N LYS F 110 66.60 -17.63 -33.10
CA LYS F 110 67.48 -16.50 -33.37
C LYS F 110 68.13 -16.49 -34.78
N PRO F 111 68.67 -17.63 -35.24
CA PRO F 111 69.25 -17.63 -36.59
C PRO F 111 68.24 -17.36 -37.70
N LEU F 112 67.07 -17.97 -37.59
CA LEU F 112 66.03 -17.67 -38.57
C LEU F 112 65.58 -16.19 -38.52
N ALA F 113 65.49 -15.64 -37.31
CA ALA F 113 65.04 -14.25 -37.20
C ALA F 113 66.09 -13.32 -37.72
N ASP F 114 67.34 -13.67 -37.45
CA ASP F 114 68.49 -12.87 -37.97
C ASP F 114 68.43 -12.83 -39.49
N TYR F 115 68.15 -13.96 -40.09
CA TYR F 115 68.12 -14.04 -41.52
C TYR F 115 67.04 -13.09 -42.05
N ILE F 116 65.90 -13.12 -41.38
CA ILE F 116 64.72 -12.36 -41.80
C ILE F 116 64.98 -10.90 -41.62
N HIS F 117 65.58 -10.57 -40.50
CA HIS F 117 65.97 -9.20 -40.26
C HIS F 117 66.93 -8.69 -41.31
N ASN F 118 67.87 -9.55 -41.73
CA ASN F 118 68.89 -9.17 -42.70
C ASN F 118 68.31 -8.99 -44.07
N LEU F 119 67.11 -9.50 -44.29
CA LEU F 119 66.39 -9.10 -45.48
C LEU F 119 65.56 -7.79 -45.31
N GLY F 120 65.67 -7.13 -44.18
CA GLY F 120 64.90 -5.90 -43.94
C GLY F 120 63.44 -6.18 -43.52
N LEU F 121 63.20 -7.38 -43.00
CA LEU F 121 61.88 -7.84 -42.63
C LEU F 121 61.77 -8.06 -41.11
N LYS F 122 60.58 -8.41 -40.64
CA LYS F 122 60.34 -8.68 -39.22
C LYS F 122 59.84 -10.07 -39.03
N PHE F 123 60.06 -10.58 -37.82
CA PHE F 123 59.79 -11.97 -37.53
C PHE F 123 58.66 -12.17 -36.51
N GLY F 124 57.77 -13.07 -36.82
CA GLY F 124 56.63 -13.34 -35.93
C GLY F 124 56.47 -14.81 -35.65
N ILE F 125 55.96 -15.11 -34.47
CA ILE F 125 55.55 -16.46 -34.13
C ILE F 125 54.17 -16.53 -33.47
N HIS F 126 53.58 -17.69 -33.58
CA HIS F 126 52.36 -18.07 -32.95
C HIS F 126 52.66 -18.76 -31.64
N ILE F 127 51.94 -18.41 -30.57
CA ILE F 127 51.94 -19.21 -29.36
C ILE F 127 50.52 -19.54 -28.90
N MET F 128 50.42 -20.66 -28.20
CA MET F 128 49.19 -21.05 -27.57
C MET F 128 49.22 -20.52 -26.18
N ARG F 129 48.07 -19.98 -25.75
CA ARG F 129 47.91 -19.59 -24.36
C ARG F 129 48.26 -20.71 -23.40
N GLY F 130 48.94 -20.34 -22.34
CA GLY F 130 49.16 -21.21 -21.22
C GLY F 130 50.56 -21.80 -21.14
N ILE F 131 50.60 -22.99 -20.55
CA ILE F 131 51.83 -23.67 -20.21
C ILE F 131 51.65 -25.10 -20.65
N PRO F 132 52.72 -25.75 -21.15
CA PRO F 132 52.45 -27.04 -21.76
C PRO F 132 51.94 -28.05 -20.72
N ARG F 133 51.00 -28.85 -21.13
CA ARG F 133 50.55 -29.91 -20.29
C ARG F 133 51.69 -30.78 -19.80
N GLN F 134 52.61 -31.10 -20.69
CA GLN F 134 53.70 -32.00 -20.30
C GLN F 134 54.55 -31.38 -19.21
N ALA F 135 54.66 -30.05 -19.19
CA ALA F 135 55.43 -29.40 -18.13
C ALA F 135 54.71 -29.56 -16.79
N VAL F 136 53.38 -29.50 -16.84
CA VAL F 136 52.58 -29.50 -15.62
C VAL F 136 52.61 -30.91 -15.06
N HIS F 137 52.45 -31.91 -15.91
CA HIS F 137 52.55 -33.30 -15.46
C HIS F 137 53.93 -33.68 -14.92
N GLN F 138 54.99 -33.22 -15.54
CA GLN F 138 56.33 -33.52 -15.07
C GLN F 138 56.74 -32.55 -13.98
N ASN F 139 55.98 -31.49 -13.83
CA ASN F 139 56.37 -30.43 -12.91
C ASN F 139 57.77 -29.85 -13.12
N THR F 140 58.04 -29.47 -14.37
CA THR F 140 59.29 -28.86 -14.73
C THR F 140 59.41 -27.44 -14.19
N PRO F 141 60.63 -26.90 -14.09
CA PRO F 141 60.80 -25.60 -13.50
C PRO F 141 60.39 -24.42 -14.35
N ILE F 142 60.36 -23.28 -13.68
CA ILE F 142 60.08 -22.01 -14.26
C ILE F 142 61.27 -21.16 -14.00
N LEU F 143 61.73 -20.48 -15.03
CA LEU F 143 62.87 -19.64 -14.88
C LEU F 143 62.57 -18.53 -13.88
N GLY F 144 63.51 -18.31 -12.97
CA GLY F 144 63.51 -17.17 -12.07
C GLY F 144 62.77 -17.38 -10.76
N THR F 145 62.23 -18.57 -10.55
CA THR F 145 61.42 -18.85 -9.37
C THR F 145 61.66 -20.31 -8.98
N ASN F 146 61.29 -20.66 -7.77
CA ASN F 146 61.42 -22.03 -7.29
C ASN F 146 60.13 -22.81 -7.42
N VAL F 147 59.05 -22.20 -7.88
CA VAL F 147 57.81 -22.97 -8.03
C VAL F 147 57.86 -23.68 -9.35
N GLY F 148 57.10 -24.75 -9.46
CA GLY F 148 57.13 -25.55 -10.65
C GLY F 148 55.95 -25.28 -11.51
N ALA F 149 56.01 -25.77 -12.73
CA ALA F 149 54.95 -25.58 -13.68
C ALA F 149 53.63 -26.05 -13.10
N ARG F 150 53.66 -27.14 -12.35
CA ARG F 150 52.42 -27.68 -11.87
C ARG F 150 51.69 -26.70 -10.95
N ASP F 151 52.45 -25.88 -10.22
CA ASP F 151 51.88 -25.01 -9.20
C ASP F 151 51.22 -23.75 -9.82
N ILE F 152 51.41 -23.48 -11.11
CA ILE F 152 50.85 -22.29 -11.70
C ILE F 152 49.73 -22.63 -12.65
N ALA F 153 49.53 -23.91 -12.94
CA ALA F 153 48.45 -24.26 -13.85
C ALA F 153 47.07 -24.06 -13.26
N ASP F 154 46.16 -23.69 -14.13
CA ASP F 154 44.77 -23.72 -13.87
C ASP F 154 44.32 -25.15 -13.95
N THR F 155 43.49 -25.55 -13.00
CA THR F 155 42.95 -26.89 -12.96
C THR F 155 41.84 -27.17 -13.94
N ASN F 156 41.25 -26.11 -14.45
CA ASN F 156 40.06 -26.23 -15.29
C ASN F 156 40.11 -25.17 -16.37
N SER F 157 41.12 -25.29 -17.21
CA SER F 157 41.25 -24.42 -18.38
C SER F 157 42.08 -25.12 -19.44
N ILE F 158 41.43 -25.44 -20.53
CA ILE F 158 42.07 -26.02 -21.66
C ILE F 158 41.58 -25.29 -22.89
N CYS F 159 42.15 -25.66 -24.03
CA CYS F 159 41.72 -25.21 -25.31
C CYS F 159 40.94 -26.33 -25.88
N PRO F 160 39.75 -26.05 -26.34
CA PRO F 160 38.89 -27.14 -26.84
C PRO F 160 39.29 -27.72 -28.14
N TRP F 161 40.17 -27.07 -28.89
CA TRP F 161 40.51 -27.56 -30.22
C TRP F 161 42.04 -27.91 -30.32
N ASN F 162 42.76 -27.89 -29.21
CA ASN F 162 44.14 -28.21 -29.19
C ASN F 162 44.55 -28.61 -27.82
N THR F 163 45.38 -29.66 -27.73
CA THR F 163 45.75 -30.30 -26.45
C THR F 163 47.06 -29.94 -25.82
N ASP F 164 47.78 -28.97 -26.38
CA ASP F 164 49.15 -28.80 -25.99
C ASP F 164 49.33 -28.22 -24.61
N MET F 165 48.41 -27.32 -24.23
CA MET F 165 48.62 -26.49 -23.01
C MET F 165 47.48 -26.65 -22.01
N TYR F 166 47.77 -26.17 -20.81
CA TYR F 166 46.80 -25.79 -19.84
C TYR F 166 46.92 -24.32 -19.63
N GLY F 167 45.82 -23.73 -19.20
CA GLY F 167 45.81 -22.35 -18.85
C GLY F 167 46.62 -22.12 -17.61
N VAL F 168 47.14 -20.91 -17.51
CA VAL F 168 47.90 -20.48 -16.38
C VAL F 168 46.98 -19.60 -15.50
N ASP F 169 47.09 -19.80 -14.18
CA ASP F 169 46.28 -19.12 -13.18
C ASP F 169 47.02 -17.93 -12.60
N HIS F 170 46.57 -16.73 -12.97
CA HIS F 170 47.25 -15.47 -12.59
C HIS F 170 47.33 -15.28 -11.09
N ARG F 171 46.52 -16.01 -10.33
CA ARG F 171 46.55 -15.84 -8.87
C ARG F 171 47.73 -16.57 -8.22
N LYS F 172 48.38 -17.46 -8.95
CA LYS F 172 49.45 -18.24 -8.41
C LYS F 172 50.78 -17.58 -8.53
N GLU F 173 51.54 -17.65 -7.45
CA GLU F 173 52.93 -17.21 -7.46
C GLU F 173 53.66 -18.01 -8.54
N GLY F 174 54.39 -17.30 -9.38
CA GLY F 174 55.12 -17.87 -10.51
C GLY F 174 54.45 -17.72 -11.88
N ALA F 175 53.15 -17.43 -11.91
CA ALA F 175 52.41 -17.30 -13.17
C ALA F 175 52.97 -16.16 -14.05
N GLN F 176 53.10 -14.97 -13.49
CA GLN F 176 53.66 -13.87 -14.24
C GLN F 176 55.13 -14.13 -14.61
N ALA F 177 55.87 -14.77 -13.70
CA ALA F 177 57.27 -15.13 -13.97
C ALA F 177 57.37 -16.06 -15.18
N TYR F 178 56.44 -16.96 -15.33
CA TYR F 178 56.48 -17.82 -16.50
C TYR F 178 56.32 -16.98 -17.75
N TYR F 179 55.30 -16.14 -17.77
CA TYR F 179 54.98 -15.42 -19.02
C TYR F 179 56.11 -14.45 -19.28
N ASP F 180 56.68 -13.88 -18.24
CA ASP F 180 57.84 -13.03 -18.42
C ASP F 180 58.96 -13.83 -19.13
N SER F 181 59.16 -15.07 -18.72
CA SER F 181 60.25 -15.90 -19.23
C SER F 181 60.03 -16.25 -20.66
N LEU F 182 58.78 -16.36 -21.08
CA LEU F 182 58.52 -16.64 -22.48
C LEU F 182 58.94 -15.47 -23.36
N PHE F 183 58.64 -14.27 -22.92
CA PHE F 183 58.92 -13.11 -23.73
C PHE F 183 60.37 -12.67 -23.63
N GLN F 184 61.04 -13.03 -22.54
CA GLN F 184 62.49 -12.92 -22.49
C GLN F 184 63.08 -13.79 -23.57
N LEU F 185 62.58 -15.02 -23.70
CA LEU F 185 63.08 -15.94 -24.70
C LEU F 185 62.79 -15.39 -26.10
N TYR F 186 61.58 -14.92 -26.30
CA TYR F 186 61.22 -14.47 -27.65
C TYR F 186 62.00 -13.21 -28.00
N ALA F 187 62.24 -12.34 -27.03
CA ALA F 187 63.03 -11.16 -27.27
C ALA F 187 64.47 -11.52 -27.60
N GLN F 188 65.04 -12.51 -26.91
CA GLN F 188 66.41 -12.91 -27.29
C GLN F 188 66.48 -13.47 -28.68
N TRP F 189 65.43 -14.14 -29.13
CA TRP F 189 65.39 -14.60 -30.49
C TRP F 189 65.25 -13.50 -31.50
N GLY F 190 64.81 -12.33 -31.06
CA GLY F 190 64.48 -11.24 -31.98
C GLY F 190 63.07 -11.24 -32.55
N VAL F 191 62.14 -11.89 -31.86
CA VAL F 191 60.74 -11.89 -32.28
C VAL F 191 60.19 -10.47 -32.22
N ASP F 192 59.45 -10.08 -33.25
CA ASP F 192 58.87 -8.73 -33.37
C ASP F 192 57.31 -8.70 -33.29
N PHE F 193 56.69 -9.88 -33.24
CA PHE F 193 55.30 -10.06 -33.41
C PHE F 193 54.94 -11.42 -32.84
N VAL F 194 53.90 -11.46 -32.00
CA VAL F 194 53.32 -12.74 -31.51
C VAL F 194 51.83 -12.80 -31.73
N LYS F 195 51.38 -13.89 -32.32
CA LYS F 195 50.00 -14.20 -32.42
C LYS F 195 49.68 -15.22 -31.35
N VAL F 196 48.90 -14.83 -30.35
CA VAL F 196 48.45 -15.73 -29.29
C VAL F 196 47.12 -16.31 -29.67
N ALA F 197 47.00 -17.61 -29.56
CA ALA F 197 45.75 -18.31 -29.84
C ALA F 197 45.14 -18.90 -28.58
N ASP F 198 43.85 -19.24 -28.68
CA ASP F 198 43.02 -19.70 -27.54
C ASP F 198 42.92 -18.69 -26.46
N ILE F 199 42.74 -17.45 -26.85
CA ILE F 199 42.82 -16.40 -25.87
C ILE F 199 41.58 -15.47 -25.93
N VAL F 200 40.80 -15.52 -26.99
CA VAL F 200 39.75 -14.53 -27.15
C VAL F 200 38.38 -15.15 -27.05
N ALA F 201 38.17 -16.14 -27.87
CA ALA F 201 36.90 -16.78 -27.92
C ALA F 201 37.21 -18.17 -27.51
N SER F 202 36.29 -18.74 -26.76
CA SER F 202 36.36 -20.13 -26.43
C SER F 202 34.92 -20.59 -26.23
N LYS F 203 34.55 -21.66 -26.95
CA LYS F 203 33.27 -22.35 -26.75
C LYS F 203 33.07 -22.55 -25.23
N LEU F 204 34.04 -23.21 -24.61
CA LEU F 204 34.07 -23.55 -23.17
C LEU F 204 34.12 -22.38 -22.15
N TYR F 205 35.00 -21.40 -22.34
CA TYR F 205 35.35 -20.42 -21.27
C TYR F 205 35.16 -18.96 -21.63
N GLY F 206 34.86 -18.67 -22.89
CA GLY F 206 34.92 -17.28 -23.34
C GLY F 206 36.33 -16.68 -23.23
N THR F 207 36.41 -15.40 -22.87
CA THR F 207 37.63 -14.62 -23.07
C THR F 207 38.56 -14.73 -21.89
N HIS F 208 39.81 -15.05 -22.18
CA HIS F 208 40.84 -15.18 -21.16
C HIS F 208 41.53 -13.90 -20.81
N THR F 209 40.83 -13.08 -20.05
CA THR F 209 41.21 -11.70 -19.86
C THR F 209 42.44 -11.59 -18.99
N GLU F 210 42.56 -12.47 -18.01
CA GLU F 210 43.66 -12.38 -17.04
C GLU F 210 45.00 -12.78 -17.70
N GLU F 211 44.95 -13.72 -18.61
CA GLU F 211 46.11 -14.07 -19.38
C GLU F 211 46.46 -13.01 -20.43
N ILE F 212 45.44 -12.35 -20.99
CA ILE F 212 45.74 -11.21 -21.84
C ILE F 212 46.56 -10.19 -21.06
N LYS F 213 46.17 -9.91 -19.83
CA LYS F 213 46.88 -8.91 -19.09
C LYS F 213 48.27 -9.37 -18.71
N MET F 214 48.43 -10.65 -18.43
CA MET F 214 49.77 -11.15 -18.06
C MET F 214 50.71 -11.09 -19.27
N ILE F 215 50.17 -11.38 -20.44
CA ILE F 215 50.94 -11.30 -21.64
C ILE F 215 51.37 -9.85 -21.91
N ARG F 216 50.44 -8.92 -21.75
CA ARG F 216 50.72 -7.50 -21.98
C ARG F 216 51.91 -7.11 -21.12
N LYS F 217 51.84 -7.50 -19.86
CA LYS F 217 52.88 -7.14 -18.91
C LYS F 217 54.25 -7.82 -19.24
N ALA F 218 54.21 -9.10 -19.61
CA ALA F 218 55.40 -9.81 -20.01
C ALA F 218 56.10 -9.17 -21.23
N ILE F 219 55.30 -8.74 -22.20
CA ILE F 219 55.85 -8.02 -23.35
C ILE F 219 56.47 -6.74 -22.86
N ASP F 220 55.75 -6.00 -22.04
CA ASP F 220 56.24 -4.66 -21.66
C ASP F 220 57.53 -4.82 -20.88
N ARG F 221 57.68 -5.92 -20.17
CA ARG F 221 58.89 -6.12 -19.39
C ARG F 221 60.07 -6.67 -20.19
N CYS F 222 59.83 -7.23 -21.37
CA CYS F 222 60.90 -7.92 -22.08
C CYS F 222 61.88 -6.96 -22.78
N GLY F 223 61.54 -5.67 -22.89
CA GLY F 223 62.45 -4.70 -23.42
C GLY F 223 62.51 -4.63 -24.94
N ARG F 224 61.72 -5.40 -25.66
CA ARG F 224 61.75 -5.32 -27.11
C ARG F 224 60.33 -5.05 -27.62
N PRO F 225 60.17 -4.27 -28.69
CA PRO F 225 58.87 -4.10 -29.31
C PRO F 225 58.37 -5.39 -29.89
N ILE F 226 57.26 -5.89 -29.34
CA ILE F 226 56.63 -7.08 -29.82
C ILE F 226 55.17 -6.78 -29.99
N VAL F 227 54.73 -6.80 -31.24
CA VAL F 227 53.36 -6.58 -31.58
C VAL F 227 52.51 -7.78 -31.12
N LEU F 228 51.34 -7.51 -30.54
CA LEU F 228 50.44 -8.55 -29.99
C LEU F 228 49.17 -8.68 -30.78
N SER F 229 48.99 -9.89 -31.31
CA SER F 229 47.86 -10.35 -32.06
C SER F 229 47.13 -11.44 -31.33
N LEU F 230 45.81 -11.36 -31.31
CA LEU F 230 44.98 -12.30 -30.56
C LEU F 230 44.02 -13.01 -31.45
N SER F 231 43.83 -14.29 -31.15
CA SER F 231 43.05 -15.19 -31.98
C SER F 231 42.59 -16.37 -31.17
N PRO F 232 41.69 -17.14 -31.74
CA PRO F 232 40.80 -16.87 -32.84
C PRO F 232 39.64 -15.95 -32.38
N GLY F 233 38.79 -15.51 -33.31
CA GLY F 233 37.56 -14.80 -32.90
C GLY F 233 36.43 -15.81 -32.88
N PRO F 234 35.17 -15.36 -32.76
CA PRO F 234 34.75 -13.94 -32.71
C PRO F 234 35.06 -13.25 -31.41
N ALA F 235 35.72 -12.11 -31.51
CA ALA F 235 36.00 -11.28 -30.37
C ALA F 235 34.73 -10.59 -29.93
N PRO F 236 34.44 -10.65 -28.61
CA PRO F 236 33.19 -10.05 -28.16
C PRO F 236 33.37 -8.61 -27.94
N LEU F 237 32.41 -7.85 -28.42
CA LEU F 237 32.42 -6.38 -28.24
C LEU F 237 32.43 -6.03 -26.82
N ASP F 238 31.94 -6.92 -25.98
CA ASP F 238 31.85 -6.68 -24.58
C ASP F 238 33.21 -6.42 -23.98
N HIS F 239 34.27 -6.91 -24.64
CA HIS F 239 35.64 -6.71 -24.17
C HIS F 239 36.43 -5.73 -25.02
N ALA F 240 35.74 -4.87 -25.72
CA ALA F 240 36.39 -3.90 -26.58
C ALA F 240 37.44 -3.09 -25.88
N THR F 241 37.15 -2.61 -24.69
CA THR F 241 38.14 -1.77 -24.02
C THR F 241 39.41 -2.56 -23.77
N LEU F 242 39.24 -3.76 -23.26
CA LEU F 242 40.36 -4.64 -22.93
C LEU F 242 41.23 -4.91 -24.16
N PHE F 243 40.61 -5.22 -25.27
CA PHE F 243 41.34 -5.43 -26.45
C PHE F 243 42.04 -4.16 -26.90
N VAL F 244 41.33 -3.05 -26.85
CA VAL F 244 41.86 -1.80 -27.43
C VAL F 244 43.07 -1.43 -26.64
N GLU F 245 43.02 -1.63 -25.34
CA GLU F 245 44.09 -1.13 -24.52
C GLU F 245 45.27 -2.12 -24.42
N ASN F 246 45.04 -3.40 -24.69
CA ASN F 246 46.05 -4.40 -24.47
C ASN F 246 46.66 -5.08 -25.72
N ALA F 247 45.93 -5.12 -26.83
CA ALA F 247 46.34 -5.80 -27.99
C ALA F 247 46.48 -4.88 -29.17
N ASN F 248 47.35 -5.26 -30.12
CA ASN F 248 47.51 -4.47 -31.32
C ASN F 248 46.56 -4.94 -32.37
N MET F 249 46.16 -6.18 -32.29
CA MET F 249 45.19 -6.74 -33.19
C MET F 249 44.48 -7.89 -32.54
N TRP F 250 43.26 -8.10 -32.98
CA TRP F 250 42.41 -9.14 -32.38
C TRP F 250 41.39 -9.55 -33.37
N ARG F 251 41.27 -10.86 -33.52
CA ARG F 251 40.44 -11.46 -34.56
C ARG F 251 38.93 -11.21 -34.30
N MET F 252 38.25 -10.68 -35.30
CA MET F 252 36.83 -10.43 -35.27
C MET F 252 36.02 -11.71 -35.45
N THR F 253 36.65 -12.72 -36.05
CA THR F 253 35.95 -13.89 -36.52
C THR F 253 36.71 -15.17 -36.25
N ASP F 254 35.99 -16.28 -36.31
CA ASP F 254 36.59 -17.55 -36.37
C ASP F 254 37.38 -17.63 -37.65
N ASP F 255 38.14 -18.70 -37.83
CA ASP F 255 39.12 -18.78 -38.93
C ASP F 255 38.50 -18.51 -40.29
N PHE F 256 39.09 -17.57 -41.00
CA PHE F 256 38.58 -17.14 -42.32
C PHE F 256 39.21 -17.99 -43.43
N TRP F 257 38.43 -18.31 -44.45
CA TRP F 257 38.82 -19.11 -45.53
C TRP F 257 38.15 -18.64 -46.82
N ASP F 258 38.62 -19.22 -47.92
CA ASP F 258 38.18 -18.91 -49.24
C ASP F 258 36.84 -19.49 -49.51
N ARG F 259 35.84 -18.94 -48.83
CA ARG F 259 34.43 -19.31 -49.07
C ARG F 259 33.61 -18.00 -49.04
N TRP F 260 32.81 -17.76 -50.09
CA TRP F 260 31.97 -16.56 -50.18
C TRP F 260 31.15 -16.23 -48.91
N GLU F 261 30.55 -17.25 -48.37
CA GLU F 261 29.78 -17.10 -47.17
C GLU F 261 30.54 -16.37 -46.06
N LEU F 262 31.81 -16.68 -45.87
CA LEU F 262 32.58 -16.06 -44.81
C LEU F 262 32.97 -14.64 -45.18
N LEU F 263 33.18 -14.40 -46.46
CA LEU F 263 33.51 -13.06 -46.93
C LEU F 263 32.24 -12.17 -46.79
N TYR F 264 31.11 -12.68 -47.22
CA TYR F 264 29.80 -12.01 -46.97
C TYR F 264 29.63 -11.64 -45.52
N ASP F 265 29.87 -12.60 -44.64
CA ASP F 265 29.74 -12.34 -43.21
C ASP F 265 30.67 -11.27 -42.68
N MET F 266 31.84 -11.08 -43.30
CA MET F 266 32.80 -10.15 -42.72
C MET F 266 32.26 -8.69 -42.74
N PHE F 267 31.41 -8.40 -43.68
CA PHE F 267 30.82 -7.05 -43.78
C PHE F 267 30.17 -6.60 -42.50
N GLU F 268 29.46 -7.50 -41.88
CA GLU F 268 28.81 -7.17 -40.59
C GLU F 268 29.77 -6.98 -39.48
N GLN F 269 30.78 -7.82 -39.44
CA GLN F 269 31.75 -7.72 -38.35
C GLN F 269 32.48 -6.40 -38.45
N CYS F 270 32.83 -6.00 -39.67
CA CYS F 270 33.51 -4.73 -39.83
C CYS F 270 32.61 -3.60 -39.32
N TYR F 271 31.34 -3.63 -39.70
CA TYR F 271 30.35 -2.63 -39.21
C TYR F 271 30.39 -2.59 -37.69
N LYS F 272 30.48 -3.76 -37.07
CA LYS F 272 30.40 -3.83 -35.62
C LYS F 272 31.58 -3.33 -34.91
N TRP F 273 32.74 -3.45 -35.56
CA TRP F 273 33.97 -3.05 -34.92
C TRP F 273 34.52 -1.70 -35.35
N CYS F 274 33.90 -1.08 -36.35
CA CYS F 274 34.54 0.07 -37.02
C CYS F 274 34.93 1.19 -36.06
N LYS F 275 34.24 1.34 -34.92
CA LYS F 275 34.53 2.47 -34.04
C LYS F 275 35.68 2.22 -33.13
N LEU F 276 36.24 1.02 -33.17
CA LEU F 276 37.37 0.69 -32.29
C LEU F 276 38.69 0.62 -33.08
N VAL F 277 38.62 0.88 -34.37
CA VAL F 277 39.78 0.86 -35.19
C VAL F 277 40.53 2.15 -34.95
N GLY F 278 41.80 2.05 -34.68
CA GLY F 278 42.64 3.22 -34.55
C GLY F 278 44.13 2.87 -34.40
N LEU F 279 44.96 3.90 -34.48
CA LEU F 279 46.38 3.76 -34.42
C LEU F 279 46.78 2.85 -33.29
N GLY F 280 47.45 1.76 -33.63
CA GLY F 280 47.98 0.84 -32.60
C GLY F 280 47.05 -0.28 -32.20
N HIS F 281 45.78 -0.21 -32.63
CA HIS F 281 44.77 -1.19 -32.17
C HIS F 281 43.77 -1.53 -33.22
N TRP F 282 43.99 -2.69 -33.84
CA TRP F 282 43.38 -3.05 -35.11
C TRP F 282 42.51 -4.31 -35.08
N PRO F 283 41.18 -4.14 -35.06
CA PRO F 283 40.36 -5.31 -35.26
C PRO F 283 40.73 -6.03 -36.53
N ASP F 284 40.73 -7.35 -36.50
CA ASP F 284 41.45 -8.16 -37.48
C ASP F 284 40.50 -9.05 -38.22
N ALA F 285 40.47 -8.88 -39.51
CA ALA F 285 39.63 -9.64 -40.35
C ALA F 285 40.25 -10.95 -40.82
N ASP F 286 41.42 -11.25 -40.29
CA ASP F 286 42.11 -12.52 -40.52
C ASP F 286 42.84 -12.57 -41.89
N MET F 287 43.60 -13.64 -42.03
CA MET F 287 44.59 -13.80 -43.09
C MET F 287 43.90 -13.89 -44.41
N LEU F 288 44.63 -13.50 -45.44
CA LEU F 288 44.09 -13.47 -46.81
C LEU F 288 44.33 -14.80 -47.52
N PRO F 289 43.27 -15.54 -47.80
CA PRO F 289 43.42 -16.85 -48.46
C PRO F 289 43.45 -16.66 -49.94
N LEU F 290 44.61 -16.19 -50.38
CA LEU F 290 44.86 -15.88 -51.76
C LEU F 290 45.99 -16.79 -52.26
N GLY F 291 46.06 -16.91 -53.55
CA GLY F 291 47.10 -17.70 -54.14
C GLY F 291 47.01 -19.17 -53.76
N HIS F 292 48.18 -19.77 -53.56
CA HIS F 292 48.29 -21.21 -53.42
C HIS F 292 48.18 -21.56 -51.93
N ILE F 293 47.08 -22.23 -51.60
CA ILE F 293 46.82 -22.59 -50.22
C ILE F 293 46.54 -24.09 -50.10
N GLY F 294 46.41 -24.56 -48.86
CA GLY F 294 45.97 -25.91 -48.60
C GLY F 294 47.00 -26.97 -48.96
N ILE F 295 48.29 -26.57 -48.96
CA ILE F 295 49.34 -27.48 -49.40
C ILE F 295 49.52 -28.56 -48.36
N ARG F 296 49.72 -28.17 -47.11
CA ARG F 296 49.56 -29.11 -45.99
C ARG F 296 48.49 -28.61 -44.97
N SER F 297 47.34 -28.24 -45.50
CA SER F 297 46.22 -27.81 -44.72
C SER F 297 45.01 -28.39 -45.38
N VAL F 298 44.04 -28.69 -44.55
CA VAL F 298 42.88 -29.41 -44.95
C VAL F 298 41.63 -28.63 -44.48
N ASP F 299 41.85 -27.44 -43.91
CA ASP F 299 40.77 -26.64 -43.35
C ASP F 299 40.04 -25.87 -44.43
N GLY F 300 38.88 -25.34 -44.08
CA GLY F 300 38.10 -24.52 -45.01
C GLY F 300 37.34 -25.34 -46.00
N GLY F 301 37.32 -26.65 -45.76
CA GLY F 301 36.68 -27.56 -46.70
C GLY F 301 37.40 -27.73 -48.02
N GLY F 302 38.70 -27.44 -48.06
CA GLY F 302 39.49 -27.68 -49.26
C GLY F 302 40.79 -28.45 -49.04
N THR F 303 41.44 -28.75 -50.15
CA THR F 303 42.82 -29.30 -50.14
C THR F 303 43.74 -28.43 -51.04
N ASP F 304 44.85 -28.99 -51.49
CA ASP F 304 45.82 -28.26 -52.22
C ASP F 304 45.18 -27.56 -53.39
N ARG F 305 45.30 -26.24 -53.43
CA ARG F 305 44.49 -25.47 -54.40
C ARG F 305 44.97 -24.02 -54.52
N MET F 306 44.60 -23.40 -55.63
CA MET F 306 44.59 -21.95 -55.72
C MET F 306 43.26 -21.52 -55.09
N THR F 307 43.24 -20.34 -54.53
CA THR F 307 42.05 -19.86 -53.81
C THR F 307 40.80 -19.98 -54.63
N ARG F 308 39.72 -20.39 -53.98
CA ARG F 308 38.46 -20.59 -54.68
C ARG F 308 37.69 -19.29 -54.85
N PHE F 309 38.15 -18.23 -54.19
CA PHE F 309 37.59 -16.90 -54.47
C PHE F 309 37.80 -16.54 -55.93
N THR F 310 36.76 -16.05 -56.59
CA THR F 310 36.91 -15.49 -57.92
C THR F 310 37.67 -14.18 -57.83
N LYS F 311 38.14 -13.69 -58.96
CA LYS F 311 38.86 -12.44 -59.00
C LYS F 311 38.03 -11.31 -58.39
N ASP F 312 36.75 -11.25 -58.74
CA ASP F 312 35.85 -10.24 -58.18
C ASP F 312 35.80 -10.36 -56.68
N GLU F 313 35.77 -11.59 -56.19
CA GLU F 313 35.77 -11.82 -54.73
C GLU F 313 37.04 -11.45 -54.08
N GLN F 314 38.15 -11.79 -54.73
CA GLN F 314 39.45 -11.46 -54.18
C GLN F 314 39.60 -9.94 -54.05
N ARG F 315 39.18 -9.22 -55.08
CA ARG F 315 39.15 -7.78 -55.05
C ARG F 315 38.21 -7.19 -54.00
N THR F 316 37.05 -7.80 -53.85
CA THR F 316 36.08 -7.37 -52.88
C THR F 316 36.68 -7.47 -51.49
N MET F 317 37.27 -8.61 -51.19
CA MET F 317 37.94 -8.85 -49.94
C MET F 317 39.07 -7.87 -49.70
N MET F 318 39.93 -7.69 -50.68
CA MET F 318 41.04 -6.78 -50.47
C MET F 318 40.48 -5.42 -50.22
N THR F 319 39.44 -5.09 -50.99
CA THR F 319 38.87 -3.70 -50.89
C THR F 319 38.27 -3.44 -49.48
N LEU F 320 37.59 -4.44 -48.91
CA LEU F 320 37.05 -4.28 -47.55
C LEU F 320 38.12 -4.20 -46.51
N TRP F 321 39.07 -5.11 -46.56
CA TRP F 321 40.15 -5.13 -45.59
C TRP F 321 40.96 -3.84 -45.65
N ILE F 322 41.17 -3.36 -46.86
CA ILE F 322 41.92 -2.16 -47.04
C ILE F 322 41.20 -0.98 -46.44
N ILE F 323 39.95 -0.74 -46.82
CA ILE F 323 39.32 0.51 -46.36
C ILE F 323 39.06 0.49 -44.88
N PHE F 324 38.73 -0.70 -44.36
CA PHE F 324 38.47 -0.89 -42.93
C PHE F 324 39.72 -0.77 -42.11
N ARG F 325 40.85 -1.09 -42.75
CA ARG F 325 42.17 -1.08 -42.13
C ARG F 325 42.41 -2.31 -41.28
N SER F 326 41.97 -3.44 -41.81
CA SER F 326 42.39 -4.73 -41.19
C SER F 326 43.88 -4.94 -41.42
N PRO F 327 44.58 -5.54 -40.47
CA PRO F 327 45.89 -6.08 -40.79
C PRO F 327 45.79 -6.96 -42.01
N LEU F 328 46.89 -7.01 -42.78
CA LEU F 328 46.94 -7.76 -44.02
C LEU F 328 48.04 -8.81 -43.90
N MET F 329 47.61 -10.08 -43.78
CA MET F 329 48.53 -11.19 -43.59
C MET F 329 48.23 -12.14 -44.69
N PHE F 330 49.14 -12.23 -45.66
CA PHE F 330 48.94 -13.08 -46.86
C PHE F 330 49.12 -14.52 -46.44
N GLY F 331 48.20 -15.39 -46.84
CA GLY F 331 48.16 -16.77 -46.35
C GLY F 331 48.61 -17.84 -47.33
N GLY F 332 48.76 -17.47 -48.58
CA GLY F 332 49.28 -18.39 -49.59
C GLY F 332 50.81 -18.54 -49.59
N GLU F 333 51.26 -19.57 -50.28
CA GLU F 333 52.72 -19.78 -50.60
C GLU F 333 53.12 -18.77 -51.67
N LEU F 334 53.82 -17.74 -51.24
CA LEU F 334 54.04 -16.56 -52.09
C LEU F 334 54.76 -16.87 -53.40
N ARG F 335 55.66 -17.88 -53.36
CA ARG F 335 56.47 -18.23 -54.55
C ARG F 335 55.68 -18.80 -55.65
N ASP F 336 54.44 -19.16 -55.39
CA ASP F 336 53.58 -19.64 -56.45
C ASP F 336 52.64 -18.58 -56.97
N ASN F 337 52.81 -17.33 -56.55
CA ASN F 337 51.91 -16.30 -57.07
C ASN F 337 52.02 -16.14 -58.56
N ASP F 338 50.89 -16.00 -59.22
CA ASP F 338 50.87 -15.52 -60.56
C ASP F 338 50.83 -13.96 -60.55
N GLU F 339 50.71 -13.36 -61.72
CA GLU F 339 50.80 -11.91 -61.84
C GLU F 339 49.60 -11.23 -61.19
N TRP F 340 48.44 -11.79 -61.48
CA TRP F 340 47.19 -11.28 -60.92
C TRP F 340 47.32 -11.18 -59.42
N THR F 341 47.76 -12.25 -58.78
CA THR F 341 47.76 -12.30 -57.36
C THR F 341 48.69 -11.24 -56.85
N LEU F 342 49.87 -11.14 -57.45
CA LEU F 342 50.83 -10.16 -56.97
C LEU F 342 50.29 -8.77 -57.14
N SER F 343 49.55 -8.53 -58.23
CA SER F 343 49.00 -7.22 -58.48
C SER F 343 48.08 -6.74 -57.34
N LEU F 344 47.46 -7.67 -56.63
CA LEU F 344 46.59 -7.29 -55.50
C LEU F 344 47.37 -6.69 -54.38
N LEU F 345 48.66 -6.89 -54.38
CA LEU F 345 49.48 -6.57 -53.19
C LEU F 345 50.36 -5.37 -53.37
N THR F 346 50.44 -4.93 -54.59
CA THR F 346 51.46 -3.94 -55.01
C THR F 346 50.90 -2.65 -55.57
N ASN F 347 49.63 -2.40 -55.31
CA ASN F 347 48.99 -1.20 -55.79
C ASN F 347 49.06 -0.13 -54.75
N GLU F 348 49.99 0.80 -54.95
CA GLU F 348 50.28 1.86 -53.95
C GLU F 348 49.07 2.80 -53.73
N GLU F 349 48.26 3.00 -54.74
CA GLU F 349 47.14 3.92 -54.63
C GLU F 349 46.04 3.32 -53.71
N VAL F 350 45.82 2.01 -53.82
CA VAL F 350 44.95 1.28 -52.93
C VAL F 350 45.52 1.24 -51.53
N LEU F 351 46.79 0.97 -51.42
CA LEU F 351 47.37 0.85 -50.08
C LEU F 351 47.37 2.15 -49.30
N HIS F 352 47.44 3.26 -50.01
CA HIS F 352 47.34 4.57 -49.35
C HIS F 352 46.06 4.68 -48.48
N VAL F 353 44.99 4.04 -48.94
CA VAL F 353 43.73 4.03 -48.21
C VAL F 353 43.84 3.30 -46.86
N HIS F 354 44.66 2.24 -46.84
CA HIS F 354 44.91 1.43 -45.69
C HIS F 354 45.84 2.13 -44.76
N GLN F 355 46.86 2.78 -45.33
CA GLN F 355 47.92 3.33 -44.51
C GLN F 355 47.53 4.68 -43.97
N ASN F 356 46.85 5.48 -44.77
CA ASN F 356 46.65 6.86 -44.42
C ASN F 356 45.20 7.27 -44.30
N GLY F 357 44.28 6.36 -44.61
CA GLY F 357 42.86 6.62 -44.39
C GLY F 357 42.50 6.54 -42.93
N TYR F 358 41.41 7.19 -42.57
CA TYR F 358 40.84 7.02 -41.23
C TYR F 358 39.38 7.31 -41.28
N GLY F 359 38.69 6.95 -40.21
CA GLY F 359 37.24 7.21 -40.10
C GLY F 359 36.34 6.27 -40.87
N ALA F 360 36.87 5.14 -41.35
CA ALA F 360 36.06 4.27 -42.16
C ALA F 360 34.74 3.97 -41.49
N ARG F 361 33.67 4.04 -42.29
CA ARG F 361 32.32 3.75 -41.81
C ARG F 361 31.53 3.19 -42.90
N GLN F 362 30.51 2.43 -42.51
CA GLN F 362 29.49 1.99 -43.44
C GLN F 362 28.50 3.15 -43.68
N VAL F 363 28.35 3.58 -44.92
CA VAL F 363 27.47 4.63 -45.26
C VAL F 363 26.09 4.06 -45.29
N TYR F 364 25.91 2.93 -45.96
CA TYR F 364 24.66 2.21 -45.85
C TYR F 364 24.85 0.78 -46.22
N ARG F 365 23.88 -0.04 -45.83
CA ARG F 365 23.74 -1.40 -46.31
C ARG F 365 22.26 -1.66 -46.56
N GLU F 366 21.91 -1.98 -47.81
CA GLU F 366 20.54 -2.13 -48.24
C GLU F 366 20.47 -3.04 -49.43
N ASN F 367 19.59 -4.03 -49.38
CA ASN F 367 19.42 -5.02 -50.45
C ASN F 367 20.75 -5.66 -50.88
N ASP F 368 21.59 -5.95 -49.91
CA ASP F 368 22.88 -6.54 -50.19
C ASP F 368 23.74 -5.64 -51.12
N HIS F 369 23.54 -4.33 -51.02
CA HIS F 369 24.48 -3.35 -51.51
C HIS F 369 25.06 -2.65 -50.31
N VAL F 370 26.38 -2.42 -50.31
CA VAL F 370 27.06 -1.80 -49.19
C VAL F 370 28.07 -0.80 -49.67
N VAL F 371 28.14 0.31 -48.95
CA VAL F 371 29.07 1.34 -49.29
C VAL F 371 29.79 1.77 -48.03
N TRP F 372 31.13 1.77 -48.12
CA TRP F 372 31.97 2.21 -47.03
C TRP F 372 32.71 3.48 -47.52
N THR F 373 33.08 4.35 -46.58
CA THR F 373 33.88 5.47 -46.94
C THR F 373 34.82 5.85 -45.83
N SER F 374 35.96 6.40 -46.21
CA SER F 374 36.92 6.95 -45.28
C SER F 374 37.59 8.11 -45.93
N GLN F 375 38.51 8.72 -45.25
CA GLN F 375 39.23 9.79 -45.83
C GLN F 375 40.66 9.91 -45.37
N ASP F 376 41.45 10.74 -46.06
CA ASP F 376 42.82 11.08 -45.58
C ASP F 376 42.89 12.54 -45.12
N ALA F 377 44.06 12.92 -44.60
CA ALA F 377 44.27 14.26 -44.08
C ALA F 377 44.45 15.32 -45.16
N GLU F 378 44.57 14.93 -46.43
CA GLU F 378 44.66 15.86 -47.53
C GLU F 378 43.27 16.11 -48.11
N GLY F 379 42.22 15.64 -47.45
CA GLY F 379 40.86 15.84 -47.96
C GLY F 379 40.41 14.92 -49.06
N ASN F 380 41.20 13.91 -49.40
CA ASN F 380 40.69 12.90 -50.31
C ASN F 380 39.65 12.05 -49.59
N GLN F 381 38.68 11.59 -50.34
CA GLN F 381 37.71 10.75 -49.77
C GLN F 381 37.69 9.45 -50.53
N PHE F 382 37.67 8.35 -49.81
CA PHE F 382 37.68 7.03 -50.47
C PHE F 382 36.32 6.36 -50.30
N VAL F 383 35.82 5.81 -51.37
CA VAL F 383 34.61 5.13 -51.30
C VAL F 383 34.64 3.75 -51.93
N ALA F 384 34.25 2.77 -51.13
CA ALA F 384 34.21 1.38 -51.51
C ALA F 384 32.80 0.96 -51.66
N MET F 385 32.46 0.46 -52.82
CA MET F 385 31.11 0.17 -53.15
C MET F 385 31.04 -1.29 -53.55
N PHE F 386 30.13 -2.01 -52.91
CA PHE F 386 30.11 -3.46 -52.97
C PHE F 386 28.72 -3.95 -53.35
N ASN F 387 28.65 -4.85 -54.30
CA ASN F 387 27.46 -5.64 -54.52
C ASN F 387 27.69 -7.02 -53.92
N ILE F 388 27.11 -7.28 -52.76
CA ILE F 388 27.23 -8.58 -52.09
C ILE F 388 26.03 -9.48 -52.24
N SER F 389 25.20 -9.14 -53.21
CA SER F 389 24.04 -9.93 -53.56
C SER F 389 24.41 -10.93 -54.64
N GLU F 390 23.42 -11.72 -55.05
CA GLU F 390 23.58 -12.74 -56.10
C GLU F 390 23.17 -12.25 -57.51
N LYS F 391 22.80 -10.97 -57.65
CA LYS F 391 22.49 -10.41 -58.99
C LYS F 391 23.30 -9.15 -59.33
N ARG F 392 23.66 -9.06 -60.60
CA ARG F 392 24.22 -7.82 -61.17
C ARG F 392 23.28 -6.66 -60.91
N SER F 393 23.82 -5.52 -60.52
CA SER F 393 23.00 -4.36 -60.23
C SER F 393 23.82 -3.10 -60.20
N VAL F 394 23.13 -1.96 -60.29
CA VAL F 394 23.78 -0.69 -60.10
C VAL F 394 23.84 -0.41 -58.62
N VAL F 395 25.01 -0.05 -58.14
CA VAL F 395 25.20 0.37 -56.76
C VAL F 395 25.62 1.84 -56.78
N SER F 396 24.93 2.65 -55.98
CA SER F 396 25.10 4.07 -56.03
C SER F 396 25.10 4.67 -54.66
N VAL F 397 25.68 5.84 -54.60
CA VAL F 397 25.65 6.60 -53.41
C VAL F 397 25.76 8.08 -53.80
N SER F 398 24.98 8.92 -53.13
CA SER F 398 25.00 10.36 -53.42
C SER F 398 26.20 10.99 -52.77
N LEU F 399 26.75 12.01 -53.43
CA LEU F 399 27.76 12.83 -52.77
C LEU F 399 27.33 13.39 -51.44
N LYS F 400 26.06 13.81 -51.37
CA LYS F 400 25.53 14.33 -50.11
C LYS F 400 25.70 13.30 -48.98
N ASP F 401 25.34 12.04 -49.22
CA ASP F 401 25.51 11.02 -48.16
C ASP F 401 26.95 10.78 -47.75
N LEU F 402 27.86 11.13 -48.63
CA LEU F 402 29.28 11.07 -48.33
C LEU F 402 29.78 12.28 -47.59
N GLY F 403 28.94 13.30 -47.45
CA GLY F 403 29.41 14.56 -46.88
C GLY F 403 30.20 15.45 -47.84
N CYS F 404 30.11 15.20 -49.15
CA CYS F 404 30.78 16.08 -50.13
C CYS F 404 29.81 17.11 -50.66
N MET F 405 30.13 18.39 -50.45
CA MET F 405 29.17 19.46 -50.75
C MET F 405 29.28 20.02 -52.17
N GLU F 406 30.39 19.77 -52.84
CA GLU F 406 30.52 20.21 -54.22
C GLU F 406 30.93 19.03 -55.10
N PRO F 407 30.93 19.25 -56.42
CA PRO F 407 31.45 18.26 -57.35
C PRO F 407 32.92 17.89 -57.11
N MET F 408 33.22 16.64 -57.44
CA MET F 408 34.50 16.04 -57.15
C MET F 408 35.00 15.28 -58.36
N LYS F 409 36.31 15.13 -58.44
CA LYS F 409 36.90 14.24 -59.42
C LYS F 409 36.92 12.85 -58.81
N ALA F 410 36.68 11.85 -59.63
CA ALA F 410 36.74 10.47 -59.21
C ALA F 410 37.82 9.69 -59.92
N ARG F 411 38.43 8.75 -59.21
CA ARG F 411 39.43 7.90 -59.77
C ARG F 411 39.25 6.48 -59.27
N ASP F 412 39.27 5.52 -60.17
CA ASP F 412 39.25 4.08 -59.86
C ASP F 412 40.67 3.65 -59.44
N LEU F 413 40.83 3.35 -58.17
CA LEU F 413 42.11 3.12 -57.59
C LEU F 413 42.72 1.77 -58.05
N TRP F 414 41.91 0.71 -58.14
CA TRP F 414 42.46 -0.56 -58.58
C TRP F 414 42.92 -0.48 -60.03
N ALA F 415 42.14 0.16 -60.86
CA ALA F 415 42.45 0.26 -62.26
C ALA F 415 43.45 1.37 -62.57
N LYS F 416 43.66 2.29 -61.63
CA LYS F 416 44.46 3.48 -61.85
C LYS F 416 43.96 4.29 -63.05
N GLU F 417 42.68 4.64 -63.02
CA GLU F 417 42.00 5.23 -64.16
C GLU F 417 41.14 6.39 -63.64
N ASP F 418 41.36 7.59 -64.19
CA ASP F 418 40.53 8.74 -63.88
C ASP F 418 39.17 8.49 -64.46
N LEU F 419 38.15 8.86 -63.70
CA LEU F 419 36.78 8.61 -64.12
C LEU F 419 36.07 9.91 -64.45
N GLY F 420 36.70 11.02 -64.16
CA GLY F 420 36.12 12.33 -64.49
C GLY F 420 35.38 12.96 -63.34
N LEU F 421 34.66 14.01 -63.66
CA LEU F 421 33.98 14.83 -62.69
C LEU F 421 32.69 14.13 -62.30
N VAL F 422 32.36 14.17 -61.03
CA VAL F 422 31.07 13.61 -60.56
C VAL F 422 30.28 14.75 -59.86
N LYS F 423 29.06 15.00 -60.30
CA LYS F 423 28.31 16.17 -59.80
C LYS F 423 27.33 15.86 -58.69
N HIS F 424 26.66 14.71 -58.79
CA HIS F 424 25.60 14.34 -57.84
C HIS F 424 25.81 13.01 -57.14
N GLN F 425 26.24 11.99 -57.88
CA GLN F 425 26.40 10.68 -57.27
C GLN F 425 27.46 9.83 -57.93
N LEU F 426 27.97 8.88 -57.17
CA LEU F 426 28.72 7.74 -57.73
C LEU F 426 27.77 6.61 -58.00
N ALA F 427 27.86 6.04 -59.19
CA ALA F 427 27.05 4.87 -59.51
C ALA F 427 27.79 3.95 -60.49
N PHE F 428 27.77 2.65 -60.23
CA PHE F 428 28.45 1.67 -61.07
C PHE F 428 27.67 0.39 -61.17
N GLU F 429 27.65 -0.19 -62.36
CA GLU F 429 27.09 -1.53 -62.54
C GLU F 429 28.10 -2.58 -62.04
N LEU F 430 27.70 -3.39 -61.09
CA LEU F 430 28.58 -4.30 -60.42
C LEU F 430 27.97 -5.67 -60.41
N GLY F 431 28.76 -6.66 -60.83
CA GLY F 431 28.32 -8.05 -60.84
C GLY F 431 28.14 -8.54 -59.43
N PRO F 432 27.52 -9.70 -59.28
CA PRO F 432 27.41 -10.21 -57.92
C PRO F 432 28.76 -10.40 -57.32
N HIS F 433 28.93 -9.99 -56.06
CA HIS F 433 30.18 -10.18 -55.31
C HIS F 433 31.29 -9.24 -55.81
N GLN F 434 30.96 -8.31 -56.67
CA GLN F 434 31.91 -7.40 -57.24
C GLN F 434 31.87 -6.06 -56.56
N SER F 435 33.01 -5.39 -56.53
CA SER F 435 33.16 -4.15 -55.84
C SER F 435 34.03 -3.18 -56.63
N ILE F 436 34.14 -1.95 -56.12
CA ILE F 436 34.98 -0.90 -56.73
C ILE F 436 35.42 0.01 -55.64
N LEU F 437 36.62 0.57 -55.82
CA LEU F 437 37.24 1.45 -54.84
C LEU F 437 37.62 2.73 -55.55
N VAL F 438 37.01 3.83 -55.11
CA VAL F 438 37.12 5.11 -55.75
C VAL F 438 37.69 6.16 -54.81
N LYS F 439 38.53 7.00 -55.37
CA LYS F 439 39.02 8.19 -54.68
C LYS F 439 38.30 9.40 -55.26
N LEU F 440 37.72 10.20 -54.37
CA LEU F 440 37.18 11.47 -54.71
C LEU F 440 38.08 12.55 -54.20
N SER F 441 38.37 13.52 -55.07
CA SER F 441 39.20 14.67 -54.68
C SER F 441 38.61 15.94 -55.27
N PRO F 442 38.97 17.09 -54.71
CA PRO F 442 38.34 18.33 -55.18
C PRO F 442 38.57 18.55 -56.68
N ALA F 443 37.55 19.08 -57.35
CA ALA F 443 37.66 19.51 -58.75
C ALA F 443 38.45 20.93 -58.84
N VAL F 444 39.16 21.26 -57.74
CA VAL F 444 40.07 22.41 -57.61
C VAL F 444 41.49 22.08 -58.11
N SER G 15 -4.59 -42.54 -8.32
CA SER G 15 -4.00 -41.57 -7.32
C SER G 15 -4.84 -40.22 -7.23
N MET G 16 -5.17 -39.62 -8.41
CA MET G 16 -6.18 -38.53 -8.54
C MET G 16 -7.40 -38.80 -9.44
N HIS G 17 -8.54 -38.26 -9.00
CA HIS G 17 -9.81 -38.74 -9.46
C HIS G 17 -9.94 -38.59 -10.96
N HIS G 18 -9.42 -37.49 -11.52
CA HIS G 18 -9.64 -37.23 -12.94
C HIS G 18 -8.97 -38.32 -13.84
N TYR G 19 -8.05 -39.13 -13.30
CA TYR G 19 -7.44 -40.20 -14.11
C TYR G 19 -8.51 -41.12 -14.63
N GLN G 20 -9.56 -41.27 -13.87
CA GLN G 20 -10.67 -42.16 -14.25
C GLN G 20 -11.42 -41.69 -15.43
N TRP G 21 -11.22 -40.45 -15.84
CA TRP G 21 -11.95 -39.92 -16.98
C TRP G 21 -11.23 -40.24 -18.27
N ALA G 22 -10.00 -40.71 -18.17
CA ALA G 22 -9.25 -41.14 -19.37
C ALA G 22 -8.45 -42.41 -19.05
N LYS G 23 -9.19 -43.49 -18.83
CA LYS G 23 -8.58 -44.77 -18.44
C LYS G 23 -7.79 -45.37 -19.58
N THR G 24 -8.22 -45.07 -20.79
CA THR G 24 -7.42 -45.28 -21.97
C THR G 24 -7.15 -43.93 -22.69
N PRO G 25 -6.14 -43.88 -23.53
CA PRO G 25 -5.87 -42.62 -24.22
C PRO G 25 -7.04 -42.15 -25.07
N PRO G 26 -7.46 -40.87 -24.92
CA PRO G 26 -8.58 -40.36 -25.66
C PRO G 26 -8.45 -40.51 -27.16
N MET G 27 -9.59 -40.79 -27.77
CA MET G 27 -9.65 -40.98 -29.17
C MET G 27 -10.73 -40.16 -29.73
N GLY G 28 -10.47 -39.55 -30.88
CA GLY G 28 -11.45 -38.68 -31.46
C GLY G 28 -11.02 -38.03 -32.74
N TRP G 29 -11.67 -36.90 -33.02
CA TRP G 29 -11.41 -36.05 -34.18
C TRP G 29 -11.22 -34.59 -33.73
N ASN G 30 -10.41 -33.84 -34.46
CA ASN G 30 -10.17 -32.46 -34.18
C ASN G 30 -10.10 -31.66 -35.46
N SER G 31 -10.74 -30.51 -35.47
CA SER G 31 -10.94 -29.69 -36.67
C SER G 31 -9.69 -28.94 -37.19
N TRP G 32 -8.59 -28.94 -36.44
CA TRP G 32 -7.47 -28.09 -36.79
C TRP G 32 -6.78 -28.40 -38.12
N ASP G 33 -6.37 -29.66 -38.31
CA ASP G 33 -5.57 -30.00 -39.46
C ASP G 33 -6.36 -29.78 -40.78
N CYS G 34 -7.68 -29.88 -40.71
CA CYS G 34 -8.50 -29.75 -41.91
C CYS G 34 -9.08 -28.34 -42.08
N TYR G 35 -9.52 -27.69 -41.00
CA TYR G 35 -10.22 -26.39 -41.12
C TYR G 35 -9.57 -25.22 -40.38
N GLY G 36 -8.42 -25.45 -39.82
CA GLY G 36 -7.68 -24.39 -39.16
C GLY G 36 -8.52 -23.89 -38.01
N ALA G 37 -8.64 -22.56 -37.92
CA ALA G 37 -9.46 -21.89 -36.93
C ALA G 37 -10.89 -21.68 -37.29
N SER G 38 -11.34 -22.27 -38.39
CA SER G 38 -12.55 -21.76 -39.05
C SER G 38 -13.67 -22.73 -39.24
N VAL G 39 -13.67 -23.85 -38.53
CA VAL G 39 -14.70 -24.88 -38.75
C VAL G 39 -16.10 -24.34 -38.49
N THR G 40 -17.09 -24.84 -39.22
CA THR G 40 -18.46 -24.47 -39.00
C THR G 40 -19.22 -25.61 -38.30
N GLU G 41 -20.38 -25.25 -37.75
CA GLU G 41 -21.27 -26.21 -37.14
C GLU G 41 -21.59 -27.40 -38.06
N ASP G 42 -21.93 -27.12 -39.32
CA ASP G 42 -22.23 -28.22 -40.25
C ASP G 42 -21.06 -29.17 -40.46
N GLU G 43 -19.87 -28.66 -40.52
CA GLU G 43 -18.71 -29.50 -40.65
C GLU G 43 -18.53 -30.37 -39.41
N VAL G 44 -18.73 -29.78 -38.25
CA VAL G 44 -18.50 -30.53 -37.03
C VAL G 44 -19.51 -31.68 -36.97
N LYS G 45 -20.74 -31.37 -37.35
CA LYS G 45 -21.79 -32.35 -37.28
C LYS G 45 -21.55 -33.48 -38.28
N GLY G 46 -21.10 -33.15 -39.48
CA GLY G 46 -20.80 -34.15 -40.48
C GLY G 46 -19.73 -35.07 -40.01
N ASN G 47 -18.70 -34.54 -39.36
CA ASN G 47 -17.63 -35.42 -38.89
C ASN G 47 -18.13 -36.29 -37.74
N ALA G 48 -18.97 -35.71 -36.89
CA ALA G 48 -19.55 -36.48 -35.79
C ALA G 48 -20.44 -37.63 -36.27
N GLU G 49 -21.27 -37.36 -37.28
CA GLU G 49 -22.13 -38.40 -37.86
CA GLU G 49 -22.12 -38.42 -37.86
C GLU G 49 -21.26 -39.52 -38.48
N TYR G 50 -20.18 -39.16 -39.13
CA TYR G 50 -19.28 -40.18 -39.66
C TYR G 50 -18.70 -40.99 -38.53
N MET G 51 -18.25 -40.33 -37.49
CA MET G 51 -17.66 -41.06 -36.37
C MET G 51 -18.67 -42.05 -35.78
N ALA G 52 -19.92 -41.60 -35.65
CA ALA G 52 -20.96 -42.40 -35.05
C ALA G 52 -21.21 -43.61 -35.86
N LYS G 53 -21.19 -43.46 -37.16
CA LYS G 53 -21.48 -44.57 -38.05
C LYS G 53 -20.35 -45.58 -38.22
N TYR G 54 -19.12 -45.14 -38.36
CA TYR G 54 -18.04 -46.02 -38.75
C TYR G 54 -17.01 -46.27 -37.69
N LEU G 55 -16.94 -45.42 -36.67
CA LEU G 55 -15.74 -45.39 -35.83
C LEU G 55 -16.01 -45.69 -34.39
N LYS G 56 -17.19 -45.35 -33.96
CA LYS G 56 -17.52 -45.43 -32.56
C LYS G 56 -17.27 -46.83 -31.94
N PRO G 57 -17.58 -47.92 -32.67
CA PRO G 57 -17.44 -49.24 -32.06
C PRO G 57 -15.98 -49.56 -31.83
N PHE G 58 -15.08 -48.78 -32.41
CA PHE G 58 -13.66 -48.99 -32.20
C PHE G 58 -12.99 -48.08 -31.17
N GLY G 59 -13.77 -47.24 -30.49
CA GLY G 59 -13.22 -46.39 -29.41
C GLY G 59 -13.19 -44.88 -29.71
N TRP G 60 -13.43 -44.50 -30.96
CA TRP G 60 -13.35 -43.12 -31.34
C TRP G 60 -14.58 -42.41 -30.81
N GLU G 61 -14.40 -41.41 -29.95
CA GLU G 61 -15.60 -40.76 -29.39
C GLU G 61 -15.61 -39.23 -29.24
N TYR G 62 -14.43 -38.60 -29.19
CA TYR G 62 -14.40 -37.15 -28.94
C TYR G 62 -14.50 -36.38 -30.27
N VAL G 63 -15.41 -35.42 -30.33
CA VAL G 63 -15.58 -34.52 -31.45
C VAL G 63 -15.12 -33.12 -30.97
N VAL G 64 -13.94 -32.69 -31.40
CA VAL G 64 -13.27 -31.54 -30.80
C VAL G 64 -13.22 -30.35 -31.76
N VAL G 65 -13.89 -29.27 -31.36
CA VAL G 65 -13.83 -27.99 -32.07
C VAL G 65 -12.59 -27.24 -31.67
N ASP G 66 -11.70 -27.01 -32.63
CA ASP G 66 -10.39 -26.45 -32.26
C ASP G 66 -10.49 -24.93 -32.20
N ILE G 67 -9.34 -24.27 -32.32
CA ILE G 67 -9.15 -22.91 -31.86
C ILE G 67 -10.03 -21.90 -32.55
N GLN G 68 -10.45 -20.90 -31.78
CA GLN G 68 -11.07 -19.67 -32.30
C GLN G 68 -12.46 -19.83 -32.83
N TRP G 69 -13.23 -20.73 -32.20
CA TRP G 69 -14.66 -20.85 -32.48
C TRP G 69 -15.41 -19.58 -32.09
N TYR G 70 -14.74 -18.70 -31.33
CA TYR G 70 -15.27 -17.40 -30.93
C TYR G 70 -14.91 -16.22 -31.89
N GLU G 71 -14.26 -16.50 -33.00
CA GLU G 71 -13.73 -15.46 -33.94
C GLU G 71 -14.54 -15.59 -35.22
N PRO G 72 -15.58 -14.76 -35.37
CA PRO G 72 -16.49 -14.94 -36.47
C PRO G 72 -15.89 -14.85 -37.85
N GLY G 73 -14.78 -14.16 -37.99
CA GLY G 73 -14.18 -13.97 -39.31
C GLY G 73 -13.07 -14.96 -39.64
N ALA G 74 -12.82 -15.93 -38.77
CA ALA G 74 -11.71 -16.81 -38.98
C ALA G 74 -11.87 -17.58 -40.27
N ASN G 75 -10.77 -17.81 -40.98
CA ASN G 75 -10.88 -18.37 -42.34
C ASN G 75 -9.66 -19.21 -42.73
N SER G 76 -8.78 -19.51 -41.79
CA SER G 76 -7.51 -20.14 -42.10
C SER G 76 -6.90 -20.70 -40.82
N SER G 77 -5.69 -21.23 -40.95
CA SER G 77 -4.84 -21.51 -39.84
C SER G 77 -4.08 -20.27 -39.41
N ILE G 78 -4.10 -19.25 -40.25
CA ILE G 78 -3.49 -17.94 -39.91
C ILE G 78 -4.50 -17.02 -39.22
N TYR G 79 -4.21 -16.60 -38.00
CA TYR G 79 -5.14 -15.82 -37.23
C TYR G 79 -5.17 -14.38 -37.68
N ARG G 80 -6.34 -13.78 -37.66
CA ARG G 80 -6.50 -12.37 -37.85
C ARG G 80 -6.26 -11.65 -36.56
N PRO G 81 -5.16 -10.94 -36.46
CA PRO G 81 -4.80 -10.41 -35.16
C PRO G 81 -5.55 -9.14 -34.71
N PHE G 82 -5.66 -9.01 -33.39
CA PHE G 82 -6.26 -7.89 -32.75
C PHE G 82 -7.72 -7.62 -33.12
N VAL G 83 -8.46 -8.64 -33.54
CA VAL G 83 -9.84 -8.44 -33.91
C VAL G 83 -10.77 -8.67 -32.71
N PRO G 84 -11.96 -8.09 -32.76
CA PRO G 84 -12.96 -8.34 -31.75
C PRO G 84 -13.42 -9.80 -31.77
N LEU G 85 -13.77 -10.27 -30.58
CA LEU G 85 -14.14 -11.63 -30.36
C LEU G 85 -15.49 -11.71 -29.70
N GLU G 86 -16.22 -12.80 -29.96
CA GLU G 86 -17.55 -13.01 -29.41
C GLU G 86 -17.39 -13.35 -27.93
N MET G 87 -18.12 -12.62 -27.07
CA MET G 87 -17.90 -12.72 -25.63
C MET G 87 -19.17 -12.38 -24.89
N ASP G 88 -19.37 -12.98 -23.74
CA ASP G 88 -20.52 -12.65 -22.93
C ASP G 88 -20.30 -11.47 -21.99
N GLU G 89 -21.23 -11.28 -21.09
CA GLU G 89 -21.19 -10.21 -20.13
C GLU G 89 -20.24 -10.47 -18.96
N TYR G 90 -19.56 -11.61 -18.97
CA TYR G 90 -18.63 -11.97 -17.91
C TYR G 90 -17.25 -12.31 -18.39
N SER G 91 -16.81 -11.66 -19.44
CA SER G 91 -15.49 -11.83 -20.00
C SER G 91 -15.22 -13.22 -20.53
N ARG G 92 -16.25 -13.95 -20.87
CA ARG G 92 -16.06 -15.31 -21.36
C ARG G 92 -16.35 -15.39 -22.86
N LEU G 93 -15.42 -15.98 -23.59
CA LEU G 93 -15.59 -16.12 -25.02
C LEU G 93 -16.71 -17.11 -25.36
N MET G 94 -17.44 -16.80 -26.45
CA MET G 94 -18.64 -17.47 -26.83
C MET G 94 -18.57 -17.81 -28.32
N PRO G 95 -19.38 -18.79 -28.74
CA PRO G 95 -19.30 -19.17 -30.13
C PRO G 95 -19.82 -18.13 -31.06
N ALA G 96 -19.15 -18.01 -32.18
CA ALA G 96 -19.61 -17.13 -33.26
C ALA G 96 -20.85 -17.69 -33.92
N VAL G 97 -21.93 -16.94 -33.86
CA VAL G 97 -23.21 -17.43 -34.29
C VAL G 97 -23.30 -17.62 -35.81
N ASN G 98 -22.54 -16.86 -36.58
CA ASN G 98 -22.52 -17.05 -38.03
C ASN G 98 -21.96 -18.44 -38.35
N ARG G 99 -20.95 -18.87 -37.61
CA ARG G 99 -20.34 -20.17 -37.84
C ARG G 99 -21.09 -21.29 -37.13
N PHE G 100 -21.72 -20.98 -36.01
CA PHE G 100 -22.49 -21.95 -35.18
C PHE G 100 -23.88 -21.40 -34.94
N PRO G 101 -24.75 -21.51 -35.95
CA PRO G 101 -26.07 -20.94 -35.85
C PRO G 101 -26.88 -21.38 -34.64
N SER G 102 -26.70 -22.62 -34.21
CA SER G 102 -27.47 -23.10 -33.06
C SER G 102 -27.14 -22.32 -31.77
N ALA G 103 -26.03 -21.56 -31.78
CA ALA G 103 -25.64 -20.78 -30.61
C ALA G 103 -26.43 -19.50 -30.47
N LYS G 104 -27.26 -19.19 -31.45
CA LYS G 104 -28.10 -18.05 -31.38
C LYS G 104 -28.81 -17.90 -30.03
N GLY G 105 -29.00 -16.66 -29.56
CA GLY G 105 -29.78 -16.40 -28.33
C GLY G 105 -29.03 -16.77 -27.04
N GLY G 106 -27.71 -16.74 -27.08
CA GLY G 106 -26.89 -16.97 -25.90
C GLY G 106 -26.85 -18.40 -25.44
N LYS G 107 -27.17 -19.34 -26.31
CA LYS G 107 -27.12 -20.77 -25.96
C LYS G 107 -25.77 -21.42 -26.02
N GLY G 108 -24.84 -20.76 -26.67
CA GLY G 108 -23.50 -21.29 -26.76
C GLY G 108 -23.47 -22.63 -27.43
N PHE G 109 -22.60 -23.51 -26.95
CA PHE G 109 -22.45 -24.81 -27.57
C PHE G 109 -23.42 -25.90 -27.04
N LYS G 110 -24.34 -25.57 -26.16
CA LYS G 110 -25.18 -26.60 -25.64
C LYS G 110 -25.93 -27.39 -26.75
N PRO G 111 -26.54 -26.71 -27.70
CA PRO G 111 -27.29 -27.47 -28.74
C PRO G 111 -26.41 -28.35 -29.56
N LEU G 112 -25.24 -27.87 -29.89
CA LEU G 112 -24.31 -28.71 -30.62
C LEU G 112 -23.80 -29.90 -29.78
N ALA G 113 -23.48 -29.64 -28.53
CA ALA G 113 -23.02 -30.73 -27.66
C ALA G 113 -24.15 -31.79 -27.46
N ASP G 114 -25.39 -31.32 -27.30
CA ASP G 114 -26.54 -32.19 -27.14
C ASP G 114 -26.68 -33.11 -28.37
N TYR G 115 -26.53 -32.53 -29.56
CA TYR G 115 -26.58 -33.31 -30.78
C TYR G 115 -25.49 -34.40 -30.77
N ILE G 116 -24.31 -34.01 -30.38
CA ILE G 116 -23.18 -34.94 -30.37
C ILE G 116 -23.37 -36.06 -29.33
N HIS G 117 -23.84 -35.67 -28.16
CA HIS G 117 -24.13 -36.63 -27.10
C HIS G 117 -25.21 -37.65 -27.52
N ASN G 118 -26.20 -37.16 -28.24
CA ASN G 118 -27.23 -37.98 -28.74
C ASN G 118 -26.76 -39.00 -29.77
N LEU G 119 -25.63 -38.77 -30.39
CA LEU G 119 -25.04 -39.78 -31.25
C LEU G 119 -24.23 -40.77 -30.45
N GLY G 120 -24.19 -40.63 -29.13
CA GLY G 120 -23.30 -41.47 -28.30
C GLY G 120 -21.84 -41.05 -28.24
N LEU G 121 -21.59 -39.77 -28.55
CA LEU G 121 -20.24 -39.24 -28.66
C LEU G 121 -19.98 -38.21 -27.58
N LYS G 122 -18.78 -37.70 -27.53
CA LYS G 122 -18.41 -36.67 -26.59
C LYS G 122 -17.92 -35.43 -27.28
N PHE G 123 -17.99 -34.30 -26.59
CA PHE G 123 -17.80 -32.99 -27.16
C PHE G 123 -16.63 -32.30 -26.54
N GLY G 124 -15.74 -31.82 -27.38
CA GLY G 124 -14.53 -31.15 -26.92
C GLY G 124 -14.39 -29.77 -27.54
N ILE G 125 -13.76 -28.86 -26.81
CA ILE G 125 -13.37 -27.57 -27.35
C ILE G 125 -11.96 -27.23 -27.00
N HIS G 126 -11.40 -26.34 -27.79
CA HIS G 126 -10.11 -25.72 -27.56
C HIS G 126 -10.31 -24.40 -26.86
N ILE G 127 -9.47 -24.08 -25.91
CA ILE G 127 -9.37 -22.75 -25.40
C ILE G 127 -7.92 -22.25 -25.39
N MET G 128 -7.76 -20.92 -25.45
CA MET G 128 -6.50 -20.30 -25.21
C MET G 128 -6.35 -19.96 -23.76
N ARG G 129 -5.19 -20.23 -23.21
CA ARG G 129 -4.87 -19.82 -21.86
C ARG G 129 -5.18 -18.31 -21.71
N GLY G 130 -5.74 -18.00 -20.56
CA GLY G 130 -5.85 -16.64 -20.07
C GLY G 130 -7.24 -16.05 -20.17
N ILE G 131 -7.25 -14.72 -20.33
CA ILE G 131 -8.46 -13.92 -20.42
C ILE G 131 -8.36 -13.00 -21.64
N PRO G 132 -9.48 -12.75 -22.34
CA PRO G 132 -9.36 -11.97 -23.56
C PRO G 132 -8.79 -10.56 -23.34
N ARG G 133 -7.85 -10.18 -24.18
CA ARG G 133 -7.34 -8.83 -24.16
C ARG G 133 -8.45 -7.75 -24.17
N GLN G 134 -9.46 -7.98 -24.97
CA GLN G 134 -10.55 -7.02 -25.02
C GLN G 134 -11.26 -6.89 -23.68
N ALA G 135 -11.33 -7.98 -22.90
CA ALA G 135 -11.97 -7.92 -21.57
C ALA G 135 -11.12 -7.09 -20.63
N VAL G 136 -9.81 -7.23 -20.76
CA VAL G 136 -8.88 -6.52 -19.89
C VAL G 136 -8.89 -5.03 -20.22
N HIS G 137 -8.88 -4.69 -21.50
CA HIS G 137 -8.93 -3.27 -21.90
C HIS G 137 -10.25 -2.59 -21.54
N GLN G 138 -11.37 -3.27 -21.72
CA GLN G 138 -12.67 -2.72 -21.36
C GLN G 138 -12.91 -2.86 -19.84
N ASN G 139 -12.12 -3.66 -19.17
CA ASN G 139 -12.38 -4.04 -17.79
C ASN G 139 -13.79 -4.60 -17.51
N THR G 140 -14.19 -5.57 -18.33
CA THR G 140 -15.43 -6.24 -18.16
C THR G 140 -15.45 -7.12 -16.89
N PRO G 141 -16.66 -7.46 -16.40
CA PRO G 141 -16.72 -8.19 -15.14
C PRO G 141 -16.33 -9.68 -15.24
N ILE G 142 -16.05 -10.22 -14.06
CA ILE G 142 -15.83 -11.60 -13.82
C ILE G 142 -17.06 -12.10 -13.00
N LEU G 143 -17.64 -13.21 -13.41
CA LEU G 143 -18.77 -13.80 -12.72
C LEU G 143 -18.34 -14.23 -11.32
N GLY G 144 -19.14 -13.85 -10.32
CA GLY G 144 -18.89 -14.29 -8.97
C GLY G 144 -17.88 -13.52 -8.19
N THR G 145 -17.44 -12.37 -8.73
CA THR G 145 -16.60 -11.46 -7.97
C THR G 145 -16.78 -10.04 -8.49
N ASN G 146 -16.28 -9.08 -7.72
CA ASN G 146 -16.46 -7.67 -8.08
C ASN G 146 -15.17 -7.01 -8.45
N VAL G 147 -14.18 -7.83 -8.72
CA VAL G 147 -12.99 -7.31 -9.43
C VAL G 147 -13.25 -7.51 -10.93
N GLY G 148 -12.61 -6.68 -11.71
CA GLY G 148 -12.83 -6.75 -13.18
C GLY G 148 -11.72 -7.57 -13.83
N ALA G 149 -11.91 -7.84 -15.11
CA ALA G 149 -10.97 -8.56 -15.88
C ALA G 149 -9.60 -7.89 -15.78
N ARG G 150 -9.58 -6.58 -15.78
CA ARG G 150 -8.30 -5.90 -15.83
C ARG G 150 -7.46 -6.25 -14.63
N ASP G 151 -8.10 -6.49 -13.51
CA ASP G 151 -7.41 -6.64 -12.24
C ASP G 151 -6.84 -8.06 -12.04
N ILE G 152 -7.14 -9.00 -12.94
CA ILE G 152 -6.59 -10.32 -12.83
C ILE G 152 -5.55 -10.63 -13.89
N ALA G 153 -5.40 -9.75 -14.89
CA ALA G 153 -4.46 -10.01 -15.93
C ALA G 153 -3.03 -9.87 -15.46
N ASP G 154 -2.21 -10.76 -15.99
CA ASP G 154 -0.75 -10.62 -15.93
C ASP G 154 -0.35 -9.45 -16.85
N THR G 155 0.54 -8.61 -16.37
CA THR G 155 1.03 -7.48 -17.15
C THR G 155 2.11 -7.83 -18.14
N ASN G 156 2.65 -9.05 -18.03
CA ASN G 156 3.72 -9.48 -18.93
C ASN G 156 3.57 -10.94 -19.30
N SER G 157 2.46 -11.26 -19.96
CA SER G 157 2.21 -12.63 -20.38
C SER G 157 1.28 -12.67 -21.52
N ILE G 158 1.81 -13.04 -22.65
CA ILE G 158 1.05 -13.16 -23.88
C ILE G 158 1.47 -14.47 -24.53
N CYS G 159 0.75 -14.80 -25.56
CA CYS G 159 1.05 -15.90 -26.37
C CYS G 159 1.80 -15.29 -27.60
N PRO G 160 2.93 -15.87 -27.98
CA PRO G 160 3.72 -15.28 -29.05
C PRO G 160 3.18 -15.54 -30.41
N TRP G 161 2.19 -16.41 -30.54
CA TRP G 161 1.67 -16.75 -31.86
C TRP G 161 0.18 -16.53 -31.98
N ASN G 162 -0.41 -15.84 -30.99
CA ASN G 162 -1.86 -15.50 -31.07
C ASN G 162 -2.12 -14.38 -30.13
N THR G 163 -2.93 -13.43 -30.57
CA THR G 163 -3.15 -12.18 -29.85
C THR G 163 -4.41 -12.07 -29.01
N ASP G 164 -5.17 -13.16 -28.89
CA ASP G 164 -6.52 -13.08 -28.32
C ASP G 164 -6.59 -12.79 -26.81
N MET G 165 -5.57 -13.24 -26.07
CA MET G 165 -5.61 -13.24 -24.63
C MET G 165 -4.41 -12.60 -24.00
N TYR G 166 -4.58 -12.31 -22.70
CA TYR G 166 -3.49 -12.10 -21.78
C TYR G 166 -3.54 -13.19 -20.75
N GLY G 167 -2.40 -13.50 -20.21
CA GLY G 167 -2.30 -14.47 -19.16
C GLY G 167 -2.97 -13.94 -17.93
N VAL G 168 -3.40 -14.87 -17.08
CA VAL G 168 -4.07 -14.56 -15.85
C VAL G 168 -3.07 -14.79 -14.75
N ASP G 169 -3.04 -13.88 -13.79
CA ASP G 169 -2.09 -13.92 -12.67
C ASP G 169 -2.76 -14.55 -11.45
N HIS G 170 -2.32 -15.75 -11.11
CA HIS G 170 -2.89 -16.54 -10.01
C HIS G 170 -2.76 -15.88 -8.64
N ARG G 171 -1.87 -14.91 -8.53
CA ARG G 171 -1.76 -14.15 -7.29
C ARG G 171 -2.86 -13.13 -7.07
N LYS G 172 -3.65 -12.85 -8.08
CA LYS G 172 -4.68 -11.81 -7.98
C LYS G 172 -6.01 -12.39 -7.56
N GLU G 173 -6.66 -11.71 -6.64
CA GLU G 173 -8.01 -12.06 -6.31
C GLU G 173 -8.81 -12.00 -7.60
N GLY G 174 -9.57 -13.03 -7.84
CA GLY G 174 -10.49 -13.10 -8.98
C GLY G 174 -10.00 -14.03 -10.06
N ALA G 175 -8.72 -14.37 -10.02
CA ALA G 175 -8.14 -15.24 -11.03
C ALA G 175 -8.72 -16.65 -11.04
N GLN G 176 -8.77 -17.31 -9.88
CA GLN G 176 -9.43 -18.60 -9.80
C GLN G 176 -10.90 -18.49 -10.13
N ALA G 177 -11.54 -17.42 -9.69
CA ALA G 177 -12.97 -17.24 -9.93
C ALA G 177 -13.22 -17.19 -11.43
N TYR G 178 -12.32 -16.54 -12.18
CA TYR G 178 -12.54 -16.46 -13.62
C TYR G 178 -12.46 -17.86 -14.26
N TYR G 179 -11.41 -18.60 -13.93
CA TYR G 179 -11.25 -19.95 -14.48
C TYR G 179 -12.39 -20.88 -14.01
N ASP G 180 -12.82 -20.74 -12.76
CA ASP G 180 -14.03 -21.49 -12.32
C ASP G 180 -15.21 -21.16 -13.25
N SER G 181 -15.38 -19.88 -13.57
CA SER G 181 -16.54 -19.46 -14.36
C SER G 181 -16.51 -20.02 -15.78
N LEU G 182 -15.32 -20.23 -16.29
CA LEU G 182 -15.19 -20.77 -17.63
C LEU G 182 -15.66 -22.20 -17.62
N PHE G 183 -15.26 -22.95 -16.60
CA PHE G 183 -15.62 -24.37 -16.56
C PHE G 183 -17.04 -24.60 -16.08
N GLN G 184 -17.60 -23.64 -15.38
CA GLN G 184 -19.04 -23.64 -15.16
C GLN G 184 -19.75 -23.52 -16.47
N LEU G 185 -19.31 -22.57 -17.30
CA LEU G 185 -19.97 -22.37 -18.60
C LEU G 185 -19.82 -23.65 -19.47
N TYR G 186 -18.62 -24.22 -19.46
CA TYR G 186 -18.38 -25.31 -20.35
C TYR G 186 -19.16 -26.54 -19.85
N ALA G 187 -19.21 -26.74 -18.53
CA ALA G 187 -20.05 -27.77 -17.97
C ALA G 187 -21.53 -27.59 -18.32
N GLN G 188 -22.07 -26.37 -18.25
CA GLN G 188 -23.43 -26.07 -18.66
CA GLN G 188 -23.49 -26.24 -18.62
C GLN G 188 -23.66 -26.51 -20.12
N TRP G 189 -22.71 -26.20 -20.98
CA TRP G 189 -22.81 -26.61 -22.37
C TRP G 189 -22.77 -28.15 -22.58
N GLY G 190 -22.23 -28.88 -21.63
CA GLY G 190 -21.96 -30.28 -21.81
C GLY G 190 -20.61 -30.65 -22.41
N VAL G 191 -19.61 -29.79 -22.27
CA VAL G 191 -18.29 -30.08 -22.73
C VAL G 191 -17.73 -31.27 -21.94
N ASP G 192 -17.03 -32.19 -22.62
CA ASP G 192 -16.40 -33.38 -22.01
C ASP G 192 -14.89 -33.41 -22.10
N PHE G 193 -14.32 -32.42 -22.81
CA PHE G 193 -12.89 -32.43 -23.12
C PHE G 193 -12.50 -31.01 -23.50
N VAL G 194 -11.39 -30.56 -22.94
CA VAL G 194 -10.85 -29.29 -23.31
C VAL G 194 -9.38 -29.39 -23.64
N LYS G 195 -9.05 -28.81 -24.77
CA LYS G 195 -7.65 -28.64 -25.15
C LYS G 195 -7.27 -27.18 -24.89
N VAL G 196 -6.34 -26.98 -23.99
CA VAL G 196 -5.84 -25.68 -23.66
C VAL G 196 -4.55 -25.43 -24.39
N ALA G 197 -4.47 -24.29 -25.08
CA ALA G 197 -3.22 -23.94 -25.78
C ALA G 197 -2.49 -22.83 -25.11
N ASP G 198 -1.26 -22.62 -25.52
CA ASP G 198 -0.36 -21.60 -24.95
C ASP G 198 -0.11 -21.85 -23.52
N ILE G 199 0.06 -23.11 -23.15
CA ILE G 199 0.13 -23.44 -21.73
C ILE G 199 1.35 -24.25 -21.37
N VAL G 200 1.98 -24.88 -22.34
CA VAL G 200 3.07 -25.82 -21.99
C VAL G 200 4.45 -25.32 -22.37
N ALA G 201 4.56 -24.96 -23.63
CA ALA G 201 5.81 -24.46 -24.13
C ALA G 201 5.50 -23.06 -24.59
N SER G 202 6.49 -22.20 -24.37
CA SER G 202 6.42 -20.85 -24.90
C SER G 202 7.87 -20.43 -25.11
N LYS G 203 8.15 -19.99 -26.34
CA LYS G 203 9.44 -19.39 -26.72
C LYS G 203 9.79 -18.33 -25.63
N LEU G 204 8.86 -17.39 -25.44
CA LEU G 204 8.95 -16.30 -24.44
C LEU G 204 9.03 -16.68 -22.91
N TYR G 205 8.15 -17.57 -22.42
CA TYR G 205 7.92 -17.75 -20.96
C TYR G 205 8.09 -19.14 -20.44
N GLY G 206 8.27 -20.12 -21.31
CA GLY G 206 8.21 -21.50 -20.87
C GLY G 206 6.82 -21.88 -20.31
N THR G 207 6.81 -22.72 -19.29
CA THR G 207 5.58 -23.45 -18.92
C THR G 207 4.75 -22.65 -17.91
N HIS G 208 3.47 -22.52 -18.24
CA HIS G 208 2.56 -21.83 -17.38
C HIS G 208 1.94 -22.70 -16.30
N THR G 209 2.76 -22.96 -15.30
CA THR G 209 2.44 -23.97 -14.30
C THR G 209 1.26 -23.53 -13.42
N GLU G 210 1.23 -22.25 -13.09
CA GLU G 210 0.20 -21.73 -12.18
C GLU G 210 -1.17 -21.78 -12.81
N GLU G 211 -1.25 -21.56 -14.11
CA GLU G 211 -2.50 -21.61 -14.78
C GLU G 211 -2.95 -23.01 -14.95
N ILE G 212 -2.00 -23.91 -15.13
CA ILE G 212 -2.37 -25.30 -15.22
C ILE G 212 -3.05 -25.68 -13.93
N LYS G 213 -2.47 -25.31 -12.82
CA LYS G 213 -3.07 -25.65 -11.58
C LYS G 213 -4.46 -25.03 -11.42
N MET G 214 -4.63 -23.81 -11.91
CA MET G 214 -5.96 -23.12 -11.72
C MET G 214 -6.96 -23.83 -12.54
N ILE G 215 -6.54 -24.28 -13.72
CA ILE G 215 -7.47 -24.97 -14.62
C ILE G 215 -7.88 -26.34 -14.04
N ARG G 216 -6.92 -27.06 -13.48
CA ARG G 216 -7.21 -28.35 -12.81
C ARG G 216 -8.28 -28.12 -11.75
N LYS G 217 -8.08 -27.10 -10.94
CA LYS G 217 -9.04 -26.77 -9.86
C LYS G 217 -10.39 -26.35 -10.35
N ALA G 218 -10.40 -25.56 -11.41
CA ALA G 218 -11.66 -25.16 -11.98
C ALA G 218 -12.45 -26.36 -12.49
N ILE G 219 -11.78 -27.26 -13.13
CA ILE G 219 -12.44 -28.46 -13.69
C ILE G 219 -12.97 -29.30 -12.54
N ASP G 220 -12.16 -29.47 -11.50
CA ASP G 220 -12.59 -30.26 -10.37
C ASP G 220 -13.77 -29.65 -9.67
N ARG G 221 -13.91 -28.33 -9.71
CA ARG G 221 -15.05 -27.71 -9.09
C ARG G 221 -16.28 -27.68 -9.94
N CYS G 222 -16.18 -27.90 -11.23
CA CYS G 222 -17.35 -27.65 -12.09
C CYS G 222 -18.37 -28.76 -12.05
N GLY G 223 -18.02 -29.90 -11.49
CA GLY G 223 -19.00 -30.96 -11.27
C GLY G 223 -19.25 -31.86 -12.48
N ARG G 224 -18.52 -31.68 -13.59
CA ARG G 224 -18.67 -32.55 -14.75
C ARG G 224 -17.31 -33.09 -15.14
N PRO G 225 -17.24 -34.36 -15.60
CA PRO G 225 -15.92 -34.92 -16.04
C PRO G 225 -15.49 -34.22 -17.33
N ILE G 226 -14.35 -33.57 -17.27
CA ILE G 226 -13.81 -32.83 -18.40
C ILE G 226 -12.35 -33.17 -18.52
N VAL G 227 -12.03 -33.88 -19.59
CA VAL G 227 -10.65 -34.34 -19.83
C VAL G 227 -9.82 -33.11 -20.23
N LEU G 228 -8.61 -33.01 -19.69
CA LEU G 228 -7.73 -31.91 -19.88
C LEU G 228 -6.50 -32.28 -20.76
N SER G 229 -6.44 -31.62 -21.93
CA SER G 229 -5.38 -31.71 -22.90
C SER G 229 -4.60 -30.39 -22.98
N LEU G 230 -3.28 -30.49 -22.91
CA LEU G 230 -2.39 -29.36 -22.94
C LEU G 230 -1.59 -29.30 -24.23
N SER G 231 -1.43 -28.09 -24.75
CA SER G 231 -0.73 -27.82 -25.99
C SER G 231 -0.14 -26.40 -26.01
N PRO G 232 0.79 -26.14 -26.92
CA PRO G 232 1.51 -27.03 -27.81
C PRO G 232 2.70 -27.56 -27.04
N GLY G 233 3.44 -28.50 -27.58
CA GLY G 233 4.73 -28.87 -26.99
C GLY G 233 5.83 -28.04 -27.64
N PRO G 234 7.10 -28.35 -27.35
CA PRO G 234 7.55 -29.51 -26.57
C PRO G 234 7.40 -29.35 -25.09
N ALA G 235 6.79 -30.34 -24.47
CA ALA G 235 6.67 -30.36 -23.04
C ALA G 235 8.00 -30.68 -22.42
N PRO G 236 8.46 -29.87 -21.48
CA PRO G 236 9.68 -30.18 -20.78
C PRO G 236 9.53 -31.23 -19.70
N LEU G 237 10.48 -32.15 -19.67
CA LEU G 237 10.49 -33.23 -18.74
C LEU G 237 10.66 -32.74 -17.36
N ASP G 238 11.23 -31.57 -17.25
CA ASP G 238 11.41 -30.95 -15.95
C ASP G 238 10.04 -30.83 -15.20
N HIS G 239 8.94 -30.78 -15.95
CA HIS G 239 7.63 -30.60 -15.37
C HIS G 239 6.82 -31.87 -15.47
N ALA G 240 7.49 -33.01 -15.57
CA ALA G 240 6.79 -34.30 -15.68
C ALA G 240 5.81 -34.60 -14.54
N THR G 241 6.23 -34.38 -13.31
CA THR G 241 5.32 -34.64 -12.22
C THR G 241 4.03 -33.74 -12.36
N LEU G 242 4.23 -32.45 -12.60
CA LEU G 242 3.11 -31.54 -12.77
C LEU G 242 2.17 -32.04 -13.82
N PHE G 243 2.68 -32.43 -14.99
CA PHE G 243 1.80 -32.82 -16.05
C PHE G 243 1.10 -34.08 -15.67
N VAL G 244 1.84 -34.98 -15.04
CA VAL G 244 1.28 -36.30 -14.74
C VAL G 244 0.13 -36.16 -13.73
N GLU G 245 0.33 -35.31 -12.75
CA GLU G 245 -0.67 -35.17 -11.71
C GLU G 245 -1.83 -34.26 -12.12
N ASN G 246 -1.67 -33.40 -13.14
CA ASN G 246 -2.73 -32.43 -13.47
C ASN G 246 -3.45 -32.55 -14.79
N ALA G 247 -2.81 -33.14 -15.78
CA ALA G 247 -3.40 -33.20 -17.07
C ALA G 247 -3.63 -34.63 -17.47
N ASN G 248 -4.62 -34.84 -18.33
CA ASN G 248 -4.84 -36.13 -18.90
C ASN G 248 -3.97 -36.37 -20.14
N MET G 249 -3.60 -35.30 -20.85
CA MET G 249 -2.74 -35.36 -21.99
C MET G 249 -1.93 -34.12 -22.09
N TRP G 250 -0.70 -34.24 -22.58
CA TRP G 250 0.11 -33.11 -22.84
C TRP G 250 1.02 -33.33 -24.05
N ARG G 251 1.08 -32.33 -24.93
CA ARG G 251 1.81 -32.41 -26.19
C ARG G 251 3.31 -32.50 -25.99
N MET G 252 3.89 -33.56 -26.55
CA MET G 252 5.37 -33.78 -26.44
C MET G 252 6.13 -32.87 -27.37
N THR G 253 5.41 -32.37 -28.35
CA THR G 253 6.01 -31.75 -29.50
C THR G 253 5.27 -30.48 -29.98
N ASP G 254 5.99 -29.60 -30.68
CA ASP G 254 5.35 -28.56 -31.45
C ASP G 254 4.49 -29.19 -32.52
N ASP G 255 3.69 -28.39 -33.21
CA ASP G 255 2.60 -28.94 -34.03
C ASP G 255 3.11 -29.96 -34.99
N PHE G 256 2.44 -31.11 -34.99
CA PHE G 256 2.82 -32.20 -35.87
C PHE G 256 2.08 -32.11 -37.20
N TRP G 257 2.80 -32.44 -38.28
CA TRP G 257 2.23 -32.41 -39.64
C TRP G 257 2.75 -33.58 -40.47
N ASP G 258 2.17 -33.72 -41.66
CA ASP G 258 2.53 -34.76 -42.61
C ASP G 258 3.87 -34.51 -43.32
N ARG G 259 4.95 -34.59 -42.54
CA ARG G 259 6.30 -34.41 -43.01
C ARG G 259 7.20 -35.45 -42.30
N TRP G 260 7.94 -36.25 -43.08
CA TRP G 260 8.74 -37.30 -42.49
C TRP G 260 9.60 -36.81 -41.34
N GLU G 261 10.26 -35.70 -41.55
CA GLU G 261 11.21 -35.19 -40.57
C GLU G 261 10.58 -35.17 -39.16
N LEU G 262 9.30 -34.82 -39.08
CA LEU G 262 8.63 -34.67 -37.80
C LEU G 262 8.26 -36.01 -37.25
N LEU G 263 7.90 -36.93 -38.14
CA LEU G 263 7.66 -38.28 -37.72
C LEU G 263 8.97 -38.94 -37.17
N TYR G 264 10.04 -38.78 -37.90
CA TYR G 264 11.32 -39.28 -37.47
C TYR G 264 11.60 -38.76 -36.07
N ASP G 265 11.41 -37.45 -35.89
CA ASP G 265 11.74 -36.83 -34.62
C ASP G 265 10.90 -37.40 -33.48
N MET G 266 9.70 -37.91 -33.78
CA MET G 266 8.82 -38.34 -32.69
C MET G 266 9.46 -39.48 -31.90
N PHE G 267 10.28 -40.30 -32.56
CA PHE G 267 10.78 -41.52 -31.92
C PHE G 267 11.54 -41.17 -30.73
N GLU G 268 12.36 -40.10 -30.83
CA GLU G 268 13.13 -39.64 -29.68
C GLU G 268 12.21 -39.11 -28.53
N GLN G 269 11.16 -38.39 -28.89
CA GLN G 269 10.25 -37.82 -27.88
C GLN G 269 9.50 -38.94 -27.13
N CYS G 270 9.02 -39.93 -27.85
CA CYS G 270 8.46 -41.11 -27.20
C CYS G 270 9.45 -41.78 -26.21
N TYR G 271 10.68 -41.92 -26.63
CA TYR G 271 11.69 -42.52 -25.78
C TYR G 271 11.81 -41.69 -24.51
N LYS G 272 11.81 -40.36 -24.69
CA LYS G 272 12.04 -39.47 -23.55
C LYS G 272 10.89 -39.47 -22.54
N TRP G 273 9.66 -39.73 -23.01
CA TRP G 273 8.43 -39.68 -22.20
C TRP G 273 7.88 -41.02 -21.73
N CYS G 274 8.48 -42.13 -22.17
CA CYS G 274 7.81 -43.43 -22.06
C CYS G 274 7.54 -43.86 -20.61
N LYS G 275 8.35 -43.40 -19.65
CA LYS G 275 8.14 -43.76 -18.27
C LYS G 275 6.99 -43.00 -17.58
N LEU G 276 6.40 -42.00 -18.24
CA LEU G 276 5.37 -41.17 -17.64
C LEU G 276 4.04 -41.50 -18.25
N VAL G 277 4.02 -42.45 -19.16
CA VAL G 277 2.75 -42.89 -19.72
C VAL G 277 2.04 -43.81 -18.73
N GLY G 278 0.76 -43.58 -18.49
CA GLY G 278 -0.03 -44.41 -17.58
C GLY G 278 -1.50 -44.03 -17.57
N LEU G 279 -2.30 -44.89 -16.99
CA LEU G 279 -3.76 -44.71 -16.90
C LEU G 279 -4.12 -43.29 -16.45
N GLY G 280 -4.88 -42.57 -17.27
CA GLY G 280 -5.25 -41.21 -16.96
C GLY G 280 -4.30 -40.06 -17.35
N HIS G 281 -3.06 -40.39 -17.72
CA HIS G 281 -2.07 -39.38 -17.96
C HIS G 281 -1.16 -39.77 -19.13
N TRP G 282 -1.51 -39.21 -20.30
CA TRP G 282 -1.02 -39.62 -21.60
C TRP G 282 -0.13 -38.59 -22.40
N PRO G 283 1.18 -38.80 -22.44
CA PRO G 283 1.97 -37.90 -23.26
C PRO G 283 1.47 -38.00 -24.68
N ASP G 284 1.41 -36.87 -25.39
CA ASP G 284 0.58 -36.77 -26.58
C ASP G 284 1.43 -36.44 -27.80
N ALA G 285 1.34 -37.31 -28.77
CA ALA G 285 2.18 -37.21 -29.95
C ALA G 285 1.47 -36.40 -31.01
N ASP G 286 0.32 -35.86 -30.65
CA ASP G 286 -0.44 -34.91 -31.51
C ASP G 286 -1.29 -35.58 -32.52
N MET G 287 -2.09 -34.75 -33.19
CA MET G 287 -3.14 -35.19 -34.06
C MET G 287 -2.59 -35.86 -35.28
N LEU G 288 -3.43 -36.68 -35.90
CA LEU G 288 -3.00 -37.56 -36.99
C LEU G 288 -3.34 -36.90 -38.30
N PRO G 289 -2.32 -36.49 -39.05
CA PRO G 289 -2.57 -35.78 -40.28
C PRO G 289 -2.76 -36.79 -41.36
N LEU G 290 -3.97 -37.33 -41.40
CA LEU G 290 -4.31 -38.36 -42.28
C LEU G 290 -5.49 -37.92 -43.09
N GLY G 291 -5.69 -38.56 -44.24
CA GLY G 291 -6.82 -38.26 -45.09
C GLY G 291 -6.75 -36.88 -45.70
N HIS G 292 -7.91 -36.25 -45.80
CA HIS G 292 -8.06 -34.92 -46.41
C HIS G 292 -7.83 -33.76 -45.40
N ILE G 293 -6.71 -33.08 -45.56
CA ILE G 293 -6.32 -32.04 -44.68
C ILE G 293 -6.05 -30.73 -45.48
N GLY G 294 -5.81 -29.64 -44.76
CA GLY G 294 -5.41 -28.39 -45.39
C GLY G 294 -6.52 -27.75 -46.19
N ILE G 295 -7.78 -28.06 -45.88
CA ILE G 295 -8.90 -27.49 -46.64
C ILE G 295 -9.02 -25.97 -46.38
N ARG G 296 -9.04 -25.54 -45.11
CA ARG G 296 -8.82 -24.15 -44.76
C ARG G 296 -7.69 -24.03 -43.77
N SER G 297 -6.59 -24.71 -44.07
CA SER G 297 -5.40 -24.60 -43.30
C SER G 297 -4.28 -24.51 -44.30
N VAL G 298 -3.23 -23.86 -43.87
CA VAL G 298 -2.13 -23.52 -44.72
C VAL G 298 -0.85 -23.92 -44.00
N ASP G 299 -0.99 -24.56 -42.83
CA ASP G 299 0.19 -24.93 -42.02
C ASP G 299 0.86 -26.22 -42.50
N GLY G 300 2.05 -26.50 -41.98
CA GLY G 300 2.80 -27.69 -42.33
C GLY G 300 3.45 -27.60 -43.69
N GLY G 301 3.43 -26.43 -44.28
CA GLY G 301 3.97 -26.21 -45.60
C GLY G 301 3.09 -26.77 -46.70
N GLY G 302 1.81 -26.96 -46.46
CA GLY G 302 0.92 -27.47 -47.51
C GLY G 302 -0.37 -26.70 -47.64
N THR G 303 -1.16 -27.08 -48.64
CA THR G 303 -2.51 -26.59 -48.84
C THR G 303 -3.46 -27.77 -49.04
N ASP G 304 -4.64 -27.54 -49.65
CA ASP G 304 -5.68 -28.53 -49.72
C ASP G 304 -5.12 -29.80 -50.32
N ARG G 305 -5.17 -30.90 -49.58
CA ARG G 305 -4.43 -32.09 -49.96
C ARG G 305 -4.88 -33.34 -49.21
N MET G 306 -4.55 -34.51 -49.78
CA MET G 306 -4.52 -35.75 -49.02
C MET G 306 -3.15 -35.82 -48.41
N THR G 307 -3.05 -36.48 -47.28
CA THR G 307 -1.77 -36.45 -46.54
C THR G 307 -0.61 -36.82 -47.43
N ARG G 308 0.52 -36.15 -47.22
CA ARG G 308 1.75 -36.42 -47.95
C ARG G 308 2.55 -37.61 -47.40
N PHE G 309 2.14 -38.12 -46.24
CA PHE G 309 2.76 -39.34 -45.71
C PHE G 309 2.49 -40.49 -46.69
N THR G 310 3.51 -41.28 -47.00
CA THR G 310 3.27 -42.53 -47.76
C THR G 310 2.52 -43.51 -46.88
N LYS G 311 1.94 -44.52 -47.48
CA LYS G 311 1.29 -45.56 -46.70
C LYS G 311 2.22 -46.16 -45.64
N ASP G 312 3.45 -46.44 -45.99
CA ASP G 312 4.43 -46.98 -45.03
C ASP G 312 4.61 -46.04 -43.86
N GLU G 313 4.68 -44.74 -44.18
CA GLU G 313 4.82 -43.73 -43.17
C GLU G 313 3.54 -43.61 -42.30
N GLN G 314 2.38 -43.69 -42.92
CA GLN G 314 1.18 -43.62 -42.19
C GLN G 314 1.18 -44.70 -41.14
N ARG G 315 1.31 -45.93 -41.59
CA ARG G 315 1.41 -47.05 -40.71
C ARG G 315 2.54 -46.87 -39.74
N THR G 316 3.70 -46.43 -40.16
CA THR G 316 4.73 -46.22 -39.18
C THR G 316 4.27 -45.29 -38.03
N MET G 317 3.56 -44.22 -38.37
CA MET G 317 3.00 -43.28 -37.40
C MET G 317 1.95 -43.96 -36.54
N MET G 318 0.93 -44.57 -37.17
CA MET G 318 -0.08 -45.24 -36.40
C MET G 318 0.58 -46.27 -35.44
N THR G 319 1.63 -46.95 -35.90
CA THR G 319 2.18 -47.98 -35.10
C THR G 319 2.86 -47.39 -33.90
N LEU G 320 3.64 -46.32 -34.09
CA LEU G 320 4.36 -45.72 -32.92
C LEU G 320 3.33 -45.13 -31.91
N TRP G 321 2.31 -44.45 -32.43
CA TRP G 321 1.31 -43.83 -31.56
C TRP G 321 0.54 -44.94 -30.80
N ILE G 322 0.25 -46.02 -31.49
CA ILE G 322 -0.51 -47.12 -30.88
C ILE G 322 0.29 -47.77 -29.75
N ILE G 323 1.51 -48.16 -30.02
CA ILE G 323 2.18 -48.90 -29.00
C ILE G 323 2.56 -48.04 -27.82
N PHE G 324 2.93 -46.81 -28.12
CA PHE G 324 3.32 -45.85 -27.10
C PHE G 324 2.11 -45.47 -26.27
N ARG G 325 0.93 -45.52 -26.90
CA ARG G 325 -0.33 -45.17 -26.28
C ARG G 325 -0.56 -43.66 -26.24
N SER G 326 -0.22 -43.02 -27.34
CA SER G 326 -0.58 -41.64 -27.53
C SER G 326 -2.11 -41.59 -27.72
N PRO G 327 -2.76 -40.50 -27.26
CA PRO G 327 -4.09 -40.23 -27.71
C PRO G 327 -4.12 -40.18 -29.22
N LEU G 328 -5.27 -40.44 -29.78
CA LEU G 328 -5.46 -40.57 -31.17
C LEU G 328 -6.56 -39.65 -31.60
N MET G 329 -6.13 -38.56 -32.26
CA MET G 329 -7.07 -37.54 -32.69
C MET G 329 -6.92 -37.34 -34.15
N PHE G 330 -7.90 -37.79 -34.87
CA PHE G 330 -7.82 -37.77 -36.28
C PHE G 330 -7.97 -36.34 -36.76
N GLY G 331 -7.12 -35.92 -37.70
CA GLY G 331 -7.11 -34.51 -38.11
C GLY G 331 -7.73 -34.18 -39.45
N GLY G 332 -8.02 -35.21 -40.22
CA GLY G 332 -8.64 -35.01 -41.52
C GLY G 332 -10.11 -34.84 -41.47
N GLU G 333 -10.66 -34.40 -42.61
CA GLU G 333 -12.09 -34.38 -42.84
C GLU G 333 -12.54 -35.80 -43.07
N LEU G 334 -13.21 -36.37 -42.08
CA LEU G 334 -13.53 -37.79 -42.08
C LEU G 334 -14.37 -38.25 -43.26
N ARG G 335 -15.31 -37.41 -43.67
CA ARG G 335 -16.21 -37.77 -44.76
C ARG G 335 -15.54 -37.97 -46.15
N ASP G 336 -14.29 -37.54 -46.27
CA ASP G 336 -13.52 -37.76 -47.48
C ASP G 336 -12.53 -38.90 -47.32
N ASN G 337 -12.65 -39.71 -46.27
CA ASN G 337 -11.79 -40.89 -46.15
C ASN G 337 -11.98 -41.88 -47.30
N ASP G 338 -10.88 -42.40 -47.81
CA ASP G 338 -10.94 -43.60 -48.66
C ASP G 338 -10.79 -44.85 -47.76
N GLU G 339 -10.79 -46.02 -48.38
CA GLU G 339 -10.89 -47.28 -47.67
C GLU G 339 -9.63 -47.48 -46.90
N TRP G 340 -8.52 -47.19 -47.56
CA TRP G 340 -7.23 -47.32 -46.94
C TRP G 340 -7.20 -46.54 -45.61
N THR G 341 -7.61 -45.28 -45.66
CA THR G 341 -7.53 -44.40 -44.49
C THR G 341 -8.44 -44.90 -43.37
N LEU G 342 -9.67 -45.26 -43.71
CA LEU G 342 -10.53 -45.85 -42.74
C LEU G 342 -9.92 -47.11 -42.11
N SER G 343 -9.23 -47.91 -42.90
CA SER G 343 -8.72 -49.17 -42.42
C SER G 343 -7.71 -48.94 -41.33
N LEU G 344 -7.02 -47.80 -41.36
CA LEU G 344 -6.03 -47.52 -40.30
C LEU G 344 -6.69 -47.35 -38.93
N LEU G 345 -8.00 -47.10 -38.90
CA LEU G 345 -8.72 -46.69 -37.72
C LEU G 345 -9.59 -47.78 -37.12
N THR G 346 -9.73 -48.88 -37.84
CA THR G 346 -10.76 -49.90 -37.56
C THR G 346 -10.18 -51.30 -37.38
N ASN G 347 -8.89 -51.37 -37.11
CA ASN G 347 -8.24 -52.63 -36.86
C ASN G 347 -8.24 -52.88 -35.36
N GLU G 348 -9.13 -53.76 -34.93
CA GLU G 348 -9.26 -54.11 -33.50
C GLU G 348 -8.04 -54.74 -32.89
N GLU G 349 -7.27 -55.47 -33.68
CA GLU G 349 -6.14 -56.19 -33.12
C GLU G 349 -5.03 -55.22 -32.79
N VAL G 350 -4.84 -54.26 -33.68
CA VAL G 350 -3.89 -53.16 -33.44
C VAL G 350 -4.38 -52.33 -32.26
N LEU G 351 -5.67 -52.01 -32.22
CA LEU G 351 -6.19 -51.14 -31.17
C LEU G 351 -6.09 -51.76 -29.76
N HIS G 352 -6.14 -53.08 -29.68
CA HIS G 352 -5.94 -53.76 -28.43
C HIS G 352 -4.62 -53.34 -27.81
N VAL G 353 -3.60 -53.14 -28.63
CA VAL G 353 -2.27 -52.79 -28.13
C VAL G 353 -2.32 -51.42 -27.41
N HIS G 354 -3.14 -50.54 -27.93
CA HIS G 354 -3.28 -49.17 -27.46
C HIS G 354 -4.18 -49.16 -26.21
N GLN G 355 -5.27 -49.93 -26.27
CA GLN G 355 -6.23 -50.01 -25.19
C GLN G 355 -5.78 -50.84 -23.99
N ASN G 356 -5.10 -51.95 -24.25
CA ASN G 356 -4.78 -52.91 -23.20
C ASN G 356 -3.32 -53.17 -22.99
N GLY G 357 -2.45 -52.59 -23.80
CA GLY G 357 -1.02 -52.73 -23.60
C GLY G 357 -0.54 -51.85 -22.48
N TYR G 358 0.67 -52.13 -22.00
CA TYR G 358 1.33 -51.27 -21.07
C TYR G 358 2.78 -51.56 -21.05
N GLY G 359 3.55 -50.71 -20.39
CA GLY G 359 5.00 -50.90 -20.22
C GLY G 359 5.81 -50.62 -21.48
N ALA G 360 5.21 -49.98 -22.50
CA ALA G 360 5.95 -49.68 -23.74
C ALA G 360 7.31 -49.07 -23.46
N ARG G 361 8.32 -49.65 -24.13
CA ARG G 361 9.69 -49.19 -23.98
C ARG G 361 10.43 -49.39 -25.28
N GLN G 362 11.46 -48.57 -25.47
CA GLN G 362 12.37 -48.74 -26.60
C GLN G 362 13.33 -49.84 -26.21
N VAL G 363 13.34 -50.93 -26.96
CA VAL G 363 14.33 -52.01 -26.65
C VAL G 363 15.72 -51.62 -27.13
N TYR G 364 15.81 -51.10 -28.34
CA TYR G 364 17.05 -50.44 -28.76
C TYR G 364 16.79 -49.52 -29.91
N ARG G 365 17.77 -48.66 -30.11
CA ARG G 365 17.82 -47.80 -31.27
C ARG G 365 19.25 -47.79 -31.72
N GLU G 366 19.52 -48.28 -32.94
CA GLU G 366 20.93 -48.41 -33.44
C GLU G 366 20.87 -48.37 -35.01
N ASN G 367 21.68 -47.49 -35.60
CA ASN G 367 21.69 -47.27 -37.06
C ASN G 367 20.32 -46.96 -37.65
N ASP G 368 19.55 -46.12 -36.95
CA ASP G 368 18.22 -45.79 -37.43
C ASP G 368 17.32 -47.04 -37.66
N HIS G 369 17.57 -48.07 -36.83
CA HIS G 369 16.61 -49.15 -36.60
C HIS G 369 16.16 -49.07 -35.15
N VAL G 370 14.85 -49.20 -34.93
CA VAL G 370 14.28 -49.02 -33.60
C VAL G 370 13.27 -50.13 -33.33
N VAL G 371 13.32 -50.65 -32.09
CA VAL G 371 12.30 -51.62 -31.67
C VAL G 371 11.70 -51.19 -30.37
N TRP G 372 10.38 -51.24 -30.34
CA TRP G 372 9.60 -50.93 -29.14
C TRP G 372 8.87 -52.19 -28.76
N THR G 373 8.64 -52.37 -27.48
CA THR G 373 7.79 -53.48 -27.04
C THR G 373 6.90 -53.08 -25.87
N SER G 374 5.71 -53.67 -25.82
CA SER G 374 4.85 -53.60 -24.66
C SER G 374 4.16 -54.94 -24.46
N GLN G 375 3.31 -55.02 -23.45
CA GLN G 375 2.55 -56.25 -23.25
C GLN G 375 1.16 -56.00 -22.75
N ASP G 376 0.33 -57.04 -22.78
CA ASP G 376 -0.94 -57.01 -22.03
C ASP G 376 -0.93 -57.94 -20.79
N ALA G 377 -2.05 -57.97 -20.06
CA ALA G 377 -2.15 -58.74 -18.82
C ALA G 377 -2.37 -60.23 -19.09
N GLU G 378 -2.68 -60.60 -20.32
CA GLU G 378 -2.84 -62.00 -20.70
C GLU G 378 -1.50 -62.59 -21.15
N GLY G 379 -0.39 -61.88 -20.92
CA GLY G 379 0.92 -62.34 -21.32
C GLY G 379 1.26 -62.24 -22.81
N ASN G 380 0.41 -61.62 -23.61
CA ASN G 380 0.82 -61.29 -24.97
C ASN G 380 1.89 -60.23 -24.95
N GLN G 381 2.81 -60.31 -25.88
CA GLN G 381 3.84 -59.30 -25.96
C GLN G 381 3.78 -58.67 -27.36
N PHE G 382 3.82 -57.34 -27.42
CA PHE G 382 3.69 -56.63 -28.71
C PHE G 382 5.01 -56.04 -29.04
N VAL G 383 5.37 -56.20 -30.30
CA VAL G 383 6.63 -55.63 -30.73
C VAL G 383 6.50 -54.87 -32.02
N ALA G 384 6.94 -53.62 -31.94
CA ALA G 384 6.92 -52.70 -33.06
C ALA G 384 8.35 -52.49 -33.50
N MET G 385 8.58 -52.76 -34.77
CA MET G 385 9.93 -52.72 -35.31
C MET G 385 9.93 -51.75 -36.45
N PHE G 386 10.90 -50.86 -36.43
CA PHE G 386 10.90 -49.74 -37.34
C PHE G 386 12.23 -49.57 -38.03
N ASN G 387 12.17 -49.33 -39.34
CA ASN G 387 13.36 -48.86 -40.08
C ASN G 387 13.13 -47.40 -40.39
N ILE G 388 13.81 -46.56 -39.64
CA ILE G 388 13.64 -45.11 -39.82
C ILE G 388 14.86 -44.49 -40.54
N SER G 389 15.67 -45.34 -41.17
CA SER G 389 16.76 -44.94 -42.01
C SER G 389 16.26 -44.75 -43.46
N GLU G 390 17.20 -44.33 -44.32
CA GLU G 390 16.93 -44.09 -45.75
C GLU G 390 17.23 -45.29 -46.63
N LYS G 391 17.64 -46.41 -46.05
CA LYS G 391 17.88 -47.66 -46.82
C LYS G 391 17.07 -48.87 -46.32
N ARG G 392 16.55 -49.65 -47.27
CA ARG G 392 15.97 -50.95 -46.98
C ARG G 392 16.98 -51.79 -46.18
N SER G 393 16.50 -52.53 -45.19
CA SER G 393 17.39 -53.35 -44.39
C SER G 393 16.58 -54.35 -43.60
N VAL G 394 17.27 -55.36 -43.07
CA VAL G 394 16.64 -56.27 -42.10
C VAL G 394 16.77 -55.67 -40.69
N VAL G 395 15.64 -55.64 -39.99
CA VAL G 395 15.60 -55.19 -38.63
C VAL G 395 15.29 -56.43 -37.82
N SER G 396 16.08 -56.65 -36.77
CA SER G 396 15.87 -57.79 -35.92
C SER G 396 16.00 -57.51 -34.42
N VAL G 397 15.46 -58.44 -33.64
CA VAL G 397 15.61 -58.37 -32.22
C VAL G 397 15.48 -59.78 -31.64
N SER G 398 16.28 -60.08 -30.65
CA SER G 398 16.24 -61.41 -30.03
C SER G 398 15.11 -61.50 -29.02
N LEU G 399 14.53 -62.68 -28.88
CA LEU G 399 13.53 -62.94 -27.84
C LEU G 399 14.10 -62.66 -26.49
N LYS G 400 15.36 -63.00 -26.28
CA LYS G 400 16.01 -62.70 -25.00
C LYS G 400 15.96 -61.19 -24.68
N ASP G 401 16.29 -60.32 -25.64
CA ASP G 401 16.18 -58.85 -25.41
C ASP G 401 14.74 -58.36 -25.16
N LEU G 402 13.75 -59.09 -25.65
CA LEU G 402 12.37 -58.86 -25.33
C LEU G 402 11.96 -59.35 -23.93
N GLY G 403 12.82 -60.10 -23.24
CA GLY G 403 12.41 -60.77 -22.00
C GLY G 403 11.55 -62.03 -22.18
N CYS G 404 11.48 -62.61 -23.37
CA CYS G 404 10.76 -63.87 -23.60
C CYS G 404 11.68 -65.07 -23.47
N MET G 405 11.39 -65.95 -22.51
CA MET G 405 12.30 -67.04 -22.21
C MET G 405 12.01 -68.33 -23.00
N GLU G 406 10.83 -68.42 -23.57
CA GLU G 406 10.42 -69.59 -24.26
C GLU G 406 10.16 -69.23 -25.73
N PRO G 407 10.16 -70.23 -26.67
CA PRO G 407 9.63 -69.92 -28.00
C PRO G 407 8.18 -69.44 -27.95
N MET G 408 7.82 -68.64 -28.95
CA MET G 408 6.53 -67.96 -29.00
C MET G 408 5.92 -68.06 -30.37
N LYS G 409 4.61 -67.95 -30.45
CA LYS G 409 3.96 -67.76 -31.72
C LYS G 409 3.99 -66.27 -32.04
N ALA G 410 4.11 -65.93 -33.32
CA ALA G 410 4.07 -64.54 -33.80
C ALA G 410 2.90 -64.30 -34.75
N ARG G 411 2.31 -63.10 -34.66
CA ARG G 411 1.27 -62.69 -35.58
C ARG G 411 1.45 -61.20 -36.00
N ASP G 412 1.32 -60.93 -37.30
CA ASP G 412 1.37 -59.59 -37.86
C ASP G 412 0.01 -58.94 -37.70
N LEU G 413 -0.04 -57.89 -36.89
CA LEU G 413 -1.28 -57.34 -36.42
C LEU G 413 -1.98 -56.54 -37.47
N TRP G 414 -1.22 -55.75 -38.21
CA TRP G 414 -1.83 -54.98 -39.28
C TRP G 414 -2.35 -55.86 -40.41
N ALA G 415 -1.58 -56.91 -40.75
CA ALA G 415 -1.94 -57.84 -41.82
C ALA G 415 -2.93 -58.90 -41.34
N LYS G 416 -3.07 -59.07 -40.02
CA LYS G 416 -3.91 -60.11 -39.46
C LYS G 416 -3.53 -61.51 -39.97
N GLU G 417 -2.26 -61.85 -39.80
CA GLU G 417 -1.68 -63.00 -40.44
C GLU G 417 -0.75 -63.66 -39.46
N ASP G 418 -0.99 -64.95 -39.24
CA ASP G 418 -0.15 -65.76 -38.36
C ASP G 418 1.18 -66.02 -39.05
N LEU G 419 2.26 -65.83 -38.31
CA LEU G 419 3.59 -65.93 -38.87
C LEU G 419 4.27 -67.24 -38.44
N GLY G 420 3.68 -67.95 -37.47
CA GLY G 420 4.26 -69.18 -36.93
C GLY G 420 5.10 -69.03 -35.69
N LEU G 421 5.80 -70.08 -35.39
CA LEU G 421 6.60 -70.18 -34.21
C LEU G 421 7.89 -69.42 -34.40
N VAL G 422 8.37 -68.82 -33.33
CA VAL G 422 9.66 -68.13 -33.35
C VAL G 422 10.51 -68.67 -32.21
N LYS G 423 11.71 -69.15 -32.51
CA LYS G 423 12.54 -69.81 -31.50
C LYS G 423 13.59 -68.91 -30.86
N HIS G 424 14.23 -68.06 -31.68
CA HIS G 424 15.34 -67.23 -31.19
C HIS G 424 15.18 -65.71 -31.44
N GLN G 425 14.64 -65.30 -32.58
CA GLN G 425 14.51 -63.85 -32.81
C GLN G 425 13.40 -63.47 -33.83
N LEU G 426 12.94 -62.21 -33.75
CA LEU G 426 12.16 -61.63 -34.81
C LEU G 426 13.03 -60.83 -35.74
N ALA G 427 12.81 -61.04 -37.04
CA ALA G 427 13.60 -60.32 -38.06
C ALA G 427 12.77 -60.13 -39.31
N PHE G 428 12.76 -58.89 -39.83
CA PHE G 428 12.01 -58.56 -41.05
C PHE G 428 12.79 -57.61 -41.96
N GLU G 429 12.71 -57.81 -43.26
CA GLU G 429 13.22 -56.88 -44.22
C GLU G 429 12.22 -55.73 -44.31
N LEU G 430 12.71 -54.55 -44.08
CA LEU G 430 11.82 -53.38 -44.01
C LEU G 430 12.36 -52.24 -44.81
N GLY G 431 11.53 -51.62 -45.62
CA GLY G 431 11.96 -50.48 -46.40
C GLY G 431 12.39 -49.32 -45.56
N PRO G 432 12.73 -48.18 -46.20
CA PRO G 432 13.06 -46.99 -45.44
C PRO G 432 11.74 -46.49 -44.99
N HIS G 433 11.68 -46.12 -43.72
CA HIS G 433 10.44 -45.55 -43.13
C HIS G 433 9.33 -46.58 -42.91
N GLN G 434 9.65 -47.87 -43.04
CA GLN G 434 8.63 -48.90 -42.97
C GLN G 434 8.78 -49.62 -41.64
N SER G 435 7.67 -50.12 -41.15
CA SER G 435 7.63 -50.72 -39.82
C SER G 435 6.73 -51.96 -39.84
N ILE G 436 6.73 -52.68 -38.71
CA ILE G 436 5.81 -53.79 -38.56
C ILE G 436 5.44 -53.88 -37.08
N LEU G 437 4.21 -54.32 -36.83
CA LEU G 437 3.70 -54.55 -35.50
C LEU G 437 3.30 -56.02 -35.27
N VAL G 438 3.98 -56.66 -34.33
CA VAL G 438 3.82 -58.10 -34.13
C VAL G 438 3.35 -58.42 -32.70
N LYS G 439 2.44 -59.39 -32.60
CA LYS G 439 2.06 -59.99 -31.33
C LYS G 439 2.74 -61.35 -31.15
N LEU G 440 3.39 -61.48 -30.02
CA LEU G 440 3.93 -62.73 -29.60
C LEU G 440 3.03 -63.30 -28.50
N SER G 441 2.66 -64.56 -28.61
CA SER G 441 1.93 -65.26 -27.54
C SER G 441 2.55 -66.64 -27.29
N PRO G 442 2.31 -67.22 -26.11
CA PRO G 442 2.90 -68.54 -25.81
C PRO G 442 2.55 -69.58 -26.88
N ALA G 443 3.54 -70.42 -27.18
CA ALA G 443 3.33 -71.52 -28.10
C ALA G 443 2.36 -72.54 -27.44
N VAL G 444 1.11 -72.56 -27.95
CA VAL G 444 0.01 -73.46 -27.53
C VAL G 444 0.39 -74.92 -27.71
N SER H 15 11.82 -54.76 -19.19
CA SER H 15 12.90 -53.94 -18.69
C SER H 15 14.10 -54.84 -18.54
N MET H 16 15.19 -54.29 -18.00
CA MET H 16 16.47 -54.98 -17.97
C MET H 16 16.63 -55.97 -16.82
N HIS H 17 17.76 -56.66 -16.85
CA HIS H 17 18.13 -57.62 -15.86
C HIS H 17 18.74 -56.95 -14.65
N HIS H 18 19.53 -55.90 -14.86
CA HIS H 18 20.26 -55.30 -13.73
C HIS H 18 19.34 -54.69 -12.66
N TYR H 19 18.06 -54.48 -12.99
CA TYR H 19 17.10 -54.00 -11.96
C TYR H 19 17.05 -54.97 -10.78
N GLN H 20 17.18 -56.27 -11.07
CA GLN H 20 17.13 -57.28 -10.03
C GLN H 20 18.26 -57.14 -9.02
N TRP H 21 19.28 -56.35 -9.32
CA TRP H 21 20.42 -56.23 -8.41
C TRP H 21 20.18 -55.19 -7.37
N ALA H 22 19.11 -54.41 -7.56
CA ALA H 22 18.74 -53.39 -6.56
C ALA H 22 17.21 -53.30 -6.44
N LYS H 23 16.62 -54.39 -5.95
CA LYS H 23 15.17 -54.50 -5.83
C LYS H 23 14.66 -53.50 -4.84
N THR H 24 15.49 -53.17 -3.86
CA THR H 24 15.25 -52.08 -2.92
C THR H 24 16.45 -51.11 -2.95
N PRO H 25 16.26 -49.92 -2.43
CA PRO H 25 17.26 -48.93 -2.67
C PRO H 25 18.47 -49.30 -1.91
N PRO H 26 19.63 -49.25 -2.54
CA PRO H 26 20.82 -49.61 -1.83
C PRO H 26 21.03 -48.91 -0.52
N MET H 27 21.56 -49.65 0.45
CA MET H 27 21.90 -49.11 1.74
C MET H 27 23.32 -49.43 2.08
N GLY H 28 24.02 -48.47 2.67
CA GLY H 28 25.40 -48.68 2.98
C GLY H 28 26.08 -47.52 3.62
N TRP H 29 27.41 -47.54 3.50
CA TRP H 29 28.27 -46.51 4.04
C TRP H 29 29.20 -46.06 2.93
N ASN H 30 29.59 -44.78 2.96
CA ASN H 30 30.53 -44.24 1.99
C ASN H 30 31.51 -43.32 2.66
N SER H 31 32.79 -43.44 2.29
CA SER H 31 33.88 -42.73 2.97
C SER H 31 34.03 -41.24 2.69
N TRP H 32 33.27 -40.70 1.73
CA TRP H 32 33.47 -39.28 1.33
C TRP H 32 33.25 -38.24 2.41
N ASP H 33 32.12 -38.31 3.11
CA ASP H 33 31.78 -37.19 4.01
C ASP H 33 32.70 -37.14 5.19
N CYS H 34 33.23 -38.30 5.57
CA CYS H 34 34.12 -38.34 6.74
C CYS H 34 35.60 -38.19 6.37
N TYR H 35 36.03 -38.82 5.28
CA TYR H 35 37.48 -38.88 4.97
C TYR H 35 37.89 -38.23 3.65
N GLY H 36 36.93 -37.65 2.94
CA GLY H 36 37.22 -37.06 1.65
C GLY H 36 37.72 -38.10 0.67
N ALA H 37 38.82 -37.76 0.00
CA ALA H 37 39.49 -38.67 -0.92
C ALA H 37 40.49 -39.66 -0.27
N SER H 38 40.59 -39.67 1.06
CA SER H 38 41.78 -40.14 1.73
C SER H 38 41.61 -41.32 2.68
N VAL H 39 40.53 -42.06 2.58
CA VAL H 39 40.27 -43.12 3.53
C VAL H 39 41.35 -44.20 3.43
N THR H 40 41.64 -44.84 4.57
CA THR H 40 42.59 -45.97 4.63
C THR H 40 41.87 -47.29 4.81
N GLU H 41 42.58 -48.35 4.49
CA GLU H 41 42.08 -49.71 4.68
C GLU H 41 41.54 -49.95 6.09
N ASP H 42 42.30 -49.52 7.11
CA ASP H 42 41.84 -49.73 8.47
C ASP H 42 40.53 -49.03 8.76
N GLU H 43 40.37 -47.82 8.23
CA GLU H 43 39.13 -47.06 8.39
C GLU H 43 37.95 -47.73 7.68
N VAL H 44 38.19 -48.25 6.49
CA VAL H 44 37.13 -48.98 5.80
C VAL H 44 36.71 -50.20 6.60
N LYS H 45 37.70 -50.92 7.14
CA LYS H 45 37.42 -52.18 7.81
C LYS H 45 36.65 -51.91 9.09
N GLY H 46 37.08 -50.89 9.83
CA GLY H 46 36.42 -50.51 11.08
C GLY H 46 34.96 -50.13 10.87
N ASN H 47 34.67 -49.44 9.76
CA ASN H 47 33.29 -49.11 9.44
C ASN H 47 32.53 -50.35 9.01
N ALA H 48 33.14 -51.22 8.24
CA ALA H 48 32.49 -52.49 7.86
C ALA H 48 32.17 -53.39 9.07
N GLU H 49 33.11 -53.47 10.02
CA GLU H 49 32.89 -54.29 11.24
C GLU H 49 31.75 -53.70 12.06
N TYR H 50 31.70 -52.38 12.14
CA TYR H 50 30.56 -51.75 12.81
C TYR H 50 29.24 -52.08 12.08
N MET H 51 29.25 -52.00 10.77
CA MET H 51 28.05 -52.32 10.02
C MET H 51 27.60 -53.73 10.28
N ALA H 52 28.55 -54.65 10.27
CA ALA H 52 28.25 -56.08 10.43
C ALA H 52 27.60 -56.34 11.78
N LYS H 53 28.11 -55.66 12.79
CA LYS H 53 27.66 -55.87 14.13
C LYS H 53 26.34 -55.21 14.45
N TYR H 54 26.15 -53.95 14.05
CA TYR H 54 24.98 -53.21 14.46
C TYR H 54 23.92 -52.97 13.41
N LEU H 55 24.23 -53.11 12.13
CA LEU H 55 23.37 -52.53 11.06
C LEU H 55 22.89 -53.49 10.06
N LYS H 56 23.66 -54.53 9.86
CA LYS H 56 23.34 -55.48 8.82
C LYS H 56 21.93 -56.07 8.87
N PRO H 57 21.43 -56.38 10.06
CA PRO H 57 20.07 -56.98 10.11
C PRO H 57 18.99 -56.03 9.62
N PHE H 58 19.32 -54.75 9.57
CA PHE H 58 18.37 -53.74 9.14
C PHE H 58 18.46 -53.38 7.65
N GLY H 59 19.33 -54.03 6.88
CA GLY H 59 19.44 -53.80 5.44
C GLY H 59 20.72 -53.09 5.01
N TRP H 60 21.45 -52.50 5.94
CA TRP H 60 22.69 -51.81 5.59
C TRP H 60 23.79 -52.83 5.16
N GLU H 61 24.25 -52.76 3.92
CA GLU H 61 25.18 -53.76 3.43
C GLU H 61 26.38 -53.30 2.57
N TYR H 62 26.31 -52.14 1.92
CA TYR H 62 27.38 -51.73 1.01
C TYR H 62 28.41 -50.96 1.76
N VAL H 63 29.67 -51.31 1.53
CA VAL H 63 30.80 -50.59 2.16
C VAL H 63 31.54 -49.97 0.99
N VAL H 64 31.46 -48.64 0.85
CA VAL H 64 31.87 -47.98 -0.40
C VAL H 64 33.05 -47.07 -0.20
N VAL H 65 34.11 -47.42 -0.91
CA VAL H 65 35.34 -46.61 -0.87
C VAL H 65 35.19 -45.52 -1.90
N ASP H 66 35.19 -44.28 -1.46
CA ASP H 66 34.93 -43.20 -2.39
C ASP H 66 36.23 -42.80 -3.14
N ILE H 67 36.21 -41.59 -3.66
CA ILE H 67 37.06 -41.18 -4.75
C ILE H 67 38.56 -41.22 -4.39
N GLN H 68 39.36 -41.57 -5.40
CA GLN H 68 40.82 -41.37 -5.35
C GLN H 68 41.57 -42.35 -4.43
N TRP H 69 41.07 -43.57 -4.35
CA TRP H 69 41.76 -44.63 -3.65
C TRP H 69 43.10 -44.94 -4.34
N TYR H 70 43.26 -44.43 -5.57
CA TYR H 70 44.44 -44.63 -6.38
C TYR H 70 45.46 -43.51 -6.22
N GLU H 71 45.22 -42.57 -5.30
CA GLU H 71 46.05 -41.37 -5.16
C GLU H 71 46.73 -41.46 -3.80
N PRO H 72 47.99 -41.89 -3.77
CA PRO H 72 48.61 -42.22 -2.49
C PRO H 72 48.77 -41.05 -1.55
N GLY H 73 48.87 -39.84 -2.08
CA GLY H 73 49.09 -38.67 -1.25
C GLY H 73 47.79 -37.97 -0.84
N ALA H 74 46.61 -38.53 -1.20
CA ALA H 74 45.35 -37.83 -0.90
C ALA H 74 45.18 -37.63 0.59
N ASN H 75 44.70 -36.45 0.98
CA ASN H 75 44.66 -36.09 2.37
C ASN H 75 43.46 -35.22 2.75
N SER H 76 42.48 -35.09 1.86
CA SER H 76 41.44 -34.09 2.03
C SER H 76 40.34 -34.36 1.04
N SER H 77 39.35 -33.49 1.08
CA SER H 77 38.30 -33.42 0.03
C SER H 77 38.81 -32.55 -1.12
N ILE H 78 39.85 -31.79 -0.87
CA ILE H 78 40.53 -31.05 -1.94
C ILE H 78 41.57 -31.95 -2.64
N TYR H 79 41.40 -32.14 -3.94
CA TYR H 79 42.31 -32.98 -4.73
C TYR H 79 43.67 -32.30 -4.92
N ARG H 80 44.72 -33.12 -5.00
CA ARG H 80 46.08 -32.63 -5.33
C ARG H 80 46.17 -32.78 -6.84
N PRO H 81 46.15 -31.67 -7.56
CA PRO H 81 45.95 -31.81 -9.00
C PRO H 81 47.21 -32.23 -9.76
N PHE H 82 47.01 -32.91 -10.88
CA PHE H 82 48.07 -33.27 -11.80
C PHE H 82 49.16 -34.19 -11.21
N VAL H 83 48.81 -34.94 -10.17
CA VAL H 83 49.77 -35.79 -9.54
C VAL H 83 49.74 -37.19 -10.15
N PRO H 84 50.86 -37.91 -10.04
CA PRO H 84 50.88 -39.29 -10.50
C PRO H 84 49.90 -40.15 -9.69
N LEU H 85 49.35 -41.13 -10.38
CA LEU H 85 48.40 -42.00 -9.80
C LEU H 85 48.86 -43.46 -9.92
N GLU H 86 48.43 -44.30 -8.99
CA GLU H 86 48.72 -45.74 -9.10
C GLU H 86 47.95 -46.36 -10.21
N MET H 87 48.64 -47.15 -11.01
CA MET H 87 48.06 -47.67 -12.22
C MET H 87 48.79 -48.94 -12.61
N ASP H 88 48.08 -49.86 -13.29
CA ASP H 88 48.67 -51.06 -13.74
C ASP H 88 49.25 -50.88 -15.15
N GLU H 89 49.56 -52.00 -15.83
CA GLU H 89 50.17 -52.06 -17.17
C GLU H 89 49.19 -51.89 -18.29
N TYR H 90 47.92 -51.77 -17.94
CA TYR H 90 46.86 -51.63 -18.95
C TYR H 90 46.01 -50.36 -18.70
N SER H 91 46.65 -49.33 -18.19
CA SER H 91 46.01 -48.01 -18.01
C SER H 91 44.89 -47.99 -16.99
N ARG H 92 44.89 -48.96 -16.08
CA ARG H 92 43.81 -49.07 -15.08
C ARG H 92 44.29 -48.68 -13.73
N LEU H 93 43.56 -47.77 -13.12
CA LEU H 93 43.97 -47.28 -11.83
C LEU H 93 43.86 -48.40 -10.78
N MET H 94 44.71 -48.31 -9.77
CA MET H 94 44.86 -49.33 -8.76
C MET H 94 45.00 -48.72 -7.37
N PRO H 95 44.80 -49.54 -6.33
CA PRO H 95 44.80 -48.93 -5.02
C PRO H 95 46.17 -48.59 -4.54
N ALA H 96 46.28 -47.45 -3.88
CA ALA H 96 47.52 -46.97 -3.27
C ALA H 96 47.88 -47.85 -2.07
N VAL H 97 49.03 -48.50 -2.17
CA VAL H 97 49.38 -49.55 -1.25
C VAL H 97 49.69 -48.98 0.12
N ASN H 98 50.16 -47.74 0.20
CA ASN H 98 50.40 -47.12 1.51
C ASN H 98 49.08 -47.00 2.26
N ARG H 99 48.01 -46.70 1.54
CA ARG H 99 46.71 -46.54 2.17
C ARG H 99 45.96 -47.85 2.30
N PHE H 100 46.19 -48.75 1.36
CA PHE H 100 45.56 -50.07 1.35
C PHE H 100 46.67 -51.15 1.30
N PRO H 101 47.31 -51.44 2.47
CA PRO H 101 48.42 -52.39 2.50
C PRO H 101 48.11 -53.76 1.91
N SER H 102 46.89 -54.24 2.04
CA SER H 102 46.55 -55.54 1.50
C SER H 102 46.62 -55.59 -0.01
N ALA H 103 46.68 -54.42 -0.65
CA ALA H 103 46.76 -54.40 -2.11
C ALA H 103 48.19 -54.67 -2.62
N LYS H 104 49.18 -54.76 -1.71
CA LYS H 104 50.58 -55.08 -2.11
C LYS H 104 50.65 -56.24 -3.10
N GLY H 105 51.56 -56.15 -4.05
CA GLY H 105 51.80 -57.25 -4.96
C GLY H 105 50.74 -57.37 -6.03
N GLY H 106 50.12 -56.26 -6.40
CA GLY H 106 49.17 -56.25 -7.50
C GLY H 106 47.83 -56.91 -7.23
N LYS H 107 47.48 -57.09 -5.96
CA LYS H 107 46.25 -57.78 -5.61
C LYS H 107 45.03 -56.88 -5.66
N GLY H 108 45.28 -55.58 -5.67
CA GLY H 108 44.21 -54.62 -5.72
C GLY H 108 43.29 -54.76 -4.53
N PHE H 109 42.00 -54.66 -4.78
CA PHE H 109 41.02 -54.66 -3.69
C PHE H 109 40.50 -56.06 -3.35
N LYS H 110 40.97 -57.11 -4.02
CA LYS H 110 40.42 -58.44 -3.71
C LYS H 110 40.50 -58.86 -2.22
N PRO H 111 41.66 -58.69 -1.57
CA PRO H 111 41.70 -58.98 -0.14
C PRO H 111 40.73 -58.18 0.72
N LEU H 112 40.63 -56.88 0.47
CA LEU H 112 39.67 -56.05 1.21
C LEU H 112 38.21 -56.44 0.91
N ALA H 113 37.91 -56.76 -0.35
CA ALA H 113 36.55 -57.17 -0.70
C ALA H 113 36.19 -58.51 -0.11
N ASP H 114 37.17 -59.44 -0.11
CA ASP H 114 36.99 -60.74 0.56
C ASP H 114 36.66 -60.58 2.06
N TYR H 115 37.39 -59.73 2.74
CA TYR H 115 37.16 -59.47 4.14
C TYR H 115 35.73 -58.97 4.35
N ILE H 116 35.30 -58.07 3.47
CA ILE H 116 33.99 -57.45 3.58
C ILE H 116 32.90 -58.46 3.26
N HIS H 117 33.11 -59.24 2.19
CA HIS H 117 32.17 -60.31 1.86
C HIS H 117 32.04 -61.35 3.00
N ASN H 118 33.14 -61.68 3.65
CA ASN H 118 33.08 -62.67 4.70
C ASN H 118 32.39 -62.10 5.98
N LEU H 119 32.20 -60.78 6.08
CA LEU H 119 31.34 -60.21 7.12
C LEU H 119 29.88 -60.25 6.68
N GLY H 120 29.57 -60.80 5.51
CA GLY H 120 28.20 -60.81 4.98
C GLY H 120 27.77 -59.46 4.33
N LEU H 121 28.75 -58.66 3.93
CA LEU H 121 28.53 -57.33 3.39
C LEU H 121 28.91 -57.29 1.93
N LYS H 122 28.70 -56.13 1.30
CA LYS H 122 29.08 -55.92 -0.11
C LYS H 122 30.03 -54.75 -0.24
N PHE H 123 30.79 -54.78 -1.33
CA PHE H 123 31.91 -53.87 -1.50
C PHE H 123 31.63 -52.95 -2.68
N GLY H 124 31.85 -51.66 -2.44
CA GLY H 124 31.70 -50.67 -3.50
C GLY H 124 32.91 -49.79 -3.65
N ILE H 125 33.11 -49.32 -4.88
CA ILE H 125 34.14 -48.28 -5.13
C ILE H 125 33.61 -47.17 -5.99
N HIS H 126 34.30 -46.04 -5.88
CA HIS H 126 34.09 -44.85 -6.73
C HIS H 126 35.05 -44.92 -7.90
N ILE H 127 34.57 -44.59 -9.08
CA ILE H 127 35.48 -44.30 -10.17
C ILE H 127 35.15 -42.97 -10.83
N MET H 128 36.16 -42.36 -11.42
CA MET H 128 35.98 -41.22 -12.31
C MET H 128 35.76 -41.71 -13.73
N ARG H 129 34.80 -41.11 -14.39
CA ARG H 129 34.60 -41.30 -15.81
C ARG H 129 35.93 -41.09 -16.55
N GLY H 130 36.16 -41.94 -17.52
CA GLY H 130 37.23 -41.78 -18.49
C GLY H 130 38.47 -42.65 -18.25
N ILE H 131 39.61 -42.14 -18.71
CA ILE H 131 40.88 -42.84 -18.73
C ILE H 131 41.94 -41.88 -18.21
N PRO H 132 42.95 -42.38 -17.47
CA PRO H 132 43.77 -41.43 -16.80
C PRO H 132 44.56 -40.58 -17.78
N ARG H 133 44.68 -39.30 -17.45
CA ARG H 133 45.48 -38.43 -18.28
C ARG H 133 46.90 -38.97 -18.43
N GLN H 134 47.47 -39.49 -17.34
CA GLN H 134 48.84 -40.01 -17.41
C GLN H 134 48.94 -41.21 -18.36
N ALA H 135 47.87 -41.98 -18.52
CA ALA H 135 47.89 -43.05 -19.51
C ALA H 135 47.90 -42.52 -20.92
N VAL H 136 47.14 -41.46 -21.12
CA VAL H 136 47.00 -40.88 -22.47
C VAL H 136 48.33 -40.22 -22.89
N HIS H 137 48.97 -39.50 -21.99
CA HIS H 137 50.23 -38.87 -22.28
C HIS H 137 51.38 -39.86 -22.50
N GLN H 138 51.43 -40.93 -21.71
CA GLN H 138 52.41 -41.98 -21.90
C GLN H 138 51.97 -42.94 -22.99
N ASN H 139 50.74 -42.86 -23.43
CA ASN H 139 50.19 -43.84 -24.37
C ASN H 139 50.39 -45.31 -23.97
N THR H 140 50.03 -45.59 -22.72
CA THR H 140 50.04 -46.94 -22.20
C THR H 140 49.00 -47.83 -22.88
N PRO H 141 49.18 -49.15 -22.80
CA PRO H 141 48.25 -50.07 -23.50
C PRO H 141 46.87 -50.25 -22.84
N ILE H 142 45.98 -50.85 -23.62
CA ILE H 142 44.67 -51.25 -23.22
C ILE H 142 44.64 -52.74 -23.33
N LEU H 143 44.17 -53.39 -22.27
CA LEU H 143 44.05 -54.83 -22.28
C LEU H 143 43.10 -55.29 -23.40
N GLY H 144 43.56 -56.28 -24.15
CA GLY H 144 42.72 -56.94 -25.16
C GLY H 144 42.73 -56.33 -26.54
N THR H 145 43.52 -55.28 -26.74
CA THR H 145 43.56 -54.58 -28.03
C THR H 145 44.96 -54.02 -28.22
N ASN H 146 45.25 -53.68 -29.46
CA ASN H 146 46.57 -53.16 -29.84
C ASN H 146 46.58 -51.63 -29.79
N VAL H 147 45.44 -50.98 -29.63
CA VAL H 147 45.42 -49.50 -29.63
C VAL H 147 45.80 -49.03 -28.25
N GLY H 148 46.36 -47.83 -28.17
CA GLY H 148 46.85 -47.32 -26.90
C GLY H 148 45.84 -46.37 -26.30
N ALA H 149 46.08 -46.04 -25.05
CA ALA H 149 45.21 -45.12 -24.32
C ALA H 149 45.04 -43.81 -25.09
N ARG H 150 46.11 -43.35 -25.70
CA ARG H 150 46.05 -42.09 -26.37
C ARG H 150 45.05 -42.11 -27.52
N ASP H 151 44.85 -43.25 -28.14
CA ASP H 151 43.99 -43.32 -29.32
C ASP H 151 42.51 -43.38 -28.98
N ILE H 152 42.15 -43.59 -27.72
CA ILE H 152 40.73 -43.64 -27.38
C ILE H 152 40.26 -42.38 -26.62
N ALA H 153 41.19 -41.51 -26.23
CA ALA H 153 40.82 -40.35 -25.49
C ALA H 153 40.07 -39.34 -26.36
N ASP H 154 39.11 -38.68 -25.73
CA ASP H 154 38.45 -37.51 -26.28
C ASP H 154 39.43 -36.39 -26.15
N THR H 155 39.57 -35.60 -27.19
CA THR H 155 40.51 -34.45 -27.15
C THR H 155 39.94 -33.23 -26.46
N ASN H 156 38.64 -33.22 -26.20
CA ASN H 156 37.98 -32.10 -25.52
C ASN H 156 36.90 -32.57 -24.52
N SER H 157 37.36 -33.26 -23.47
CA SER H 157 36.48 -33.75 -22.40
C SER H 157 37.29 -33.95 -21.17
N ILE H 158 37.06 -33.10 -20.20
CA ILE H 158 37.63 -33.21 -18.92
C ILE H 158 36.53 -33.07 -17.87
N CYS H 159 36.93 -33.23 -16.62
CA CYS H 159 36.11 -33.00 -15.50
C CYS H 159 36.55 -31.67 -14.95
N PRO H 160 35.58 -30.76 -14.68
CA PRO H 160 35.98 -29.43 -14.30
C PRO H 160 36.45 -29.33 -12.92
N TRP H 161 36.26 -30.36 -12.12
CA TRP H 161 36.63 -30.25 -10.69
C TRP H 161 37.62 -31.34 -10.27
N ASN H 162 38.14 -32.08 -11.23
CA ASN H 162 39.15 -33.09 -10.92
C ASN H 162 39.98 -33.39 -12.16
N THR H 163 41.30 -33.47 -11.99
CA THR H 163 42.25 -33.54 -13.12
C THR H 163 42.77 -34.93 -13.50
N ASP H 164 42.20 -35.98 -12.93
CA ASP H 164 42.77 -37.31 -13.04
C ASP H 164 42.61 -37.93 -14.42
N MET H 165 41.49 -37.66 -15.06
CA MET H 165 41.11 -38.37 -16.30
C MET H 165 40.84 -37.46 -17.49
N TYR H 166 40.77 -38.08 -18.67
CA TYR H 166 40.17 -37.56 -19.85
C TYR H 166 39.06 -38.47 -20.23
N GLY H 167 38.08 -37.91 -20.91
CA GLY H 167 36.95 -38.63 -21.34
C GLY H 167 37.41 -39.56 -22.39
N VAL H 168 36.62 -40.61 -22.54
CA VAL H 168 36.84 -41.60 -23.55
C VAL H 168 35.83 -41.41 -24.64
N ASP H 169 36.30 -41.55 -25.88
CA ASP H 169 35.50 -41.36 -27.08
C ASP H 169 34.98 -42.65 -27.62
N HIS H 170 33.68 -42.85 -27.50
CA HIS H 170 33.01 -44.10 -27.87
C HIS H 170 33.17 -44.45 -29.31
N ARG H 171 33.52 -43.46 -30.13
CA ARG H 171 33.62 -43.66 -31.57
C ARG H 171 34.96 -44.27 -31.96
N LYS H 172 35.86 -44.40 -31.00
CA LYS H 172 37.15 -44.95 -31.25
C LYS H 172 37.20 -46.45 -30.97
N GLU H 173 37.85 -47.20 -31.88
CA GLU H 173 38.23 -48.57 -31.59
C GLU H 173 39.05 -48.60 -30.33
N GLY H 174 38.68 -49.51 -29.45
CA GLY H 174 39.36 -49.68 -28.16
C GLY H 174 38.66 -49.05 -26.96
N ALA H 175 37.74 -48.12 -27.21
CA ALA H 175 37.02 -47.44 -26.12
C ALA H 175 36.19 -48.41 -25.28
N GLN H 176 35.33 -49.19 -25.91
CA GLN H 176 34.57 -50.19 -25.18
C GLN H 176 35.50 -51.21 -24.49
N ALA H 177 36.60 -51.58 -25.17
CA ALA H 177 37.49 -52.55 -24.64
C ALA H 177 38.08 -52.02 -23.35
N TYR H 178 38.36 -50.72 -23.30
CA TYR H 178 38.96 -50.19 -22.08
C TYR H 178 37.94 -50.32 -20.95
N TYR H 179 36.70 -49.93 -21.20
CA TYR H 179 35.68 -49.96 -20.12
C TYR H 179 35.38 -51.41 -19.74
N ASP H 180 35.31 -52.32 -20.72
CA ASP H 180 35.21 -53.74 -20.41
C ASP H 180 36.34 -54.18 -19.47
N SER H 181 37.55 -53.75 -19.75
CA SER H 181 38.70 -54.15 -18.94
C SER H 181 38.65 -53.62 -17.52
N LEU H 182 38.04 -52.45 -17.33
CA LEU H 182 37.88 -51.91 -15.96
C LEU H 182 36.94 -52.79 -15.16
N PHE H 183 35.86 -53.23 -15.79
CA PHE H 183 34.86 -54.01 -15.05
C PHE H 183 35.26 -55.47 -14.91
N GLN H 184 36.12 -55.96 -15.81
CA GLN H 184 36.77 -57.24 -15.59
C GLN H 184 37.62 -57.16 -14.34
N LEU H 185 38.41 -56.09 -14.21
CA LEU H 185 39.23 -55.93 -13.04
C LEU H 185 38.38 -55.81 -11.76
N TYR H 186 37.33 -55.01 -11.83
CA TYR H 186 36.49 -54.82 -10.65
C TYR H 186 35.72 -56.10 -10.27
N ALA H 187 35.21 -56.84 -11.25
CA ALA H 187 34.63 -58.13 -11.00
C ALA H 187 35.65 -59.11 -10.33
N GLN H 188 36.89 -59.15 -10.81
CA GLN H 188 37.93 -59.99 -10.23
C GLN H 188 38.09 -59.64 -8.78
N TRP H 189 38.08 -58.35 -8.48
CA TRP H 189 38.25 -57.94 -7.09
C TRP H 189 37.05 -58.33 -6.23
N GLY H 190 35.91 -58.64 -6.84
CA GLY H 190 34.66 -58.82 -6.10
C GLY H 190 33.84 -57.56 -5.79
N VAL H 191 34.03 -56.49 -6.58
CA VAL H 191 33.26 -55.26 -6.43
C VAL H 191 31.77 -55.57 -6.73
N ASP H 192 30.87 -55.04 -5.88
CA ASP H 192 29.42 -55.25 -6.01
C ASP H 192 28.65 -53.97 -6.37
N PHE H 193 29.34 -52.85 -6.40
CA PHE H 193 28.74 -51.53 -6.51
C PHE H 193 29.82 -50.56 -6.99
N VAL H 194 29.47 -49.78 -8.02
CA VAL H 194 30.34 -48.71 -8.48
C VAL H 194 29.58 -47.38 -8.57
N LYS H 195 30.18 -46.39 -7.94
CA LYS H 195 29.73 -45.03 -8.08
C LYS H 195 30.64 -44.35 -9.10
N VAL H 196 30.09 -44.02 -10.26
CA VAL H 196 30.80 -43.26 -11.29
C VAL H 196 30.53 -41.75 -11.10
N ALA H 197 31.59 -40.97 -11.05
CA ALA H 197 31.48 -39.55 -10.99
C ALA H 197 31.85 -38.88 -12.32
N ASP H 198 31.55 -37.59 -12.41
CA ASP H 198 31.74 -36.78 -13.62
C ASP H 198 31.02 -37.37 -14.79
N ILE H 199 29.82 -37.83 -14.57
CA ILE H 199 29.09 -38.51 -15.62
C ILE H 199 27.70 -37.92 -15.90
N VAL H 200 27.14 -37.12 -15.00
CA VAL H 200 25.70 -36.78 -15.12
C VAL H 200 25.53 -35.31 -15.40
N ALA H 201 26.13 -34.52 -14.53
CA ALA H 201 26.04 -33.11 -14.68
C ALA H 201 27.46 -32.69 -14.86
N SER H 202 27.62 -31.70 -15.71
CA SER H 202 28.89 -31.05 -15.88
C SER H 202 28.58 -29.63 -16.32
N LYS H 203 29.16 -28.68 -15.57
CA LYS H 203 29.13 -27.27 -15.93
C LYS H 203 29.46 -27.14 -17.44
N LEU H 204 30.64 -27.67 -17.80
CA LEU H 204 31.20 -27.66 -19.16
C LEU H 204 30.42 -28.43 -20.28
N TYR H 205 29.98 -29.67 -20.02
CA TYR H 205 29.53 -30.60 -21.09
C TYR H 205 28.14 -31.18 -20.92
N GLY H 206 27.53 -30.96 -19.76
CA GLY H 206 26.29 -31.67 -19.45
C GLY H 206 26.50 -33.18 -19.36
N THR H 207 25.51 -33.96 -19.81
CA THR H 207 25.43 -35.38 -19.47
C THR H 207 26.20 -36.27 -20.44
N HIS H 208 27.10 -37.08 -19.87
CA HIS H 208 27.93 -37.98 -20.69
C HIS H 208 27.24 -39.28 -21.01
N THR H 209 26.32 -39.19 -21.94
CA THR H 209 25.40 -40.25 -22.28
C THR H 209 26.11 -41.46 -22.84
N GLU H 210 27.10 -41.21 -23.69
CA GLU H 210 27.75 -42.30 -24.44
C GLU H 210 28.62 -43.14 -23.51
N GLU H 211 29.28 -42.50 -22.56
CA GLU H 211 30.02 -43.19 -21.59
C GLU H 211 29.11 -43.94 -20.58
N ILE H 212 27.92 -43.39 -20.28
CA ILE H 212 26.93 -44.15 -19.50
C ILE H 212 26.60 -45.45 -20.20
N LYS H 213 26.32 -45.38 -21.48
CA LYS H 213 25.99 -46.57 -22.20
C LYS H 213 27.21 -47.56 -22.26
N MET H 214 28.43 -47.04 -22.36
CA MET H 214 29.57 -47.95 -22.43
C MET H 214 29.75 -48.66 -21.11
N ILE H 215 29.51 -47.92 -20.02
CA ILE H 215 29.66 -48.48 -18.71
C ILE H 215 28.61 -49.56 -18.45
N ARG H 216 27.39 -49.30 -18.89
CA ARG H 216 26.32 -50.27 -18.75
C ARG H 216 26.79 -51.55 -19.41
N LYS H 217 27.29 -51.43 -20.61
CA LYS H 217 27.70 -52.60 -21.41
C LYS H 217 28.87 -53.36 -20.78
N ALA H 218 29.83 -52.62 -20.27
CA ALA H 218 30.95 -53.18 -19.60
C ALA H 218 30.56 -53.96 -18.35
N ILE H 219 29.62 -53.42 -17.59
CA ILE H 219 29.10 -54.13 -16.46
C ILE H 219 28.38 -55.41 -16.90
N ASP H 220 27.52 -55.28 -17.88
CA ASP H 220 26.75 -56.43 -18.32
C ASP H 220 27.67 -57.52 -18.83
N ARG H 221 28.81 -57.16 -19.37
CA ARG H 221 29.71 -58.17 -19.89
C ARG H 221 30.60 -58.79 -18.85
N CYS H 222 30.76 -58.17 -17.69
CA CYS H 222 31.79 -58.62 -16.77
C CYS H 222 31.37 -59.88 -16.02
N GLY H 223 30.09 -60.26 -16.09
CA GLY H 223 29.63 -61.47 -15.46
C GLY H 223 29.30 -61.42 -13.96
N ARG H 224 29.45 -60.29 -13.31
CA ARG H 224 29.16 -60.19 -11.88
C ARG H 224 28.13 -59.06 -11.68
N PRO H 225 27.18 -59.22 -10.73
CA PRO H 225 26.23 -58.15 -10.42
C PRO H 225 26.98 -56.97 -9.82
N ILE H 226 26.95 -55.85 -10.54
CA ILE H 226 27.56 -54.62 -10.05
C ILE H 226 26.53 -53.52 -10.20
N VAL H 227 26.10 -53.01 -9.06
CA VAL H 227 25.13 -51.93 -9.00
C VAL H 227 25.80 -50.64 -9.49
N LEU H 228 25.10 -49.88 -10.32
CA LEU H 228 25.61 -48.64 -10.92
C LEU H 228 24.94 -47.37 -10.38
N SER H 229 25.74 -46.59 -9.70
CA SER H 229 25.41 -45.30 -9.14
C SER H 229 26.11 -44.19 -9.94
N LEU H 230 25.36 -43.15 -10.29
CA LEU H 230 25.87 -42.01 -11.06
C LEU H 230 25.87 -40.74 -10.25
N SER H 231 26.90 -39.94 -10.44
CA SER H 231 27.09 -38.74 -9.73
C SER H 231 27.96 -37.76 -10.54
N PRO H 232 28.02 -36.49 -10.12
CA PRO H 232 27.19 -35.79 -9.16
C PRO H 232 25.95 -35.35 -9.91
N GLY H 233 24.97 -34.82 -9.21
CA GLY H 233 23.81 -34.22 -9.87
C GLY H 233 24.10 -32.73 -10.02
N PRO H 234 23.10 -31.95 -10.44
CA PRO H 234 21.75 -32.35 -10.67
C PRO H 234 21.57 -33.09 -11.94
N ALA H 235 20.90 -34.22 -11.83
CA ALA H 235 20.51 -34.98 -12.99
C ALA H 235 19.39 -34.30 -13.70
N PRO H 236 19.53 -34.09 -15.02
CA PRO H 236 18.42 -33.56 -15.79
C PRO H 236 17.34 -34.53 -16.08
N LEU H 237 16.12 -34.08 -15.86
CA LEU H 237 14.96 -34.88 -16.18
C LEU H 237 14.89 -35.23 -17.58
N ASP H 238 15.50 -34.41 -18.42
CA ASP H 238 15.45 -34.67 -19.86
C ASP H 238 16.00 -36.07 -20.19
N HIS H 239 16.89 -36.55 -19.32
CA HIS H 239 17.53 -37.84 -19.53
C HIS H 239 16.96 -38.94 -18.63
N ALA H 240 15.71 -38.74 -18.19
CA ALA H 240 15.05 -39.68 -17.30
C ALA H 240 15.02 -41.10 -17.85
N THR H 241 14.64 -41.27 -19.10
CA THR H 241 14.58 -42.60 -19.62
C THR H 241 16.00 -43.28 -19.58
N LEU H 242 17.01 -42.56 -20.02
CA LEU H 242 18.33 -43.06 -20.03
C LEU H 242 18.71 -43.51 -18.62
N PHE H 243 18.51 -42.66 -17.63
CA PHE H 243 18.92 -43.01 -16.29
C PHE H 243 18.13 -44.20 -15.78
N VAL H 244 16.83 -44.20 -16.06
CA VAL H 244 15.97 -45.28 -15.60
C VAL H 244 16.40 -46.62 -16.20
N GLU H 245 16.75 -46.64 -17.46
CA GLU H 245 17.07 -47.90 -18.12
C GLU H 245 18.51 -48.36 -17.88
N ASN H 246 19.42 -47.49 -17.45
CA ASN H 246 20.81 -47.82 -17.41
C ASN H 246 21.45 -47.82 -16.07
N ALA H 247 20.90 -47.09 -15.12
CA ALA H 247 21.54 -46.92 -13.84
C ALA H 247 20.61 -47.41 -12.75
N ASN H 248 21.20 -47.85 -11.66
CA ASN H 248 20.40 -48.20 -10.52
C ASN H 248 20.17 -47.05 -9.57
N MET H 249 21.08 -46.10 -9.55
CA MET H 249 20.88 -44.88 -8.85
C MET H 249 21.61 -43.71 -9.52
N TRP H 250 21.02 -42.52 -9.38
CA TRP H 250 21.57 -41.30 -10.01
C TRP H 250 21.24 -40.08 -9.17
N ARG H 251 22.26 -39.31 -8.90
CA ARG H 251 22.20 -38.19 -8.01
C ARG H 251 21.31 -37.06 -8.57
N MET H 252 20.30 -36.67 -7.77
CA MET H 252 19.35 -35.62 -8.14
CA MET H 252 19.38 -35.60 -8.17
C MET H 252 20.00 -34.24 -8.02
N THR H 253 21.08 -34.18 -7.28
CA THR H 253 21.58 -32.99 -6.75
C THR H 253 23.11 -32.95 -6.72
N ASP H 254 23.67 -31.75 -6.74
CA ASP H 254 25.06 -31.59 -6.42
C ASP H 254 25.29 -32.03 -4.97
N ASP H 255 26.55 -32.06 -4.55
CA ASP H 255 26.88 -32.74 -3.33
C ASP H 255 26.05 -32.24 -2.13
N PHE H 256 25.44 -33.17 -1.42
CA PHE H 256 24.64 -32.86 -0.23
C PHE H 256 25.49 -32.80 1.03
N TRP H 257 25.22 -31.82 1.87
CA TRP H 257 25.89 -31.61 3.12
C TRP H 257 24.92 -31.20 4.22
N ASP H 258 25.47 -31.16 5.44
CA ASP H 258 24.70 -30.82 6.63
C ASP H 258 24.45 -29.32 6.71
N ARG H 259 23.60 -28.85 5.79
CA ARG H 259 23.17 -27.42 5.75
C ARG H 259 21.68 -27.41 5.45
N TRP H 260 20.90 -26.73 6.29
CA TRP H 260 19.42 -26.74 6.12
C TRP H 260 18.97 -26.38 4.71
N GLU H 261 19.64 -25.37 4.15
CA GLU H 261 19.30 -24.91 2.82
C GLU H 261 19.25 -26.03 1.82
N LEU H 262 20.18 -26.98 1.93
CA LEU H 262 20.23 -28.10 0.98
C LEU H 262 19.19 -29.12 1.25
N LEU H 263 18.87 -29.29 2.53
CA LEU H 263 17.79 -30.20 2.89
C LEU H 263 16.47 -29.61 2.40
N TYR H 264 16.25 -28.32 2.71
CA TYR H 264 15.03 -27.65 2.19
C TYR H 264 14.90 -27.87 0.71
N ASP H 265 16.00 -27.64 -0.02
CA ASP H 265 15.95 -27.79 -1.51
C ASP H 265 15.62 -29.19 -1.97
N MET H 266 15.92 -30.22 -1.15
CA MET H 266 15.69 -31.60 -1.62
CA MET H 266 15.70 -31.62 -1.60
C MET H 266 14.22 -31.89 -1.85
N PHE H 267 13.35 -31.20 -1.13
CA PHE H 267 11.92 -31.46 -1.27
C PHE H 267 11.41 -31.30 -2.65
N GLU H 268 11.90 -30.26 -3.30
CA GLU H 268 11.50 -30.04 -4.72
C GLU H 268 12.05 -31.09 -5.66
N GLN H 269 13.30 -31.50 -5.44
CA GLN H 269 13.92 -32.50 -6.31
C GLN H 269 13.18 -33.80 -6.18
N CYS H 270 12.79 -34.18 -4.96
CA CYS H 270 11.96 -35.42 -4.83
C CYS H 270 10.67 -35.33 -5.54
N TYR H 271 10.01 -34.16 -5.43
CA TYR H 271 8.75 -33.95 -6.18
C TYR H 271 8.98 -34.13 -7.68
N LYS H 272 10.07 -33.56 -8.16
CA LYS H 272 10.38 -33.62 -9.60
C LYS H 272 10.69 -35.04 -10.12
N TRP H 273 11.30 -35.86 -9.25
CA TRP H 273 11.74 -37.21 -9.66
C TRP H 273 10.81 -38.35 -9.23
N CYS H 274 9.76 -38.03 -8.47
CA CYS H 274 8.99 -39.08 -7.80
C CYS H 274 8.39 -40.07 -8.75
N LYS H 275 8.11 -39.68 -9.99
CA LYS H 275 7.46 -40.65 -10.92
C LYS H 275 8.43 -41.64 -11.59
N LEU H 276 9.73 -41.49 -11.36
CA LEU H 276 10.73 -42.35 -11.98
C LEU H 276 11.30 -43.31 -10.95
N VAL H 277 10.80 -43.24 -9.73
CA VAL H 277 11.27 -44.10 -8.67
C VAL H 277 10.62 -45.44 -8.84
N GLY H 278 11.42 -46.49 -8.82
CA GLY H 278 10.89 -47.84 -9.00
C GLY H 278 11.96 -48.90 -8.81
N LEU H 279 11.50 -50.13 -8.69
CA LEU H 279 12.35 -51.28 -8.48
C LEU H 279 13.56 -51.29 -9.43
N GLY H 280 14.76 -51.25 -8.86
CA GLY H 280 15.96 -51.26 -9.69
C GLY H 280 16.51 -49.91 -10.16
N HIS H 281 15.75 -48.84 -9.95
CA HIS H 281 16.12 -47.52 -10.49
C HIS H 281 15.68 -46.37 -9.60
N TRP H 282 16.64 -45.88 -8.83
CA TRP H 282 16.44 -45.07 -7.70
C TRP H 282 17.09 -43.66 -7.79
N PRO H 283 16.25 -42.62 -7.99
CA PRO H 283 16.81 -41.30 -7.90
C PRO H 283 17.39 -41.10 -6.53
N ASP H 284 18.50 -40.39 -6.44
CA ASP H 284 19.36 -40.48 -5.30
C ASP H 284 19.54 -39.12 -4.67
N ALA H 285 19.16 -39.04 -3.40
CA ALA H 285 19.19 -37.80 -2.69
C ALA H 285 20.49 -37.62 -2.04
N ASP H 286 21.45 -38.55 -2.29
CA ASP H 286 22.84 -38.42 -1.79
C ASP H 286 23.02 -38.88 -0.32
N MET H 287 24.27 -38.94 0.06
CA MET H 287 24.70 -39.55 1.26
C MET H 287 24.22 -38.77 2.46
N LEU H 288 24.18 -39.45 3.61
CA LEU H 288 23.62 -38.89 4.84
C LEU H 288 24.71 -38.33 5.68
N PRO H 289 24.79 -37.01 5.79
CA PRO H 289 25.78 -36.38 6.60
C PRO H 289 25.37 -36.37 8.04
N LEU H 290 25.51 -37.55 8.65
CA LEU H 290 25.12 -37.79 10.02
C LEU H 290 26.35 -38.22 10.83
N GLY H 291 26.28 -38.03 12.13
CA GLY H 291 27.35 -38.42 13.00
C GLY H 291 28.60 -37.61 12.79
N HIS H 292 29.74 -38.30 12.84
CA HIS H 292 31.06 -37.66 12.80
C HIS H 292 31.56 -37.55 11.37
N ILE H 293 31.64 -36.30 10.89
CA ILE H 293 32.04 -36.03 9.51
C ILE H 293 33.11 -35.00 9.49
N GLY H 294 33.67 -34.78 8.32
CA GLY H 294 34.67 -33.74 8.15
C GLY H 294 36.01 -34.02 8.81
N ILE H 295 36.33 -35.29 8.98
CA ILE H 295 37.55 -35.66 9.69
C ILE H 295 38.75 -35.34 8.82
N ARG H 296 38.74 -35.81 7.57
CA ARG H 296 39.66 -35.29 6.57
C ARG H 296 38.90 -34.80 5.33
N SER H 297 37.88 -33.99 5.60
CA SER H 297 37.09 -33.34 4.54
C SER H 297 36.87 -31.96 5.03
N VAL H 298 36.83 -31.08 4.06
CA VAL H 298 36.81 -29.69 4.31
C VAL H 298 35.61 -29.09 3.50
N ASP H 299 34.83 -29.98 2.86
CA ASP H 299 33.66 -29.56 2.09
C ASP H 299 32.41 -29.24 2.95
N GLY H 300 31.42 -28.59 2.32
CA GLY H 300 30.17 -28.22 2.99
C GLY H 300 30.31 -27.05 3.92
N GLY H 301 31.45 -26.40 3.85
CA GLY H 301 31.71 -25.26 4.70
C GLY H 301 32.01 -25.64 6.13
N GLY H 302 32.43 -26.88 6.37
CA GLY H 302 32.81 -27.29 7.73
C GLY H 302 34.15 -28.01 7.85
N THR H 303 34.54 -28.25 9.08
CA THR H 303 35.68 -29.08 9.41
C THR H 303 35.26 -30.20 10.36
N ASP H 304 36.21 -30.79 11.06
CA ASP H 304 35.97 -31.96 11.89
C ASP H 304 34.82 -31.68 12.84
N ARG H 305 33.75 -32.46 12.75
CA ARG H 305 32.52 -32.09 13.46
C ARG H 305 31.51 -33.21 13.54
N MET H 306 30.59 -33.07 14.49
CA MET H 306 29.35 -33.84 14.45
C MET H 306 28.42 -33.05 13.54
N THR H 307 27.53 -33.76 12.84
CA THR H 307 26.65 -33.11 11.89
C THR H 307 25.97 -31.85 12.49
N ARG H 308 25.88 -30.78 11.69
CA ARG H 308 25.29 -29.53 12.14
C ARG H 308 23.75 -29.56 12.01
N PHE H 309 23.21 -30.61 11.40
CA PHE H 309 21.80 -30.81 11.41
C PHE H 309 21.32 -31.02 12.85
N THR H 310 20.26 -30.32 13.25
CA THR H 310 19.64 -30.57 14.53
C THR H 310 18.99 -31.96 14.46
N LYS H 311 18.63 -32.50 15.61
CA LYS H 311 17.86 -33.74 15.64
C LYS H 311 16.60 -33.70 14.79
N ASP H 312 15.84 -32.61 14.91
CA ASP H 312 14.64 -32.47 14.09
C ASP H 312 14.98 -32.56 12.60
N GLU H 313 16.06 -31.87 12.23
CA GLU H 313 16.50 -31.85 10.83
C GLU H 313 16.99 -33.24 10.40
N GLN H 314 17.70 -33.92 11.29
CA GLN H 314 18.20 -35.30 10.97
C GLN H 314 17.02 -36.19 10.72
N ARG H 315 15.98 -36.06 11.53
CA ARG H 315 14.78 -36.86 11.37
C ARG H 315 13.96 -36.49 10.16
N THR H 316 13.94 -35.21 9.84
CA THR H 316 13.26 -34.70 8.66
C THR H 316 13.94 -35.25 7.42
N MET H 317 15.26 -35.19 7.38
CA MET H 317 16.06 -35.86 6.29
C MET H 317 15.80 -37.34 6.16
N MET H 318 15.95 -38.07 7.27
CA MET H 318 15.71 -39.51 7.20
C MET H 318 14.33 -39.79 6.73
N THR H 319 13.37 -39.00 7.22
CA THR H 319 12.00 -39.27 6.86
C THR H 319 11.77 -39.08 5.37
N LEU H 320 12.27 -37.97 4.83
CA LEU H 320 12.03 -37.76 3.37
C LEU H 320 12.74 -38.82 2.56
N TRP H 321 14.01 -39.09 2.89
CA TRP H 321 14.76 -40.11 2.09
C TRP H 321 14.06 -41.44 2.20
N ILE H 322 13.51 -41.74 3.40
CA ILE H 322 12.81 -43.02 3.61
C ILE H 322 11.57 -43.12 2.76
N ILE H 323 10.66 -42.14 2.87
CA ILE H 323 9.38 -42.34 2.18
C ILE H 323 9.52 -42.22 0.68
N PHE H 324 10.44 -41.34 0.25
CA PHE H 324 10.73 -41.20 -1.19
C PHE H 324 11.43 -42.46 -1.77
N ARG H 325 12.21 -43.13 -0.93
CA ARG H 325 12.98 -44.34 -1.29
C ARG H 325 14.29 -44.01 -1.97
N SER H 326 14.94 -43.00 -1.45
CA SER H 326 16.29 -42.72 -1.86
C SER H 326 17.16 -43.86 -1.31
N PRO H 327 18.20 -44.22 -2.03
CA PRO H 327 19.23 -44.98 -1.41
C PRO H 327 19.72 -44.32 -0.14
N LEU H 328 20.21 -45.13 0.79
CA LEU H 328 20.68 -44.65 2.06
C LEU H 328 22.16 -45.01 2.24
N MET H 329 23.02 -43.99 2.17
CA MET H 329 24.44 -44.17 2.31
C MET H 329 24.95 -43.31 3.39
N PHE H 330 25.31 -43.94 4.50
CA PHE H 330 25.70 -43.20 5.68
C PHE H 330 27.08 -42.63 5.46
N GLY H 331 27.31 -41.38 5.83
CA GLY H 331 28.52 -40.69 5.45
C GLY H 331 29.43 -40.40 6.58
N GLY H 332 28.95 -40.60 7.80
CA GLY H 332 29.83 -40.41 8.97
C GLY H 332 30.74 -41.61 9.24
N GLU H 333 31.72 -41.37 10.10
CA GLU H 333 32.52 -42.43 10.71
C GLU H 333 31.65 -43.20 11.71
N LEU H 334 31.20 -44.38 11.30
CA LEU H 334 30.23 -45.15 12.10
C LEU H 334 30.64 -45.42 13.57
N ARG H 335 31.93 -45.67 13.80
CA ARG H 335 32.39 -46.05 15.13
C ARG H 335 32.27 -44.93 16.12
N ASP H 336 32.06 -43.70 15.67
CA ASP H 336 31.86 -42.60 16.56
C ASP H 336 30.37 -42.26 16.71
N ASN H 337 29.48 -43.13 16.24
CA ASN H 337 28.07 -42.94 16.49
C ASN H 337 27.72 -42.93 17.97
N ASP H 338 26.89 -41.98 18.38
CA ASP H 338 26.20 -42.08 19.66
C ASP H 338 24.90 -42.85 19.49
N GLU H 339 24.16 -42.99 20.59
CA GLU H 339 22.95 -43.85 20.62
C GLU H 339 21.85 -43.22 19.76
N TRP H 340 21.72 -41.90 19.86
CA TRP H 340 20.80 -41.15 19.00
C TRP H 340 21.02 -41.48 17.51
N THR H 341 22.27 -41.33 17.06
CA THR H 341 22.57 -41.50 15.64
C THR H 341 22.31 -42.91 15.19
N LEU H 342 22.71 -43.88 16.01
CA LEU H 342 22.42 -45.26 15.69
C LEU H 342 20.93 -45.52 15.61
N SER H 343 20.16 -44.86 16.49
CA SER H 343 18.71 -45.09 16.51
C SER H 343 18.05 -44.68 15.21
N LEU H 344 18.64 -43.70 14.50
CA LEU H 344 18.10 -43.31 13.17
C LEU H 344 18.18 -44.40 12.14
N LEU H 345 19.06 -45.37 12.38
CA LEU H 345 19.39 -46.40 11.37
C LEU H 345 18.79 -47.76 11.61
N THR H 346 18.24 -47.94 12.81
CA THR H 346 17.83 -49.26 13.31
C THR H 346 16.36 -49.36 13.68
N ASN H 347 15.54 -48.45 13.14
CA ASN H 347 14.13 -48.51 13.35
C ASN H 347 13.51 -49.27 12.21
N GLU H 348 13.12 -50.49 12.51
CA GLU H 348 12.56 -51.37 11.53
C GLU H 348 11.21 -50.88 10.98
N GLU H 349 10.45 -50.15 11.79
CA GLU H 349 9.08 -49.77 11.38
C GLU H 349 9.17 -48.67 10.33
N VAL H 350 10.13 -47.78 10.55
CA VAL H 350 10.45 -46.75 9.57
C VAL H 350 11.02 -47.39 8.31
N LEU H 351 11.94 -48.34 8.47
CA LEU H 351 12.58 -48.92 7.29
C LEU H 351 11.60 -49.68 6.41
N HIS H 352 10.55 -50.21 7.00
CA HIS H 352 9.53 -50.93 6.22
C HIS H 352 8.98 -50.00 5.11
N VAL H 353 8.91 -48.71 5.42
CA VAL H 353 8.35 -47.78 4.47
C VAL H 353 9.26 -47.65 3.23
N HIS H 354 10.57 -47.66 3.49
CA HIS H 354 11.63 -47.58 2.47
C HIS H 354 11.71 -48.87 1.67
N GLN H 355 11.60 -50.02 2.36
CA GLN H 355 11.74 -51.34 1.71
C GLN H 355 10.51 -51.80 1.01
N ASN H 356 9.35 -51.52 1.58
CA ASN H 356 8.09 -52.09 1.07
C ASN H 356 7.04 -51.08 0.65
N GLY H 357 7.29 -49.79 0.85
CA GLY H 357 6.41 -48.77 0.35
C GLY H 357 6.57 -48.60 -1.14
N TYR H 358 5.53 -48.05 -1.75
CA TYR H 358 5.61 -47.63 -3.13
C TYR H 358 4.62 -46.52 -3.39
N GLY H 359 4.75 -45.88 -4.55
CA GLY H 359 3.80 -44.83 -5.00
C GLY H 359 3.98 -43.48 -4.29
N ALA H 360 5.10 -43.28 -3.60
CA ALA H 360 5.32 -42.05 -2.90
C ALA H 360 5.03 -40.84 -3.79
N ARG H 361 4.28 -39.90 -3.24
CA ARG H 361 3.87 -38.70 -3.93
C ARG H 361 3.69 -37.56 -2.93
N GLN H 362 3.87 -36.33 -3.44
CA GLN H 362 3.66 -35.13 -2.67
C GLN H 362 2.17 -34.85 -2.71
N VAL H 363 1.55 -34.85 -1.54
CA VAL H 363 0.08 -34.67 -1.50
C VAL H 363 -0.19 -33.16 -1.69
N TYR H 364 0.56 -32.36 -0.96
CA TYR H 364 0.58 -30.96 -1.24
C TYR H 364 1.82 -30.34 -0.70
N ARG H 365 2.08 -29.14 -1.18
CA ARG H 365 3.06 -28.27 -0.59
C ARG H 365 2.48 -26.84 -0.60
N GLU H 366 2.34 -26.22 0.56
CA GLU H 366 1.65 -24.94 0.72
C GLU H 366 2.18 -24.28 1.95
N ASN H 367 2.59 -23.03 1.81
CA ASN H 367 3.20 -22.27 2.90
C ASN H 367 4.31 -23.04 3.63
N ASP H 368 5.16 -23.72 2.87
CA ASP H 368 6.29 -24.45 3.44
C ASP H 368 5.84 -25.54 4.41
N HIS H 369 4.64 -26.09 4.16
CA HIS H 369 4.20 -27.28 4.78
C HIS H 369 4.08 -28.25 3.67
N VAL H 370 4.58 -29.45 3.88
CA VAL H 370 4.57 -30.48 2.84
C VAL H 370 4.14 -31.81 3.42
N VAL H 371 3.41 -32.53 2.63
CA VAL H 371 2.98 -33.83 3.01
C VAL H 371 3.21 -34.78 1.85
N TRP H 372 3.80 -35.92 2.19
CA TRP H 372 4.03 -37.01 1.26
C TRP H 372 3.24 -38.21 1.76
N THR H 373 2.82 -39.05 0.86
CA THR H 373 2.29 -40.29 1.28
C THR H 373 2.76 -41.41 0.33
N SER H 374 2.85 -42.61 0.87
CA SER H 374 3.00 -43.83 0.06
C SER H 374 2.19 -44.96 0.72
N GLN H 375 2.24 -46.14 0.13
CA GLN H 375 1.59 -47.26 0.74
C GLN H 375 2.32 -48.57 0.56
N ASP H 376 1.90 -49.60 1.29
CA ASP H 376 2.38 -50.98 1.03
C ASP H 376 1.29 -51.82 0.46
N ALA H 377 1.63 -53.08 0.18
CA ALA H 377 0.68 -53.99 -0.46
C ALA H 377 -0.34 -54.57 0.52
N GLU H 378 -0.13 -54.38 1.82
CA GLU H 378 -1.06 -54.84 2.83
C GLU H 378 -2.10 -53.75 3.11
N GLY H 379 -2.14 -52.68 2.32
CA GLY H 379 -3.07 -51.59 2.55
C GLY H 379 -2.71 -50.59 3.65
N ASN H 380 -1.51 -50.69 4.23
CA ASN H 380 -1.07 -49.65 5.11
C ASN H 380 -0.74 -48.40 4.26
N GLN H 381 -0.98 -47.23 4.84
CA GLN H 381 -0.68 -46.02 4.17
C GLN H 381 0.28 -45.24 5.05
N PHE H 382 1.35 -44.74 4.46
CA PHE H 382 2.32 -44.00 5.22
C PHE H 382 2.21 -42.53 4.88
N VAL H 383 2.36 -41.69 5.89
CA VAL H 383 2.29 -40.31 5.67
C VAL H 383 3.33 -39.57 6.40
N ALA H 384 4.08 -38.80 5.61
CA ALA H 384 5.15 -38.00 6.15
C ALA H 384 4.73 -36.54 6.07
N MET H 385 4.86 -35.83 7.18
CA MET H 385 4.36 -34.51 7.25
C MET H 385 5.48 -33.68 7.74
N PHE H 386 5.67 -32.56 7.06
CA PHE H 386 6.82 -31.75 7.29
C PHE H 386 6.49 -30.28 7.40
N ASN H 387 7.08 -29.64 8.36
CA ASN H 387 7.06 -28.25 8.44
C ASN H 387 8.47 -27.80 8.02
N ILE H 388 8.60 -27.29 6.80
CA ILE H 388 9.89 -26.77 6.32
C ILE H 388 10.01 -25.23 6.34
N SER H 389 9.13 -24.60 7.11
CA SER H 389 9.15 -23.16 7.30
C SER H 389 10.01 -22.83 8.49
N GLU H 390 10.10 -21.55 8.76
CA GLU H 390 10.76 -21.01 9.95
C GLU H 390 9.84 -20.81 11.20
N LYS H 391 8.56 -21.22 11.11
CA LYS H 391 7.59 -21.01 12.17
C LYS H 391 6.87 -22.26 12.61
N ARG H 392 6.76 -22.44 13.92
CA ARG H 392 5.95 -23.51 14.47
C ARG H 392 4.55 -23.40 13.95
N SER H 393 3.94 -24.52 13.61
CA SER H 393 2.61 -24.50 13.08
C SER H 393 2.01 -25.89 13.08
N VAL H 394 0.69 -25.94 12.97
CA VAL H 394 -0.03 -27.19 12.81
C VAL H 394 -0.02 -27.53 11.35
N VAL H 395 0.36 -28.77 11.06
CA VAL H 395 0.38 -29.27 9.70
C VAL H 395 -0.67 -30.35 9.68
N SER H 396 -1.53 -30.30 8.68
CA SER H 396 -2.62 -31.22 8.59
C SER H 396 -2.89 -31.67 7.21
N VAL H 397 -3.58 -32.78 7.14
CA VAL H 397 -4.03 -33.29 5.87
C VAL H 397 -5.26 -34.13 6.12
N SER H 398 -6.21 -34.04 5.22
CA SER H 398 -7.42 -34.77 5.37
C SER H 398 -7.21 -36.20 4.91
N LEU H 399 -7.90 -37.12 5.55
CA LEU H 399 -7.99 -38.49 5.02
C LEU H 399 -8.50 -38.59 3.60
N LYS H 400 -9.46 -37.76 3.22
CA LYS H 400 -9.91 -37.72 1.85
C LYS H 400 -8.75 -37.43 0.89
N ASP H 401 -7.93 -36.42 1.18
CA ASP H 401 -6.80 -36.12 0.27
C ASP H 401 -5.80 -37.25 0.17
N LEU H 402 -5.77 -38.10 1.19
CA LEU H 402 -4.92 -39.29 1.18
C LEU H 402 -5.55 -40.44 0.41
N GLY H 403 -6.79 -40.31 -0.02
CA GLY H 403 -7.53 -41.44 -0.59
C GLY H 403 -8.07 -42.45 0.42
N CYS H 404 -8.13 -42.12 1.70
CA CYS H 404 -8.72 -43.03 2.70
C CYS H 404 -10.18 -42.72 2.91
N MET H 405 -11.06 -43.71 2.64
CA MET H 405 -12.54 -43.49 2.66
C MET H 405 -13.18 -43.62 4.05
N GLU H 406 -12.54 -44.35 4.96
CA GLU H 406 -13.11 -44.51 6.30
C GLU H 406 -12.06 -44.17 7.34
N PRO H 407 -12.48 -44.14 8.63
CA PRO H 407 -11.55 -43.91 9.72
C PRO H 407 -10.46 -44.98 9.81
N MET H 408 -9.31 -44.54 10.31
CA MET H 408 -8.10 -45.32 10.30
C MET H 408 -7.41 -45.19 11.62
N LYS H 409 -6.61 -46.19 11.95
CA LYS H 409 -5.79 -46.18 13.12
C LYS H 409 -4.46 -45.53 12.68
N ALA H 410 -3.84 -44.76 13.55
CA ALA H 410 -2.61 -44.11 13.26
C ALA H 410 -1.53 -44.54 14.21
N ARG H 411 -0.29 -44.60 13.71
CA ARG H 411 0.87 -44.88 14.56
C ARG H 411 2.11 -44.05 14.16
N ASP H 412 2.77 -43.45 15.14
CA ASP H 412 3.98 -42.68 14.99
C ASP H 412 5.16 -43.65 14.91
N LEU H 413 5.74 -43.76 13.73
CA LEU H 413 6.71 -44.83 13.42
C LEU H 413 8.04 -44.57 14.06
N TRP H 414 8.51 -43.34 14.08
CA TRP H 414 9.74 -43.06 14.76
C TRP H 414 9.61 -43.32 16.27
N ALA H 415 8.52 -42.88 16.86
CA ALA H 415 8.34 -43.01 18.32
C ALA H 415 7.83 -44.39 18.70
N LYS H 416 7.36 -45.18 17.73
CA LYS H 416 6.76 -46.49 17.99
C LYS H 416 5.61 -46.38 18.98
N GLU H 417 4.65 -45.54 18.67
CA GLU H 417 3.60 -45.15 19.59
C GLU H 417 2.30 -45.12 18.82
N ASP H 418 1.32 -45.88 19.27
CA ASP H 418 -0.02 -45.82 18.70
C ASP H 418 -0.64 -44.47 19.03
N LEU H 419 -1.35 -43.91 18.09
CA LEU H 419 -1.92 -42.56 18.23
C LEU H 419 -3.46 -42.59 18.28
N GLY H 420 -4.04 -43.73 17.97
CA GLY H 420 -5.46 -43.91 18.09
C GLY H 420 -6.15 -43.76 16.76
N LEU H 421 -7.44 -43.60 16.85
CA LEU H 421 -8.30 -43.54 15.71
C LEU H 421 -8.28 -42.14 15.12
N VAL H 422 -8.35 -42.03 13.81
CA VAL H 422 -8.41 -40.74 13.11
C VAL H 422 -9.62 -40.75 12.21
N LYS H 423 -10.54 -39.81 12.40
CA LYS H 423 -11.87 -39.85 11.72
C LYS H 423 -11.88 -39.00 10.46
N HIS H 424 -11.27 -37.81 10.53
CA HIS H 424 -11.36 -36.85 9.41
C HIS H 424 -9.99 -36.30 8.93
N GLN H 425 -9.06 -36.02 9.85
CA GLN H 425 -7.74 -35.57 9.42
CA GLN H 425 -7.80 -35.28 9.59
C GLN H 425 -6.62 -35.86 10.37
N LEU H 426 -5.41 -35.91 9.78
CA LEU H 426 -4.20 -36.00 10.57
C LEU H 426 -3.71 -34.63 10.77
N ALA H 427 -3.32 -34.30 12.01
CA ALA H 427 -2.81 -33.01 12.26
C ALA H 427 -1.86 -33.07 13.40
N PHE H 428 -0.78 -32.32 13.31
CA PHE H 428 0.19 -32.24 14.37
C PHE H 428 0.83 -30.88 14.45
N GLU H 429 1.16 -30.45 15.64
CA GLU H 429 1.97 -29.29 15.85
C GLU H 429 3.39 -29.66 15.56
N LEU H 430 4.02 -28.97 14.63
CA LEU H 430 5.39 -29.20 14.25
C LEU H 430 6.26 -27.96 14.32
N GLY H 431 7.41 -28.04 14.98
CA GLY H 431 8.34 -26.91 15.05
C GLY H 431 8.90 -26.64 13.67
N PRO H 432 9.57 -25.51 13.52
CA PRO H 432 10.22 -25.32 12.24
C PRO H 432 11.23 -26.46 11.91
N HIS H 433 11.19 -26.98 10.71
CA HIS H 433 12.14 -27.99 10.21
C HIS H 433 11.83 -29.34 10.83
N GLN H 434 10.67 -29.45 11.48
CA GLN H 434 10.32 -30.68 12.14
C GLN H 434 9.32 -31.43 11.33
N SER H 435 9.32 -32.74 11.49
CA SER H 435 8.45 -33.62 10.71
C SER H 435 7.94 -34.76 11.58
N ILE H 436 7.07 -35.55 10.98
CA ILE H 436 6.55 -36.75 11.62
C ILE H 436 6.19 -37.76 10.54
N LEU H 437 6.35 -39.04 10.89
CA LEU H 437 6.04 -40.16 9.96
C LEU H 437 5.04 -41.12 10.57
N VAL H 438 3.93 -41.30 9.88
CA VAL H 438 2.80 -41.96 10.45
C VAL H 438 2.35 -43.08 9.56
N LYS H 439 1.95 -44.17 10.19
CA LYS H 439 1.29 -45.24 9.51
C LYS H 439 -0.19 -45.19 9.81
N LEU H 440 -0.99 -45.27 8.77
CA LEU H 440 -2.40 -45.45 8.88
C LEU H 440 -2.76 -46.85 8.46
N SER H 441 -3.60 -47.50 9.27
CA SER H 441 -4.12 -48.83 8.93
C SER H 441 -5.59 -48.92 9.26
N PRO H 442 -6.30 -49.89 8.66
CA PRO H 442 -7.74 -49.98 8.89
C PRO H 442 -8.08 -50.12 10.40
N ALA H 443 -9.17 -49.47 10.81
CA ALA H 443 -9.64 -49.54 12.22
C ALA H 443 -10.32 -50.87 12.65
N VAL H 444 -10.05 -51.29 13.90
CA VAL H 444 -10.37 -52.60 14.54
C VAL H 444 -11.83 -52.64 15.00
#